data_7P6K
#
_entry.id   7P6K
#
_cell.length_a   1.00
_cell.length_b   1.00
_cell.length_c   1.00
_cell.angle_alpha   90.00
_cell.angle_beta   90.00
_cell.angle_gamma   90.00
#
_symmetry.space_group_name_H-M   'P 1'
#
loop_
_entity.id
_entity.type
_entity.pdbx_description
1 polymer 'Volume-regulated anion channel subunit LRRC8A'
2 polymer 'synthetic nanobody Sb5'
#
loop_
_entity_poly.entity_id
_entity_poly.type
_entity_poly.pdbx_seq_one_letter_code
_entity_poly.pdbx_strand_id
1 'polypeptide(L)'
;MIPVTELRYFADTQPAYRILKPWWDVFTDYISIVMLMIAVFGGTLQVTQDKMICLPCKWVTKDSCNDSFRGWAASSPEPT
YPNSTVLPTPDTGPTGIKYDLDRHQYNYVDAVCYENRLHWFAKYFPYLVLLHTLIFLACSNFWFKFPRTSSKLEHFVSIL
LKCFDSPWTTRALSETVVEESDPKPAFSKMNGSMDKKSSTVSEDVEATVPMLQRTKSRIEQGIVDRSETGVLDKKEGEQA
KALFEKVKKFRTHVEEGDIVYRLYMRQTIIKVIKFALIICYTVYYVHNIKFDVDCTVDIESLTGYRTYRCAHPLATLFKI
LASFYISLVIFYGLICMYTLWWMLRRSLKKYSFESIREESSYSDIPDVKNDFAFMLHLIDQYDPLYSKRFAVFLSEVSEN
KLRQLNLNNEWTLDKLRQRLTKNAQDKLELHLFMLSGIPDTVFDLVELEVLKLELIPDVTIPPSIAQLTGLKELWLYHTA
AKIEAPALAFLRENLRALHIKFTDIKEIPLWIYSLKTLEELHLTGNLSAENNRYIVIDGLRELKRLKVLRLKSNLSKLPQ
VVTDVGVHLQKLSINNEGTKLIVLNSLKKMVNLTELELIRCDLERIPHSIFSLHNLQEIDLKDNNLKTIEEIISFQHLHR
LTCLKLWYNHIAYIPIQIGNLTNLERLYLNRNKIEKIPTQLFYCRKLRYLDLSHNNLTFLPADIGLLQNLQNLAVTANRI
EALPPELFQCRKLRALHLGNNVLQSLPSRVGELTNLTQIELRGNRLECLPVELGECPLLKRSGLVVEEDLFSTLPPEVKE
RLWRADKEQA
;
A,B,C,D,E,F
2 'polypeptide(L)'
;GSSSQVQLVESGGGLVQAGGSLRLSCAASGFPVAQEIMTWYRQAPGKEREWVAAISSIGDTTAYADSVKGRFTISRDNAK
NTVYLQMNSLKPEDTAVYYCAVNVGFTYKGQGTQVTVSAGRAGEQKLISEEDLNSAVDHHHHHH
;
I,G,H
#
# COMPACT_ATOMS: atom_id res chain seq x y z
N PRO A 15 -27.81 13.21 7.75
CA PRO A 15 -29.24 13.39 8.06
C PRO A 15 -29.86 14.54 7.28
N ALA A 16 -29.47 14.67 6.01
CA ALA A 16 -29.96 15.77 5.17
C ALA A 16 -31.15 15.29 4.33
N TYR A 17 -32.23 14.99 5.03
CA TYR A 17 -33.50 14.65 4.38
C TYR A 17 -34.37 15.88 4.15
N ARG A 18 -33.93 17.05 4.61
CA ARG A 18 -34.70 18.28 4.51
C ARG A 18 -34.60 18.94 3.14
N ILE A 19 -33.77 18.40 2.23
CA ILE A 19 -33.61 19.01 0.92
C ILE A 19 -34.93 19.04 0.15
N LEU A 20 -35.77 18.02 0.33
CA LEU A 20 -37.08 17.98 -0.30
C LEU A 20 -38.05 19.02 0.27
N LYS A 21 -37.72 19.65 1.40
CA LYS A 21 -38.59 20.64 1.99
C LYS A 21 -38.26 22.02 1.45
N PRO A 22 -39.16 22.68 0.74
CA PRO A 22 -38.90 24.05 0.29
C PRO A 22 -38.91 25.02 1.46
N TRP A 23 -38.69 26.30 1.13
CA TRP A 23 -38.70 27.33 2.16
C TRP A 23 -40.09 27.49 2.77
N TRP A 24 -41.14 27.41 1.94
CA TRP A 24 -42.49 27.56 2.46
C TRP A 24 -42.85 26.41 3.40
N ASP A 25 -42.33 25.21 3.14
CA ASP A 25 -42.56 24.10 4.07
C ASP A 25 -41.94 24.39 5.42
N VAL A 26 -40.72 24.93 5.45
CA VAL A 26 -40.08 25.28 6.71
C VAL A 26 -40.86 26.36 7.42
N PHE A 27 -41.34 27.37 6.68
CA PHE A 27 -42.12 28.44 7.30
C PHE A 27 -43.41 27.89 7.89
N THR A 28 -44.08 26.99 7.17
CA THR A 28 -45.30 26.39 7.70
C THR A 28 -45.00 25.54 8.94
N ASP A 29 -43.89 24.83 8.94
CA ASP A 29 -43.52 24.03 10.11
C ASP A 29 -43.27 24.93 11.31
N TYR A 30 -42.59 26.06 11.11
CA TYR A 30 -42.34 26.99 12.22
C TYR A 30 -43.62 27.64 12.71
N ILE A 31 -44.52 27.99 11.78
CA ILE A 31 -45.82 28.53 12.18
C ILE A 31 -46.59 27.50 12.99
N SER A 32 -46.53 26.24 12.57
CA SER A 32 -47.18 25.17 13.32
C SER A 32 -46.56 25.01 14.70
N ILE A 33 -45.24 25.16 14.79
CA ILE A 33 -44.57 25.07 16.10
C ILE A 33 -45.07 26.19 17.02
N VAL A 34 -45.18 27.40 16.49
CA VAL A 34 -45.65 28.52 17.30
C VAL A 34 -47.10 28.31 17.71
N MET A 35 -47.93 27.80 16.80
CA MET A 35 -49.32 27.51 17.13
C MET A 35 -49.42 26.42 18.19
N LEU A 36 -48.55 25.41 18.12
CA LEU A 36 -48.52 24.39 19.15
C LEU A 36 -48.09 24.96 20.49
N MET A 37 -47.13 25.90 20.48
CA MET A 37 -46.71 26.54 21.72
C MET A 37 -47.87 27.31 22.35
N ILE A 38 -48.58 28.10 21.55
CA ILE A 38 -49.69 28.87 22.13
C ILE A 38 -50.83 27.94 22.53
N ALA A 39 -51.01 26.83 21.83
CA ALA A 39 -52.02 25.85 22.22
C ALA A 39 -51.70 25.25 23.57
N VAL A 40 -50.44 24.86 23.79
CA VAL A 40 -50.05 24.29 25.07
C VAL A 40 -50.16 25.33 26.18
N PHE A 41 -49.76 26.57 25.89
CA PHE A 41 -49.86 27.64 26.88
C PHE A 41 -51.31 27.86 27.29
N GLY A 42 -52.20 28.01 26.30
CA GLY A 42 -53.61 28.20 26.63
C GLY A 42 -54.22 27.01 27.33
N GLY A 43 -53.83 25.80 26.94
CA GLY A 43 -54.37 24.62 27.58
C GLY A 43 -53.97 24.51 29.04
N THR A 44 -52.68 24.72 29.33
CA THR A 44 -52.24 24.64 30.72
C THR A 44 -52.78 25.81 31.53
N LEU A 45 -52.97 26.96 30.90
CA LEU A 45 -53.59 28.09 31.59
C LEU A 45 -55.03 27.79 31.96
N GLN A 46 -55.80 27.23 31.02
CA GLN A 46 -57.19 26.89 31.29
C GLN A 46 -57.31 25.78 32.33
N VAL A 47 -56.44 24.78 32.24
CA VAL A 47 -56.48 23.69 33.22
C VAL A 47 -56.13 24.21 34.61
N THR A 48 -55.09 25.04 34.71
CA THR A 48 -54.66 25.54 36.01
C THR A 48 -55.67 26.52 36.59
N GLN A 49 -56.13 27.48 35.79
CA GLN A 49 -56.99 28.55 36.29
C GLN A 49 -57.97 28.96 35.20
N ASP A 50 -59.20 28.45 35.29
CA ASP A 50 -60.26 28.86 34.39
C ASP A 50 -61.51 29.32 35.15
N LYS A 51 -61.37 29.68 36.42
CA LYS A 51 -62.51 30.04 37.24
C LYS A 51 -63.22 31.27 36.67
N MET A 52 -64.55 31.27 36.79
CA MET A 52 -65.38 32.41 36.42
C MET A 52 -66.13 32.87 37.66
N ILE A 53 -65.97 34.13 38.03
CA ILE A 53 -66.53 34.66 39.27
C ILE A 53 -67.92 35.22 38.97
N CYS A 54 -68.93 34.72 39.67
CA CYS A 54 -70.31 35.09 39.45
C CYS A 54 -70.90 35.73 40.70
N LEU A 55 -71.67 36.79 40.52
CA LEU A 55 -72.40 37.44 41.60
C LEU A 55 -73.86 37.58 41.19
N PRO A 56 -74.79 37.15 42.04
CA PRO A 56 -76.22 37.28 41.70
C PRO A 56 -76.65 38.74 41.64
N CYS A 57 -77.61 39.01 40.75
CA CYS A 57 -78.19 40.33 40.59
C CYS A 57 -79.43 40.43 41.46
N LYS A 58 -79.43 41.41 42.38
CA LYS A 58 -80.59 41.60 43.26
C LYS A 58 -81.84 41.94 42.46
N TRP A 59 -81.71 42.81 41.47
CA TRP A 59 -82.83 43.24 40.64
C TRP A 59 -82.54 42.84 39.20
N VAL A 60 -83.49 42.13 38.59
CA VAL A 60 -83.31 41.54 37.27
C VAL A 60 -84.34 42.12 36.32
N THR A 61 -83.88 42.65 35.18
CA THR A 61 -84.75 43.12 34.11
C THR A 61 -84.32 42.47 32.81
N LYS A 62 -85.27 41.85 32.11
CA LYS A 62 -85.01 41.16 30.85
C LYS A 62 -83.92 40.10 31.00
N ASP A 63 -83.93 39.38 32.13
CA ASP A 63 -82.90 38.40 32.46
C ASP A 63 -81.52 39.03 32.43
N SER A 64 -81.41 40.22 33.00
CA SER A 64 -80.15 40.95 33.06
C SER A 64 -80.15 41.85 34.30
N CYS A 65 -78.95 42.23 34.72
CA CYS A 65 -78.79 43.06 35.90
C CYS A 65 -79.43 44.42 35.67
N ASN A 66 -80.21 44.88 36.65
CA ASN A 66 -80.90 46.16 36.53
C ASN A 66 -79.96 47.35 36.73
N ASP A 67 -78.90 47.16 37.52
CA ASP A 67 -77.91 48.22 37.81
C ASP A 67 -78.58 49.44 38.42
N SER A 68 -79.19 49.20 39.59
CA SER A 68 -79.81 50.28 40.36
C SER A 68 -79.86 49.91 41.84
N THR A 92 -73.53 56.10 58.04
CA THR A 92 -74.63 56.34 57.11
C THR A 92 -74.14 56.29 55.66
N GLY A 93 -72.91 55.82 55.47
CA GLY A 93 -72.33 55.71 54.15
C GLY A 93 -72.76 54.44 53.45
N PRO A 94 -72.15 54.18 52.29
CA PRO A 94 -72.49 52.96 51.54
C PRO A 94 -72.06 51.71 52.29
N THR A 95 -72.80 50.63 52.07
CA THR A 95 -72.52 49.36 52.71
C THR A 95 -72.72 48.23 51.71
N GLY A 96 -72.02 47.13 51.93
CA GLY A 96 -72.16 45.98 51.05
C GLY A 96 -73.52 45.34 51.17
N ILE A 97 -73.96 44.73 50.07
CA ILE A 97 -75.24 44.03 50.03
C ILE A 97 -75.01 42.57 50.35
N LYS A 98 -75.78 42.05 51.31
CA LYS A 98 -75.63 40.67 51.76
C LYS A 98 -76.50 39.76 50.89
N TYR A 99 -75.87 38.77 50.28
CA TYR A 99 -76.59 37.79 49.47
C TYR A 99 -76.99 36.54 50.25
N ASP A 100 -76.43 36.34 51.44
CA ASP A 100 -76.73 35.17 52.28
C ASP A 100 -76.48 33.87 51.52
N LEU A 101 -75.30 33.82 50.88
CA LEU A 101 -74.89 32.65 50.10
C LEU A 101 -73.60 32.09 50.66
N ASP A 102 -73.55 30.77 50.80
CA ASP A 102 -72.33 30.11 51.23
C ASP A 102 -71.29 30.15 50.12
N ARG A 103 -70.03 29.95 50.50
CA ARG A 103 -68.96 29.90 49.52
C ARG A 103 -69.15 28.72 48.56
N HIS A 104 -69.69 27.61 49.05
CA HIS A 104 -69.96 26.48 48.17
C HIS A 104 -71.11 26.78 47.22
N GLN A 105 -72.08 27.60 47.64
CA GLN A 105 -73.11 28.03 46.71
C GLN A 105 -72.52 28.89 45.59
N TYR A 106 -71.57 29.76 45.93
CA TYR A 106 -70.87 30.53 44.91
C TYR A 106 -70.10 29.60 43.97
N ASN A 107 -69.44 28.58 44.52
CA ASN A 107 -68.71 27.64 43.68
C ASN A 107 -69.66 26.90 42.74
N TYR A 108 -70.82 26.50 43.24
CA TYR A 108 -71.80 25.82 42.39
C TYR A 108 -72.30 26.74 41.29
N VAL A 109 -72.57 28.01 41.62
CA VAL A 109 -73.01 28.97 40.61
C VAL A 109 -71.92 29.14 39.55
N ASP A 110 -70.67 29.26 39.98
CA ASP A 110 -69.56 29.40 39.04
C ASP A 110 -69.48 28.18 38.12
N ALA A 111 -69.59 26.98 38.69
CA ALA A 111 -69.48 25.77 37.89
C ALA A 111 -70.62 25.66 36.88
N VAL A 112 -71.85 25.95 37.31
CA VAL A 112 -72.99 25.81 36.41
C VAL A 112 -72.95 26.88 35.32
N CYS A 113 -72.51 28.09 35.65
CA CYS A 113 -72.38 29.12 34.62
C CYS A 113 -71.26 28.78 33.64
N TYR A 114 -70.15 28.26 34.14
CA TYR A 114 -69.07 27.81 33.26
C TYR A 114 -69.53 26.69 32.34
N GLU A 115 -70.34 25.76 32.84
CA GLU A 115 -70.85 24.69 32.01
C GLU A 115 -71.83 25.20 30.96
N ASN A 116 -72.79 26.03 31.37
CA ASN A 116 -73.90 26.39 30.49
C ASN A 116 -73.68 27.70 29.76
N ARG A 117 -73.52 28.80 30.51
CA ARG A 117 -73.63 30.13 29.95
C ARG A 117 -72.31 30.71 29.47
N LEU A 118 -71.23 29.95 29.51
CA LEU A 118 -69.98 30.35 28.89
C LEU A 118 -69.85 29.67 27.53
N HIS A 119 -69.49 30.45 26.52
CA HIS A 119 -69.47 29.94 25.15
C HIS A 119 -68.44 28.82 25.01
N TRP A 120 -68.82 27.79 24.25
CA TRP A 120 -67.94 26.63 24.08
C TRP A 120 -66.60 27.01 23.49
N PHE A 121 -66.57 28.02 22.61
CA PHE A 121 -65.31 28.45 22.02
C PHE A 121 -64.38 29.03 23.08
N ALA A 122 -64.92 29.86 23.97
CA ALA A 122 -64.09 30.50 24.98
C ALA A 122 -63.43 29.47 25.89
N LYS A 123 -64.07 28.30 26.06
CA LYS A 123 -63.50 27.27 26.92
C LYS A 123 -62.56 26.36 26.15
N TYR A 124 -62.93 25.99 24.92
CA TYR A 124 -62.21 24.96 24.18
C TYR A 124 -61.31 25.54 23.09
N PHE A 125 -61.01 26.83 23.14
CA PHE A 125 -60.08 27.41 22.18
C PHE A 125 -58.72 26.74 22.18
N PRO A 126 -58.04 26.55 23.32
CA PRO A 126 -56.72 25.86 23.25
C PRO A 126 -56.80 24.45 22.71
N TYR A 127 -57.87 23.71 23.03
CA TYR A 127 -57.98 22.34 22.54
C TYR A 127 -58.24 22.31 21.03
N LEU A 128 -59.09 23.21 20.55
CA LEU A 128 -59.29 23.31 19.10
C LEU A 128 -58.00 23.70 18.39
N VAL A 129 -57.25 24.63 18.97
CA VAL A 129 -55.97 25.04 18.38
C VAL A 129 -55.01 23.86 18.33
N LEU A 130 -54.94 23.08 19.42
CA LEU A 130 -54.08 21.91 19.45
C LEU A 130 -54.50 20.90 18.38
N LEU A 131 -55.80 20.65 18.25
CA LEU A 131 -56.29 19.71 17.24
C LEU A 131 -55.95 20.18 15.84
N HIS A 132 -56.15 21.47 15.54
CA HIS A 132 -55.84 21.98 14.22
C HIS A 132 -54.35 21.93 13.93
N THR A 133 -53.52 22.23 14.94
CA THR A 133 -52.08 22.14 14.76
C THR A 133 -51.64 20.70 14.49
N LEU A 134 -52.24 19.74 15.21
CA LEU A 134 -51.92 18.34 14.96
C LEU A 134 -52.36 17.92 13.56
N ILE A 135 -53.53 18.40 13.11
CA ILE A 135 -53.98 18.08 11.76
C ILE A 135 -53.04 18.67 10.72
N PHE A 136 -52.58 19.90 10.94
CA PHE A 136 -51.64 20.52 10.01
C PHE A 136 -50.32 19.76 9.97
N LEU A 137 -49.82 19.33 11.13
CA LEU A 137 -48.57 18.56 11.15
C LEU A 137 -48.76 17.21 10.46
N ALA A 138 -49.92 16.57 10.66
CA ALA A 138 -50.19 15.31 9.98
C ALA A 138 -50.24 15.50 8.47
N CYS A 139 -50.87 16.58 8.01
CA CYS A 139 -50.90 16.86 6.58
C CYS A 139 -49.50 17.12 6.04
N SER A 140 -48.69 17.85 6.80
CA SER A 140 -47.33 18.15 6.36
C SER A 140 -46.48 16.88 6.25
N ASN A 141 -46.60 15.98 7.21
CA ASN A 141 -45.76 14.78 7.26
C ASN A 141 -46.42 13.55 6.68
N PHE A 142 -47.59 13.69 6.05
CA PHE A 142 -48.25 12.55 5.41
C PHE A 142 -47.33 11.89 4.38
N TRP A 143 -46.96 12.62 3.33
CA TRP A 143 -46.14 12.04 2.28
C TRP A 143 -44.77 11.61 2.80
N PHE A 144 -44.25 12.30 3.81
CA PHE A 144 -42.97 11.89 4.40
C PHE A 144 -43.10 10.55 5.12
N LYS A 145 -44.25 10.29 5.74
CA LYS A 145 -44.45 9.07 6.51
C LYS A 145 -45.25 8.01 5.76
N PHE A 146 -45.93 8.37 4.68
CA PHE A 146 -46.65 7.38 3.89
C PHE A 146 -45.65 6.45 3.22
N PRO A 147 -45.73 5.14 3.42
CA PRO A 147 -44.62 4.25 3.02
C PRO A 147 -44.36 4.23 1.52
N ARG A 148 -45.40 4.14 0.70
CA ARG A 148 -45.20 4.03 -0.75
C ARG A 148 -44.52 5.27 -1.30
N THR A 149 -44.96 6.46 -0.87
CA THR A 149 -44.32 7.69 -1.33
C THR A 149 -43.00 7.94 -0.63
N SER A 150 -42.86 7.52 0.63
CA SER A 150 -41.60 7.70 1.34
C SER A 150 -40.48 6.89 0.70
N SER A 151 -40.80 5.69 0.20
CA SER A 151 -39.78 4.89 -0.48
C SER A 151 -39.26 5.61 -1.72
N LYS A 152 -40.16 6.15 -2.54
CA LYS A 152 -39.74 6.89 -3.71
C LYS A 152 -38.93 8.12 -3.33
N LEU A 153 -39.37 8.84 -2.30
CA LEU A 153 -38.65 10.04 -1.89
C LEU A 153 -37.25 9.71 -1.39
N GLU A 154 -37.11 8.66 -0.57
CA GLU A 154 -35.80 8.31 -0.04
C GLU A 154 -34.89 7.79 -1.15
N HIS A 155 -35.42 7.01 -2.08
CA HIS A 155 -34.60 6.57 -3.20
C HIS A 155 -34.13 7.75 -4.03
N PHE A 156 -35.04 8.69 -4.29
CA PHE A 156 -34.68 9.86 -5.08
C PHE A 156 -33.60 10.69 -4.40
N VAL A 157 -33.76 10.95 -3.10
CA VAL A 157 -32.77 11.78 -2.40
C VAL A 157 -31.43 11.04 -2.30
N SER A 158 -31.47 9.72 -2.10
CA SER A 158 -30.22 8.96 -2.02
C SER A 158 -29.47 8.99 -3.34
N ILE A 159 -30.16 8.73 -4.45
CA ILE A 159 -29.46 8.75 -5.74
C ILE A 159 -29.02 10.16 -6.09
N LEU A 160 -29.81 11.18 -5.71
CA LEU A 160 -29.42 12.56 -5.99
C LEU A 160 -28.16 12.94 -5.23
N LEU A 161 -28.06 12.57 -3.95
CA LEU A 161 -26.85 12.88 -3.19
C LEU A 161 -25.67 12.08 -3.72
N LYS A 162 -25.89 10.82 -4.11
CA LYS A 162 -24.80 10.02 -4.66
C LYS A 162 -24.27 10.63 -5.96
N CYS A 163 -25.16 11.09 -6.84
CA CYS A 163 -24.72 11.76 -8.05
C CYS A 163 -24.07 13.10 -7.77
N PHE A 164 -24.49 13.77 -6.70
CA PHE A 164 -23.92 15.07 -6.36
C PHE A 164 -22.44 14.95 -5.98
N ASP A 165 -22.09 13.93 -5.21
CA ASP A 165 -20.72 13.74 -4.76
C ASP A 165 -19.84 13.04 -5.78
N SER A 166 -20.40 12.61 -6.90
CA SER A 166 -19.63 11.85 -7.88
C SER A 166 -18.59 12.75 -8.54
N PRO A 167 -17.32 12.33 -8.59
CA PRO A 167 -16.31 13.10 -9.33
C PRO A 167 -16.60 13.17 -10.83
N TRP A 168 -17.47 12.29 -11.33
CA TRP A 168 -17.87 12.36 -12.74
C TRP A 168 -18.50 13.71 -13.06
N THR A 169 -19.37 14.19 -12.17
CA THR A 169 -19.98 15.50 -12.37
C THR A 169 -18.93 16.61 -12.35
N THR A 170 -17.94 16.50 -11.46
CA THR A 170 -16.87 17.50 -11.43
C THR A 170 -16.10 17.51 -12.74
N ARG A 171 -15.78 16.34 -13.28
CA ARG A 171 -15.09 16.29 -14.57
C ARG A 171 -15.96 16.86 -15.69
N ALA A 172 -17.26 16.55 -15.67
CA ALA A 172 -18.16 17.05 -16.71
C ALA A 172 -18.25 18.56 -16.67
N LEU A 173 -18.34 19.15 -15.47
CA LEU A 173 -18.40 20.61 -15.37
C LEU A 173 -17.06 21.25 -15.70
N SER A 174 -15.94 20.57 -15.41
CA SER A 174 -14.64 21.09 -15.80
C SER A 174 -14.41 20.99 -17.30
N GLU A 175 -15.12 20.08 -17.98
CA GLU A 175 -15.00 20.00 -19.44
C GLU A 175 -15.51 21.25 -20.14
N THR A 176 -16.45 21.97 -19.53
CA THR A 176 -17.01 23.20 -20.09
C THR A 176 -17.58 22.97 -21.49
N GLY A 230 -5.96 14.19 -16.84
CA GLY A 230 -7.36 13.84 -16.99
C GLY A 230 -7.62 12.35 -16.90
N VAL A 231 -6.77 11.64 -16.16
CA VAL A 231 -6.88 10.21 -15.99
C VAL A 231 -7.08 9.89 -14.50
N LEU A 232 -8.15 9.16 -14.20
CA LEU A 232 -8.44 8.77 -12.84
C LEU A 232 -8.54 7.25 -12.73
N ASP A 233 -8.95 6.76 -11.56
CA ASP A 233 -9.02 5.32 -11.33
C ASP A 233 -10.11 4.69 -12.19
N LYS A 234 -9.87 3.44 -12.60
CA LYS A 234 -10.86 2.71 -13.37
C LYS A 234 -12.13 2.47 -12.57
N LYS A 235 -12.00 2.23 -11.26
CA LYS A 235 -13.16 2.00 -10.43
C LYS A 235 -14.08 3.22 -10.42
N GLU A 236 -13.52 4.42 -10.60
CA GLU A 236 -14.34 5.63 -10.69
C GLU A 236 -15.23 5.59 -11.93
N GLY A 237 -14.64 5.21 -13.07
CA GLY A 237 -15.45 5.08 -14.28
C GLY A 237 -16.49 3.98 -14.16
N GLU A 238 -16.11 2.87 -13.52
CA GLU A 238 -17.07 1.77 -13.36
C GLU A 238 -18.24 2.19 -12.48
N GLN A 239 -17.97 2.88 -11.37
CA GLN A 239 -19.06 3.33 -10.52
C GLN A 239 -19.87 4.43 -11.19
N ALA A 240 -19.24 5.24 -12.06
CA ALA A 240 -20.01 6.20 -12.84
C ALA A 240 -20.98 5.50 -13.80
N LYS A 241 -20.51 4.44 -14.45
CA LYS A 241 -21.39 3.68 -15.33
C LYS A 241 -22.52 3.01 -14.54
N ALA A 242 -22.19 2.48 -13.36
CA ALA A 242 -23.23 1.91 -12.50
C ALA A 242 -24.24 2.96 -12.07
N LEU A 243 -23.77 4.17 -11.78
CA LEU A 243 -24.68 5.27 -11.45
C LEU A 243 -25.57 5.60 -12.63
N PHE A 244 -25.02 5.62 -13.84
CA PHE A 244 -25.85 5.84 -15.03
C PHE A 244 -26.93 4.77 -15.15
N GLU A 245 -26.54 3.50 -14.98
CA GLU A 245 -27.50 2.41 -15.13
C GLU A 245 -28.60 2.50 -14.08
N LYS A 246 -28.22 2.77 -12.82
CA LYS A 246 -29.22 2.85 -11.77
C LYS A 246 -30.10 4.09 -11.92
N VAL A 247 -29.56 5.18 -12.47
CA VAL A 247 -30.40 6.34 -12.78
C VAL A 247 -31.42 6.00 -13.85
N LYS A 248 -30.98 5.28 -14.90
CA LYS A 248 -31.93 4.85 -15.92
C LYS A 248 -33.01 3.95 -15.35
N LYS A 249 -32.62 3.00 -14.49
CA LYS A 249 -33.61 2.11 -13.88
C LYS A 249 -34.58 2.87 -12.99
N PHE A 250 -34.05 3.81 -12.20
CA PHE A 250 -34.91 4.63 -11.33
C PHE A 250 -35.89 5.45 -12.17
N ARG A 251 -35.42 6.01 -13.29
CA ARG A 251 -36.31 6.78 -14.14
C ARG A 251 -37.39 5.89 -14.73
N THR A 252 -37.01 4.69 -15.21
CA THR A 252 -38.01 3.78 -15.76
C THR A 252 -38.99 3.32 -14.68
N HIS A 253 -38.57 3.35 -13.42
CA HIS A 253 -39.45 2.91 -12.33
C HIS A 253 -40.42 4.00 -11.90
N VAL A 254 -39.90 5.15 -11.47
CA VAL A 254 -40.74 6.17 -10.85
C VAL A 254 -41.66 6.83 -11.85
N GLU A 255 -41.24 6.96 -13.11
CA GLU A 255 -42.03 7.71 -14.09
C GLU A 255 -43.39 7.08 -14.36
N GLU A 256 -43.58 5.81 -13.98
CA GLU A 256 -44.86 5.14 -14.20
C GLU A 256 -45.80 5.25 -13.01
N GLY A 257 -45.31 5.71 -11.87
CA GLY A 257 -46.11 5.73 -10.65
C GLY A 257 -47.10 6.88 -10.56
N ASP A 258 -46.59 8.10 -10.52
CA ASP A 258 -47.41 9.31 -10.36
C ASP A 258 -48.25 9.23 -9.08
N ILE A 259 -47.56 9.16 -7.95
CA ILE A 259 -48.20 9.07 -6.65
C ILE A 259 -47.82 10.23 -5.74
N VAL A 260 -46.56 10.67 -5.79
CA VAL A 260 -46.12 11.73 -4.89
C VAL A 260 -46.79 13.06 -5.25
N TYR A 261 -46.97 13.32 -6.55
CA TYR A 261 -47.56 14.59 -6.98
C TYR A 261 -49.01 14.68 -6.56
N ARG A 262 -49.80 13.64 -6.83
CA ARG A 262 -51.20 13.67 -6.46
C ARG A 262 -51.37 13.74 -4.95
N LEU A 263 -50.56 13.00 -4.20
CA LEU A 263 -50.65 13.03 -2.74
C LEU A 263 -50.30 14.40 -2.20
N TYR A 264 -49.24 15.02 -2.73
CA TYR A 264 -48.86 16.35 -2.28
C TYR A 264 -49.94 17.38 -2.61
N MET A 265 -50.52 17.30 -3.82
CA MET A 265 -51.59 18.21 -4.18
C MET A 265 -52.81 18.02 -3.27
N ARG A 266 -53.15 16.76 -2.98
CA ARG A 266 -54.30 16.50 -2.11
C ARG A 266 -54.06 17.01 -0.70
N GLN A 267 -52.85 16.82 -0.17
CA GLN A 267 -52.59 17.33 1.18
C GLN A 267 -52.57 18.86 1.20
N THR A 268 -52.10 19.50 0.12
CA THR A 268 -52.17 20.96 0.04
C THR A 268 -53.62 21.43 -0.02
N ILE A 269 -54.47 20.73 -0.77
CA ILE A 269 -55.88 21.08 -0.84
C ILE A 269 -56.54 20.91 0.53
N ILE A 270 -56.18 19.83 1.23
CA ILE A 270 -56.71 19.63 2.59
C ILE A 270 -56.28 20.75 3.51
N LYS A 271 -55.01 21.15 3.43
CA LYS A 271 -54.54 22.27 4.23
C LYS A 271 -55.31 23.54 3.92
N VAL A 272 -55.56 23.81 2.64
CA VAL A 272 -56.23 25.05 2.25
C VAL A 272 -57.68 25.05 2.73
N ILE A 273 -58.39 23.94 2.55
CA ILE A 273 -59.80 23.90 2.95
C ILE A 273 -59.90 23.93 4.47
N LYS A 274 -58.99 23.26 5.18
CA LYS A 274 -58.97 23.35 6.63
C LYS A 274 -58.71 24.77 7.09
N PHE A 275 -57.77 25.46 6.43
CA PHE A 275 -57.51 26.85 6.77
C PHE A 275 -58.73 27.72 6.55
N ALA A 276 -59.44 27.52 5.42
CA ALA A 276 -60.62 28.32 5.15
C ALA A 276 -61.69 28.10 6.23
N LEU A 277 -61.97 26.83 6.55
CA LEU A 277 -62.99 26.55 7.56
C LEU A 277 -62.59 27.09 8.92
N ILE A 278 -61.32 26.91 9.31
CA ILE A 278 -60.88 27.34 10.63
C ILE A 278 -60.91 28.86 10.73
N ILE A 279 -60.46 29.56 9.70
CA ILE A 279 -60.46 31.02 9.76
C ILE A 279 -61.89 31.54 9.80
N CYS A 280 -62.79 30.95 9.01
CA CYS A 280 -64.18 31.40 9.02
C CYS A 280 -64.80 31.23 10.41
N TYR A 281 -64.75 30.01 10.95
CA TYR A 281 -65.43 29.77 12.22
C TYR A 281 -64.76 30.51 13.36
N THR A 282 -63.43 30.60 13.36
CA THR A 282 -62.72 31.29 14.43
C THR A 282 -63.00 32.79 14.40
N VAL A 283 -62.99 33.40 13.22
CA VAL A 283 -63.30 34.82 13.13
C VAL A 283 -64.74 35.08 13.53
N TYR A 284 -65.66 34.17 13.18
CA TYR A 284 -67.05 34.37 13.56
C TYR A 284 -67.26 34.24 15.06
N TYR A 285 -66.57 33.30 15.71
CA TYR A 285 -66.81 32.99 17.11
C TYR A 285 -65.84 33.65 18.08
N VAL A 286 -64.88 34.44 17.58
CA VAL A 286 -63.97 35.12 18.49
C VAL A 286 -64.67 36.27 19.21
N HIS A 287 -65.76 36.77 18.65
CA HIS A 287 -66.45 37.92 19.25
C HIS A 287 -67.10 37.60 20.58
N ASN A 288 -67.30 36.32 20.90
CA ASN A 288 -68.02 35.94 22.11
C ASN A 288 -67.13 35.80 23.34
N ILE A 289 -65.83 36.03 23.22
CA ILE A 289 -64.93 35.94 24.36
C ILE A 289 -64.92 37.28 25.08
N LYS A 290 -65.82 37.46 26.04
CA LYS A 290 -65.97 38.71 26.77
C LYS A 290 -65.62 38.51 28.24
N PHE A 291 -65.13 39.59 28.87
CA PHE A 291 -64.78 39.53 30.28
C PHE A 291 -66.01 39.26 31.15
N ASP A 292 -67.09 39.97 30.88
CA ASP A 292 -68.33 39.84 31.63
C ASP A 292 -69.37 39.10 30.79
N VAL A 293 -70.00 38.09 31.38
CA VAL A 293 -71.04 37.33 30.71
C VAL A 293 -72.30 37.36 31.58
N ASP A 294 -73.45 37.18 30.93
CA ASP A 294 -74.74 37.12 31.61
C ASP A 294 -75.16 35.67 31.73
N CYS A 295 -75.32 35.20 32.97
CA CYS A 295 -75.61 33.80 33.25
C CYS A 295 -76.99 33.70 33.90
N THR A 296 -77.94 33.12 33.19
CA THR A 296 -79.26 32.80 33.72
C THR A 296 -79.43 31.28 33.66
N VAL A 297 -78.89 30.58 34.65
CA VAL A 297 -78.93 29.13 34.68
C VAL A 297 -80.23 28.58 35.24
N ASP A 298 -81.10 29.42 35.81
CA ASP A 298 -82.42 29.03 36.28
C ASP A 298 -82.32 27.92 37.34
N ILE A 299 -81.63 28.23 38.42
CA ILE A 299 -81.51 27.34 39.57
C ILE A 299 -82.00 28.12 40.79
N GLU A 300 -83.22 27.81 41.24
CA GLU A 300 -83.82 28.49 42.37
C GLU A 300 -83.81 27.65 43.64
N SER A 301 -84.09 26.35 43.54
CA SER A 301 -84.14 25.49 44.72
C SER A 301 -82.79 25.33 45.40
N LEU A 302 -81.70 25.67 44.72
CA LEU A 302 -80.36 25.51 45.27
C LEU A 302 -79.77 26.82 45.83
N THR A 303 -79.92 27.91 45.10
CA THR A 303 -79.39 29.20 45.54
C THR A 303 -80.47 30.23 45.84
N GLY A 304 -81.44 30.40 44.95
CA GLY A 304 -82.52 31.33 45.16
C GLY A 304 -82.47 32.58 44.31
N TYR A 305 -81.52 32.69 43.38
CA TYR A 305 -81.41 33.83 42.50
C TYR A 305 -81.60 33.40 41.06
N ARG A 306 -82.36 34.20 40.30
CA ARG A 306 -82.67 33.85 38.92
C ARG A 306 -81.45 34.02 38.02
N THR A 307 -80.91 35.23 37.94
CA THR A 307 -79.81 35.55 37.05
C THR A 307 -78.54 35.84 37.84
N TYR A 308 -77.42 35.87 37.13
CA TYR A 308 -76.13 36.16 37.72
C TYR A 308 -75.34 37.05 36.78
N ARG A 309 -74.37 37.78 37.34
CA ARG A 309 -73.50 38.67 36.57
C ARG A 309 -72.07 38.14 36.74
N CYS A 310 -71.69 37.20 35.88
CA CYS A 310 -70.39 36.57 35.99
C CYS A 310 -69.31 37.41 35.33
N ALA A 311 -68.06 37.16 35.73
CA ALA A 311 -66.89 37.80 35.13
C ALA A 311 -65.86 36.73 34.82
N HIS A 312 -65.29 36.78 33.62
CA HIS A 312 -64.27 35.84 33.20
C HIS A 312 -62.91 36.51 33.24
N PRO A 313 -62.15 36.35 34.32
CA PRO A 313 -60.88 37.08 34.45
C PRO A 313 -59.84 36.70 33.40
N LEU A 314 -59.98 35.54 32.78
CA LEU A 314 -59.04 35.06 31.77
C LEU A 314 -59.46 35.43 30.35
N ALA A 315 -60.55 36.18 30.20
CA ALA A 315 -61.12 36.43 28.88
C ALA A 315 -60.21 37.27 28.00
N THR A 316 -59.57 38.29 28.57
CA THR A 316 -58.72 39.16 27.75
C THR A 316 -57.50 38.43 27.23
N LEU A 317 -56.85 37.62 28.08
CA LEU A 317 -55.70 36.85 27.63
C LEU A 317 -56.09 35.85 26.56
N PHE A 318 -57.23 35.17 26.74
CA PHE A 318 -57.71 34.25 25.72
C PHE A 318 -58.05 35.00 24.43
N LYS A 319 -58.54 36.23 24.55
CA LYS A 319 -58.88 37.00 23.35
C LYS A 319 -57.63 37.38 22.56
N ILE A 320 -56.59 37.82 23.26
CA ILE A 320 -55.36 38.19 22.54
C ILE A 320 -54.69 36.94 21.98
N LEU A 321 -54.78 35.81 22.70
CA LEU A 321 -54.26 34.55 22.15
C LEU A 321 -55.03 34.14 20.90
N ALA A 322 -56.36 34.33 20.91
CA ALA A 322 -57.15 34.02 19.74
C ALA A 322 -56.81 34.91 18.57
N SER A 323 -56.58 36.20 18.82
CA SER A 323 -56.15 37.10 17.76
C SER A 323 -54.80 36.67 17.19
N PHE A 324 -53.87 36.30 18.06
CA PHE A 324 -52.56 35.84 17.61
C PHE A 324 -52.69 34.57 16.78
N TYR A 325 -53.54 33.63 17.22
CA TYR A 325 -53.74 32.41 16.46
C TYR A 325 -54.42 32.68 15.12
N ILE A 326 -55.34 33.64 15.09
CA ILE A 326 -55.98 34.01 13.83
C ILE A 326 -54.96 34.58 12.86
N SER A 327 -54.05 35.43 13.36
CA SER A 327 -53.00 35.98 12.50
C SER A 327 -52.08 34.87 11.99
N LEU A 328 -51.71 33.92 12.86
CA LEU A 328 -50.88 32.81 12.43
C LEU A 328 -51.59 31.95 11.39
N VAL A 329 -52.88 31.71 11.58
CA VAL A 329 -53.66 30.94 10.61
C VAL A 329 -53.76 31.68 9.29
N ILE A 330 -53.88 33.00 9.34
CA ILE A 330 -53.90 33.80 8.11
C ILE A 330 -52.59 33.64 7.35
N PHE A 331 -51.47 33.73 8.08
CA PHE A 331 -50.18 33.55 7.43
C PHE A 331 -50.03 32.14 6.86
N TYR A 332 -50.47 31.14 7.61
CA TYR A 332 -50.41 29.75 7.13
C TYR A 332 -51.24 29.57 5.86
N GLY A 333 -52.44 30.14 5.84
CA GLY A 333 -53.29 30.04 4.67
C GLY A 333 -52.72 30.78 3.48
N LEU A 334 -52.08 31.93 3.72
CA LEU A 334 -51.43 32.65 2.63
C LEU A 334 -50.30 31.82 2.03
N ILE A 335 -49.50 31.18 2.88
CA ILE A 335 -48.42 30.33 2.37
C ILE A 335 -48.99 29.14 1.62
N CYS A 336 -50.07 28.54 2.13
CA CYS A 336 -50.70 27.42 1.43
C CYS A 336 -51.27 27.83 0.09
N MET A 337 -51.88 29.01 0.02
CA MET A 337 -52.38 29.52 -1.25
C MET A 337 -51.24 29.78 -2.23
N TYR A 338 -50.12 30.32 -1.74
CA TYR A 338 -48.96 30.49 -2.60
C TYR A 338 -48.46 29.16 -3.13
N THR A 339 -48.41 28.14 -2.28
CA THR A 339 -47.98 26.82 -2.72
C THR A 339 -48.93 26.24 -3.76
N LEU A 340 -50.24 26.41 -3.54
CA LEU A 340 -51.22 25.91 -4.50
C LEU A 340 -51.09 26.62 -5.84
N TRP A 341 -50.89 27.94 -5.82
CA TRP A 341 -50.67 28.68 -7.05
C TRP A 341 -49.41 28.20 -7.76
N TRP A 342 -48.33 27.99 -7.00
CA TRP A 342 -47.09 27.49 -7.58
C TRP A 342 -47.26 26.10 -8.15
N MET A 343 -48.22 25.34 -7.63
CA MET A 343 -48.43 23.96 -8.10
C MET A 343 -49.48 23.85 -9.19
N LEU A 344 -50.30 24.88 -9.39
CA LEU A 344 -51.38 24.84 -10.38
C LEU A 344 -51.11 25.79 -11.54
N ARG A 345 -49.86 26.17 -11.75
CA ARG A 345 -49.53 27.06 -12.86
C ARG A 345 -48.50 26.47 -13.81
N ARG A 346 -47.52 25.72 -13.30
CA ARG A 346 -46.44 25.21 -14.13
C ARG A 346 -46.72 23.83 -14.71
N SER A 347 -47.79 23.17 -14.28
CA SER A 347 -48.14 21.82 -14.74
C SER A 347 -46.97 20.86 -14.50
N LEU A 348 -46.71 20.62 -13.21
CA LEU A 348 -45.54 19.86 -12.79
C LEU A 348 -45.56 18.40 -13.23
N LYS A 349 -46.57 17.99 -13.99
CA LYS A 349 -46.56 16.66 -14.59
C LYS A 349 -45.43 16.49 -15.60
N LYS A 350 -44.83 17.58 -16.08
CA LYS A 350 -43.74 17.52 -17.04
C LYS A 350 -42.67 18.53 -16.65
N TYR A 351 -41.45 18.25 -17.08
CA TYR A 351 -40.31 19.12 -16.79
C TYR A 351 -39.78 19.70 -18.09
N SER A 352 -39.13 20.86 -17.98
CA SER A 352 -38.61 21.56 -19.15
C SER A 352 -37.22 21.06 -19.54
N PHE A 353 -36.26 21.17 -18.63
CA PHE A 353 -34.88 20.77 -18.90
C PHE A 353 -34.32 21.46 -20.15
N GLU A 354 -34.63 22.74 -20.31
CA GLU A 354 -34.18 23.51 -21.44
C GLU A 354 -32.90 24.29 -21.17
N SER A 355 -32.52 24.48 -19.91
CA SER A 355 -31.32 25.22 -19.59
C SER A 355 -30.06 24.40 -19.83
N ILE A 356 -30.12 23.09 -19.55
CA ILE A 356 -28.95 22.24 -19.71
C ILE A 356 -28.54 22.13 -21.17
N ARG A 357 -29.53 21.95 -22.06
CA ARG A 357 -29.23 21.83 -23.49
C ARG A 357 -28.74 23.14 -24.10
N GLU A 358 -28.85 24.25 -23.40
CA GLU A 358 -28.40 25.54 -23.90
C GLU A 358 -27.07 25.98 -23.31
N GLU A 359 -26.90 25.90 -21.99
CA GLU A 359 -25.65 26.33 -21.37
C GLU A 359 -24.56 25.26 -21.41
N SER A 360 -24.89 24.03 -21.84
CA SER A 360 -23.90 22.97 -21.94
C SER A 360 -24.02 22.16 -23.22
N SER A 361 -24.92 22.51 -24.14
CA SER A 361 -25.11 21.83 -25.41
C SER A 361 -25.48 20.35 -25.24
N TYR A 362 -26.10 20.00 -24.11
CA TYR A 362 -26.58 18.64 -23.90
C TYR A 362 -28.02 18.53 -24.39
N SER A 363 -28.16 18.62 -25.71
CA SER A 363 -29.47 18.60 -26.38
C SER A 363 -30.09 17.23 -26.44
N ASP A 364 -29.49 16.21 -25.85
CA ASP A 364 -30.04 14.86 -25.85
C ASP A 364 -30.81 14.54 -24.57
N ILE A 365 -31.08 15.54 -23.75
CA ILE A 365 -31.81 15.35 -22.49
C ILE A 365 -33.24 14.95 -22.81
N PRO A 366 -33.71 13.82 -22.30
CA PRO A 366 -35.11 13.42 -22.53
C PRO A 366 -36.06 14.18 -21.62
N ASP A 367 -37.30 14.30 -22.06
CA ASP A 367 -38.32 14.97 -21.27
C ASP A 367 -38.65 14.15 -20.03
N VAL A 368 -38.87 14.84 -18.92
CA VAL A 368 -39.16 14.20 -17.65
C VAL A 368 -40.66 14.30 -17.39
N LYS A 369 -41.31 13.16 -17.23
CA LYS A 369 -42.77 13.10 -17.05
C LYS A 369 -43.09 13.12 -15.57
N ASN A 370 -44.35 12.82 -15.22
CA ASN A 370 -44.83 12.86 -13.84
C ASN A 370 -44.04 11.97 -12.89
N ASP A 371 -44.13 12.27 -11.59
CA ASP A 371 -43.54 11.50 -10.49
C ASP A 371 -42.03 11.68 -10.45
N PHE A 372 -41.48 12.38 -11.42
CA PHE A 372 -40.07 12.76 -11.43
C PHE A 372 -39.90 14.27 -11.65
N ALA A 373 -40.76 14.88 -12.47
CA ALA A 373 -40.69 16.32 -12.66
C ALA A 373 -41.05 17.05 -11.37
N PHE A 374 -41.92 16.46 -10.55
CA PHE A 374 -42.30 17.09 -9.29
C PHE A 374 -41.13 17.16 -8.32
N MET A 375 -40.40 16.06 -8.15
CA MET A 375 -39.24 16.06 -7.26
C MET A 375 -38.15 16.98 -7.77
N LEU A 376 -37.95 17.02 -9.10
CA LEU A 376 -36.96 17.93 -9.66
C LEU A 376 -37.36 19.38 -9.43
N HIS A 377 -38.66 19.68 -9.55
CA HIS A 377 -39.14 21.03 -9.26
C HIS A 377 -38.91 21.38 -7.79
N LEU A 378 -39.15 20.43 -6.90
CA LEU A 378 -38.90 20.65 -5.47
C LEU A 378 -37.42 20.95 -5.22
N ILE A 379 -36.54 20.16 -5.86
CA ILE A 379 -35.11 20.40 -5.70
C ILE A 379 -34.73 21.77 -6.23
N ASP A 380 -35.29 22.15 -7.38
CA ASP A 380 -35.06 23.49 -7.93
C ASP A 380 -35.51 24.57 -6.94
N GLN A 381 -36.65 24.34 -6.28
CA GLN A 381 -37.10 25.27 -5.25
C GLN A 381 -36.08 25.37 -4.12
N TYR A 382 -35.51 24.23 -3.72
CA TYR A 382 -34.41 24.27 -2.76
C TYR A 382 -33.21 25.01 -3.34
N ASP A 383 -32.62 24.47 -4.42
CA ASP A 383 -31.60 25.15 -5.20
C ASP A 383 -31.37 24.39 -6.50
N PRO A 384 -31.17 25.07 -7.63
CA PRO A 384 -31.04 24.37 -8.91
C PRO A 384 -29.70 23.70 -9.14
N LEU A 385 -28.74 23.83 -8.22
CA LEU A 385 -27.43 23.23 -8.42
C LEU A 385 -27.51 21.71 -8.49
N TYR A 386 -28.30 21.10 -7.60
CA TYR A 386 -28.43 19.65 -7.60
C TYR A 386 -29.05 19.15 -8.89
N SER A 387 -30.10 19.83 -9.36
CA SER A 387 -30.73 19.44 -10.61
C SER A 387 -29.78 19.61 -11.78
N LYS A 388 -29.03 20.71 -11.80
CA LYS A 388 -28.07 20.95 -12.87
C LYS A 388 -27.01 19.86 -12.92
N ARG A 389 -26.44 19.52 -11.76
CA ARG A 389 -25.39 18.51 -11.72
C ARG A 389 -25.92 17.08 -11.82
N PHE A 390 -27.24 16.88 -11.71
CA PHE A 390 -27.81 15.56 -11.87
C PHE A 390 -28.37 15.32 -13.27
N ALA A 391 -28.71 16.39 -14.00
CA ALA A 391 -29.30 16.21 -15.32
C ALA A 391 -28.35 15.53 -16.29
N VAL A 392 -27.03 15.68 -16.08
CA VAL A 392 -26.05 15.10 -17.00
C VAL A 392 -26.15 13.58 -17.01
N PHE A 393 -26.76 12.98 -15.99
CA PHE A 393 -26.90 11.53 -15.94
C PHE A 393 -28.07 11.03 -16.78
N LEU A 394 -28.87 11.93 -17.35
CA LEU A 394 -29.94 11.53 -18.25
C LEU A 394 -29.53 11.63 -19.71
N SER A 395 -28.49 12.39 -20.01
CA SER A 395 -28.01 12.57 -21.38
C SER A 395 -27.08 11.42 -21.75
N GLU A 396 -27.43 10.68 -22.81
CA GLU A 396 -26.59 9.58 -23.24
C GLU A 396 -25.31 10.06 -23.92
N VAL A 397 -25.29 11.30 -24.41
CA VAL A 397 -24.07 11.82 -25.04
C VAL A 397 -22.95 11.95 -24.01
N SER A 398 -23.27 12.46 -22.82
CA SER A 398 -22.28 12.57 -21.76
C SER A 398 -21.78 11.20 -21.34
N GLU A 399 -22.70 10.24 -21.20
CA GLU A 399 -22.30 8.87 -20.85
C GLU A 399 -21.38 8.30 -21.91
N ASN A 400 -21.70 8.48 -23.19
CA ASN A 400 -20.86 7.95 -24.25
C ASN A 400 -19.48 8.59 -24.22
N LYS A 401 -19.41 9.93 -24.11
CA LYS A 401 -18.12 10.60 -24.19
C LYS A 401 -17.24 10.24 -23.00
N LEU A 402 -17.79 10.17 -21.79
CA LEU A 402 -16.93 9.83 -20.66
C LEU A 402 -16.69 8.34 -20.53
N ARG A 403 -17.54 7.49 -21.10
CA ARG A 403 -17.18 6.08 -21.26
C ARG A 403 -16.01 5.93 -22.21
N GLN A 404 -15.99 6.71 -23.30
CA GLN A 404 -14.84 6.72 -24.19
C GLN A 404 -13.60 7.23 -23.47
N LEU A 405 -13.76 8.24 -22.62
CA LEU A 405 -12.64 8.73 -21.83
C LEU A 405 -12.11 7.65 -20.89
N ASN A 406 -13.01 6.92 -20.23
CA ASN A 406 -12.58 5.82 -19.36
C ASN A 406 -11.87 4.73 -20.16
N LEU A 407 -12.37 4.44 -21.36
CA LEU A 407 -11.71 3.45 -22.22
C LEU A 407 -10.31 3.92 -22.61
N ASN A 408 -10.16 5.20 -22.91
CA ASN A 408 -8.83 5.74 -23.22
C ASN A 408 -7.93 5.66 -21.99
N ASN A 409 -8.49 5.86 -20.81
CA ASN A 409 -7.71 5.67 -19.58
C ASN A 409 -7.26 4.22 -19.43
N GLU A 410 -8.13 3.27 -19.81
CA GLU A 410 -7.75 1.86 -19.75
C GLU A 410 -6.65 1.53 -20.75
N TRP A 411 -6.81 1.99 -21.99
CA TRP A 411 -5.82 1.76 -23.05
C TRP A 411 -4.99 3.03 -23.20
N THR A 412 -3.96 3.15 -22.37
CA THR A 412 -3.06 4.30 -22.44
C THR A 412 -2.15 4.19 -23.66
N LEU A 413 -1.45 5.29 -23.94
CA LEU A 413 -0.56 5.32 -25.10
C LEU A 413 0.58 4.30 -24.97
N ASP A 414 1.17 4.20 -23.78
CA ASP A 414 2.28 3.27 -23.60
C ASP A 414 1.83 1.83 -23.80
N LYS A 415 0.69 1.46 -23.21
CA LYS A 415 0.18 0.10 -23.39
C LYS A 415 -0.24 -0.16 -24.83
N LEU A 416 -0.81 0.86 -25.49
CA LEU A 416 -1.21 0.71 -26.88
C LEU A 416 -0.01 0.45 -27.77
N ARG A 417 1.10 1.17 -27.54
CA ARG A 417 2.29 0.94 -28.34
C ARG A 417 2.97 -0.37 -27.93
N GLN A 418 2.83 -0.78 -26.68
CA GLN A 418 3.34 -2.08 -26.25
C GLN A 418 2.65 -3.22 -26.99
N ARG A 419 1.33 -3.11 -27.14
CA ARG A 419 0.58 -4.13 -27.87
C ARG A 419 0.79 -4.04 -29.37
N LEU A 420 1.35 -2.93 -29.86
CA LEU A 420 1.59 -2.79 -31.29
C LEU A 420 2.54 -3.87 -31.78
N THR A 421 2.23 -4.43 -32.95
CA THR A 421 2.99 -5.52 -33.55
C THR A 421 3.24 -5.19 -35.02
N LYS A 422 3.92 -6.11 -35.70
CA LYS A 422 4.22 -5.99 -37.12
C LYS A 422 3.56 -7.14 -37.85
N ASN A 423 2.85 -6.83 -38.94
CA ASN A 423 2.06 -7.83 -39.65
C ASN A 423 2.98 -8.71 -40.50
N ALA A 424 2.38 -9.58 -41.33
CA ALA A 424 3.14 -10.44 -42.21
C ALA A 424 3.69 -9.70 -43.43
N GLN A 425 3.24 -8.48 -43.69
CA GLN A 425 3.70 -7.68 -44.81
C GLN A 425 4.79 -6.68 -44.40
N ASP A 426 5.42 -6.88 -43.24
CA ASP A 426 6.49 -6.02 -42.74
C ASP A 426 6.00 -4.57 -42.61
N LYS A 427 4.80 -4.40 -42.05
CA LYS A 427 4.23 -3.09 -41.81
C LYS A 427 3.70 -3.02 -40.39
N LEU A 428 3.61 -1.80 -39.86
CA LEU A 428 3.11 -1.59 -38.51
C LEU A 428 1.59 -1.83 -38.49
N GLU A 429 1.16 -2.80 -37.69
CA GLU A 429 -0.24 -3.19 -37.63
C GLU A 429 -0.68 -3.26 -36.18
N LEU A 430 -1.88 -2.73 -35.91
CA LEU A 430 -2.46 -2.73 -34.57
C LEU A 430 -3.78 -3.50 -34.60
N HIS A 431 -3.97 -4.35 -33.60
CA HIS A 431 -5.12 -5.25 -33.54
C HIS A 431 -6.00 -4.87 -32.36
N LEU A 432 -7.30 -4.71 -32.63
CA LEU A 432 -8.29 -4.35 -31.62
C LEU A 432 -9.38 -5.42 -31.64
N PHE A 433 -9.43 -6.24 -30.60
CA PHE A 433 -10.35 -7.38 -30.53
C PHE A 433 -11.25 -7.23 -29.32
N MET A 434 -12.56 -7.31 -29.55
CA MET A 434 -13.57 -7.35 -28.49
C MET A 434 -13.46 -6.15 -27.56
N LEU A 435 -13.51 -4.95 -28.14
CA LEU A 435 -13.53 -3.72 -27.38
C LEU A 435 -14.94 -3.11 -27.40
N SER A 436 -15.27 -2.39 -26.34
CA SER A 436 -16.56 -1.71 -26.30
C SER A 436 -16.65 -0.64 -27.38
N GLY A 437 -15.57 0.10 -27.59
CA GLY A 437 -15.51 1.11 -28.64
C GLY A 437 -14.08 1.28 -29.10
N ILE A 438 -13.91 2.09 -30.14
CA ILE A 438 -12.58 2.40 -30.65
C ILE A 438 -11.98 3.52 -29.82
N PRO A 439 -10.85 3.27 -29.14
CA PRO A 439 -10.26 4.33 -28.30
C PRO A 439 -9.79 5.51 -29.13
N ASP A 440 -9.88 6.70 -28.54
CA ASP A 440 -9.36 7.90 -29.20
C ASP A 440 -7.84 7.88 -29.26
N THR A 441 -7.21 7.12 -28.37
CA THR A 441 -5.75 7.05 -28.32
C THR A 441 -5.15 6.31 -29.52
N VAL A 442 -5.97 5.63 -30.32
CA VAL A 442 -5.44 4.96 -31.51
C VAL A 442 -4.95 5.98 -32.52
N PHE A 443 -5.42 7.22 -32.42
CA PHE A 443 -4.97 8.28 -33.30
C PHE A 443 -3.74 9.01 -32.78
N ASP A 444 -3.24 8.62 -31.60
CA ASP A 444 -2.01 9.20 -31.07
C ASP A 444 -0.78 8.76 -31.86
N LEU A 445 -0.86 7.66 -32.59
CA LEU A 445 0.23 7.17 -33.44
C LEU A 445 -0.24 7.28 -34.89
N VAL A 446 0.35 8.20 -35.65
CA VAL A 446 -0.02 8.41 -37.03
C VAL A 446 0.88 7.62 -37.98
N GLU A 447 1.80 6.82 -37.44
CA GLU A 447 2.72 6.02 -38.24
C GLU A 447 2.16 4.64 -38.56
N LEU A 448 0.95 4.33 -38.11
CA LEU A 448 0.32 3.05 -38.40
C LEU A 448 -0.11 2.98 -39.86
N GLU A 449 -0.08 1.78 -40.41
CA GLU A 449 -0.52 1.54 -41.78
C GLU A 449 -1.66 0.54 -41.88
N VAL A 450 -1.71 -0.47 -41.02
CA VAL A 450 -2.75 -1.48 -41.04
C VAL A 450 -3.48 -1.45 -39.69
N LEU A 451 -4.80 -1.33 -39.74
CA LEU A 451 -5.63 -1.31 -38.54
C LEU A 451 -6.75 -2.32 -38.71
N LYS A 452 -6.86 -3.26 -37.77
CA LYS A 452 -7.87 -4.30 -37.81
C LYS A 452 -8.89 -4.04 -36.70
N LEU A 453 -10.14 -3.83 -37.07
CA LEU A 453 -11.23 -3.67 -36.12
C LEU A 453 -11.97 -5.00 -36.03
N GLU A 454 -11.80 -5.71 -34.91
CA GLU A 454 -12.32 -7.06 -34.75
C GLU A 454 -13.35 -7.05 -33.63
N LEU A 455 -14.63 -7.16 -34.01
CA LEU A 455 -15.74 -7.27 -33.06
C LEU A 455 -15.77 -6.08 -32.09
N ILE A 456 -15.90 -4.90 -32.66
CA ILE A 456 -16.10 -3.67 -31.90
C ILE A 456 -17.49 -3.14 -32.26
N PRO A 457 -18.52 -3.37 -31.44
CA PRO A 457 -19.88 -3.07 -31.86
C PRO A 457 -20.13 -1.57 -32.03
N ASP A 458 -20.99 -1.24 -32.99
CA ASP A 458 -21.52 0.11 -33.23
C ASP A 458 -20.46 1.19 -33.07
N VAL A 459 -19.42 1.11 -33.90
CA VAL A 459 -18.39 2.13 -33.93
C VAL A 459 -18.80 3.24 -34.88
N THR A 460 -18.59 4.49 -34.46
CA THR A 460 -18.79 5.65 -35.31
C THR A 460 -17.43 6.17 -35.72
N ILE A 461 -17.12 6.08 -37.01
CA ILE A 461 -15.80 6.45 -37.52
C ILE A 461 -15.64 7.96 -37.39
N PRO A 462 -14.73 8.42 -36.52
CA PRO A 462 -14.61 9.86 -36.28
C PRO A 462 -13.77 10.52 -37.35
N PRO A 463 -13.82 11.85 -37.47
CA PRO A 463 -12.91 12.55 -38.39
C PRO A 463 -11.45 12.46 -37.98
N SER A 464 -11.16 11.93 -36.79
CA SER A 464 -9.78 11.84 -36.30
C SER A 464 -8.91 10.92 -37.14
N ILE A 465 -9.49 10.10 -38.02
CA ILE A 465 -8.68 9.27 -38.91
C ILE A 465 -7.89 10.13 -39.88
N ALA A 466 -8.33 11.37 -40.13
CA ALA A 466 -7.56 12.27 -40.98
C ALA A 466 -6.17 12.54 -40.42
N GLN A 467 -6.02 12.44 -39.09
CA GLN A 467 -4.70 12.58 -38.50
C GLN A 467 -3.77 11.47 -38.95
N LEU A 468 -4.28 10.25 -39.10
CA LEU A 468 -3.49 9.09 -39.50
C LEU A 468 -3.21 9.12 -41.00
N THR A 469 -2.43 10.12 -41.42
CA THR A 469 -2.08 10.26 -42.84
C THR A 469 -1.27 9.07 -43.35
N GLY A 470 -0.53 8.38 -42.48
CA GLY A 470 0.23 7.22 -42.88
C GLY A 470 -0.57 5.94 -42.96
N LEU A 471 -1.85 5.97 -42.62
CA LEU A 471 -2.68 4.77 -42.68
C LEU A 471 -2.83 4.32 -44.12
N LYS A 472 -2.72 3.01 -44.33
CA LYS A 472 -2.83 2.42 -45.66
C LYS A 472 -4.06 1.55 -45.83
N GLU A 473 -4.30 0.59 -44.93
CA GLU A 473 -5.44 -0.30 -45.05
C GLU A 473 -6.13 -0.42 -43.69
N LEU A 474 -7.46 -0.51 -43.74
CA LEU A 474 -8.29 -0.71 -42.56
C LEU A 474 -9.04 -2.02 -42.71
N TRP A 475 -9.05 -2.82 -41.64
CA TRP A 475 -9.66 -4.14 -41.67
C TRP A 475 -10.87 -4.15 -40.74
N LEU A 476 -11.99 -4.68 -41.25
CA LEU A 476 -13.20 -4.85 -40.47
C LEU A 476 -13.50 -6.34 -40.33
N TYR A 477 -13.60 -6.80 -39.08
CA TYR A 477 -13.90 -8.19 -38.77
C TYR A 477 -15.20 -8.22 -37.96
N HIS A 478 -16.32 -8.38 -38.66
CA HIS A 478 -17.64 -8.41 -38.04
C HIS A 478 -17.88 -7.17 -37.20
N THR A 479 -17.48 -6.01 -37.74
CA THR A 479 -17.55 -4.74 -37.03
C THR A 479 -18.34 -3.75 -37.90
N ALA A 480 -19.64 -3.62 -37.61
CA ALA A 480 -20.46 -2.65 -38.31
C ALA A 480 -19.98 -1.24 -38.01
N ALA A 481 -19.88 -0.42 -39.05
CA ALA A 481 -19.31 0.92 -38.93
C ALA A 481 -20.28 1.96 -39.45
N LYS A 482 -20.36 3.08 -38.74
CA LYS A 482 -21.11 4.25 -39.16
C LYS A 482 -20.13 5.40 -39.36
N ILE A 483 -20.22 6.07 -40.50
CA ILE A 483 -19.19 7.02 -40.91
C ILE A 483 -19.80 8.41 -41.03
N GLU A 484 -18.91 9.41 -40.97
CA GLU A 484 -19.28 10.81 -41.13
C GLU A 484 -18.61 11.39 -42.37
N ALA A 485 -18.94 12.63 -42.68
CA ALA A 485 -18.42 13.27 -43.89
C ALA A 485 -16.89 13.38 -43.90
N PRO A 486 -16.22 13.92 -42.87
CA PRO A 486 -14.75 14.01 -42.96
C PRO A 486 -14.06 12.67 -42.95
N ALA A 487 -14.56 11.71 -42.16
CA ALA A 487 -13.97 10.38 -42.14
C ALA A 487 -14.11 9.70 -43.50
N LEU A 488 -15.29 9.82 -44.11
CA LEU A 488 -15.47 9.26 -45.45
C LEU A 488 -14.61 9.96 -46.47
N ALA A 489 -14.43 11.28 -46.35
CA ALA A 489 -13.56 12.00 -47.27
C ALA A 489 -12.13 11.52 -47.14
N PHE A 490 -11.65 11.31 -45.92
CA PHE A 490 -10.29 10.80 -45.74
C PHE A 490 -10.14 9.39 -46.28
N LEU A 491 -11.16 8.54 -46.06
CA LEU A 491 -11.07 7.16 -46.55
C LEU A 491 -11.09 7.11 -48.06
N ARG A 492 -11.86 7.99 -48.71
CA ARG A 492 -11.95 8.01 -50.16
C ARG A 492 -10.67 8.48 -50.83
N GLU A 493 -9.71 9.02 -50.09
CA GLU A 493 -8.53 9.62 -50.71
C GLU A 493 -7.20 9.09 -50.16
N ASN A 494 -7.16 8.52 -48.96
CA ASN A 494 -5.90 8.12 -48.34
C ASN A 494 -5.98 6.70 -47.81
N LEU A 495 -6.46 5.76 -48.64
CA LEU A 495 -6.55 4.36 -48.26
C LEU A 495 -6.01 3.50 -49.39
N ARG A 496 -5.53 2.31 -49.03
CA ARG A 496 -4.99 1.36 -49.99
C ARG A 496 -5.85 0.11 -50.11
N ALA A 497 -6.14 -0.55 -49.00
CA ALA A 497 -6.90 -1.79 -49.01
C ALA A 497 -7.97 -1.75 -47.94
N LEU A 498 -9.02 -2.54 -48.13
CA LEU A 498 -10.10 -2.65 -47.15
C LEU A 498 -10.46 -4.13 -46.99
N HIS A 499 -10.34 -4.62 -45.76
CA HIS A 499 -10.69 -5.99 -45.43
C HIS A 499 -11.99 -5.99 -44.64
N ILE A 500 -13.05 -6.51 -45.23
CA ILE A 500 -14.36 -6.55 -44.60
C ILE A 500 -14.79 -8.01 -44.48
N LYS A 501 -15.07 -8.44 -43.25
CA LYS A 501 -15.52 -9.79 -42.96
C LYS A 501 -16.87 -9.69 -42.26
N PHE A 502 -17.88 -10.35 -42.83
CA PHE A 502 -19.25 -10.23 -42.34
C PHE A 502 -19.89 -11.61 -42.22
N THR A 503 -20.79 -11.73 -41.25
CA THR A 503 -21.65 -12.92 -41.13
C THR A 503 -23.05 -12.69 -41.68
N ASP A 504 -23.41 -11.44 -41.99
CA ASP A 504 -24.73 -11.13 -42.50
C ASP A 504 -24.63 -9.94 -43.44
N ILE A 505 -25.66 -9.79 -44.29
CA ILE A 505 -25.66 -8.72 -45.28
C ILE A 505 -25.70 -7.36 -44.62
N LYS A 506 -26.56 -7.20 -43.59
CA LYS A 506 -26.78 -5.87 -43.02
C LYS A 506 -25.54 -5.31 -42.34
N GLU A 507 -24.62 -6.17 -41.92
CA GLU A 507 -23.40 -5.70 -41.28
C GLU A 507 -22.44 -5.05 -42.27
N ILE A 508 -22.65 -5.24 -43.57
CA ILE A 508 -21.77 -4.70 -44.60
C ILE A 508 -21.97 -3.20 -44.72
N PRO A 509 -20.93 -2.39 -44.53
CA PRO A 509 -21.05 -0.96 -44.80
C PRO A 509 -21.35 -0.71 -46.27
N LEU A 510 -22.20 0.29 -46.52
CA LEU A 510 -22.61 0.63 -47.88
C LEU A 510 -21.80 1.75 -48.49
N TRP A 511 -21.17 2.59 -47.67
CA TRP A 511 -20.37 3.71 -48.15
C TRP A 511 -19.01 3.29 -48.71
N ILE A 512 -18.72 1.99 -48.75
CA ILE A 512 -17.43 1.54 -49.25
C ILE A 512 -17.27 1.85 -50.73
N TYR A 513 -18.38 1.96 -51.46
CA TYR A 513 -18.31 2.19 -52.90
C TYR A 513 -17.84 3.59 -53.25
N SER A 514 -18.03 4.57 -52.36
CA SER A 514 -17.66 5.94 -52.65
C SER A 514 -16.14 6.12 -52.75
N LEU A 515 -15.36 5.20 -52.19
CA LEU A 515 -13.91 5.32 -52.24
C LEU A 515 -13.40 5.20 -53.67
N LYS A 516 -12.30 5.88 -53.94
CA LYS A 516 -11.69 5.87 -55.26
C LYS A 516 -10.23 5.44 -55.24
N THR A 517 -9.50 5.76 -54.17
CA THR A 517 -8.09 5.39 -54.06
C THR A 517 -7.89 3.92 -53.74
N LEU A 518 -8.96 3.19 -53.46
CA LEU A 518 -8.84 1.79 -53.06
C LEU A 518 -8.27 0.95 -54.19
N GLU A 519 -7.26 0.14 -53.88
CA GLU A 519 -6.70 -0.82 -54.83
C GLU A 519 -7.15 -2.25 -54.58
N GLU A 520 -7.08 -2.72 -53.34
CA GLU A 520 -7.44 -4.09 -53.00
C GLU A 520 -8.67 -4.08 -52.10
N LEU A 521 -9.65 -4.90 -52.44
CA LEU A 521 -10.83 -5.09 -51.61
C LEU A 521 -10.95 -6.57 -51.25
N HIS A 522 -11.23 -6.84 -49.97
CA HIS A 522 -11.26 -8.21 -49.46
C HIS A 522 -12.65 -8.47 -48.90
N LEU A 523 -13.50 -9.10 -49.71
CA LEU A 523 -14.85 -9.46 -49.30
C LEU A 523 -14.84 -10.88 -48.74
N THR A 524 -15.12 -11.00 -47.46
CA THR A 524 -15.13 -12.29 -46.77
C THR A 524 -16.49 -12.50 -46.14
N GLY A 525 -17.10 -13.65 -46.40
CA GLY A 525 -18.42 -13.95 -45.88
C GLY A 525 -19.41 -14.29 -46.97
N ASN A 526 -20.27 -15.27 -46.69
CA ASN A 526 -21.24 -15.74 -47.69
C ASN A 526 -22.33 -14.71 -47.91
N LEU A 527 -22.16 -13.85 -48.91
CA LEU A 527 -23.13 -12.82 -49.24
C LEU A 527 -24.21 -13.31 -50.21
N SER A 528 -24.10 -14.53 -50.71
CA SER A 528 -25.06 -15.04 -51.67
C SER A 528 -26.45 -15.11 -51.05
N ALA A 529 -27.45 -14.63 -51.81
CA ALA A 529 -28.83 -14.60 -51.37
C ALA A 529 -29.70 -15.28 -52.43
N GLU A 530 -30.66 -16.07 -51.97
CA GLU A 530 -31.49 -16.85 -52.89
C GLU A 530 -32.64 -16.01 -53.42
N ASN A 531 -32.77 -15.95 -54.74
CA ASN A 531 -33.80 -15.23 -55.50
C ASN A 531 -33.65 -13.71 -55.40
N ASN A 532 -32.66 -13.20 -54.67
CA ASN A 532 -32.31 -11.78 -54.68
C ASN A 532 -30.79 -11.66 -54.75
N ARG A 533 -30.18 -12.45 -55.62
CA ARG A 533 -28.74 -12.63 -55.65
C ARG A 533 -28.03 -11.42 -56.25
N TYR A 534 -26.88 -11.09 -55.67
CA TYR A 534 -25.91 -10.17 -56.27
C TYR A 534 -26.52 -8.78 -56.47
N ILE A 535 -27.06 -8.22 -55.39
CA ILE A 535 -27.61 -6.87 -55.39
C ILE A 535 -26.84 -5.96 -54.44
N VAL A 536 -26.27 -6.52 -53.37
CA VAL A 536 -25.53 -5.71 -52.40
C VAL A 536 -24.24 -5.18 -53.01
N ILE A 537 -23.59 -5.99 -53.85
CA ILE A 537 -22.27 -5.63 -54.38
C ILE A 537 -22.43 -4.99 -55.75
N ASP A 538 -23.65 -4.55 -56.06
CA ASP A 538 -23.89 -3.83 -57.32
C ASP A 538 -23.09 -2.54 -57.40
N GLY A 539 -22.68 -1.97 -56.27
CA GLY A 539 -21.87 -0.78 -56.25
C GLY A 539 -20.39 -1.00 -56.40
N LEU A 540 -19.96 -2.24 -56.65
CA LEU A 540 -18.54 -2.52 -56.82
C LEU A 540 -17.98 -1.84 -58.06
N ARG A 541 -18.84 -1.48 -59.01
CA ARG A 541 -18.38 -0.82 -60.23
C ARG A 541 -17.88 0.60 -59.97
N GLU A 542 -18.21 1.18 -58.82
CA GLU A 542 -17.81 2.55 -58.51
C GLU A 542 -16.31 2.70 -58.30
N LEU A 543 -15.57 1.60 -58.17
CA LEU A 543 -14.13 1.66 -57.94
C LEU A 543 -13.43 1.59 -59.29
N LYS A 544 -13.04 2.76 -59.81
CA LYS A 544 -12.34 2.81 -61.09
C LYS A 544 -10.85 2.53 -60.96
N ARG A 545 -10.31 2.55 -59.74
CA ARG A 545 -8.90 2.23 -59.51
C ARG A 545 -8.72 0.87 -58.87
N LEU A 546 -9.78 0.06 -58.78
CA LEU A 546 -9.67 -1.26 -58.19
C LEU A 546 -8.80 -2.16 -59.04
N LYS A 547 -7.80 -2.79 -58.41
CA LYS A 547 -6.85 -3.63 -59.12
C LYS A 547 -6.91 -5.08 -58.66
N VAL A 548 -6.86 -5.33 -57.34
CA VAL A 548 -6.85 -6.67 -56.79
C VAL A 548 -8.17 -6.92 -56.09
N LEU A 549 -8.84 -8.01 -56.46
CA LEU A 549 -10.11 -8.40 -55.85
C LEU A 549 -9.95 -9.77 -55.21
N ARG A 550 -10.25 -9.85 -53.92
CA ARG A 550 -10.19 -11.10 -53.16
C ARG A 550 -11.59 -11.44 -52.70
N LEU A 551 -12.06 -12.65 -53.03
CA LEU A 551 -13.43 -13.04 -52.78
C LEU A 551 -13.47 -14.33 -51.97
N LYS A 552 -14.16 -14.27 -50.82
CA LYS A 552 -14.48 -15.45 -50.02
C LYS A 552 -15.96 -15.30 -49.66
N SER A 553 -16.84 -15.78 -50.54
CA SER A 553 -18.27 -15.54 -50.36
C SER A 553 -19.13 -16.75 -50.70
N ASN A 554 -18.55 -17.95 -50.75
CA ASN A 554 -19.29 -19.17 -51.10
C ASN A 554 -20.04 -19.00 -52.41
N LEU A 555 -19.36 -18.41 -53.39
CA LEU A 555 -19.99 -18.05 -54.65
C LEU A 555 -20.45 -19.28 -55.41
N SER A 556 -21.68 -19.22 -55.93
CA SER A 556 -22.24 -20.29 -56.76
C SER A 556 -21.96 -20.07 -58.24
N LYS A 557 -22.36 -18.92 -58.78
CA LYS A 557 -22.07 -18.54 -60.15
C LYS A 557 -21.43 -17.15 -60.17
N LEU A 558 -20.60 -16.91 -61.17
CA LEU A 558 -19.88 -15.65 -61.25
C LEU A 558 -20.85 -14.52 -61.54
N PRO A 559 -20.93 -13.49 -60.69
CA PRO A 559 -21.88 -12.40 -60.93
C PRO A 559 -21.49 -11.55 -62.13
N GLN A 560 -22.50 -10.89 -62.69
CA GLN A 560 -22.27 -9.96 -63.79
C GLN A 560 -21.51 -8.73 -63.33
N VAL A 561 -21.68 -8.33 -62.07
CA VAL A 561 -20.94 -7.18 -61.55
C VAL A 561 -19.44 -7.46 -61.51
N VAL A 562 -19.06 -8.70 -61.22
CA VAL A 562 -17.64 -9.07 -61.27
C VAL A 562 -17.09 -8.90 -62.68
N THR A 563 -17.87 -9.34 -63.68
CA THR A 563 -17.45 -9.16 -65.07
C THR A 563 -17.32 -7.68 -65.42
N ASP A 564 -18.26 -6.86 -64.96
CA ASP A 564 -18.20 -5.43 -65.23
C ASP A 564 -16.97 -4.80 -64.58
N VAL A 565 -16.65 -5.19 -63.35
CA VAL A 565 -15.55 -4.57 -62.64
C VAL A 565 -14.20 -5.15 -63.03
N GLY A 566 -14.17 -6.30 -63.69
CA GLY A 566 -12.91 -6.92 -64.06
C GLY A 566 -12.23 -6.37 -65.29
N VAL A 567 -12.78 -5.33 -65.92
CA VAL A 567 -12.14 -4.72 -67.08
C VAL A 567 -10.88 -3.95 -66.72
N HIS A 568 -10.64 -3.69 -65.44
CA HIS A 568 -9.45 -3.00 -65.00
C HIS A 568 -8.73 -3.68 -63.85
N LEU A 569 -9.15 -4.88 -63.44
CA LEU A 569 -8.52 -5.57 -62.33
C LEU A 569 -7.18 -6.17 -62.76
N GLN A 570 -6.38 -6.56 -61.75
CA GLN A 570 -5.11 -7.21 -61.97
C GLN A 570 -5.05 -8.59 -61.35
N LYS A 571 -5.51 -8.74 -60.11
CA LYS A 571 -5.46 -10.00 -59.39
C LYS A 571 -6.86 -10.36 -58.90
N LEU A 572 -7.28 -11.61 -59.14
CA LEU A 572 -8.56 -12.12 -58.70
C LEU A 572 -8.34 -13.40 -57.91
N SER A 573 -8.87 -13.44 -56.69
CA SER A 573 -8.76 -14.61 -55.82
C SER A 573 -10.16 -15.02 -55.39
N ILE A 574 -10.54 -16.25 -55.74
CA ILE A 574 -11.85 -16.81 -55.38
C ILE A 574 -11.62 -18.01 -54.49
N ASN A 575 -12.36 -18.08 -53.38
CA ASN A 575 -12.24 -19.16 -52.41
C ASN A 575 -13.64 -19.64 -52.04
N ASN A 576 -14.05 -20.77 -52.62
CA ASN A 576 -15.37 -21.33 -52.36
C ASN A 576 -15.37 -22.38 -51.26
N GLU A 577 -14.20 -22.76 -50.74
CA GLU A 577 -14.07 -23.76 -49.69
C GLU A 577 -14.74 -25.08 -50.08
N GLY A 578 -14.52 -25.51 -51.31
CA GLY A 578 -15.08 -26.75 -51.81
C GLY A 578 -16.37 -26.62 -52.58
N THR A 579 -16.97 -25.44 -52.59
CA THR A 579 -18.22 -25.23 -53.33
C THR A 579 -17.92 -25.14 -54.82
N LYS A 580 -18.79 -25.76 -55.63
CA LYS A 580 -18.61 -25.71 -57.07
C LYS A 580 -18.82 -24.30 -57.60
N LEU A 581 -17.95 -23.88 -58.52
CA LEU A 581 -18.03 -22.57 -59.15
C LEU A 581 -18.23 -22.76 -60.65
N ILE A 582 -19.20 -22.05 -61.22
CA ILE A 582 -19.53 -22.13 -62.63
C ILE A 582 -19.19 -20.80 -63.29
N VAL A 583 -18.45 -20.86 -64.39
CA VAL A 583 -18.04 -19.66 -65.14
C VAL A 583 -18.83 -19.53 -66.44
N LEU A 584 -18.77 -20.54 -67.31
CA LEU A 584 -19.50 -20.58 -68.57
C LEU A 584 -19.15 -19.36 -69.44
N ASN A 585 -17.87 -19.33 -69.84
CA ASN A 585 -17.34 -18.31 -70.74
C ASN A 585 -17.55 -16.91 -70.17
N SER A 586 -17.27 -16.76 -68.88
CA SER A 586 -17.39 -15.46 -68.21
C SER A 586 -16.12 -15.13 -67.42
N LEU A 587 -14.98 -15.71 -67.81
CA LEU A 587 -13.74 -15.49 -67.10
C LEU A 587 -12.69 -14.87 -68.02
N LYS A 588 -12.85 -15.07 -69.33
CA LYS A 588 -11.90 -14.52 -70.29
C LYS A 588 -12.12 -13.05 -70.59
N LYS A 589 -13.21 -12.46 -70.10
CA LYS A 589 -13.48 -11.05 -70.35
C LYS A 589 -12.65 -10.13 -69.46
N MET A 590 -11.95 -10.67 -68.47
CA MET A 590 -10.99 -9.90 -67.67
C MET A 590 -9.66 -9.85 -68.41
N VAL A 591 -9.65 -9.06 -69.48
CA VAL A 591 -8.48 -9.00 -70.36
C VAL A 591 -7.27 -8.45 -69.63
N ASN A 592 -7.45 -7.41 -68.82
CA ASN A 592 -6.35 -6.79 -68.11
C ASN A 592 -5.98 -7.51 -66.81
N LEU A 593 -6.69 -8.58 -66.46
CA LEU A 593 -6.35 -9.35 -65.28
C LEU A 593 -4.97 -9.99 -65.46
N THR A 594 -4.14 -9.88 -64.43
CA THR A 594 -2.77 -10.37 -64.47
C THR A 594 -2.59 -11.71 -63.77
N GLU A 595 -3.21 -11.92 -62.62
CA GLU A 595 -3.09 -13.16 -61.86
C GLU A 595 -4.49 -13.69 -61.56
N LEU A 596 -4.70 -14.96 -61.85
CA LEU A 596 -5.97 -15.64 -61.60
C LEU A 596 -5.75 -16.70 -60.52
N GLU A 597 -6.53 -16.62 -59.45
CA GLU A 597 -6.43 -17.56 -58.34
C GLU A 597 -7.80 -18.12 -58.03
N LEU A 598 -7.93 -19.45 -58.12
CA LEU A 598 -9.17 -20.15 -57.81
C LEU A 598 -8.86 -21.15 -56.70
N ILE A 599 -9.38 -20.88 -55.50
CA ILE A 599 -9.06 -21.68 -54.31
C ILE A 599 -10.28 -22.51 -53.94
N ARG A 600 -10.10 -23.83 -53.88
CA ARG A 600 -11.13 -24.75 -53.40
C ARG A 600 -12.44 -24.58 -54.16
N CYS A 601 -12.35 -24.52 -55.49
CA CYS A 601 -13.55 -24.42 -56.32
C CYS A 601 -14.12 -25.77 -56.70
N ASP A 602 -13.45 -26.87 -56.36
CA ASP A 602 -13.91 -28.23 -56.66
C ASP A 602 -14.20 -28.39 -58.16
N LEU A 603 -13.33 -27.81 -58.99
CA LEU A 603 -13.57 -27.82 -60.43
C LEU A 603 -13.51 -29.23 -61.00
N GLU A 604 -12.47 -29.98 -60.65
CA GLU A 604 -12.18 -31.30 -61.22
C GLU A 604 -11.87 -31.20 -62.72
N ARG A 605 -11.87 -29.97 -63.25
CA ARG A 605 -11.64 -29.72 -64.66
C ARG A 605 -11.38 -28.24 -64.89
N ILE A 606 -10.32 -27.92 -65.60
CA ILE A 606 -9.94 -26.52 -65.83
C ILE A 606 -10.86 -25.94 -66.91
N PRO A 607 -11.57 -24.84 -66.63
CA PRO A 607 -12.39 -24.22 -67.67
C PRO A 607 -11.54 -23.65 -68.78
N HIS A 608 -12.09 -23.64 -69.99
CA HIS A 608 -11.35 -23.16 -71.15
C HIS A 608 -11.26 -21.64 -71.20
N SER A 609 -12.02 -20.93 -70.37
CA SER A 609 -11.99 -19.47 -70.39
C SER A 609 -10.64 -18.92 -69.97
N ILE A 610 -9.85 -19.71 -69.23
CA ILE A 610 -8.56 -19.24 -68.75
C ILE A 610 -7.58 -19.05 -69.89
N PHE A 611 -7.61 -19.93 -70.90
CA PHE A 611 -6.63 -19.92 -71.98
C PHE A 611 -6.71 -18.66 -72.83
N SER A 612 -7.81 -17.91 -72.78
CA SER A 612 -7.94 -16.71 -73.60
C SER A 612 -7.23 -15.50 -73.01
N LEU A 613 -6.67 -15.62 -71.80
CA LEU A 613 -5.94 -14.54 -71.15
C LEU A 613 -4.45 -14.85 -71.25
N HIS A 614 -3.85 -14.45 -72.36
CA HIS A 614 -2.43 -14.73 -72.57
C HIS A 614 -1.55 -13.93 -71.62
N ASN A 615 -1.97 -12.71 -71.29
CA ASN A 615 -1.19 -11.85 -70.40
C ASN A 615 -1.17 -12.37 -68.96
N LEU A 616 -2.00 -13.35 -68.63
CA LEU A 616 -2.03 -13.90 -67.29
C LEU A 616 -0.66 -14.43 -66.90
N GLN A 617 -0.18 -14.01 -65.72
CA GLN A 617 1.17 -14.33 -65.27
C GLN A 617 1.23 -15.56 -64.39
N GLU A 618 0.49 -15.58 -63.29
CA GLU A 618 0.48 -16.71 -62.36
C GLU A 618 -0.96 -17.20 -62.20
N ILE A 619 -1.13 -18.52 -62.27
CA ILE A 619 -2.45 -19.15 -62.17
C ILE A 619 -2.45 -20.07 -60.96
N ASP A 620 -3.44 -19.91 -60.09
CA ASP A 620 -3.60 -20.76 -58.91
C ASP A 620 -4.94 -21.48 -59.03
N LEU A 621 -4.89 -22.81 -58.97
CA LEU A 621 -6.09 -23.64 -58.99
C LEU A 621 -6.07 -24.58 -57.79
N LYS A 622 -5.77 -24.04 -56.62
CA LYS A 622 -5.54 -24.84 -55.43
C LYS A 622 -6.78 -25.62 -55.02
N ASP A 623 -6.59 -26.92 -54.77
CA ASP A 623 -7.61 -27.79 -54.16
C ASP A 623 -8.91 -27.77 -54.98
N ASN A 624 -8.79 -28.06 -56.27
CA ASN A 624 -9.95 -28.17 -57.14
C ASN A 624 -10.22 -29.63 -57.54
N ASN A 625 -9.58 -30.59 -56.88
CA ASN A 625 -9.78 -32.01 -57.14
C ASN A 625 -9.54 -32.35 -58.61
N LEU A 626 -8.49 -31.77 -59.17
CA LEU A 626 -8.11 -32.02 -60.55
C LEU A 626 -7.38 -33.36 -60.64
N LYS A 627 -7.68 -34.11 -61.70
CA LYS A 627 -7.00 -35.37 -61.98
C LYS A 627 -6.21 -35.34 -63.27
N THR A 628 -6.80 -34.84 -64.35
CA THR A 628 -6.14 -34.73 -65.65
C THR A 628 -5.95 -33.26 -65.98
N ILE A 629 -4.71 -32.88 -66.31
CA ILE A 629 -4.37 -31.50 -66.64
C ILE A 629 -3.82 -31.44 -68.05
N GLU A 630 -4.33 -32.31 -68.93
CA GLU A 630 -3.85 -32.39 -70.31
C GLU A 630 -4.11 -31.11 -71.08
N GLU A 631 -4.95 -30.21 -70.55
CA GLU A 631 -5.21 -28.93 -71.18
C GLU A 631 -3.98 -28.02 -71.21
N ILE A 632 -2.83 -28.50 -70.74
CA ILE A 632 -1.60 -27.74 -70.86
C ILE A 632 -1.24 -27.49 -72.31
N ILE A 633 -1.74 -28.31 -73.24
CA ILE A 633 -1.56 -28.05 -74.66
C ILE A 633 -2.19 -26.71 -75.04
N SER A 634 -3.44 -26.49 -74.63
CA SER A 634 -4.08 -25.20 -74.86
C SER A 634 -3.50 -24.12 -73.97
N PHE A 635 -2.87 -24.50 -72.85
CA PHE A 635 -2.20 -23.53 -71.99
C PHE A 635 -1.02 -22.86 -72.69
N GLN A 636 -0.57 -23.40 -73.82
CA GLN A 636 0.52 -22.78 -74.57
C GLN A 636 0.15 -21.40 -75.09
N HIS A 637 -1.14 -21.06 -75.14
CA HIS A 637 -1.55 -19.72 -75.52
C HIS A 637 -0.97 -18.68 -74.55
N LEU A 638 -0.85 -19.04 -73.28
CA LEU A 638 -0.28 -18.16 -72.27
C LEU A 638 1.24 -18.23 -72.38
N HIS A 639 1.79 -17.39 -73.25
CA HIS A 639 3.24 -17.37 -73.46
C HIS A 639 3.96 -16.84 -72.23
N ARG A 640 3.32 -15.92 -71.50
CA ARG A 640 3.92 -15.30 -70.33
C ARG A 640 3.51 -15.97 -69.02
N LEU A 641 3.03 -17.21 -69.08
CA LEU A 641 2.63 -17.93 -67.88
C LEU A 641 3.88 -18.39 -67.15
N THR A 642 4.13 -17.81 -65.97
CA THR A 642 5.33 -18.09 -65.20
C THR A 642 5.09 -19.07 -64.06
N CYS A 643 3.88 -19.12 -63.50
CA CYS A 643 3.59 -19.99 -62.37
C CYS A 643 2.26 -20.70 -62.60
N LEU A 644 2.21 -21.98 -62.24
CA LEU A 644 0.98 -22.76 -62.29
C LEU A 644 0.88 -23.56 -61.00
N LYS A 645 -0.19 -23.33 -60.25
CA LYS A 645 -0.39 -23.96 -58.95
C LYS A 645 -1.55 -24.94 -59.06
N LEU A 646 -1.24 -26.24 -58.94
CA LEU A 646 -2.23 -27.31 -59.04
C LEU A 646 -2.09 -28.26 -57.87
N TRP A 647 -1.68 -27.75 -56.72
CA TRP A 647 -1.49 -28.56 -55.53
C TRP A 647 -2.82 -28.84 -54.85
N TYR A 648 -2.77 -29.72 -53.84
CA TYR A 648 -3.94 -30.13 -53.06
C TYR A 648 -5.04 -30.73 -53.95
N ASN A 649 -4.64 -31.37 -55.04
CA ASN A 649 -5.57 -31.98 -55.98
C ASN A 649 -5.34 -33.48 -56.04
N HIS A 650 -6.03 -34.14 -56.97
CA HIS A 650 -5.96 -35.58 -57.13
C HIS A 650 -5.19 -35.96 -58.39
N ILE A 651 -4.12 -35.21 -58.67
CA ILE A 651 -3.33 -35.42 -59.89
C ILE A 651 -2.61 -36.75 -59.76
N ALA A 652 -2.84 -37.65 -60.72
CA ALA A 652 -2.20 -38.96 -60.72
C ALA A 652 -0.89 -38.95 -61.49
N TYR A 653 -0.92 -38.52 -62.75
CA TYR A 653 0.26 -38.47 -63.60
C TYR A 653 0.41 -37.08 -64.18
N ILE A 654 1.66 -36.64 -64.31
CA ILE A 654 1.96 -35.36 -64.95
C ILE A 654 2.06 -35.60 -66.45
N PRO A 655 1.19 -34.99 -67.26
CA PRO A 655 1.29 -35.20 -68.72
C PRO A 655 2.59 -34.68 -69.28
N ILE A 656 3.08 -35.35 -70.33
CA ILE A 656 4.34 -34.95 -70.96
C ILE A 656 4.22 -33.58 -71.60
N GLN A 657 3.00 -33.12 -71.86
CA GLN A 657 2.79 -31.84 -72.51
C GLN A 657 3.16 -30.65 -71.63
N ILE A 658 3.42 -30.87 -70.34
CA ILE A 658 3.81 -29.79 -69.44
C ILE A 658 5.14 -29.18 -69.86
N GLY A 659 5.99 -29.94 -70.55
CA GLY A 659 7.27 -29.42 -71.00
C GLY A 659 7.17 -28.34 -72.05
N ASN A 660 6.00 -28.20 -72.68
CA ASN A 660 5.83 -27.14 -73.69
C ASN A 660 5.99 -25.76 -73.07
N LEU A 661 5.42 -25.54 -71.88
CA LEU A 661 5.52 -24.26 -71.19
C LEU A 661 6.84 -24.20 -70.44
N THR A 662 7.90 -23.84 -71.19
CA THR A 662 9.23 -23.73 -70.62
C THR A 662 9.40 -22.49 -69.74
N ASN A 663 8.48 -21.54 -69.83
CA ASN A 663 8.59 -20.31 -69.05
C ASN A 663 8.33 -20.51 -67.56
N LEU A 664 7.79 -21.66 -67.16
CA LEU A 664 7.48 -21.89 -65.76
C LEU A 664 8.75 -21.96 -64.92
N GLU A 665 8.71 -21.31 -63.77
CA GLU A 665 9.82 -21.39 -62.82
C GLU A 665 9.39 -21.89 -61.45
N ARG A 666 8.20 -21.53 -60.98
CA ARG A 666 7.66 -22.00 -59.72
C ARG A 666 6.44 -22.87 -60.02
N LEU A 667 6.57 -24.17 -59.79
CA LEU A 667 5.51 -25.12 -60.09
C LEU A 667 5.16 -25.90 -58.83
N TYR A 668 3.88 -25.88 -58.46
CA TYR A 668 3.40 -26.55 -57.26
C TYR A 668 2.54 -27.73 -57.69
N LEU A 669 2.98 -28.95 -57.38
CA LEU A 669 2.25 -30.16 -57.69
C LEU A 669 2.24 -31.14 -56.51
N ASN A 670 2.42 -30.64 -55.29
CA ASN A 670 2.42 -31.49 -54.12
C ASN A 670 0.99 -31.89 -53.76
N ARG A 671 0.88 -32.73 -52.72
CA ARG A 671 -0.40 -33.26 -52.27
C ARG A 671 -1.15 -33.97 -53.40
N ASN A 672 -0.39 -34.69 -54.23
CA ASN A 672 -0.98 -35.39 -55.37
C ASN A 672 -0.58 -36.86 -55.36
N LYS A 673 -1.03 -37.61 -56.37
CA LYS A 673 -0.70 -39.03 -56.51
C LYS A 673 0.38 -39.25 -57.54
N ILE A 674 1.34 -38.33 -57.65
CA ILE A 674 2.37 -38.40 -58.67
C ILE A 674 3.33 -39.55 -58.33
N GLU A 675 3.43 -40.52 -59.24
CA GLU A 675 4.35 -41.64 -59.07
C GLU A 675 5.54 -41.59 -60.02
N LYS A 676 5.41 -40.91 -61.16
CA LYS A 676 6.51 -40.82 -62.12
C LYS A 676 6.55 -39.41 -62.68
N ILE A 677 7.75 -38.92 -62.95
CA ILE A 677 7.98 -37.58 -63.47
C ILE A 677 8.26 -37.70 -64.97
N PRO A 678 7.46 -37.07 -65.83
CA PRO A 678 7.69 -37.18 -67.28
C PRO A 678 9.02 -36.53 -67.68
N THR A 679 9.64 -37.12 -68.71
CA THR A 679 10.94 -36.62 -69.15
C THR A 679 10.81 -35.31 -69.92
N GLN A 680 9.68 -35.09 -70.59
CA GLN A 680 9.52 -33.86 -71.37
C GLN A 680 9.42 -32.64 -70.48
N LEU A 681 9.07 -32.82 -69.21
CA LEU A 681 9.00 -31.68 -68.29
C LEU A 681 10.34 -31.00 -68.14
N PHE A 682 11.44 -31.75 -68.24
CA PHE A 682 12.78 -31.21 -68.03
C PHE A 682 13.27 -30.36 -69.20
N TYR A 683 12.43 -30.09 -70.19
CA TYR A 683 12.75 -29.10 -71.22
C TYR A 683 12.50 -27.68 -70.73
N CYS A 684 11.91 -27.52 -69.54
CA CYS A 684 11.65 -26.21 -68.95
C CYS A 684 12.85 -25.84 -68.09
N ARG A 685 13.94 -25.44 -68.76
CA ARG A 685 15.17 -25.11 -68.06
C ARG A 685 15.04 -23.86 -67.20
N LYS A 686 14.00 -23.06 -67.41
CA LYS A 686 13.76 -21.88 -66.61
C LYS A 686 13.19 -22.19 -65.23
N LEU A 687 13.02 -23.47 -64.89
CA LEU A 687 12.40 -23.83 -63.62
C LEU A 687 13.26 -23.40 -62.45
N ARG A 688 12.63 -22.76 -61.47
CA ARG A 688 13.31 -22.29 -60.26
C ARG A 688 12.82 -22.97 -58.98
N TYR A 689 11.50 -23.11 -58.83
CA TYR A 689 10.91 -23.73 -57.65
C TYR A 689 10.07 -24.92 -58.10
N LEU A 690 10.33 -26.08 -57.49
CA LEU A 690 9.61 -27.31 -57.80
C LEU A 690 9.04 -27.89 -56.50
N ASP A 691 7.76 -28.22 -56.52
CA ASP A 691 7.05 -28.74 -55.35
C ASP A 691 6.37 -30.05 -55.74
N LEU A 692 6.87 -31.16 -55.20
CA LEU A 692 6.32 -32.48 -55.48
C LEU A 692 6.19 -33.31 -54.20
N SER A 693 6.07 -32.65 -53.06
CA SER A 693 6.06 -33.34 -51.78
C SER A 693 4.74 -34.09 -51.58
N HIS A 694 4.76 -35.03 -50.63
CA HIS A 694 3.57 -35.79 -50.24
C HIS A 694 2.94 -36.49 -51.44
N ASN A 695 3.78 -37.08 -52.28
CA ASN A 695 3.32 -37.82 -53.45
C ASN A 695 3.86 -39.24 -53.39
N ASN A 696 3.50 -40.04 -54.39
CA ASN A 696 3.91 -41.43 -54.49
C ASN A 696 5.14 -41.62 -55.36
N LEU A 697 5.98 -40.59 -55.50
CA LEU A 697 7.19 -40.71 -56.28
C LEU A 697 8.15 -41.72 -55.65
N THR A 698 8.81 -42.51 -56.50
CA THR A 698 9.77 -43.49 -56.05
C THR A 698 11.15 -43.35 -56.67
N PHE A 699 11.30 -42.55 -57.73
CA PHE A 699 12.59 -42.35 -58.36
C PHE A 699 12.58 -41.00 -59.07
N LEU A 700 13.79 -40.51 -59.36
CA LEU A 700 13.95 -39.24 -60.04
C LEU A 700 14.54 -39.48 -61.42
N PRO A 701 13.98 -38.91 -62.48
CA PRO A 701 14.54 -39.09 -63.82
C PRO A 701 15.93 -38.48 -63.93
N ALA A 702 16.73 -39.04 -64.83
CA ALA A 702 18.10 -38.58 -65.01
C ALA A 702 18.16 -37.15 -65.55
N ASP A 703 17.08 -36.68 -66.17
CA ASP A 703 17.08 -35.35 -66.79
C ASP A 703 17.00 -34.22 -65.78
N ILE A 704 16.81 -34.51 -64.49
CA ILE A 704 16.70 -33.46 -63.48
C ILE A 704 17.99 -32.65 -63.38
N GLY A 705 19.13 -33.23 -63.72
CA GLY A 705 20.38 -32.50 -63.70
C GLY A 705 20.42 -31.36 -64.70
N LEU A 706 19.73 -31.52 -65.84
CA LEU A 706 19.71 -30.49 -66.86
C LEU A 706 18.96 -29.23 -66.41
N LEU A 707 18.17 -29.32 -65.34
CA LEU A 707 17.49 -28.16 -64.77
C LEU A 707 18.44 -27.49 -63.77
N GLN A 708 19.50 -26.90 -64.32
CA GLN A 708 20.54 -26.29 -63.48
C GLN A 708 20.03 -25.07 -62.72
N ASN A 709 18.90 -24.50 -63.13
CA ASN A 709 18.39 -23.29 -62.52
C ASN A 709 17.60 -23.52 -61.24
N LEU A 710 17.26 -24.78 -60.92
CA LEU A 710 16.42 -25.05 -59.76
C LEU A 710 17.15 -24.72 -58.47
N GLN A 711 16.43 -24.07 -57.54
CA GLN A 711 16.96 -23.74 -56.23
C GLN A 711 16.25 -24.50 -55.11
N ASN A 712 14.93 -24.56 -55.14
CA ASN A 712 14.14 -25.21 -54.10
C ASN A 712 13.55 -26.50 -54.65
N LEU A 713 13.76 -27.61 -53.94
CA LEU A 713 13.25 -28.91 -54.33
C LEU A 713 12.43 -29.47 -53.17
N ALA A 714 11.23 -29.97 -53.48
CA ALA A 714 10.31 -30.47 -52.47
C ALA A 714 9.84 -31.86 -52.88
N VAL A 715 10.43 -32.90 -52.29
CA VAL A 715 10.03 -34.27 -52.53
C VAL A 715 9.77 -34.97 -51.20
N THR A 716 9.33 -34.20 -50.20
CA THR A 716 9.03 -34.76 -48.89
C THR A 716 7.90 -35.77 -48.97
N ALA A 717 7.99 -36.82 -48.14
CA ALA A 717 6.97 -37.86 -48.05
C ALA A 717 6.77 -38.57 -49.38
N ASN A 718 7.85 -39.23 -49.84
CA ASN A 718 7.83 -40.00 -51.07
C ASN A 718 8.64 -41.27 -50.87
N ARG A 719 8.62 -42.14 -51.88
CA ARG A 719 9.29 -43.43 -51.84
C ARG A 719 10.60 -43.43 -52.61
N ILE A 720 11.33 -42.32 -52.62
CA ILE A 720 12.61 -42.26 -53.33
C ILE A 720 13.61 -43.14 -52.57
N GLU A 721 14.15 -44.15 -53.26
CA GLU A 721 15.04 -45.09 -52.61
C GLU A 721 16.46 -44.54 -52.48
N ALA A 722 17.03 -44.06 -53.59
CA ALA A 722 18.39 -43.53 -53.60
C ALA A 722 18.40 -42.19 -54.31
N LEU A 723 19.39 -41.36 -53.97
CA LEU A 723 19.52 -40.04 -54.55
C LEU A 723 20.31 -40.14 -55.85
N PRO A 724 19.73 -39.76 -56.99
CA PRO A 724 20.44 -39.91 -58.26
C PRO A 724 21.68 -39.03 -58.32
N PRO A 725 22.76 -39.52 -58.93
CA PRO A 725 23.95 -38.66 -59.10
C PRO A 725 23.69 -37.43 -59.95
N GLU A 726 22.77 -37.52 -60.92
CA GLU A 726 22.50 -36.39 -61.79
C GLU A 726 21.86 -35.23 -61.06
N LEU A 727 21.11 -35.51 -59.98
CA LEU A 727 20.43 -34.45 -59.25
C LEU A 727 21.41 -33.43 -58.67
N PHE A 728 22.66 -33.85 -58.41
CA PHE A 728 23.66 -32.95 -57.86
C PHE A 728 24.12 -31.89 -58.84
N GLN A 729 23.73 -32.00 -60.12
CA GLN A 729 24.12 -30.99 -61.10
C GLN A 729 23.49 -29.63 -60.83
N CYS A 730 22.39 -29.59 -60.07
CA CYS A 730 21.76 -28.32 -59.72
C CYS A 730 22.62 -27.58 -58.70
N ARG A 731 23.64 -26.86 -59.17
CA ARG A 731 24.62 -26.28 -58.27
C ARG A 731 24.05 -25.15 -57.43
N LYS A 732 22.95 -24.54 -57.85
CA LYS A 732 22.32 -23.46 -57.10
C LYS A 732 21.14 -23.92 -56.26
N LEU A 733 21.03 -25.23 -56.03
CA LEU A 733 19.96 -25.80 -55.21
C LEU A 733 20.19 -25.40 -53.77
N ARG A 734 19.38 -24.46 -53.26
CA ARG A 734 19.56 -23.91 -51.93
C ARG A 734 18.53 -24.39 -50.92
N ALA A 735 17.45 -25.03 -51.37
CA ALA A 735 16.46 -25.59 -50.47
C ALA A 735 16.14 -27.01 -50.89
N LEU A 736 16.24 -27.93 -49.93
CA LEU A 736 16.00 -29.35 -50.19
C LEU A 736 15.00 -29.87 -49.16
N HIS A 737 14.02 -30.64 -49.63
CA HIS A 737 12.97 -31.20 -48.79
C HIS A 737 12.94 -32.71 -49.05
N LEU A 738 13.59 -33.47 -48.17
CA LEU A 738 13.75 -34.91 -48.34
C LEU A 738 13.17 -35.70 -47.17
N GLY A 739 12.32 -35.08 -46.36
CA GLY A 739 11.81 -35.74 -45.17
C GLY A 739 10.81 -36.84 -45.50
N ASN A 740 10.66 -37.76 -44.55
CA ASN A 740 9.65 -38.83 -44.62
C ASN A 740 9.79 -39.66 -45.89
N ASN A 741 11.02 -39.99 -46.25
CA ASN A 741 11.30 -40.82 -47.41
C ASN A 741 12.00 -42.11 -46.97
N VAL A 742 12.34 -42.95 -47.95
CA VAL A 742 13.01 -44.21 -47.67
C VAL A 742 14.46 -44.12 -48.11
N LEU A 743 15.00 -42.91 -48.15
CA LEU A 743 16.41 -42.72 -48.47
C LEU A 743 17.28 -43.35 -47.39
N GLN A 744 18.21 -44.22 -47.81
CA GLN A 744 19.02 -44.98 -46.87
C GLN A 744 20.44 -44.44 -46.74
N SER A 745 21.20 -44.39 -47.83
CA SER A 745 22.59 -43.96 -47.81
C SER A 745 22.69 -42.57 -48.43
N LEU A 746 23.28 -41.63 -47.69
CA LEU A 746 23.45 -40.28 -48.18
C LEU A 746 24.67 -40.22 -49.09
N PRO A 747 24.53 -39.89 -50.37
CA PRO A 747 25.67 -39.91 -51.28
C PRO A 747 26.71 -38.88 -50.89
N SER A 748 27.98 -39.20 -51.19
CA SER A 748 29.08 -38.27 -50.93
C SER A 748 29.03 -37.04 -51.83
N ARG A 749 28.24 -37.06 -52.90
CA ARG A 749 28.14 -35.93 -53.82
C ARG A 749 27.37 -34.76 -53.24
N VAL A 750 26.77 -34.89 -52.04
CA VAL A 750 26.03 -33.80 -51.44
C VAL A 750 26.92 -32.59 -51.17
N GLY A 751 28.23 -32.80 -51.01
CA GLY A 751 29.13 -31.68 -50.82
C GLY A 751 29.29 -30.79 -52.03
N GLU A 752 28.89 -31.26 -53.21
CA GLU A 752 28.93 -30.45 -54.42
C GLU A 752 27.90 -29.33 -54.40
N LEU A 753 26.90 -29.39 -53.51
CA LEU A 753 25.88 -28.35 -53.41
C LEU A 753 26.42 -27.22 -52.53
N THR A 754 27.22 -26.35 -53.14
CA THR A 754 27.77 -25.20 -52.43
C THR A 754 26.69 -24.23 -51.99
N ASN A 755 25.53 -24.23 -52.66
CA ASN A 755 24.42 -23.34 -52.33
C ASN A 755 23.45 -23.95 -51.33
N LEU A 756 23.63 -25.21 -50.94
CA LEU A 756 22.70 -25.86 -50.04
C LEU A 756 22.74 -25.21 -48.66
N THR A 757 21.60 -24.70 -48.22
CA THR A 757 21.47 -24.05 -46.92
C THR A 757 20.54 -24.81 -45.99
N GLN A 758 19.31 -25.07 -46.42
CA GLN A 758 18.30 -25.71 -45.59
C GLN A 758 17.92 -27.06 -46.19
N ILE A 759 17.93 -28.10 -45.36
CA ILE A 759 17.58 -29.44 -45.79
C ILE A 759 17.18 -30.24 -44.56
N GLU A 760 16.12 -31.04 -44.71
CA GLU A 760 15.65 -31.92 -43.64
C GLU A 760 15.96 -33.37 -43.98
N LEU A 761 16.56 -34.08 -43.02
CA LEU A 761 16.91 -35.48 -43.18
C LEU A 761 16.13 -36.38 -42.24
N ARG A 762 14.99 -35.91 -41.73
CA ARG A 762 14.17 -36.70 -40.83
C ARG A 762 13.31 -37.69 -41.61
N GLY A 763 12.79 -38.68 -40.89
CA GLY A 763 11.92 -39.67 -41.49
C GLY A 763 12.60 -40.60 -42.48
N ASN A 764 13.93 -40.64 -42.49
CA ASN A 764 14.68 -41.45 -43.43
C ASN A 764 15.63 -42.37 -42.66
N ARG A 765 15.89 -43.53 -43.24
CA ARG A 765 16.82 -44.51 -42.66
C ARG A 765 18.26 -44.07 -42.93
N LEU A 766 18.65 -42.97 -42.27
CA LEU A 766 19.95 -42.36 -42.49
C LEU A 766 20.98 -43.08 -41.62
N GLU A 767 21.88 -43.83 -42.25
CA GLU A 767 22.85 -44.62 -41.52
C GLU A 767 24.16 -43.86 -41.31
N CYS A 768 24.73 -43.34 -42.39
CA CYS A 768 26.05 -42.71 -42.34
C CYS A 768 25.98 -41.33 -42.97
N LEU A 769 26.90 -40.47 -42.54
CA LEU A 769 26.98 -39.09 -43.01
C LEU A 769 28.28 -38.87 -43.75
N PRO A 770 28.25 -38.53 -45.03
CA PRO A 770 29.50 -38.33 -45.78
C PRO A 770 30.26 -37.12 -45.29
N VAL A 771 31.59 -37.16 -45.47
CA VAL A 771 32.44 -36.06 -45.05
C VAL A 771 32.18 -34.82 -45.90
N GLU A 772 31.88 -35.00 -47.18
CA GLU A 772 31.64 -33.85 -48.06
C GLU A 772 30.41 -33.06 -47.62
N LEU A 773 29.48 -33.70 -46.91
CA LEU A 773 28.29 -32.98 -46.44
C LEU A 773 28.67 -31.76 -45.61
N GLY A 774 29.80 -31.82 -44.91
CA GLY A 774 30.27 -30.71 -44.10
C GLY A 774 31.12 -29.68 -44.82
N GLU A 775 31.37 -29.84 -46.11
CA GLU A 775 32.16 -28.88 -46.87
C GLU A 775 31.30 -27.82 -47.57
N CYS A 776 29.98 -27.89 -47.41
CA CYS A 776 29.09 -26.93 -48.05
C CYS A 776 29.22 -25.57 -47.37
N PRO A 777 29.61 -24.52 -48.08
CA PRO A 777 29.77 -23.20 -47.43
C PRO A 777 28.49 -22.65 -46.84
N LEU A 778 27.33 -22.94 -47.44
CA LEU A 778 26.07 -22.36 -47.00
C LEU A 778 25.31 -23.24 -46.02
N LEU A 779 25.83 -24.41 -45.66
CA LEU A 779 25.13 -25.29 -44.74
C LEU A 779 25.50 -24.97 -43.30
N LYS A 780 24.49 -24.95 -42.43
CA LYS A 780 24.69 -24.69 -41.01
C LYS A 780 23.89 -25.70 -40.20
N ARG A 781 24.16 -25.72 -38.89
CA ARG A 781 23.53 -26.70 -38.01
C ARG A 781 22.01 -26.50 -37.97
N SER A 782 21.55 -25.25 -37.86
CA SER A 782 20.12 -25.00 -37.81
C SER A 782 19.43 -25.41 -39.11
N GLY A 783 20.06 -25.11 -40.25
CA GLY A 783 19.49 -25.50 -41.53
C GLY A 783 19.53 -26.98 -41.80
N LEU A 784 20.41 -27.70 -41.11
CA LEU A 784 20.53 -29.16 -41.27
C LEU A 784 19.63 -29.82 -40.25
N VAL A 785 18.49 -30.35 -40.70
CA VAL A 785 17.50 -30.94 -39.81
C VAL A 785 17.65 -32.45 -39.80
N VAL A 786 18.37 -32.98 -38.82
CA VAL A 786 18.57 -34.40 -38.64
C VAL A 786 18.31 -34.75 -37.18
N GLU A 787 18.04 -36.03 -36.93
CA GLU A 787 17.90 -36.51 -35.57
C GLU A 787 19.24 -36.45 -34.86
N GLU A 788 19.20 -36.12 -33.56
CA GLU A 788 20.44 -35.88 -32.82
C GLU A 788 21.31 -37.13 -32.75
N ASP A 789 20.69 -38.30 -32.53
CA ASP A 789 21.46 -39.54 -32.48
C ASP A 789 22.11 -39.83 -33.83
N LEU A 790 21.38 -39.61 -34.92
CA LEU A 790 21.96 -39.79 -36.24
C LEU A 790 22.91 -38.64 -36.60
N PHE A 791 22.66 -37.45 -36.05
CA PHE A 791 23.55 -36.33 -36.28
C PHE A 791 24.92 -36.56 -35.64
N SER A 792 24.95 -37.25 -34.50
CA SER A 792 26.22 -37.51 -33.82
C SER A 792 27.17 -38.34 -34.65
N THR A 793 26.67 -39.06 -35.66
CA THR A 793 27.54 -39.81 -36.56
C THR A 793 28.44 -38.90 -37.37
N LEU A 794 28.07 -37.64 -37.52
CA LEU A 794 28.92 -36.68 -38.23
C LEU A 794 30.24 -36.50 -37.49
N PRO A 795 31.34 -36.29 -38.20
CA PRO A 795 32.61 -36.08 -37.52
C PRO A 795 32.53 -34.88 -36.60
N PRO A 796 33.16 -34.96 -35.41
CA PRO A 796 33.06 -33.84 -34.45
C PRO A 796 33.62 -32.54 -34.97
N GLU A 797 34.65 -32.58 -35.81
CA GLU A 797 35.19 -31.34 -36.38
C GLU A 797 34.17 -30.64 -37.26
N VAL A 798 33.46 -31.41 -38.10
CA VAL A 798 32.41 -30.83 -38.94
C VAL A 798 31.28 -30.28 -38.08
N LYS A 799 30.92 -31.00 -37.02
CA LYS A 799 29.89 -30.52 -36.11
C LYS A 799 30.28 -29.20 -35.48
N GLU A 800 31.53 -29.10 -35.02
CA GLU A 800 32.00 -27.85 -34.42
C GLU A 800 32.02 -26.72 -35.43
N ARG A 801 32.45 -26.99 -36.66
CA ARG A 801 32.45 -25.96 -37.69
C ARG A 801 31.04 -25.47 -37.99
N LEU A 802 30.08 -26.40 -38.11
CA LEU A 802 28.71 -26.01 -38.37
C LEU A 802 28.12 -25.24 -37.20
N TRP A 803 28.45 -25.63 -35.97
CA TRP A 803 27.99 -24.90 -34.80
C TRP A 803 28.54 -23.49 -34.78
N ARG A 804 29.83 -23.33 -35.11
CA ARG A 804 30.42 -21.99 -35.18
C ARG A 804 29.75 -21.15 -36.25
N ALA A 805 29.48 -21.75 -37.42
CA ALA A 805 28.82 -21.02 -38.49
C ALA A 805 27.41 -20.59 -38.08
N ASP A 806 26.68 -21.48 -37.41
CA ASP A 806 25.30 -21.19 -37.01
C ASP A 806 25.25 -20.15 -35.90
N LYS A 807 26.22 -20.18 -34.98
CA LYS A 807 26.17 -19.29 -33.82
C LYS A 807 26.26 -17.82 -34.24
N GLU A 808 27.13 -17.50 -35.19
CA GLU A 808 27.29 -16.13 -35.65
C GLU A 808 27.26 -16.04 -37.17
N PRO B 15 -36.57 1.41 13.02
CA PRO B 15 -35.30 1.87 12.45
C PRO B 15 -34.79 0.97 11.33
N ALA B 16 -35.03 -0.32 11.46
CA ALA B 16 -34.61 -1.30 10.46
C ALA B 16 -35.74 -2.16 9.93
N TYR B 17 -36.72 -2.51 10.76
CA TYR B 17 -37.85 -3.31 10.34
C TYR B 17 -39.03 -2.46 9.85
N ARG B 18 -38.84 -1.14 9.76
CA ARG B 18 -39.93 -0.27 9.33
C ARG B 18 -40.36 -0.54 7.90
N ILE B 19 -39.55 -1.26 7.12
CA ILE B 19 -39.97 -1.67 5.78
C ILE B 19 -41.18 -2.59 5.86
N LEU B 20 -41.25 -3.40 6.91
CA LEU B 20 -42.38 -4.30 7.13
C LEU B 20 -43.58 -3.61 7.77
N LYS B 21 -43.60 -2.28 7.80
CA LYS B 21 -44.72 -1.53 8.36
C LYS B 21 -45.46 -0.81 7.25
N PRO B 22 -46.58 -1.33 6.77
CA PRO B 22 -47.35 -0.62 5.73
C PRO B 22 -48.01 0.64 6.29
N TRP B 23 -48.82 1.31 5.45
CA TRP B 23 -49.47 2.54 5.88
C TRP B 23 -50.41 2.29 7.06
N TRP B 24 -51.11 1.17 7.07
CA TRP B 24 -52.03 0.88 8.17
C TRP B 24 -51.29 0.74 9.49
N ASP B 25 -50.11 0.10 9.48
CA ASP B 25 -49.39 -0.11 10.73
C ASP B 25 -48.88 1.20 11.31
N VAL B 26 -48.31 2.07 10.47
CA VAL B 26 -47.80 3.34 10.97
C VAL B 26 -48.97 4.24 11.40
N PHE B 27 -50.09 4.18 10.67
CA PHE B 27 -51.27 4.93 11.09
C PHE B 27 -51.76 4.46 12.45
N THR B 28 -51.79 3.15 12.68
CA THR B 28 -52.21 2.63 13.98
C THR B 28 -51.23 3.02 15.07
N ASP B 29 -49.93 3.05 14.76
CA ASP B 29 -48.94 3.47 15.76
C ASP B 29 -49.15 4.93 16.14
N TYR B 30 -49.39 5.80 15.16
CA TYR B 30 -49.64 7.21 15.46
C TYR B 30 -50.95 7.38 16.24
N ILE B 31 -51.98 6.62 15.87
CA ILE B 31 -53.25 6.68 16.59
C ILE B 31 -53.05 6.23 18.03
N SER B 32 -52.25 5.20 18.25
CA SER B 32 -51.97 4.74 19.61
C SER B 32 -51.18 5.78 20.40
N ILE B 33 -50.27 6.50 19.73
CA ILE B 33 -49.55 7.58 20.39
C ILE B 33 -50.53 8.66 20.84
N VAL B 34 -51.47 9.02 19.97
CA VAL B 34 -52.46 10.04 20.32
C VAL B 34 -53.36 9.54 21.45
N MET B 35 -53.70 8.25 21.45
CA MET B 35 -54.49 7.68 22.53
C MET B 35 -53.73 7.73 23.85
N LEU B 36 -52.42 7.44 23.82
CA LEU B 36 -51.61 7.55 25.03
C LEU B 36 -51.57 8.99 25.53
N MET B 37 -51.46 9.96 24.62
CA MET B 37 -51.50 11.36 25.02
C MET B 37 -52.83 11.71 25.66
N ILE B 38 -53.94 11.24 25.07
CA ILE B 38 -55.25 11.47 25.66
C ILE B 38 -55.34 10.85 27.04
N ALA B 39 -54.85 9.63 27.19
CA ALA B 39 -54.91 8.94 28.47
C ALA B 39 -54.13 9.68 29.53
N VAL B 40 -52.90 10.11 29.22
CA VAL B 40 -52.09 10.79 30.21
C VAL B 40 -52.67 12.16 30.54
N PHE B 41 -53.22 12.86 29.54
CA PHE B 41 -53.85 14.15 29.80
C PHE B 41 -55.06 14.00 30.70
N GLY B 42 -55.93 13.03 30.41
CA GLY B 42 -57.08 12.80 31.27
C GLY B 42 -56.68 12.38 32.67
N GLY B 43 -55.65 11.55 32.78
CA GLY B 43 -55.21 11.12 34.10
C GLY B 43 -54.67 12.27 34.93
N THR B 44 -53.82 13.10 34.34
CA THR B 44 -53.26 14.22 35.08
C THR B 44 -54.31 15.29 35.36
N LEU B 45 -55.33 15.41 34.49
CA LEU B 45 -56.42 16.35 34.74
C LEU B 45 -57.28 15.87 35.90
N GLN B 46 -57.58 14.57 35.95
CA GLN B 46 -58.35 14.02 37.05
C GLN B 46 -57.58 14.10 38.36
N VAL B 47 -56.27 13.82 38.32
CA VAL B 47 -55.46 13.88 39.53
C VAL B 47 -55.33 15.30 40.03
N THR B 48 -55.08 16.25 39.13
CA THR B 48 -54.89 17.65 39.54
C THR B 48 -56.14 18.20 40.21
N GLN B 49 -57.29 18.06 39.55
CA GLN B 49 -58.56 18.47 40.15
C GLN B 49 -59.69 17.75 39.44
N ASP B 50 -60.48 17.01 40.20
CA ASP B 50 -61.69 16.37 39.70
C ASP B 50 -62.81 16.52 40.71
N LYS B 51 -62.90 17.70 41.32
CA LYS B 51 -63.79 17.91 42.45
C LYS B 51 -65.25 17.91 41.99
N MET B 52 -66.13 17.65 42.94
CA MET B 52 -67.56 17.82 42.78
C MET B 52 -68.03 18.97 43.66
N ILE B 53 -69.06 19.68 43.21
CA ILE B 53 -69.69 20.73 43.99
C ILE B 53 -71.13 20.31 44.21
N CYS B 54 -71.49 20.04 45.46
CA CYS B 54 -72.79 19.51 45.81
C CYS B 54 -73.55 20.49 46.69
N LEU B 55 -74.79 20.79 46.29
CA LEU B 55 -75.70 21.54 47.12
C LEU B 55 -76.93 20.69 47.46
N PRO B 56 -77.31 20.62 48.73
CA PRO B 56 -78.42 19.75 49.13
C PRO B 56 -79.76 20.26 48.62
N CYS B 57 -80.69 19.33 48.46
CA CYS B 57 -82.05 19.63 48.07
C CYS B 57 -82.85 20.06 49.30
N LYS B 58 -83.40 21.27 49.27
CA LYS B 58 -84.26 21.71 50.37
C LYS B 58 -85.52 20.87 50.44
N TRP B 59 -86.15 20.61 49.30
CA TRP B 59 -87.37 19.81 49.22
C TRP B 59 -87.09 18.65 48.29
N VAL B 60 -87.09 17.43 48.83
CA VAL B 60 -86.70 16.23 48.10
C VAL B 60 -87.95 15.43 47.76
N THR B 61 -88.14 15.16 46.47
CA THR B 61 -89.18 14.26 45.98
C THR B 61 -88.60 13.43 44.86
N LYS B 62 -88.78 12.10 44.94
CA LYS B 62 -88.16 11.16 44.01
C LYS B 62 -86.64 11.33 44.01
N ASP B 63 -86.09 11.63 45.19
CA ASP B 63 -84.65 11.79 45.39
C ASP B 63 -84.05 12.84 44.47
N SER B 64 -84.77 13.95 44.28
CA SER B 64 -84.27 15.07 43.48
C SER B 64 -85.18 16.26 43.73
N CYS B 65 -84.59 17.42 44.02
CA CYS B 65 -85.40 18.61 44.27
C CYS B 65 -86.13 19.03 42.99
N ASN B 66 -87.40 19.39 43.14
CA ASN B 66 -88.27 19.70 42.02
C ASN B 66 -88.26 21.18 41.63
N ASP B 67 -87.32 21.96 42.16
CA ASP B 67 -87.20 23.39 41.85
C ASP B 67 -88.49 24.13 42.18
N SER B 68 -88.84 24.08 43.46
CA SER B 68 -90.04 24.74 43.97
C SER B 68 -89.68 25.99 44.76
N THR B 92 -88.12 42.07 49.66
CA THR B 92 -88.92 41.92 48.44
C THR B 92 -88.13 41.19 47.37
N GLY B 93 -86.88 41.59 47.18
CA GLY B 93 -86.02 40.98 46.18
C GLY B 93 -85.62 39.57 46.57
N PRO B 94 -85.08 38.83 45.60
CA PRO B 94 -84.66 37.46 45.89
C PRO B 94 -83.49 37.43 46.88
N THR B 95 -83.44 36.37 47.67
CA THR B 95 -82.42 36.20 48.69
C THR B 95 -81.89 34.78 48.64
N GLY B 96 -80.69 34.59 49.18
CA GLY B 96 -80.07 33.29 49.19
C GLY B 96 -80.75 32.32 50.14
N ILE B 97 -80.39 31.05 49.98
CA ILE B 97 -80.98 29.96 50.77
C ILE B 97 -80.01 29.60 51.89
N LYS B 98 -80.52 29.53 53.10
CA LYS B 98 -79.70 29.20 54.27
C LYS B 98 -79.61 27.69 54.41
N TYR B 99 -78.38 27.16 54.45
CA TYR B 99 -78.16 25.75 54.70
C TYR B 99 -77.51 25.46 56.04
N ASP B 100 -76.85 26.44 56.64
CA ASP B 100 -76.18 26.27 57.94
C ASP B 100 -75.19 25.11 57.91
N LEU B 101 -74.48 24.98 56.79
CA LEU B 101 -73.48 23.93 56.62
C LEU B 101 -72.10 24.56 56.56
N ASP B 102 -71.16 24.01 57.33
CA ASP B 102 -69.79 24.47 57.30
C ASP B 102 -69.13 24.08 55.99
N ARG B 103 -67.98 24.72 55.72
CA ARG B 103 -67.23 24.39 54.52
C ARG B 103 -66.74 22.95 54.55
N HIS B 104 -66.33 22.48 55.73
CA HIS B 104 -65.87 21.10 55.84
C HIS B 104 -66.99 20.11 55.58
N GLN B 105 -68.21 20.44 56.00
CA GLN B 105 -69.35 19.57 55.68
C GLN B 105 -69.58 19.51 54.18
N TYR B 106 -69.45 20.64 53.48
CA TYR B 106 -69.56 20.64 52.03
C TYR B 106 -68.47 19.79 51.41
N ASN B 107 -67.24 19.89 51.90
CA ASN B 107 -66.15 19.08 51.38
C ASN B 107 -66.41 17.60 51.59
N TYR B 108 -66.92 17.24 52.77
CA TYR B 108 -67.25 15.84 53.03
C TYR B 108 -68.35 15.34 52.09
N VAL B 109 -69.39 16.15 51.88
CA VAL B 109 -70.46 15.76 50.97
C VAL B 109 -69.92 15.57 49.56
N ASP B 110 -69.05 16.49 49.12
CA ASP B 110 -68.45 16.38 47.79
C ASP B 110 -67.64 15.11 47.66
N ALA B 111 -66.81 14.79 48.67
CA ALA B 111 -65.99 13.60 48.61
C ALA B 111 -66.85 12.34 48.57
N VAL B 112 -67.89 12.30 49.41
CA VAL B 112 -68.74 11.11 49.46
C VAL B 112 -69.49 10.93 48.15
N CYS B 113 -70.03 12.01 47.58
CA CYS B 113 -70.75 11.90 46.32
C CYS B 113 -69.80 11.54 45.18
N TYR B 114 -68.58 12.06 45.20
CA TYR B 114 -67.61 11.72 44.16
C TYR B 114 -67.23 10.24 44.24
N GLU B 115 -67.07 9.72 45.45
CA GLU B 115 -66.69 8.32 45.59
C GLU B 115 -67.84 7.38 45.25
N ASN B 116 -69.06 7.72 45.69
CA ASN B 116 -70.18 6.79 45.60
C ASN B 116 -71.03 7.01 44.36
N ARG B 117 -71.61 8.19 44.20
CA ARG B 117 -72.65 8.41 43.20
C ARG B 117 -72.10 8.81 41.84
N LEU B 118 -70.79 8.94 41.68
CA LEU B 118 -70.21 9.20 40.36
C LEU B 118 -70.03 7.90 39.62
N HIS B 119 -70.42 7.89 38.34
CA HIS B 119 -70.31 6.70 37.52
C HIS B 119 -68.86 6.28 37.37
N TRP B 120 -68.61 4.97 37.42
CA TRP B 120 -67.25 4.45 37.34
C TRP B 120 -66.55 4.85 36.04
N PHE B 121 -67.32 5.10 34.98
CA PHE B 121 -66.71 5.54 33.73
C PHE B 121 -65.99 6.88 33.89
N ALA B 122 -66.63 7.82 34.59
CA ALA B 122 -66.00 9.13 34.78
C ALA B 122 -64.70 9.00 35.57
N LYS B 123 -64.69 8.16 36.61
CA LYS B 123 -63.50 8.02 37.43
C LYS B 123 -62.38 7.29 36.70
N TYR B 124 -62.73 6.27 35.91
CA TYR B 124 -61.72 5.36 35.37
C TYR B 124 -61.54 5.48 33.86
N PHE B 125 -62.05 6.54 33.25
CA PHE B 125 -61.84 6.72 31.80
C PHE B 125 -60.37 6.79 31.41
N PRO B 126 -59.53 7.64 32.03
CA PRO B 126 -58.11 7.65 31.63
C PRO B 126 -57.42 6.31 31.78
N TYR B 127 -57.73 5.57 32.86
CA TYR B 127 -57.10 4.27 33.05
C TYR B 127 -57.61 3.26 32.04
N LEU B 128 -58.90 3.34 31.68
CA LEU B 128 -59.44 2.43 30.68
C LEU B 128 -58.83 2.68 29.31
N VAL B 129 -58.70 3.95 28.90
CA VAL B 129 -58.10 4.24 27.61
C VAL B 129 -56.61 3.89 27.62
N LEU B 130 -55.93 4.10 28.75
CA LEU B 130 -54.53 3.67 28.85
C LEU B 130 -54.40 2.16 28.67
N LEU B 131 -55.27 1.39 29.33
CA LEU B 131 -55.26 -0.05 29.18
C LEU B 131 -55.51 -0.46 27.73
N HIS B 132 -56.52 0.17 27.10
CA HIS B 132 -56.85 -0.20 25.72
C HIS B 132 -55.71 0.11 24.77
N THR B 133 -55.08 1.28 24.91
CA THR B 133 -53.99 1.62 23.99
C THR B 133 -52.75 0.77 24.26
N LEU B 134 -52.49 0.40 25.52
CA LEU B 134 -51.38 -0.50 25.80
C LEU B 134 -51.64 -1.88 25.20
N ILE B 135 -52.87 -2.37 25.27
CA ILE B 135 -53.18 -3.65 24.66
C ILE B 135 -53.05 -3.57 23.14
N PHE B 136 -53.48 -2.45 22.56
CA PHE B 136 -53.34 -2.29 21.11
C PHE B 136 -51.87 -2.25 20.70
N LEU B 137 -51.03 -1.57 21.48
CA LEU B 137 -49.60 -1.56 21.19
C LEU B 137 -48.98 -2.95 21.34
N ALA B 138 -49.42 -3.70 22.35
CA ALA B 138 -48.93 -5.07 22.52
C ALA B 138 -49.35 -5.94 21.34
N CYS B 139 -50.58 -5.79 20.86
CA CYS B 139 -51.01 -6.53 19.68
C CYS B 139 -50.18 -6.14 18.46
N SER B 140 -49.89 -4.84 18.31
CA SER B 140 -49.10 -4.39 17.16
C SER B 140 -47.69 -4.95 17.19
N ASN B 141 -47.07 -5.00 18.37
CA ASN B 141 -45.69 -5.44 18.50
C ASN B 141 -45.55 -6.90 18.91
N PHE B 142 -46.65 -7.66 18.90
CA PHE B 142 -46.58 -9.09 19.23
C PHE B 142 -45.59 -9.83 18.35
N TRP B 143 -45.69 -9.66 17.03
CA TRP B 143 -44.81 -10.41 16.13
C TRP B 143 -43.36 -9.94 16.25
N PHE B 144 -43.14 -8.64 16.47
CA PHE B 144 -41.78 -8.14 16.62
C PHE B 144 -41.15 -8.59 17.93
N LYS B 145 -41.94 -8.76 18.99
CA LYS B 145 -41.41 -9.20 20.27
C LYS B 145 -41.48 -10.70 20.46
N PHE B 146 -42.07 -11.45 19.52
CA PHE B 146 -42.09 -12.90 19.58
C PHE B 146 -40.84 -13.42 18.88
N PRO B 147 -39.91 -14.06 19.61
CA PRO B 147 -38.63 -14.44 18.98
C PRO B 147 -38.79 -15.36 17.78
N ARG B 148 -39.77 -16.26 17.81
CA ARG B 148 -39.96 -17.22 16.72
C ARG B 148 -40.19 -16.49 15.40
N THR B 149 -41.03 -15.46 15.41
CA THR B 149 -41.24 -14.66 14.20
C THR B 149 -40.27 -13.48 14.10
N SER B 150 -39.76 -12.98 15.22
CA SER B 150 -38.85 -11.85 15.17
C SER B 150 -37.56 -12.21 14.45
N SER B 151 -37.02 -13.40 14.73
CA SER B 151 -35.79 -13.83 14.07
C SER B 151 -35.99 -13.93 12.56
N LYS B 152 -37.10 -14.54 12.13
CA LYS B 152 -37.40 -14.65 10.72
C LYS B 152 -37.54 -13.28 10.08
N LEU B 153 -38.26 -12.37 10.74
CA LEU B 153 -38.47 -11.04 10.18
C LEU B 153 -37.17 -10.27 10.06
N GLU B 154 -36.32 -10.30 11.09
CA GLU B 154 -35.06 -9.56 11.02
C GLU B 154 -34.13 -10.16 9.98
N HIS B 155 -34.09 -11.49 9.86
CA HIS B 155 -33.26 -12.12 8.84
C HIS B 155 -33.76 -11.77 7.45
N PHE B 156 -35.09 -11.75 7.25
CA PHE B 156 -35.65 -11.37 5.96
C PHE B 156 -35.32 -9.92 5.63
N VAL B 157 -35.42 -9.03 6.62
CA VAL B 157 -35.07 -7.63 6.38
C VAL B 157 -33.61 -7.49 5.99
N SER B 158 -32.72 -8.18 6.72
CA SER B 158 -31.29 -8.10 6.38
C SER B 158 -31.01 -8.64 4.98
N ILE B 159 -31.62 -9.77 4.62
CA ILE B 159 -31.39 -10.36 3.31
C ILE B 159 -31.94 -9.46 2.21
N LEU B 160 -33.12 -8.87 2.43
CA LEU B 160 -33.69 -7.97 1.43
C LEU B 160 -32.82 -6.74 1.25
N LEU B 161 -32.30 -6.19 2.35
CA LEU B 161 -31.38 -5.06 2.23
C LEU B 161 -30.12 -5.45 1.46
N LYS B 162 -29.57 -6.63 1.77
CA LYS B 162 -28.35 -7.06 1.08
C LYS B 162 -28.59 -7.24 -0.41
N CYS B 163 -29.71 -7.84 -0.79
CA CYS B 163 -30.01 -8.02 -2.20
C CYS B 163 -30.38 -6.70 -2.88
N PHE B 164 -30.87 -5.72 -2.10
CA PHE B 164 -31.17 -4.43 -2.68
C PHE B 164 -29.91 -3.62 -2.97
N ASP B 165 -28.96 -3.62 -2.03
CA ASP B 165 -27.76 -2.81 -2.17
C ASP B 165 -26.67 -3.50 -3.00
N SER B 166 -26.78 -4.79 -3.27
CA SER B 166 -25.76 -5.48 -4.04
C SER B 166 -25.72 -4.97 -5.47
N PRO B 167 -24.54 -4.79 -6.05
CA PRO B 167 -24.45 -4.34 -7.45
C PRO B 167 -24.79 -5.41 -8.48
N TRP B 168 -24.86 -6.68 -8.07
CA TRP B 168 -25.13 -7.74 -9.03
C TRP B 168 -26.54 -7.65 -9.58
N THR B 169 -27.51 -7.32 -8.73
CA THR B 169 -28.89 -7.23 -9.19
C THR B 169 -29.09 -6.07 -10.16
N THR B 170 -28.32 -4.99 -10.01
CA THR B 170 -28.41 -3.87 -10.93
C THR B 170 -28.09 -4.32 -12.36
N ARG B 171 -26.96 -5.01 -12.53
CA ARG B 171 -26.60 -5.48 -13.87
C ARG B 171 -27.49 -6.63 -14.32
N ALA B 172 -28.02 -7.42 -13.38
CA ALA B 172 -28.97 -8.46 -13.74
C ALA B 172 -30.22 -7.85 -14.37
N LEU B 173 -30.73 -6.76 -13.77
CA LEU B 173 -31.85 -6.04 -14.38
C LEU B 173 -31.43 -5.37 -15.69
N SER B 174 -30.23 -4.80 -15.74
CA SER B 174 -29.78 -4.09 -16.93
C SER B 174 -29.69 -5.01 -18.14
N GLU B 175 -29.19 -6.23 -17.94
CA GLU B 175 -29.00 -7.14 -19.06
C GLU B 175 -30.31 -7.46 -19.77
N THR B 176 -31.37 -7.72 -18.99
CA THR B 176 -32.69 -8.01 -19.53
C THR B 176 -32.67 -9.11 -20.58
N GLY B 230 -18.95 -9.82 -20.31
CA GLY B 230 -19.21 -9.56 -18.90
C GLY B 230 -17.94 -9.40 -18.08
N VAL B 231 -17.93 -8.40 -17.20
CA VAL B 231 -16.80 -8.12 -16.34
C VAL B 231 -17.31 -8.01 -14.90
N LEU B 232 -16.63 -8.69 -13.98
CA LEU B 232 -17.04 -8.69 -12.59
C LEU B 232 -15.82 -8.92 -11.70
N ASP B 233 -15.85 -8.35 -10.50
CA ASP B 233 -14.73 -8.48 -9.59
C ASP B 233 -14.83 -9.77 -8.79
N LYS B 234 -13.70 -10.16 -8.19
CA LYS B 234 -13.66 -11.41 -7.42
C LYS B 234 -14.42 -11.27 -6.12
N LYS B 235 -14.20 -10.18 -5.39
CA LYS B 235 -14.92 -9.98 -4.13
C LYS B 235 -16.42 -9.83 -4.37
N GLU B 236 -16.79 -9.13 -5.45
CA GLU B 236 -18.21 -9.05 -5.82
C GLU B 236 -18.76 -10.43 -6.13
N GLY B 237 -17.98 -11.26 -6.83
CA GLY B 237 -18.45 -12.60 -7.15
C GLY B 237 -18.69 -13.46 -5.93
N GLU B 238 -17.74 -13.44 -4.98
CA GLU B 238 -17.92 -14.22 -3.77
C GLU B 238 -19.05 -13.68 -2.91
N GLN B 239 -19.21 -12.35 -2.85
CA GLN B 239 -20.33 -11.78 -2.13
C GLN B 239 -21.67 -12.20 -2.75
N ALA B 240 -21.74 -12.20 -4.09
CA ALA B 240 -22.96 -12.62 -4.75
C ALA B 240 -23.23 -14.10 -4.53
N LYS B 241 -22.19 -14.93 -4.52
CA LYS B 241 -22.38 -16.35 -4.24
C LYS B 241 -22.91 -16.56 -2.83
N ALA B 242 -22.34 -15.84 -1.85
CA ALA B 242 -22.84 -15.92 -0.48
C ALA B 242 -24.29 -15.45 -0.40
N LEU B 243 -24.62 -14.37 -1.11
CA LEU B 243 -26.00 -13.89 -1.11
C LEU B 243 -26.94 -14.93 -1.71
N PHE B 244 -26.53 -15.58 -2.79
CA PHE B 244 -27.39 -16.58 -3.44
C PHE B 244 -27.63 -17.77 -2.53
N GLU B 245 -26.56 -18.28 -1.89
CA GLU B 245 -26.76 -19.43 -1.00
C GLU B 245 -27.60 -19.05 0.22
N LYS B 246 -27.38 -17.85 0.77
CA LYS B 246 -28.20 -17.41 1.89
C LYS B 246 -29.66 -17.26 1.47
N VAL B 247 -29.91 -16.72 0.27
CA VAL B 247 -31.28 -16.58 -0.21
C VAL B 247 -31.94 -17.94 -0.36
N LYS B 248 -31.21 -18.91 -0.93
CA LYS B 248 -31.79 -20.23 -1.13
C LYS B 248 -32.12 -20.89 0.20
N LYS B 249 -31.17 -20.86 1.15
CA LYS B 249 -31.42 -21.51 2.44
C LYS B 249 -32.53 -20.80 3.20
N PHE B 250 -32.59 -19.47 3.12
CA PHE B 250 -33.65 -18.73 3.79
C PHE B 250 -35.01 -19.03 3.19
N ARG B 251 -35.09 -19.12 1.85
CA ARG B 251 -36.33 -19.49 1.21
C ARG B 251 -36.79 -20.88 1.67
N THR B 252 -35.85 -21.84 1.70
CA THR B 252 -36.20 -23.19 2.12
C THR B 252 -36.68 -23.22 3.57
N HIS B 253 -36.00 -22.49 4.45
CA HIS B 253 -36.35 -22.51 5.86
C HIS B 253 -37.70 -21.82 6.11
N VAL B 254 -37.86 -20.61 5.57
CA VAL B 254 -39.06 -19.82 5.85
C VAL B 254 -40.29 -20.44 5.20
N GLU B 255 -40.13 -21.02 4.00
CA GLU B 255 -41.28 -21.51 3.26
C GLU B 255 -42.09 -22.55 4.02
N GLU B 256 -41.47 -23.27 4.95
CA GLU B 256 -42.15 -24.32 5.70
C GLU B 256 -42.61 -23.88 7.08
N GLY B 257 -42.59 -22.59 7.38
CA GLY B 257 -42.97 -22.12 8.69
C GLY B 257 -44.46 -21.90 8.88
N ASP B 258 -45.05 -21.04 8.04
CA ASP B 258 -46.48 -20.71 8.09
C ASP B 258 -46.88 -20.20 9.47
N ILE B 259 -46.02 -19.40 10.10
CA ILE B 259 -46.29 -18.87 11.43
C ILE B 259 -46.63 -17.39 11.34
N VAL B 260 -45.99 -16.69 10.40
CA VAL B 260 -46.17 -15.24 10.31
C VAL B 260 -47.58 -14.89 9.86
N TYR B 261 -48.09 -15.57 8.83
CA TYR B 261 -49.41 -15.25 8.30
C TYR B 261 -50.50 -15.54 9.34
N ARG B 262 -50.42 -16.71 9.98
CA ARG B 262 -51.43 -17.08 10.97
C ARG B 262 -51.40 -16.13 12.16
N LEU B 263 -50.21 -15.78 12.64
CA LEU B 263 -50.09 -14.87 13.78
C LEU B 263 -50.61 -13.48 13.42
N TYR B 264 -50.32 -13.01 12.20
CA TYR B 264 -50.82 -11.71 11.76
C TYR B 264 -52.34 -11.72 11.67
N MET B 265 -52.91 -12.82 11.16
CA MET B 265 -54.37 -12.93 11.12
C MET B 265 -54.96 -12.91 12.53
N ARG B 266 -54.30 -13.61 13.47
CA ARG B 266 -54.76 -13.57 14.86
C ARG B 266 -54.73 -12.16 15.42
N GLN B 267 -53.65 -11.42 15.15
CA GLN B 267 -53.55 -10.04 15.61
C GLN B 267 -54.68 -9.19 15.02
N THR B 268 -54.94 -9.34 13.73
CA THR B 268 -55.98 -8.56 13.09
C THR B 268 -57.36 -8.88 13.66
N ILE B 269 -57.64 -10.17 13.89
CA ILE B 269 -58.93 -10.55 14.46
C ILE B 269 -59.07 -10.01 15.87
N ILE B 270 -58.01 -10.10 16.67
CA ILE B 270 -58.05 -9.58 18.04
C ILE B 270 -58.32 -8.07 18.02
N LYS B 271 -57.62 -7.35 17.14
CA LYS B 271 -57.83 -5.91 17.06
C LYS B 271 -59.25 -5.58 16.63
N VAL B 272 -59.80 -6.32 15.67
CA VAL B 272 -61.14 -6.03 15.18
C VAL B 272 -62.18 -6.27 16.28
N ILE B 273 -62.06 -7.40 16.99
CA ILE B 273 -63.05 -7.70 18.03
C ILE B 273 -62.90 -6.73 19.19
N LYS B 274 -61.68 -6.35 19.53
CA LYS B 274 -61.48 -5.36 20.59
C LYS B 274 -62.10 -4.02 20.19
N PHE B 275 -61.89 -3.60 18.94
CA PHE B 275 -62.50 -2.36 18.47
C PHE B 275 -64.02 -2.43 18.54
N ALA B 276 -64.60 -3.55 18.13
CA ALA B 276 -66.05 -3.69 18.16
C ALA B 276 -66.59 -3.59 19.59
N LEU B 277 -66.01 -4.37 20.51
CA LEU B 277 -66.52 -4.35 21.88
C LEU B 277 -66.28 -2.99 22.54
N ILE B 278 -65.12 -2.39 22.31
CA ILE B 278 -64.83 -1.08 22.90
C ILE B 278 -65.80 -0.04 22.37
N ILE B 279 -66.05 -0.04 21.06
CA ILE B 279 -66.99 0.92 20.49
C ILE B 279 -68.37 0.72 21.11
N CYS B 280 -68.85 -0.51 21.17
CA CYS B 280 -70.18 -0.76 21.71
C CYS B 280 -70.29 -0.26 23.15
N TYR B 281 -69.38 -0.70 24.02
CA TYR B 281 -69.51 -0.37 25.43
C TYR B 281 -69.24 1.11 25.70
N THR B 282 -68.25 1.70 25.03
CA THR B 282 -67.95 3.11 25.24
C THR B 282 -69.07 4.01 24.73
N VAL B 283 -69.64 3.69 23.57
CA VAL B 283 -70.74 4.50 23.06
C VAL B 283 -71.97 4.35 23.97
N TYR B 284 -72.19 3.14 24.50
CA TYR B 284 -73.34 2.96 25.38
C TYR B 284 -73.17 3.68 26.71
N TYR B 285 -71.93 3.73 27.23
CA TYR B 285 -71.69 4.29 28.56
C TYR B 285 -71.24 5.74 28.55
N VAL B 286 -71.00 6.34 27.38
CA VAL B 286 -70.57 7.74 27.35
C VAL B 286 -71.70 8.68 27.73
N HIS B 287 -72.95 8.21 27.69
CA HIS B 287 -74.06 9.04 28.13
C HIS B 287 -74.23 9.04 29.64
N ASN B 288 -73.46 8.23 30.37
CA ASN B 288 -73.55 8.15 31.82
C ASN B 288 -72.59 9.10 32.53
N ILE B 289 -71.87 9.94 31.78
CA ILE B 289 -71.06 11.00 32.36
C ILE B 289 -71.73 12.33 31.99
N LYS B 290 -72.04 13.13 32.99
CA LYS B 290 -72.84 14.33 32.78
C LYS B 290 -72.53 15.35 33.86
N PHE B 291 -72.83 16.61 33.57
CA PHE B 291 -72.57 17.69 34.52
C PHE B 291 -73.50 17.61 35.71
N ASP B 292 -74.81 17.67 35.46
CA ASP B 292 -75.80 17.60 36.52
C ASP B 292 -76.02 16.15 36.94
N VAL B 293 -75.52 15.79 38.12
CA VAL B 293 -75.65 14.44 38.65
C VAL B 293 -76.30 14.52 40.02
N ASP B 294 -77.37 13.78 40.21
CA ASP B 294 -78.09 13.74 41.48
C ASP B 294 -77.44 12.73 42.41
N CYS B 295 -77.12 13.17 43.63
CA CYS B 295 -76.42 12.34 44.61
C CYS B 295 -77.36 12.03 45.76
N THR B 296 -77.38 10.77 46.18
CA THR B 296 -78.16 10.33 47.35
C THR B 296 -77.32 9.26 48.05
N VAL B 297 -76.51 9.68 49.01
CA VAL B 297 -75.56 8.79 49.69
C VAL B 297 -76.02 8.42 51.09
N ASP B 298 -77.13 8.99 51.57
CA ASP B 298 -77.73 8.64 52.86
C ASP B 298 -76.77 8.91 54.01
N ILE B 299 -76.41 10.19 54.16
CA ILE B 299 -75.65 10.64 55.31
C ILE B 299 -76.36 11.84 55.94
N GLU B 300 -77.21 11.59 56.92
CA GLU B 300 -77.92 12.65 57.62
C GLU B 300 -77.43 12.88 59.04
N SER B 301 -76.73 11.90 59.62
CA SER B 301 -76.18 12.09 60.96
C SER B 301 -75.03 13.08 60.98
N LEU B 302 -74.45 13.39 59.83
CA LEU B 302 -73.33 14.32 59.73
C LEU B 302 -73.71 15.66 59.13
N THR B 303 -74.67 15.70 58.21
CA THR B 303 -75.08 16.94 57.58
C THR B 303 -76.56 17.25 57.74
N GLY B 304 -77.43 16.25 57.86
CA GLY B 304 -78.84 16.48 58.05
C GLY B 304 -79.69 16.49 56.80
N TYR B 305 -79.07 16.44 55.62
CA TYR B 305 -79.80 16.44 54.37
C TYR B 305 -79.79 15.05 53.74
N ARG B 306 -80.85 14.76 52.98
CA ARG B 306 -81.02 13.45 52.37
C ARG B 306 -80.35 13.37 51.00
N THR B 307 -80.74 14.25 50.08
CA THR B 307 -80.25 14.21 48.71
C THR B 307 -79.51 15.51 48.37
N TYR B 308 -78.47 15.37 47.55
CA TYR B 308 -77.62 16.49 47.18
C TYR B 308 -77.57 16.61 45.67
N ARG B 309 -77.79 17.83 45.17
CA ARG B 309 -77.57 18.12 43.76
C ARG B 309 -76.11 18.47 43.53
N CYS B 310 -75.42 17.66 42.74
CA CYS B 310 -73.98 17.79 42.54
C CYS B 310 -73.68 18.17 41.10
N ALA B 311 -72.63 18.97 40.91
CA ALA B 311 -72.16 19.38 39.59
C ALA B 311 -70.74 18.89 39.40
N HIS B 312 -70.48 18.27 38.24
CA HIS B 312 -69.16 17.78 37.87
C HIS B 312 -68.57 18.72 36.82
N PRO B 313 -67.72 19.66 37.22
CA PRO B 313 -67.23 20.67 36.26
C PRO B 313 -66.46 20.10 35.08
N LEU B 314 -65.76 18.98 35.26
CA LEU B 314 -64.98 18.37 34.20
C LEU B 314 -65.79 17.38 33.36
N ALA B 315 -67.09 17.27 33.61
CA ALA B 315 -67.90 16.30 32.88
C ALA B 315 -67.92 16.61 31.39
N THR B 316 -68.03 17.89 31.02
CA THR B 316 -68.04 18.25 29.61
C THR B 316 -66.70 17.94 28.94
N LEU B 317 -65.59 18.24 29.62
CA LEU B 317 -64.29 17.99 29.03
C LEU B 317 -63.99 16.50 28.95
N PHE B 318 -64.38 15.74 29.97
CA PHE B 318 -64.24 14.28 29.90
C PHE B 318 -65.11 13.69 28.82
N LYS B 319 -66.32 14.23 28.62
CA LYS B 319 -67.17 13.77 27.53
C LYS B 319 -66.54 14.05 26.18
N ILE B 320 -65.94 15.23 26.03
CA ILE B 320 -65.26 15.56 24.78
C ILE B 320 -64.09 14.62 24.53
N LEU B 321 -63.30 14.35 25.58
CA LEU B 321 -62.17 13.43 25.44
C LEU B 321 -62.66 12.02 25.10
N ALA B 322 -63.75 11.59 25.71
CA ALA B 322 -64.29 10.27 25.41
C ALA B 322 -64.79 10.19 23.98
N SER B 323 -65.45 11.26 23.49
CA SER B 323 -65.91 11.27 22.11
C SER B 323 -64.73 11.25 21.14
N PHE B 324 -63.67 12.00 21.45
CA PHE B 324 -62.50 11.99 20.59
C PHE B 324 -61.83 10.62 20.59
N TYR B 325 -61.77 9.97 21.75
CA TYR B 325 -61.24 8.61 21.83
C TYR B 325 -62.11 7.63 21.04
N ILE B 326 -63.43 7.83 21.07
CA ILE B 326 -64.34 6.99 20.29
C ILE B 326 -64.06 7.16 18.80
N SER B 327 -63.86 8.40 18.36
CA SER B 327 -63.54 8.64 16.96
C SER B 327 -62.21 8.00 16.58
N LEU B 328 -61.22 8.10 17.46
CA LEU B 328 -59.93 7.46 17.19
C LEU B 328 -60.06 5.95 17.12
N VAL B 329 -60.88 5.37 18.00
CA VAL B 329 -61.12 3.92 17.95
C VAL B 329 -61.85 3.55 16.68
N ILE B 330 -62.77 4.39 16.22
CA ILE B 330 -63.46 4.12 14.96
C ILE B 330 -62.46 4.09 13.81
N PHE B 331 -61.55 5.07 13.76
CA PHE B 331 -60.53 5.08 12.72
C PHE B 331 -59.62 3.86 12.82
N TYR B 332 -59.22 3.50 14.05
CA TYR B 332 -58.38 2.32 14.25
C TYR B 332 -59.07 1.05 13.77
N GLY B 333 -60.35 0.91 14.11
CA GLY B 333 -61.09 -0.27 13.69
C GLY B 333 -61.33 -0.32 12.19
N LEU B 334 -61.58 0.83 11.57
CA LEU B 334 -61.72 0.86 10.11
C LEU B 334 -60.41 0.48 9.44
N ILE B 335 -59.29 0.94 9.99
CA ILE B 335 -57.98 0.54 9.46
C ILE B 335 -57.77 -0.97 9.61
N CYS B 336 -58.12 -1.51 10.78
CA CYS B 336 -57.96 -2.94 11.00
C CYS B 336 -58.87 -3.75 10.09
N MET B 337 -60.08 -3.26 9.83
CA MET B 337 -60.99 -3.92 8.91
C MET B 337 -60.48 -3.86 7.47
N TYR B 338 -59.87 -2.74 7.08
CA TYR B 338 -59.23 -2.66 5.78
C TYR B 338 -58.11 -3.69 5.66
N THR B 339 -57.30 -3.83 6.72
CA THR B 339 -56.25 -4.84 6.72
C THR B 339 -56.84 -6.25 6.60
N LEU B 340 -57.91 -6.52 7.34
CA LEU B 340 -58.56 -7.83 7.28
C LEU B 340 -59.10 -8.11 5.89
N TRP B 341 -59.75 -7.12 5.27
CA TRP B 341 -60.27 -7.29 3.92
C TRP B 341 -59.14 -7.52 2.92
N TRP B 342 -58.04 -6.78 3.06
CA TRP B 342 -56.89 -6.98 2.19
C TRP B 342 -56.24 -8.35 2.39
N MET B 343 -56.39 -8.93 3.58
CA MET B 343 -55.83 -10.25 3.85
C MET B 343 -56.73 -11.39 3.39
N LEU B 344 -57.99 -11.11 3.05
CA LEU B 344 -58.93 -12.15 2.66
C LEU B 344 -59.49 -11.94 1.26
N ARG B 345 -58.89 -11.05 0.47
CA ARG B 345 -59.37 -10.76 -0.87
C ARG B 345 -58.46 -11.30 -1.98
N ARG B 346 -57.25 -11.74 -1.65
CA ARG B 346 -56.31 -12.20 -2.66
C ARG B 346 -55.62 -13.51 -2.32
N SER B 347 -55.97 -14.16 -1.21
CA SER B 347 -55.36 -15.43 -0.80
C SER B 347 -53.84 -15.28 -0.71
N LEU B 348 -53.42 -14.49 0.28
CA LEU B 348 -52.02 -14.10 0.45
C LEU B 348 -51.10 -15.29 0.72
N LYS B 349 -51.68 -16.50 0.81
CA LYS B 349 -50.84 -17.70 0.95
C LYS B 349 -49.98 -17.92 -0.29
N LYS B 350 -50.37 -17.37 -1.43
CA LYS B 350 -49.67 -17.59 -2.68
C LYS B 350 -49.37 -16.26 -3.35
N TYR B 351 -48.17 -16.15 -3.92
CA TYR B 351 -47.75 -14.99 -4.68
C TYR B 351 -47.57 -15.40 -6.14
N SER B 352 -48.19 -14.65 -7.04
CA SER B 352 -48.09 -14.96 -8.46
C SER B 352 -46.65 -14.81 -8.95
N PHE B 353 -45.98 -13.72 -8.55
CA PHE B 353 -44.59 -13.46 -8.91
C PHE B 353 -44.40 -13.50 -10.43
N GLU B 354 -45.38 -12.99 -11.17
CA GLU B 354 -45.44 -13.16 -12.62
C GLU B 354 -45.00 -11.92 -13.38
N SER B 355 -45.48 -10.74 -13.00
CA SER B 355 -45.17 -9.53 -13.76
C SER B 355 -43.68 -9.22 -13.73
N ILE B 356 -43.07 -9.29 -12.55
CA ILE B 356 -41.64 -9.02 -12.43
C ILE B 356 -40.84 -10.07 -13.18
N ARG B 357 -41.26 -11.33 -13.09
CA ARG B 357 -40.56 -12.40 -13.80
C ARG B 357 -40.61 -12.20 -15.31
N GLU B 358 -41.77 -11.82 -15.85
CA GLU B 358 -41.91 -11.69 -17.29
C GLU B 358 -41.27 -10.40 -17.82
N GLU B 359 -41.29 -9.31 -17.05
CA GLU B 359 -40.72 -8.07 -17.55
C GLU B 359 -39.20 -8.06 -17.46
N SER B 360 -38.62 -8.96 -16.67
CA SER B 360 -37.17 -9.07 -16.53
C SER B 360 -36.56 -10.15 -17.41
N SER B 361 -37.37 -10.78 -18.28
CA SER B 361 -36.92 -11.84 -19.18
C SER B 361 -36.43 -13.07 -18.42
N TYR B 362 -36.69 -13.12 -17.12
CA TYR B 362 -36.35 -14.29 -16.31
C TYR B 362 -37.59 -15.17 -16.13
N SER B 363 -37.99 -15.80 -17.24
CA SER B 363 -39.25 -16.51 -17.29
C SER B 363 -39.31 -17.70 -16.33
N ASP B 364 -38.17 -18.22 -15.91
CA ASP B 364 -38.14 -19.38 -15.00
C ASP B 364 -37.94 -18.92 -13.56
N ILE B 365 -38.92 -18.18 -13.05
CA ILE B 365 -38.96 -17.76 -11.66
C ILE B 365 -40.11 -18.50 -10.98
N PRO B 366 -39.84 -19.33 -9.98
CA PRO B 366 -40.93 -20.08 -9.32
C PRO B 366 -41.84 -19.15 -8.55
N ASP B 367 -43.10 -19.57 -8.41
CA ASP B 367 -44.10 -18.82 -7.65
C ASP B 367 -43.99 -19.24 -6.18
N VAL B 368 -43.85 -18.25 -5.29
CA VAL B 368 -43.63 -18.55 -3.89
C VAL B 368 -44.93 -19.02 -3.23
N LYS B 369 -44.80 -19.60 -2.05
CA LYS B 369 -45.93 -20.17 -1.32
C LYS B 369 -45.94 -19.57 0.08
N ASN B 370 -46.76 -20.16 0.96
CA ASN B 370 -47.09 -19.60 2.27
C ASN B 370 -45.85 -19.24 3.08
N ASP B 371 -46.00 -18.19 3.90
CA ASP B 371 -45.02 -17.69 4.86
C ASP B 371 -43.86 -16.98 4.20
N PHE B 372 -43.81 -17.01 2.87
CA PHE B 372 -42.89 -16.18 2.12
C PHE B 372 -43.60 -15.40 1.02
N ALA B 373 -44.81 -15.80 0.63
CA ALA B 373 -45.64 -14.97 -0.23
C ALA B 373 -46.25 -13.81 0.54
N PHE B 374 -46.56 -14.03 1.83
CA PHE B 374 -47.13 -12.97 2.65
C PHE B 374 -46.10 -11.88 2.93
N MET B 375 -44.86 -12.28 3.22
CA MET B 375 -43.81 -11.28 3.43
C MET B 375 -43.55 -10.47 2.17
N LEU B 376 -43.55 -11.14 1.01
CA LEU B 376 -43.40 -10.43 -0.25
C LEU B 376 -44.59 -9.53 -0.53
N HIS B 377 -45.79 -9.93 -0.12
CA HIS B 377 -46.95 -9.05 -0.25
C HIS B 377 -46.78 -7.81 0.61
N LEU B 378 -46.26 -7.97 1.83
CA LEU B 378 -45.99 -6.81 2.68
C LEU B 378 -44.96 -5.90 2.04
N ILE B 379 -43.91 -6.47 1.45
CA ILE B 379 -42.90 -5.67 0.78
C ILE B 379 -43.50 -4.94 -0.42
N ASP B 380 -44.37 -5.61 -1.16
CA ASP B 380 -45.05 -4.97 -2.29
C ASP B 380 -45.91 -3.81 -1.82
N GLN B 381 -46.61 -3.98 -0.69
CA GLN B 381 -47.38 -2.88 -0.12
C GLN B 381 -46.47 -1.73 0.26
N TYR B 382 -45.29 -2.02 0.83
CA TYR B 382 -44.34 -0.97 1.14
C TYR B 382 -43.71 -0.40 -0.13
N ASP B 383 -42.99 -1.24 -0.88
CA ASP B 383 -42.35 -0.79 -2.11
C ASP B 383 -42.11 -1.96 -3.06
N PRO B 384 -42.73 -1.96 -4.25
CA PRO B 384 -42.48 -3.04 -5.21
C PRO B 384 -41.04 -3.11 -5.70
N LEU B 385 -40.26 -2.03 -5.56
CA LEU B 385 -38.89 -2.03 -6.06
C LEU B 385 -38.04 -3.07 -5.33
N TYR B 386 -38.24 -3.23 -4.02
CA TYR B 386 -37.49 -4.24 -3.28
C TYR B 386 -37.79 -5.64 -3.79
N SER B 387 -39.07 -5.93 -4.04
CA SER B 387 -39.44 -7.23 -4.59
C SER B 387 -38.84 -7.43 -5.98
N LYS B 388 -38.84 -6.38 -6.80
CA LYS B 388 -38.23 -6.48 -8.13
C LYS B 388 -36.74 -6.77 -8.03
N ARG B 389 -36.04 -6.12 -7.11
CA ARG B 389 -34.61 -6.37 -6.98
C ARG B 389 -34.33 -7.73 -6.37
N PHE B 390 -35.26 -8.25 -5.56
CA PHE B 390 -35.08 -9.58 -4.97
C PHE B 390 -35.45 -10.70 -5.94
N ALA B 391 -36.26 -10.40 -6.96
CA ALA B 391 -36.70 -11.44 -7.89
C ALA B 391 -35.53 -12.10 -8.62
N VAL B 392 -34.47 -11.34 -8.93
CA VAL B 392 -33.39 -11.88 -9.73
C VAL B 392 -32.57 -12.94 -9.02
N PHE B 393 -32.78 -13.12 -7.72
CA PHE B 393 -32.07 -14.15 -6.97
C PHE B 393 -32.79 -15.49 -6.98
N LEU B 394 -33.90 -15.60 -7.70
CA LEU B 394 -34.61 -16.86 -7.89
C LEU B 394 -34.90 -17.13 -9.36
N SER B 395 -34.11 -16.56 -10.26
CA SER B 395 -34.37 -16.66 -11.69
C SER B 395 -33.84 -17.95 -12.31
N GLU B 396 -33.02 -18.71 -11.58
CA GLU B 396 -32.46 -19.99 -12.03
C GLU B 396 -31.49 -19.81 -13.21
N VAL B 397 -31.32 -18.57 -13.65
CA VAL B 397 -30.35 -18.24 -14.69
C VAL B 397 -29.23 -17.34 -14.14
N SER B 398 -29.59 -16.44 -13.22
CA SER B 398 -28.58 -15.63 -12.57
C SER B 398 -27.57 -16.49 -11.83
N GLU B 399 -27.98 -17.66 -11.35
CA GLU B 399 -27.03 -18.61 -10.77
C GLU B 399 -26.02 -19.06 -11.81
N ASN B 400 -26.48 -19.37 -13.02
CA ASN B 400 -25.57 -19.75 -14.10
C ASN B 400 -24.61 -18.62 -14.43
N LYS B 401 -25.13 -17.39 -14.55
CA LYS B 401 -24.26 -16.25 -14.86
C LYS B 401 -23.22 -16.03 -13.77
N LEU B 402 -23.65 -16.11 -12.50
CA LEU B 402 -22.73 -15.91 -11.39
C LEU B 402 -21.66 -16.98 -11.35
N ARG B 403 -22.04 -18.25 -11.57
CA ARG B 403 -21.06 -19.31 -11.58
C ARG B 403 -20.07 -19.14 -12.73
N GLN B 404 -20.56 -18.73 -13.91
CA GLN B 404 -19.68 -18.47 -15.03
C GLN B 404 -18.67 -17.37 -14.71
N LEU B 405 -19.15 -16.28 -14.11
CA LEU B 405 -18.24 -15.19 -13.75
C LEU B 405 -17.24 -15.65 -12.68
N ASN B 406 -17.70 -16.45 -11.72
CA ASN B 406 -16.80 -16.93 -10.67
C ASN B 406 -15.71 -17.81 -11.25
N LEU B 407 -16.06 -18.72 -12.17
CA LEU B 407 -15.05 -19.57 -12.76
C LEU B 407 -14.14 -18.80 -13.71
N ASN B 408 -14.65 -17.72 -14.32
CA ASN B 408 -13.77 -16.82 -15.07
C ASN B 408 -12.76 -16.15 -14.15
N ASN B 409 -13.20 -15.70 -12.98
CA ASN B 409 -12.33 -14.94 -12.09
C ASN B 409 -11.31 -15.84 -11.39
N GLU B 410 -11.73 -17.03 -10.95
CA GLU B 410 -10.86 -17.84 -10.09
C GLU B 410 -9.70 -18.44 -10.87
N TRP B 411 -9.91 -18.82 -12.14
CA TRP B 411 -8.83 -19.38 -12.94
C TRP B 411 -7.93 -18.24 -13.43
N THR B 412 -6.78 -18.09 -12.80
CA THR B 412 -5.81 -17.07 -13.18
C THR B 412 -4.99 -17.55 -14.37
N LEU B 413 -4.27 -16.61 -14.98
CA LEU B 413 -3.43 -16.95 -16.13
C LEU B 413 -2.32 -17.92 -15.74
N ASP B 414 -1.72 -17.70 -14.57
CA ASP B 414 -0.60 -18.55 -14.13
C ASP B 414 -1.07 -19.98 -13.90
N LYS B 415 -2.22 -20.17 -13.28
CA LYS B 415 -2.72 -21.52 -13.03
C LYS B 415 -3.04 -22.24 -14.34
N LEU B 416 -3.65 -21.52 -15.30
CA LEU B 416 -3.93 -22.12 -16.60
C LEU B 416 -2.64 -22.49 -17.32
N ARG B 417 -1.62 -21.63 -17.25
CA ARG B 417 -0.34 -21.94 -17.87
C ARG B 417 0.30 -23.16 -17.21
N GLN B 418 0.20 -23.26 -15.88
CA GLN B 418 0.69 -24.45 -15.19
C GLN B 418 -0.09 -25.69 -15.58
N ARG B 419 -1.36 -25.53 -15.94
CA ARG B 419 -2.18 -26.67 -16.37
C ARG B 419 -1.86 -27.12 -17.79
N LEU B 420 -1.06 -26.36 -18.54
CA LEU B 420 -0.72 -26.74 -19.90
C LEU B 420 0.13 -28.01 -19.91
N THR B 421 -0.22 -28.94 -20.80
CA THR B 421 0.46 -30.21 -20.91
C THR B 421 0.79 -30.48 -22.38
N LYS B 422 1.63 -31.48 -22.61
CA LYS B 422 1.99 -31.93 -23.95
C LYS B 422 1.36 -33.30 -24.19
N ASN B 423 0.67 -33.44 -25.31
CA ASN B 423 -0.01 -34.68 -25.65
C ASN B 423 0.94 -35.61 -26.39
N ALA B 424 0.38 -36.69 -26.95
CA ALA B 424 1.16 -37.67 -27.69
C ALA B 424 1.75 -37.11 -28.97
N GLN B 425 1.23 -35.99 -29.48
CA GLN B 425 1.73 -35.38 -30.70
C GLN B 425 2.61 -34.16 -30.44
N ASP B 426 3.09 -34.00 -29.20
CA ASP B 426 3.94 -32.87 -28.82
C ASP B 426 3.26 -31.53 -29.11
N LYS B 427 1.96 -31.47 -28.83
CA LYS B 427 1.17 -30.25 -28.98
C LYS B 427 0.67 -29.80 -27.62
N LEU B 428 0.69 -28.48 -27.41
CA LEU B 428 0.24 -27.92 -26.15
C LEU B 428 -1.23 -28.22 -25.92
N GLU B 429 -1.53 -28.89 -24.82
CA GLU B 429 -2.87 -29.35 -24.50
C GLU B 429 -3.35 -28.70 -23.20
N LEU B 430 -4.61 -28.29 -23.18
CA LEU B 430 -5.24 -27.78 -21.96
C LEU B 430 -6.53 -28.55 -21.76
N HIS B 431 -6.58 -29.40 -20.73
CA HIS B 431 -7.69 -30.30 -20.50
C HIS B 431 -8.59 -29.73 -19.42
N LEU B 432 -9.89 -29.63 -19.72
CA LEU B 432 -10.89 -29.16 -18.79
C LEU B 432 -11.91 -30.26 -18.54
N PHE B 433 -12.15 -30.58 -17.28
CA PHE B 433 -13.04 -31.67 -16.89
C PHE B 433 -13.96 -31.19 -15.78
N MET B 434 -15.24 -31.55 -15.89
CA MET B 434 -16.23 -31.30 -14.84
C MET B 434 -16.38 -29.81 -14.55
N LEU B 435 -16.59 -29.03 -15.60
CA LEU B 435 -16.83 -27.60 -15.48
C LEU B 435 -18.17 -27.24 -16.10
N SER B 436 -18.90 -26.35 -15.43
CA SER B 436 -20.20 -25.92 -15.93
C SER B 436 -20.10 -25.13 -17.23
N GLY B 437 -19.03 -24.38 -17.41
CA GLY B 437 -18.85 -23.61 -18.63
C GLY B 437 -17.40 -23.36 -18.90
N ILE B 438 -17.11 -22.92 -20.13
CA ILE B 438 -15.76 -22.63 -20.57
C ILE B 438 -15.31 -21.32 -19.96
N PRO B 439 -14.22 -21.31 -19.19
CA PRO B 439 -13.72 -20.03 -18.64
C PRO B 439 -13.18 -19.12 -19.73
N ASP B 440 -13.67 -17.89 -19.79
CA ASP B 440 -13.18 -16.94 -20.78
C ASP B 440 -11.73 -16.52 -20.55
N THR B 441 -11.18 -16.82 -19.38
CA THR B 441 -9.78 -16.52 -19.08
C THR B 441 -8.81 -17.43 -19.82
N VAL B 442 -9.31 -18.50 -20.47
CA VAL B 442 -8.43 -19.39 -21.21
C VAL B 442 -8.26 -18.98 -22.67
N PHE B 443 -9.04 -18.02 -23.15
CA PHE B 443 -9.04 -17.64 -24.55
C PHE B 443 -8.01 -16.58 -24.89
N ASP B 444 -7.22 -16.12 -23.92
CA ASP B 444 -6.09 -15.26 -24.20
C ASP B 444 -4.78 -16.03 -24.35
N LEU B 445 -4.83 -17.36 -24.22
CA LEU B 445 -3.65 -18.21 -24.43
C LEU B 445 -3.56 -18.51 -25.92
N VAL B 446 -3.00 -17.55 -26.67
CA VAL B 446 -2.89 -17.71 -28.11
C VAL B 446 -1.96 -18.86 -28.48
N GLU B 447 -1.12 -19.31 -27.55
CA GLU B 447 -0.22 -20.44 -27.80
C GLU B 447 -0.91 -21.79 -27.64
N LEU B 448 -2.16 -21.80 -27.18
CA LEU B 448 -2.90 -23.05 -27.08
C LEU B 448 -3.19 -23.61 -28.47
N GLU B 449 -3.10 -24.93 -28.59
CA GLU B 449 -3.36 -25.60 -29.87
C GLU B 449 -4.27 -26.81 -29.75
N VAL B 450 -4.40 -27.42 -28.57
CA VAL B 450 -5.33 -28.52 -28.35
C VAL B 450 -6.24 -28.15 -27.19
N LEU B 451 -7.55 -28.25 -27.41
CA LEU B 451 -8.54 -27.89 -26.41
C LEU B 451 -9.45 -29.08 -26.14
N LYS B 452 -9.46 -29.54 -24.89
CA LYS B 452 -10.28 -30.67 -24.48
C LYS B 452 -11.34 -30.22 -23.49
N LEU B 453 -12.60 -30.48 -23.82
CA LEU B 453 -13.74 -30.14 -22.97
C LEU B 453 -14.56 -31.39 -22.72
N GLU B 454 -14.86 -31.68 -21.46
CA GLU B 454 -15.58 -32.88 -21.07
C GLU B 454 -16.72 -32.50 -20.15
N LEU B 455 -17.94 -32.92 -20.52
CA LEU B 455 -19.15 -32.69 -19.73
C LEU B 455 -19.31 -31.22 -19.36
N ILE B 456 -19.39 -30.37 -20.38
CA ILE B 456 -19.63 -28.95 -20.20
C ILE B 456 -21.09 -28.68 -20.55
N PRO B 457 -21.96 -28.45 -19.58
CA PRO B 457 -23.39 -28.33 -19.89
C PRO B 457 -23.79 -26.96 -20.38
N ASP B 458 -24.67 -26.95 -21.39
CA ASP B 458 -25.33 -25.78 -21.95
C ASP B 458 -24.40 -24.58 -22.10
N VAL B 459 -23.16 -24.81 -22.52
CA VAL B 459 -22.19 -23.74 -22.71
C VAL B 459 -22.32 -23.21 -24.13
N THR B 460 -22.05 -21.92 -24.30
CA THR B 460 -22.05 -21.27 -25.60
C THR B 460 -20.64 -20.81 -25.92
N ILE B 461 -20.19 -21.10 -27.15
CA ILE B 461 -18.84 -20.72 -27.56
C ILE B 461 -18.77 -19.20 -27.68
N PRO B 462 -17.92 -18.53 -26.90
CA PRO B 462 -17.87 -17.08 -26.96
C PRO B 462 -17.19 -16.61 -28.23
N PRO B 463 -17.46 -15.37 -28.66
CA PRO B 463 -16.70 -14.80 -29.78
C PRO B 463 -15.22 -14.68 -29.49
N SER B 464 -14.82 -14.70 -28.21
CA SER B 464 -13.42 -14.55 -27.83
C SER B 464 -12.54 -15.69 -28.34
N ILE B 465 -13.15 -16.80 -28.80
CA ILE B 465 -12.38 -17.90 -29.35
C ILE B 465 -11.58 -17.48 -30.57
N ALA B 466 -12.00 -16.42 -31.26
CA ALA B 466 -11.25 -15.90 -32.39
C ALA B 466 -9.86 -15.43 -31.99
N GLN B 467 -9.68 -15.00 -30.74
CA GLN B 467 -8.34 -14.66 -30.25
C GLN B 467 -7.44 -15.87 -30.16
N LEU B 468 -8.00 -17.07 -30.04
CA LEU B 468 -7.22 -18.31 -29.97
C LEU B 468 -6.77 -18.68 -31.37
N THR B 469 -5.77 -17.94 -31.85
CA THR B 469 -5.29 -18.14 -33.22
C THR B 469 -4.69 -19.53 -33.41
N GLY B 470 -3.94 -20.01 -32.42
CA GLY B 470 -3.25 -21.28 -32.55
C GLY B 470 -4.10 -22.51 -32.32
N LEU B 471 -5.39 -22.33 -32.01
CA LEU B 471 -6.27 -23.47 -31.76
C LEU B 471 -6.34 -24.37 -32.98
N LYS B 472 -6.16 -25.67 -32.76
CA LYS B 472 -6.18 -26.64 -33.85
C LYS B 472 -7.11 -27.80 -33.56
N GLU B 473 -7.15 -28.25 -32.30
CA GLU B 473 -7.92 -29.42 -31.90
C GLU B 473 -8.98 -29.05 -30.88
N LEU B 474 -10.21 -29.45 -31.13
CA LEU B 474 -11.33 -29.25 -30.22
C LEU B 474 -11.90 -30.61 -29.85
N TRP B 475 -12.03 -30.87 -28.55
CA TRP B 475 -12.53 -32.15 -28.05
C TRP B 475 -13.82 -31.91 -27.29
N LEU B 476 -14.89 -32.61 -27.70
CA LEU B 476 -16.19 -32.52 -27.05
C LEU B 476 -16.58 -33.89 -26.53
N TYR B 477 -16.54 -34.06 -25.21
CA TYR B 477 -16.91 -35.30 -24.55
C TYR B 477 -18.33 -35.14 -24.00
N HIS B 478 -19.30 -35.75 -24.67
CA HIS B 478 -20.70 -35.77 -24.23
C HIS B 478 -21.25 -34.36 -23.99
N THR B 479 -20.80 -33.39 -24.79
CA THR B 479 -21.13 -31.98 -24.59
C THR B 479 -21.84 -31.46 -25.83
N ALA B 480 -23.02 -30.88 -25.65
CA ALA B 480 -23.72 -30.15 -26.69
C ALA B 480 -23.63 -28.66 -26.39
N ALA B 481 -22.99 -27.90 -27.29
CA ALA B 481 -22.70 -26.50 -27.06
C ALA B 481 -23.22 -25.65 -28.21
N LYS B 482 -23.58 -24.42 -27.90
CA LYS B 482 -23.95 -23.43 -28.90
C LYS B 482 -22.73 -22.58 -29.25
N ILE B 483 -22.86 -21.82 -30.33
CA ILE B 483 -21.73 -21.06 -30.87
C ILE B 483 -22.25 -19.78 -31.49
N GLU B 484 -21.49 -18.70 -31.31
CA GLU B 484 -21.80 -17.41 -31.91
C GLU B 484 -21.39 -17.37 -33.38
N ALA B 485 -21.98 -16.43 -34.12
CA ALA B 485 -21.65 -16.30 -35.53
C ALA B 485 -20.18 -15.97 -35.78
N PRO B 486 -19.56 -14.98 -35.11
CA PRO B 486 -18.12 -14.80 -35.31
C PRO B 486 -17.30 -16.00 -34.87
N ALA B 487 -17.71 -16.66 -33.78
CA ALA B 487 -17.02 -17.87 -33.35
C ALA B 487 -17.20 -18.99 -34.38
N LEU B 488 -18.40 -19.10 -34.96
CA LEU B 488 -18.62 -20.09 -36.00
C LEU B 488 -17.73 -19.82 -37.21
N ALA B 489 -17.60 -18.55 -37.61
CA ALA B 489 -16.73 -18.21 -38.73
C ALA B 489 -15.28 -18.54 -38.41
N PHE B 490 -14.83 -18.22 -37.20
CA PHE B 490 -13.44 -18.48 -36.83
C PHE B 490 -13.15 -19.97 -36.82
N LEU B 491 -14.07 -20.78 -36.30
CA LEU B 491 -13.86 -22.23 -36.31
C LEU B 491 -13.94 -22.78 -37.72
N ARG B 492 -14.79 -22.18 -38.57
CA ARG B 492 -14.85 -22.59 -39.96
C ARG B 492 -13.55 -22.29 -40.69
N GLU B 493 -12.85 -21.22 -40.31
CA GLU B 493 -11.64 -20.82 -41.02
C GLU B 493 -10.35 -21.28 -40.37
N ASN B 494 -10.38 -21.81 -39.14
CA ASN B 494 -9.15 -22.12 -38.43
C ASN B 494 -9.10 -23.51 -37.81
N LEU B 495 -10.24 -24.12 -37.48
CA LEU B 495 -10.21 -25.41 -36.79
C LEU B 495 -9.64 -26.50 -37.70
N ARG B 496 -8.89 -27.42 -37.09
CA ARG B 496 -8.26 -28.52 -37.80
C ARG B 496 -8.82 -29.88 -37.42
N ALA B 497 -8.86 -30.20 -36.13
CA ALA B 497 -9.32 -31.50 -35.66
C ALA B 497 -10.44 -31.33 -34.64
N LEU B 498 -11.45 -32.19 -34.75
CA LEU B 498 -12.58 -32.20 -33.83
C LEU B 498 -12.80 -33.61 -33.30
N HIS B 499 -12.88 -33.72 -31.98
CA HIS B 499 -13.08 -35.00 -31.31
C HIS B 499 -14.46 -34.99 -30.65
N ILE B 500 -15.39 -35.75 -31.22
CA ILE B 500 -16.76 -35.78 -30.72
C ILE B 500 -17.04 -37.11 -30.02
N LYS B 501 -17.00 -37.10 -28.70
CA LYS B 501 -17.48 -38.22 -27.90
C LYS B 501 -18.87 -37.85 -27.37
N PHE B 502 -19.87 -38.64 -27.77
CA PHE B 502 -21.25 -38.33 -27.42
C PHE B 502 -21.99 -39.62 -27.08
N THR B 503 -23.24 -39.48 -26.65
CA THR B 503 -24.10 -40.63 -26.40
C THR B 503 -25.52 -40.46 -26.93
N ASP B 504 -25.85 -39.32 -27.53
CA ASP B 504 -27.19 -39.07 -28.02
C ASP B 504 -27.13 -38.12 -29.20
N ILE B 505 -28.22 -38.09 -29.98
CA ILE B 505 -28.28 -37.25 -31.17
C ILE B 505 -28.15 -35.79 -30.81
N LYS B 506 -28.83 -35.35 -29.75
CA LYS B 506 -28.80 -33.96 -29.35
C LYS B 506 -27.43 -33.51 -28.87
N GLU B 507 -26.52 -34.44 -28.58
CA GLU B 507 -25.17 -34.11 -28.15
C GLU B 507 -24.25 -33.77 -29.32
N ILE B 508 -24.72 -33.90 -30.55
CA ILE B 508 -23.91 -33.63 -31.73
C ILE B 508 -24.22 -32.20 -32.19
N PRO B 509 -23.27 -31.28 -32.14
CA PRO B 509 -23.53 -29.91 -32.64
C PRO B 509 -23.84 -29.92 -34.13
N LEU B 510 -24.97 -29.32 -34.49
CA LEU B 510 -25.39 -29.30 -35.89
C LEU B 510 -24.54 -28.38 -36.75
N TRP B 511 -23.73 -27.51 -36.16
CA TRP B 511 -22.93 -26.55 -36.91
C TRP B 511 -21.55 -27.09 -37.29
N ILE B 512 -21.23 -28.33 -36.94
CA ILE B 512 -19.95 -28.91 -37.31
C ILE B 512 -19.85 -29.18 -38.81
N TYR B 513 -20.98 -29.26 -39.50
CA TYR B 513 -20.97 -29.53 -40.94
C TYR B 513 -20.41 -28.35 -41.74
N SER B 514 -20.49 -27.14 -41.21
CA SER B 514 -20.01 -25.96 -41.92
C SER B 514 -18.54 -25.65 -41.63
N LEU B 515 -17.91 -26.37 -40.71
CA LEU B 515 -16.50 -26.18 -40.40
C LEU B 515 -15.68 -26.86 -41.49
N LYS B 516 -15.58 -26.17 -42.64
CA LYS B 516 -15.00 -26.78 -43.83
C LYS B 516 -13.48 -26.90 -43.76
N THR B 517 -12.83 -26.28 -42.78
CA THR B 517 -11.40 -26.47 -42.56
C THR B 517 -11.10 -27.67 -41.69
N LEU B 518 -12.12 -28.37 -41.20
CA LEU B 518 -11.90 -29.57 -40.42
C LEU B 518 -11.32 -30.68 -41.28
N GLU B 519 -10.33 -31.39 -40.76
CA GLU B 519 -9.66 -32.44 -41.51
C GLU B 519 -9.68 -33.75 -40.74
N GLU B 520 -9.58 -33.68 -39.42
CA GLU B 520 -9.59 -34.87 -38.57
C GLU B 520 -10.91 -34.90 -37.79
N LEU B 521 -11.67 -35.98 -37.95
CA LEU B 521 -12.94 -36.15 -37.28
C LEU B 521 -12.90 -37.39 -36.40
N HIS B 522 -13.49 -37.27 -35.21
CA HIS B 522 -13.55 -38.38 -34.26
C HIS B 522 -14.98 -38.44 -33.74
N LEU B 523 -15.76 -39.38 -34.28
CA LEU B 523 -17.17 -39.53 -33.91
C LEU B 523 -17.31 -40.78 -33.03
N THR B 524 -17.32 -40.56 -31.72
CA THR B 524 -17.50 -41.64 -30.74
C THR B 524 -18.88 -41.48 -30.12
N GLY B 525 -19.76 -42.45 -30.37
CA GLY B 525 -21.11 -42.41 -29.83
C GLY B 525 -22.11 -43.17 -30.67
N ASN B 526 -23.01 -43.88 -30.02
CA ASN B 526 -23.95 -44.78 -30.70
C ASN B 526 -24.97 -43.94 -31.47
N LEU B 527 -24.72 -43.76 -32.77
CA LEU B 527 -25.62 -43.02 -33.64
C LEU B 527 -26.61 -43.92 -34.37
N SER B 528 -26.59 -45.22 -34.11
CA SER B 528 -27.49 -46.13 -34.79
C SER B 528 -28.92 -45.92 -34.29
N ALA B 529 -29.84 -45.72 -35.24
CA ALA B 529 -31.25 -45.51 -34.94
C ALA B 529 -32.10 -46.37 -35.86
N GLU B 530 -33.32 -46.65 -35.43
CA GLU B 530 -34.24 -47.48 -36.19
C GLU B 530 -35.05 -46.60 -37.14
N ASN B 531 -34.80 -46.76 -38.44
CA ASN B 531 -35.43 -45.99 -39.52
C ASN B 531 -35.07 -44.52 -39.49
N ASN B 532 -34.18 -44.09 -38.57
CA ASN B 532 -33.72 -42.71 -38.53
C ASN B 532 -32.20 -42.63 -38.60
N ARG B 533 -31.53 -43.74 -38.78
CA ARG B 533 -30.06 -43.75 -38.78
C ARG B 533 -29.51 -43.14 -40.05
N TYR B 534 -28.33 -42.53 -39.93
CA TYR B 534 -27.55 -42.05 -41.07
C TYR B 534 -28.30 -40.97 -41.85
N ILE B 535 -29.20 -40.28 -41.17
CA ILE B 535 -29.89 -39.12 -41.74
C ILE B 535 -29.30 -37.82 -41.22
N VAL B 536 -29.01 -37.77 -39.91
CA VAL B 536 -28.28 -36.64 -39.36
C VAL B 536 -26.85 -36.62 -39.90
N ILE B 537 -26.24 -37.80 -40.05
CA ILE B 537 -24.87 -37.89 -40.54
C ILE B 537 -24.78 -37.48 -42.01
N ASP B 538 -25.91 -37.38 -42.70
CA ASP B 538 -25.91 -36.93 -44.09
C ASP B 538 -25.32 -35.54 -44.23
N GLY B 539 -25.34 -34.74 -43.15
CA GLY B 539 -24.76 -33.41 -43.19
C GLY B 539 -23.26 -33.39 -43.27
N LEU B 540 -22.59 -34.53 -43.06
CA LEU B 540 -21.15 -34.60 -43.20
C LEU B 540 -20.70 -34.48 -44.65
N ARG B 541 -21.63 -34.55 -45.60
CA ARG B 541 -21.29 -34.43 -47.01
C ARG B 541 -20.69 -33.07 -47.35
N GLU B 542 -20.93 -32.05 -46.53
CA GLU B 542 -20.43 -30.71 -46.79
C GLU B 542 -18.96 -30.53 -46.40
N LEU B 543 -18.38 -31.48 -45.66
CA LEU B 543 -16.98 -31.41 -45.27
C LEU B 543 -16.12 -31.87 -46.44
N LYS B 544 -15.43 -30.94 -47.09
CA LYS B 544 -14.61 -31.26 -48.26
C LYS B 544 -13.13 -31.43 -47.92
N ARG B 545 -12.65 -30.77 -46.87
CA ARG B 545 -11.27 -30.93 -46.42
C ARG B 545 -11.10 -32.09 -45.45
N LEU B 546 -12.18 -32.82 -45.16
CA LEU B 546 -12.09 -33.96 -44.26
C LEU B 546 -11.25 -35.06 -44.90
N LYS B 547 -10.18 -35.46 -44.20
CA LYS B 547 -9.26 -36.47 -44.72
C LYS B 547 -9.09 -37.60 -43.73
N VAL B 548 -9.19 -37.30 -42.43
CA VAL B 548 -9.01 -38.28 -41.38
C VAL B 548 -10.34 -38.47 -40.67
N LEU B 549 -10.81 -39.71 -40.61
CA LEU B 549 -12.06 -40.06 -39.94
C LEU B 549 -11.80 -41.19 -38.95
N ARG B 550 -12.20 -40.97 -37.70
CA ARG B 550 -12.03 -41.95 -36.63
C ARG B 550 -13.41 -42.21 -36.03
N LEU B 551 -14.09 -43.25 -36.51
CA LEU B 551 -15.46 -43.55 -36.11
C LEU B 551 -15.47 -44.68 -35.10
N LYS B 552 -16.21 -44.50 -34.01
CA LYS B 552 -16.41 -45.53 -32.99
C LYS B 552 -17.85 -45.39 -32.50
N SER B 553 -18.75 -46.17 -33.11
CA SER B 553 -20.17 -46.04 -32.81
C SER B 553 -20.90 -47.38 -32.75
N ASN B 554 -20.18 -48.49 -32.60
CA ASN B 554 -20.77 -49.82 -32.64
C ASN B 554 -21.61 -50.01 -33.90
N LEU B 555 -20.96 -49.75 -35.04
CA LEU B 555 -21.65 -49.70 -36.33
C LEU B 555 -22.15 -51.09 -36.70
N SER B 556 -23.46 -51.29 -36.58
CA SER B 556 -24.09 -52.49 -37.11
C SER B 556 -24.40 -52.34 -38.60
N LYS B 557 -24.19 -51.16 -39.17
CA LYS B 557 -24.39 -50.91 -40.58
C LYS B 557 -23.38 -49.87 -41.05
N LEU B 558 -23.12 -49.86 -42.34
CA LEU B 558 -22.22 -48.87 -42.93
C LEU B 558 -23.04 -47.76 -43.59
N PRO B 559 -22.90 -46.51 -43.16
CA PRO B 559 -23.74 -45.45 -43.72
C PRO B 559 -23.48 -45.25 -45.21
N GLN B 560 -24.55 -44.91 -45.94
CA GLN B 560 -24.43 -44.62 -47.36
C GLN B 560 -23.69 -43.31 -47.60
N VAL B 561 -23.92 -42.32 -46.74
CA VAL B 561 -23.29 -41.02 -46.91
C VAL B 561 -21.77 -41.11 -46.73
N VAL B 562 -21.32 -41.96 -45.80
CA VAL B 562 -19.87 -42.13 -45.61
C VAL B 562 -19.23 -42.70 -46.87
N THR B 563 -19.88 -43.70 -47.48
CA THR B 563 -19.37 -44.25 -48.74
C THR B 563 -19.39 -43.20 -49.84
N ASP B 564 -20.45 -42.38 -49.90
CA ASP B 564 -20.54 -41.38 -50.95
C ASP B 564 -19.48 -40.30 -50.79
N VAL B 565 -19.10 -39.98 -49.55
CA VAL B 565 -18.10 -38.95 -49.30
C VAL B 565 -16.70 -39.49 -49.17
N GLY B 566 -16.52 -40.82 -49.20
CA GLY B 566 -15.20 -41.40 -49.16
C GLY B 566 -14.35 -41.08 -50.37
N VAL B 567 -14.95 -40.49 -51.41
CA VAL B 567 -14.21 -40.13 -52.60
C VAL B 567 -13.12 -39.10 -52.32
N HIS B 568 -13.23 -38.39 -51.19
CA HIS B 568 -12.18 -37.47 -50.76
C HIS B 568 -11.50 -37.87 -49.46
N LEU B 569 -12.05 -38.83 -48.73
CA LEU B 569 -11.40 -39.33 -47.52
C LEU B 569 -10.18 -40.17 -47.87
N GLN B 570 -9.24 -40.24 -46.94
CA GLN B 570 -8.05 -41.08 -47.08
C GLN B 570 -7.87 -42.06 -45.94
N LYS B 571 -8.47 -41.82 -44.78
CA LYS B 571 -8.38 -42.71 -43.63
C LYS B 571 -9.77 -42.97 -43.08
N LEU B 572 -10.06 -44.22 -42.76
CA LEU B 572 -11.37 -44.63 -42.23
C LEU B 572 -11.12 -45.64 -41.11
N SER B 573 -11.08 -45.15 -39.87
CA SER B 573 -10.90 -46.00 -38.70
C SER B 573 -12.26 -46.26 -38.07
N ILE B 574 -12.80 -47.45 -38.29
CA ILE B 574 -14.09 -47.85 -37.75
C ILE B 574 -13.86 -48.84 -36.61
N ASN B 575 -14.29 -48.45 -35.41
CA ASN B 575 -14.15 -49.29 -34.22
C ASN B 575 -15.54 -49.60 -33.68
N ASN B 576 -15.87 -50.88 -33.58
CA ASN B 576 -17.18 -51.30 -33.10
C ASN B 576 -17.14 -52.02 -31.76
N GLU B 577 -15.96 -52.16 -31.15
CA GLU B 577 -15.75 -52.82 -29.86
C GLU B 577 -16.61 -54.06 -29.67
N GLY B 578 -16.70 -54.90 -30.69
CA GLY B 578 -17.43 -56.14 -30.62
C GLY B 578 -18.74 -56.20 -31.40
N THR B 579 -19.06 -55.17 -32.18
CA THR B 579 -20.30 -55.13 -32.94
C THR B 579 -20.04 -55.54 -34.38
N LYS B 580 -20.94 -56.36 -34.92
CA LYS B 580 -20.80 -56.82 -36.30
C LYS B 580 -20.95 -55.65 -37.26
N LEU B 581 -20.08 -55.61 -38.26
CA LEU B 581 -20.07 -54.57 -39.28
C LEU B 581 -20.64 -55.12 -40.58
N ILE B 582 -21.60 -54.42 -41.16
CA ILE B 582 -22.19 -54.80 -42.44
C ILE B 582 -21.59 -53.89 -43.50
N VAL B 583 -20.68 -54.46 -44.30
CA VAL B 583 -20.06 -53.69 -45.38
C VAL B 583 -21.09 -53.38 -46.46
N LEU B 584 -22.02 -54.31 -46.72
CA LEU B 584 -23.09 -54.19 -47.71
C LEU B 584 -22.58 -53.68 -49.06
N ASN B 585 -21.37 -54.05 -49.44
CA ASN B 585 -20.76 -53.68 -50.71
C ASN B 585 -20.76 -52.15 -50.89
N SER B 586 -20.12 -51.48 -49.94
CA SER B 586 -20.07 -50.03 -49.91
C SER B 586 -18.67 -49.53 -49.58
N LEU B 587 -17.65 -50.20 -50.13
CA LEU B 587 -16.26 -49.82 -49.88
C LEU B 587 -15.43 -49.64 -51.14
N LYS B 588 -15.91 -50.07 -52.31
CA LYS B 588 -15.15 -49.92 -53.55
C LYS B 588 -15.39 -48.58 -54.23
N LYS B 589 -16.32 -47.76 -53.73
CA LYS B 589 -16.56 -46.45 -54.30
C LYS B 589 -15.61 -45.39 -53.77
N MET B 590 -15.05 -45.60 -52.57
CA MET B 590 -14.08 -44.67 -51.98
C MET B 590 -12.68 -45.04 -52.45
N VAL B 591 -12.42 -44.75 -53.73
CA VAL B 591 -11.14 -45.12 -54.32
C VAL B 591 -9.99 -44.32 -53.72
N ASN B 592 -10.26 -43.09 -53.28
CA ASN B 592 -9.20 -42.25 -52.74
C ASN B 592 -8.81 -42.60 -51.31
N LEU B 593 -9.52 -43.52 -50.67
CA LEU B 593 -9.15 -43.95 -49.33
C LEU B 593 -7.78 -44.63 -49.36
N THR B 594 -6.96 -44.35 -48.34
CA THR B 594 -5.61 -44.87 -48.28
C THR B 594 -5.32 -45.72 -47.05
N GLU B 595 -6.07 -45.53 -45.96
CA GLU B 595 -5.87 -46.31 -44.75
C GLU B 595 -7.21 -46.82 -44.24
N LEU B 596 -7.20 -48.02 -43.66
CA LEU B 596 -8.41 -48.65 -43.15
C LEU B 596 -8.11 -49.35 -41.85
N GLU B 597 -8.84 -48.99 -40.79
CA GLU B 597 -8.69 -49.60 -39.47
C GLU B 597 -10.04 -50.18 -39.06
N LEU B 598 -10.20 -51.47 -39.21
CA LEU B 598 -11.42 -52.20 -38.82
C LEU B 598 -11.09 -53.01 -37.59
N ILE B 599 -11.33 -52.44 -36.41
CA ILE B 599 -11.00 -53.05 -35.13
C ILE B 599 -12.30 -53.48 -34.47
N ARG B 600 -12.39 -54.76 -34.12
CA ARG B 600 -13.56 -55.33 -33.44
C ARG B 600 -14.85 -55.05 -34.21
N CYS B 601 -14.77 -55.20 -35.53
CA CYS B 601 -15.93 -55.05 -36.39
C CYS B 601 -16.63 -56.36 -36.68
N ASP B 602 -16.04 -57.49 -36.28
CA ASP B 602 -16.65 -58.81 -36.38
C ASP B 602 -17.07 -59.13 -37.83
N LEU B 603 -16.06 -59.13 -38.70
CA LEU B 603 -16.29 -59.47 -40.11
C LEU B 603 -16.33 -60.98 -40.32
N GLU B 604 -15.46 -61.72 -39.63
CA GLU B 604 -15.28 -63.17 -39.73
C GLU B 604 -14.70 -63.59 -41.07
N ARG B 605 -14.51 -62.66 -42.01
CA ARG B 605 -13.93 -62.94 -43.32
C ARG B 605 -13.65 -61.61 -44.01
N ILE B 606 -12.51 -61.52 -44.68
CA ILE B 606 -12.10 -60.30 -45.36
C ILE B 606 -12.99 -60.07 -46.56
N PRO B 607 -13.64 -58.90 -46.68
CA PRO B 607 -14.49 -58.64 -47.84
C PRO B 607 -13.68 -58.45 -49.10
N HIS B 608 -14.35 -58.59 -50.25
CA HIS B 608 -13.72 -58.49 -51.55
C HIS B 608 -13.41 -57.05 -51.94
N SER B 609 -13.90 -56.06 -51.20
CA SER B 609 -13.70 -54.66 -51.56
C SER B 609 -12.40 -54.08 -51.04
N ILE B 610 -11.69 -54.80 -50.17
CA ILE B 610 -10.44 -54.27 -49.63
C ILE B 610 -9.36 -54.27 -50.71
N PHE B 611 -9.32 -55.30 -51.55
CA PHE B 611 -8.28 -55.42 -52.56
C PHE B 611 -8.37 -54.31 -53.60
N SER B 612 -9.56 -53.77 -53.84
CA SER B 612 -9.73 -52.69 -54.80
C SER B 612 -9.14 -51.37 -54.32
N LEU B 613 -8.75 -51.29 -53.04
CA LEU B 613 -8.18 -50.06 -52.48
C LEU B 613 -6.69 -50.04 -52.80
N HIS B 614 -6.37 -49.69 -54.04
CA HIS B 614 -4.98 -49.72 -54.50
C HIS B 614 -4.12 -48.69 -53.79
N ASN B 615 -4.72 -47.72 -53.12
CA ASN B 615 -3.98 -46.71 -52.38
C ASN B 615 -3.63 -47.16 -50.97
N LEU B 616 -4.03 -48.36 -50.57
CA LEU B 616 -3.78 -48.84 -49.21
C LEU B 616 -2.28 -49.03 -48.97
N GLN B 617 -1.82 -48.57 -47.82
CA GLN B 617 -0.43 -48.78 -47.40
C GLN B 617 -0.33 -49.37 -46.00
N GLU B 618 -1.21 -48.97 -45.08
CA GLU B 618 -1.24 -49.51 -43.73
C GLU B 618 -2.64 -50.04 -43.45
N ILE B 619 -2.72 -51.31 -43.03
CA ILE B 619 -3.98 -52.00 -42.83
C ILE B 619 -4.06 -52.48 -41.38
N ASP B 620 -5.19 -52.24 -40.73
CA ASP B 620 -5.45 -52.68 -39.37
C ASP B 620 -6.74 -53.48 -39.35
N LEU B 621 -6.65 -54.74 -38.95
CA LEU B 621 -7.81 -55.63 -38.83
C LEU B 621 -7.80 -56.33 -37.48
N LYS B 622 -7.57 -55.55 -36.42
CA LYS B 622 -7.39 -56.09 -35.08
C LYS B 622 -8.69 -56.64 -34.51
N ASP B 623 -8.58 -57.80 -33.86
CA ASP B 623 -9.69 -58.39 -33.10
C ASP B 623 -10.94 -58.56 -33.96
N ASN B 624 -10.77 -59.09 -35.17
CA ASN B 624 -11.89 -59.41 -36.03
C ASN B 624 -12.26 -60.89 -35.99
N ASN B 625 -11.63 -61.66 -35.11
CA ASN B 625 -11.87 -63.11 -34.99
C ASN B 625 -11.70 -63.82 -36.33
N LEU B 626 -10.71 -63.40 -37.11
CA LEU B 626 -10.46 -64.02 -38.42
C LEU B 626 -9.74 -65.35 -38.24
N LYS B 627 -10.22 -66.36 -38.94
CA LYS B 627 -9.63 -67.70 -38.91
C LYS B 627 -8.69 -67.99 -40.07
N THR B 628 -8.99 -67.47 -41.26
CA THR B 628 -8.17 -67.70 -42.44
C THR B 628 -7.80 -66.36 -43.08
N ILE B 629 -6.55 -66.24 -43.49
CA ILE B 629 -6.08 -65.05 -44.20
C ILE B 629 -5.48 -65.46 -45.54
N GLU B 630 -5.99 -66.57 -46.10
CA GLU B 630 -5.56 -67.00 -47.43
C GLU B 630 -5.95 -66.01 -48.50
N GLU B 631 -6.88 -65.09 -48.21
CA GLU B 631 -7.32 -64.09 -49.17
C GLU B 631 -6.22 -63.08 -49.46
N ILE B 632 -5.03 -63.28 -48.90
CA ILE B 632 -3.87 -62.46 -49.20
C ILE B 632 -3.48 -62.60 -50.67
N ILE B 633 -3.98 -63.62 -51.37
CA ILE B 633 -3.71 -63.76 -52.79
C ILE B 633 -4.27 -62.57 -53.56
N SER B 634 -5.48 -62.14 -53.21
CA SER B 634 -6.07 -60.96 -53.83
C SER B 634 -5.41 -59.66 -53.37
N PHE B 635 -4.62 -59.70 -52.30
CA PHE B 635 -3.86 -58.53 -51.86
C PHE B 635 -2.71 -58.20 -52.78
N GLN B 636 -2.38 -59.07 -53.74
CA GLN B 636 -1.29 -58.81 -54.66
C GLN B 636 -1.57 -57.58 -55.53
N HIS B 637 -2.83 -57.16 -55.65
CA HIS B 637 -3.14 -55.89 -56.29
C HIS B 637 -2.55 -54.70 -55.55
N LEU B 638 -2.19 -54.89 -54.27
CA LEU B 638 -1.63 -53.82 -53.44
C LEU B 638 -0.11 -53.95 -53.43
N HIS B 639 0.51 -53.43 -54.48
CA HIS B 639 1.97 -53.33 -54.50
C HIS B 639 2.49 -52.19 -53.64
N ARG B 640 1.60 -51.28 -53.20
CA ARG B 640 1.97 -50.18 -52.33
C ARG B 640 1.75 -50.50 -50.85
N LEU B 641 1.36 -51.73 -50.53
CA LEU B 641 1.09 -52.10 -49.15
C LEU B 641 2.38 -52.20 -48.35
N THR B 642 2.74 -51.12 -47.64
CA THR B 642 3.98 -51.09 -46.88
C THR B 642 3.95 -52.09 -45.73
N CYS B 643 2.82 -52.20 -45.04
CA CYS B 643 2.72 -53.00 -43.83
C CYS B 643 1.43 -53.82 -43.84
N LEU B 644 1.47 -54.95 -43.14
CA LEU B 644 0.32 -55.82 -42.95
C LEU B 644 0.19 -56.15 -41.48
N LYS B 645 -1.03 -56.07 -40.95
CA LYS B 645 -1.29 -56.28 -39.53
C LYS B 645 -2.57 -57.11 -39.37
N LEU B 646 -2.43 -58.30 -38.77
CA LEU B 646 -3.57 -59.18 -38.54
C LEU B 646 -3.56 -59.78 -37.13
N TRP B 647 -2.97 -59.09 -36.15
CA TRP B 647 -2.80 -59.69 -34.83
C TRP B 647 -4.07 -59.54 -34.00
N TYR B 648 -4.05 -60.11 -32.80
CA TYR B 648 -5.22 -60.19 -31.92
C TYR B 648 -6.39 -60.90 -32.60
N ASN B 649 -6.08 -61.91 -33.41
CA ASN B 649 -7.09 -62.65 -34.15
C ASN B 649 -6.89 -64.14 -33.91
N HIS B 650 -7.62 -64.96 -34.66
CA HIS B 650 -7.57 -66.41 -34.56
C HIS B 650 -6.70 -67.05 -35.63
N ILE B 651 -5.62 -66.38 -36.04
CA ILE B 651 -4.73 -66.90 -37.08
C ILE B 651 -4.01 -68.13 -36.54
N ALA B 652 -4.44 -69.31 -36.97
CA ALA B 652 -3.82 -70.55 -36.53
C ALA B 652 -2.53 -70.86 -37.27
N TYR B 653 -2.43 -70.49 -38.53
CA TYR B 653 -1.20 -70.66 -39.29
C TYR B 653 -1.15 -69.57 -40.36
N ILE B 654 0.06 -69.30 -40.84
CA ILE B 654 0.31 -68.27 -41.84
C ILE B 654 0.35 -68.93 -43.21
N PRO B 655 -0.52 -68.55 -44.14
CA PRO B 655 -0.54 -69.20 -45.46
C PRO B 655 0.74 -68.93 -46.23
N ILE B 656 1.04 -69.85 -47.15
CA ILE B 656 2.22 -69.71 -47.99
C ILE B 656 2.09 -68.52 -48.94
N GLN B 657 0.84 -68.09 -49.19
CA GLN B 657 0.61 -67.02 -50.16
C GLN B 657 1.03 -65.65 -49.64
N ILE B 658 1.15 -65.49 -48.33
CA ILE B 658 1.41 -64.17 -47.76
C ILE B 658 2.75 -63.59 -48.21
N GLY B 659 3.69 -64.44 -48.63
CA GLY B 659 5.01 -63.97 -49.01
C GLY B 659 5.11 -63.38 -50.39
N ASN B 660 4.03 -63.41 -51.18
CA ASN B 660 4.08 -62.88 -52.54
C ASN B 660 4.25 -61.37 -52.56
N LEU B 661 3.67 -60.66 -51.60
CA LEU B 661 3.82 -59.21 -51.55
C LEU B 661 5.21 -58.84 -51.07
N THR B 662 6.14 -58.63 -52.02
CA THR B 662 7.53 -58.36 -51.68
C THR B 662 7.75 -56.98 -51.09
N ASN B 663 6.73 -56.10 -51.11
CA ASN B 663 6.87 -54.73 -50.69
C ASN B 663 6.53 -54.51 -49.22
N LEU B 664 6.23 -55.60 -48.49
CA LEU B 664 5.92 -55.46 -47.07
C LEU B 664 7.15 -55.02 -46.29
N GLU B 665 6.94 -54.09 -45.36
CA GLU B 665 8.03 -53.55 -44.56
C GLU B 665 7.82 -53.71 -43.05
N ARG B 666 6.59 -53.78 -42.56
CA ARG B 666 6.31 -53.98 -41.16
C ARG B 666 5.28 -55.07 -40.98
N LEU B 667 5.40 -55.83 -39.90
CA LEU B 667 4.50 -56.94 -39.61
C LEU B 667 4.33 -57.07 -38.12
N TYR B 668 3.11 -57.39 -37.69
CA TYR B 668 2.78 -57.58 -36.28
C TYR B 668 1.70 -58.65 -36.19
N LEU B 669 2.07 -59.85 -35.77
CA LEU B 669 1.14 -60.97 -35.63
C LEU B 669 1.22 -61.57 -34.24
N ASN B 670 1.22 -60.70 -33.23
CA ASN B 670 1.34 -61.12 -31.84
C ASN B 670 -0.01 -61.53 -31.27
N ARG B 671 0.04 -62.40 -30.25
CA ARG B 671 -1.14 -62.93 -29.58
C ARG B 671 -2.11 -63.57 -30.56
N ASN B 672 -1.58 -64.49 -31.37
CA ASN B 672 -2.37 -65.33 -32.26
C ASN B 672 -2.09 -66.79 -31.94
N LYS B 673 -2.85 -67.68 -32.58
CA LYS B 673 -2.69 -69.12 -32.41
C LYS B 673 -1.74 -69.71 -33.44
N ILE B 674 -0.79 -68.90 -33.92
CA ILE B 674 0.22 -69.34 -34.86
C ILE B 674 1.17 -70.31 -34.17
N GLU B 675 1.51 -71.39 -34.85
CA GLU B 675 2.42 -72.40 -34.33
C GLU B 675 3.67 -72.60 -35.18
N LYS B 676 3.57 -72.50 -36.49
CA LYS B 676 4.73 -72.61 -37.38
C LYS B 676 4.67 -71.51 -38.43
N ILE B 677 5.78 -70.82 -38.61
CA ILE B 677 5.88 -69.74 -39.58
C ILE B 677 6.48 -70.32 -40.86
N PRO B 678 5.77 -70.24 -41.99
CA PRO B 678 6.35 -70.77 -43.24
C PRO B 678 7.50 -69.91 -43.73
N THR B 679 8.40 -70.54 -44.49
CA THR B 679 9.49 -69.80 -45.12
C THR B 679 8.98 -68.84 -46.18
N GLN B 680 7.75 -69.04 -46.67
CA GLN B 680 7.20 -68.16 -47.70
C GLN B 680 7.07 -66.73 -47.18
N LEU B 681 6.62 -66.56 -45.93
CA LEU B 681 6.46 -65.22 -45.37
C LEU B 681 7.78 -64.47 -45.35
N PHE B 682 8.90 -65.17 -45.18
CA PHE B 682 10.21 -64.54 -45.13
C PHE B 682 10.75 -64.19 -46.52
N TYR B 683 9.91 -64.22 -47.56
CA TYR B 683 10.34 -63.81 -48.88
C TYR B 683 10.12 -62.32 -49.13
N CYS B 684 9.56 -61.61 -48.16
CA CYS B 684 9.45 -60.15 -48.20
C CYS B 684 10.62 -59.59 -47.42
N ARG B 685 11.79 -59.59 -48.06
CA ARG B 685 13.05 -59.35 -47.36
C ARG B 685 13.19 -57.92 -46.84
N LYS B 686 12.35 -56.99 -47.28
CA LYS B 686 12.41 -55.62 -46.79
C LYS B 686 11.57 -55.39 -45.54
N LEU B 687 11.23 -56.45 -44.82
CA LEU B 687 10.51 -56.30 -43.56
C LEU B 687 11.43 -55.73 -42.48
N ARG B 688 10.91 -54.78 -41.71
CA ARG B 688 11.74 -54.06 -40.75
C ARG B 688 11.28 -54.27 -39.31
N TYR B 689 10.00 -54.55 -39.11
CA TYR B 689 9.45 -54.76 -37.77
C TYR B 689 8.67 -56.07 -37.74
N LEU B 690 8.75 -56.75 -36.60
CA LEU B 690 8.11 -58.06 -36.45
C LEU B 690 7.85 -58.30 -34.96
N ASP B 691 6.57 -58.43 -34.59
CA ASP B 691 6.17 -58.75 -33.23
C ASP B 691 5.42 -60.07 -33.27
N LEU B 692 5.99 -61.09 -32.63
CA LEU B 692 5.41 -62.43 -32.60
C LEU B 692 5.21 -62.93 -31.17
N SER B 693 4.98 -62.01 -30.24
CA SER B 693 4.80 -62.38 -28.85
C SER B 693 3.45 -63.08 -28.64
N HIS B 694 3.36 -63.81 -27.53
CA HIS B 694 2.13 -64.51 -27.13
C HIS B 694 1.64 -65.45 -28.22
N ASN B 695 2.55 -66.18 -28.84
CA ASN B 695 2.22 -67.13 -29.89
C ASN B 695 2.71 -68.52 -29.51
N ASN B 696 2.08 -69.53 -30.12
CA ASN B 696 2.40 -70.92 -29.88
C ASN B 696 3.60 -71.41 -30.67
N LEU B 697 4.41 -70.50 -31.20
CA LEU B 697 5.58 -70.88 -31.98
C LEU B 697 6.58 -71.61 -31.10
N THR B 698 7.19 -72.66 -31.64
CA THR B 698 8.15 -73.48 -30.91
C THR B 698 9.58 -73.26 -31.35
N PHE B 699 9.84 -73.22 -32.66
CA PHE B 699 11.18 -72.97 -33.17
C PHE B 699 11.11 -72.01 -34.34
N LEU B 700 12.14 -71.18 -34.47
CA LEU B 700 12.23 -70.25 -35.58
C LEU B 700 12.85 -70.96 -36.79
N PRO B 701 12.19 -70.94 -37.95
CA PRO B 701 12.75 -71.64 -39.12
C PRO B 701 14.05 -71.00 -39.58
N ALA B 702 14.79 -71.74 -40.42
CA ALA B 702 16.09 -71.27 -40.89
C ALA B 702 15.97 -70.01 -41.75
N ASP B 703 14.78 -69.70 -42.25
CA ASP B 703 14.63 -68.56 -43.14
C ASP B 703 14.64 -67.22 -42.39
N ILE B 704 14.64 -67.25 -41.05
CA ILE B 704 14.68 -66.02 -40.26
C ILE B 704 15.96 -65.24 -40.51
N GLY B 705 17.05 -65.92 -40.88
CA GLY B 705 18.33 -65.25 -41.06
C GLY B 705 18.43 -64.45 -42.34
N LEU B 706 17.45 -64.56 -43.23
CA LEU B 706 17.44 -63.82 -44.48
C LEU B 706 16.68 -62.51 -44.38
N LEU B 707 16.17 -62.17 -43.21
CA LEU B 707 15.50 -60.88 -42.99
C LEU B 707 16.46 -59.95 -42.26
N GLN B 708 17.34 -59.33 -43.04
CA GLN B 708 18.37 -58.45 -42.47
C GLN B 708 17.81 -57.12 -42.03
N ASN B 709 16.79 -56.61 -42.71
CA ASN B 709 16.25 -55.28 -42.43
C ASN B 709 15.51 -55.19 -41.09
N LEU B 710 15.26 -56.32 -40.43
CA LEU B 710 14.48 -56.31 -39.21
C LEU B 710 15.20 -55.55 -38.10
N GLN B 711 14.44 -54.79 -37.32
CA GLN B 711 14.96 -54.04 -36.18
C GLN B 711 14.40 -54.52 -34.85
N ASN B 712 13.07 -54.61 -34.73
CA ASN B 712 12.42 -54.99 -33.48
C ASN B 712 11.82 -56.37 -33.62
N LEU B 713 12.19 -57.27 -32.71
CA LEU B 713 11.62 -58.61 -32.66
C LEU B 713 11.12 -58.89 -31.25
N ALA B 714 9.83 -59.20 -31.13
CA ALA B 714 9.21 -59.50 -29.84
C ALA B 714 8.63 -60.90 -29.89
N VAL B 715 9.09 -61.77 -29.01
CA VAL B 715 8.65 -63.16 -28.97
C VAL B 715 8.23 -63.50 -27.54
N THR B 716 7.85 -62.47 -26.78
CA THR B 716 7.50 -62.64 -25.37
C THR B 716 6.38 -63.66 -25.20
N ALA B 717 6.54 -64.54 -24.21
CA ALA B 717 5.54 -65.55 -23.87
C ALA B 717 5.29 -66.49 -25.03
N ASN B 718 6.37 -67.11 -25.52
CA ASN B 718 6.28 -68.11 -26.58
C ASN B 718 6.88 -69.43 -26.13
N ARG B 719 6.86 -70.44 -27.01
CA ARG B 719 7.39 -71.75 -26.70
C ARG B 719 8.74 -71.96 -27.38
N ILE B 720 9.57 -70.91 -27.41
CA ILE B 720 10.85 -70.97 -28.09
C ILE B 720 11.85 -71.65 -27.15
N GLU B 721 11.97 -72.97 -27.28
CA GLU B 721 12.86 -73.73 -26.42
C GLU B 721 14.32 -73.43 -26.73
N ALA B 722 14.65 -73.33 -28.01
CA ALA B 722 16.02 -73.08 -28.45
C ALA B 722 16.05 -71.91 -29.41
N LEU B 723 17.07 -71.05 -29.26
CA LEU B 723 17.25 -69.90 -30.14
C LEU B 723 18.15 -70.31 -31.29
N PRO B 724 17.66 -70.38 -32.52
CA PRO B 724 18.50 -70.80 -33.65
C PRO B 724 19.58 -69.78 -33.94
N PRO B 725 20.75 -70.23 -34.40
CA PRO B 725 21.83 -69.28 -34.75
C PRO B 725 21.49 -68.37 -35.92
N GLU B 726 20.47 -68.70 -36.72
CA GLU B 726 20.15 -67.89 -37.89
C GLU B 726 19.72 -66.48 -37.51
N LEU B 727 19.11 -66.31 -36.34
CA LEU B 727 18.60 -65.00 -35.95
C LEU B 727 19.70 -63.96 -35.79
N PHE B 728 20.93 -64.40 -35.54
CA PHE B 728 22.04 -63.48 -35.33
C PHE B 728 22.60 -62.91 -36.62
N GLN B 729 22.11 -63.38 -37.77
CA GLN B 729 22.52 -62.81 -39.06
C GLN B 729 21.93 -61.42 -39.30
N CYS B 730 20.89 -61.04 -38.55
CA CYS B 730 20.27 -59.72 -38.69
C CYS B 730 21.18 -58.70 -38.03
N ARG B 731 22.13 -58.18 -38.81
CA ARG B 731 23.17 -57.31 -38.26
C ARG B 731 22.64 -55.98 -37.75
N LYS B 732 21.42 -55.60 -38.11
CA LYS B 732 20.81 -54.36 -37.65
C LYS B 732 19.52 -54.64 -36.87
N LEU B 733 19.54 -55.67 -36.04
CA LEU B 733 18.38 -56.02 -35.21
C LEU B 733 18.46 -55.18 -33.94
N ARG B 734 17.60 -54.16 -33.85
CA ARG B 734 17.74 -53.17 -32.79
C ARG B 734 17.12 -53.65 -31.49
N ALA B 735 15.81 -53.89 -31.50
CA ALA B 735 15.06 -54.17 -30.28
C ALA B 735 14.71 -55.65 -30.22
N LEU B 736 14.92 -56.23 -29.03
CA LEU B 736 14.58 -57.63 -28.78
C LEU B 736 13.71 -57.71 -27.53
N HIS B 737 12.67 -58.55 -27.60
CA HIS B 737 11.78 -58.79 -26.47
C HIS B 737 11.68 -60.30 -26.31
N LEU B 738 12.63 -60.88 -25.58
CA LEU B 738 12.70 -62.33 -25.39
C LEU B 738 12.26 -62.76 -24.01
N GLY B 739 11.69 -61.85 -23.21
CA GLY B 739 11.29 -62.18 -21.86
C GLY B 739 10.08 -63.10 -21.79
N ASN B 740 9.95 -63.75 -20.64
CA ASN B 740 8.86 -64.68 -20.35
C ASN B 740 8.78 -65.84 -21.34
N ASN B 741 9.87 -66.11 -22.05
CA ASN B 741 9.96 -67.23 -22.97
C ASN B 741 10.48 -68.47 -22.23
N VAL B 742 10.72 -69.54 -22.97
CA VAL B 742 11.27 -70.76 -22.39
C VAL B 742 12.68 -70.97 -22.93
N LEU B 743 13.38 -69.87 -23.23
CA LEU B 743 14.75 -69.95 -23.71
C LEU B 743 15.66 -70.61 -22.68
N GLN B 744 16.17 -71.80 -23.01
CA GLN B 744 17.07 -72.50 -22.10
C GLN B 744 18.39 -71.77 -21.93
N SER B 745 18.93 -71.24 -23.02
CA SER B 745 20.22 -70.55 -22.96
C SER B 745 20.30 -69.54 -24.10
N LEU B 746 21.10 -68.51 -23.90
CA LEU B 746 21.31 -67.49 -24.93
C LEU B 746 22.65 -67.71 -25.62
N PRO B 747 22.68 -67.95 -26.93
CA PRO B 747 23.96 -68.17 -27.60
C PRO B 747 24.85 -66.93 -27.57
N SER B 748 26.16 -67.17 -27.69
CA SER B 748 27.13 -66.09 -27.63
C SER B 748 27.19 -65.27 -28.91
N ARG B 749 26.48 -65.68 -29.97
CA ARG B 749 26.49 -64.94 -31.23
C ARG B 749 25.71 -63.63 -31.14
N VAL B 750 25.06 -63.34 -30.02
CA VAL B 750 24.30 -62.10 -29.89
C VAL B 750 25.22 -60.89 -29.93
N GLY B 751 26.49 -61.06 -29.54
CA GLY B 751 27.44 -59.96 -29.59
C GLY B 751 27.76 -59.48 -30.99
N GLU B 752 27.46 -60.30 -32.01
CA GLU B 752 27.70 -59.89 -33.39
C GLU B 752 26.80 -58.75 -33.83
N LEU B 753 25.76 -58.42 -33.06
CA LEU B 753 24.83 -57.36 -33.41
C LEU B 753 25.34 -56.06 -32.80
N THR B 754 25.70 -55.11 -33.67
CA THR B 754 26.21 -53.82 -33.20
C THR B 754 25.12 -52.76 -33.09
N ASN B 755 23.92 -53.05 -33.60
CA ASN B 755 22.82 -52.10 -33.58
C ASN B 755 21.79 -52.38 -32.49
N LEU B 756 22.16 -53.16 -31.47
CA LEU B 756 21.22 -53.53 -30.43
C LEU B 756 20.71 -52.31 -29.67
N THR B 757 19.41 -52.26 -29.46
CA THR B 757 18.76 -51.15 -28.75
C THR B 757 18.14 -51.58 -27.42
N GLN B 758 17.40 -52.69 -27.41
CA GLN B 758 16.72 -53.14 -26.19
C GLN B 758 16.60 -54.65 -26.21
N ILE B 759 16.83 -55.26 -25.05
CA ILE B 759 16.65 -56.70 -24.86
C ILE B 759 15.84 -56.93 -23.60
N GLU B 760 14.79 -57.73 -23.72
CA GLU B 760 13.95 -58.13 -22.59
C GLU B 760 14.20 -59.60 -22.30
N LEU B 761 14.57 -59.91 -21.05
CA LEU B 761 14.95 -61.28 -20.73
C LEU B 761 14.39 -61.74 -19.38
N ARG B 762 13.29 -61.16 -18.91
CA ARG B 762 12.73 -61.55 -17.62
C ARG B 762 11.74 -62.68 -17.80
N GLY B 763 11.81 -63.67 -16.92
CA GLY B 763 10.90 -64.80 -16.96
C GLY B 763 11.38 -65.98 -17.77
N ASN B 764 12.52 -65.89 -18.42
CA ASN B 764 13.07 -66.99 -19.20
C ASN B 764 13.84 -67.95 -18.32
N ARG B 765 13.96 -69.19 -18.78
CA ARG B 765 14.74 -70.19 -18.06
C ARG B 765 16.22 -70.09 -18.43
N LEU B 766 16.77 -68.90 -18.30
CA LEU B 766 18.18 -68.65 -18.55
C LEU B 766 18.96 -68.70 -17.24
N GLU B 767 20.24 -69.09 -17.34
CA GLU B 767 21.10 -69.20 -16.17
C GLU B 767 22.22 -68.18 -16.12
N CYS B 768 22.76 -67.74 -17.26
CA CYS B 768 23.87 -66.80 -17.26
C CYS B 768 23.84 -65.99 -18.53
N LEU B 769 24.02 -64.68 -18.39
CA LEU B 769 24.12 -63.80 -19.56
C LEU B 769 25.49 -63.96 -20.21
N PRO B 770 25.55 -64.21 -21.52
CA PRO B 770 26.85 -64.37 -22.17
C PRO B 770 27.66 -63.09 -22.12
N VAL B 771 28.99 -63.24 -22.12
CA VAL B 771 29.88 -62.09 -22.05
C VAL B 771 29.74 -61.22 -23.30
N GLU B 772 29.52 -61.86 -24.46
CA GLU B 772 29.36 -61.10 -25.69
C GLU B 772 28.05 -60.30 -25.72
N LEU B 773 27.11 -60.61 -24.83
CA LEU B 773 25.85 -59.87 -24.81
C LEU B 773 26.06 -58.41 -24.43
N GLY B 774 26.98 -58.14 -23.50
CA GLY B 774 27.25 -56.81 -23.01
C GLY B 774 28.25 -56.00 -23.80
N GLU B 775 28.73 -56.49 -24.94
CA GLU B 775 29.72 -55.79 -25.75
C GLU B 775 29.09 -54.88 -26.79
N CYS B 776 27.77 -54.84 -26.87
CA CYS B 776 27.11 -53.99 -27.85
C CYS B 776 27.29 -52.52 -27.49
N PRO B 777 27.86 -51.71 -28.39
CA PRO B 777 28.08 -50.29 -28.05
C PRO B 777 26.82 -49.53 -27.73
N LEU B 778 25.70 -49.87 -28.35
CA LEU B 778 24.44 -49.18 -28.14
C LEU B 778 23.57 -49.80 -27.06
N LEU B 779 24.06 -50.84 -26.38
CA LEU B 779 23.29 -51.47 -25.32
C LEU B 779 23.55 -50.80 -23.98
N LYS B 780 22.48 -50.56 -23.23
CA LYS B 780 22.55 -49.96 -21.90
C LYS B 780 21.67 -50.74 -20.94
N ARG B 781 21.69 -50.35 -19.67
CA ARG B 781 20.82 -50.99 -18.69
C ARG B 781 19.35 -50.74 -19.03
N SER B 782 19.03 -49.56 -19.56
CA SER B 782 17.68 -49.29 -20.02
C SER B 782 17.26 -50.29 -21.09
N GLY B 783 18.16 -50.59 -22.03
CA GLY B 783 17.89 -51.61 -23.02
C GLY B 783 18.02 -53.04 -22.53
N LEU B 784 18.71 -53.25 -21.41
CA LEU B 784 18.95 -54.57 -20.86
C LEU B 784 18.04 -54.74 -19.65
N VAL B 785 16.83 -55.22 -19.88
CA VAL B 785 15.87 -55.48 -18.82
C VAL B 785 15.89 -56.97 -18.52
N VAL B 786 16.31 -57.32 -17.30
CA VAL B 786 16.53 -58.72 -16.92
C VAL B 786 16.45 -58.81 -15.40
N GLU B 787 16.27 -60.03 -14.90
CA GLU B 787 16.22 -60.26 -13.46
C GLU B 787 17.56 -59.94 -12.82
N GLU B 788 17.54 -59.86 -11.49
CA GLU B 788 18.76 -59.55 -10.74
C GLU B 788 19.77 -60.70 -10.84
N ASP B 789 19.29 -61.94 -10.72
CA ASP B 789 20.19 -63.09 -10.75
C ASP B 789 20.91 -63.20 -12.09
N LEU B 790 20.19 -63.01 -13.19
CA LEU B 790 20.82 -63.07 -14.51
C LEU B 790 21.74 -61.89 -14.73
N PHE B 791 21.34 -60.70 -14.26
CA PHE B 791 22.19 -59.52 -14.37
C PHE B 791 23.45 -59.65 -13.53
N SER B 792 23.45 -60.53 -12.52
CA SER B 792 24.65 -60.76 -11.72
C SER B 792 25.75 -61.46 -12.50
N THR B 793 25.47 -61.97 -13.69
CA THR B 793 26.47 -62.68 -14.48
C THR B 793 27.54 -61.76 -15.06
N LEU B 794 27.21 -60.51 -15.37
CA LEU B 794 28.16 -59.63 -16.00
C LEU B 794 29.36 -59.37 -15.09
N PRO B 795 30.56 -59.35 -15.65
CA PRO B 795 31.75 -59.02 -14.84
C PRO B 795 31.67 -57.61 -14.30
N PRO B 796 32.40 -57.30 -13.23
CA PRO B 796 32.32 -55.96 -12.64
C PRO B 796 32.64 -54.84 -13.61
N GLU B 797 33.60 -55.06 -14.52
CA GLU B 797 33.88 -54.06 -15.55
C GLU B 797 32.68 -53.87 -16.47
N VAL B 798 32.06 -54.96 -16.90
CA VAL B 798 30.88 -54.86 -17.76
C VAL B 798 29.73 -54.19 -17.03
N LYS B 799 29.53 -54.54 -15.76
CA LYS B 799 28.48 -53.91 -14.97
C LYS B 799 28.71 -52.41 -14.85
N GLU B 800 29.95 -52.01 -14.56
CA GLU B 800 30.27 -50.60 -14.44
C GLU B 800 30.04 -49.87 -15.76
N ARG B 801 30.45 -50.49 -16.87
CA ARG B 801 30.24 -49.85 -18.17
C ARG B 801 28.75 -49.70 -18.48
N LEU B 802 27.95 -50.73 -18.19
CA LEU B 802 26.52 -50.65 -18.45
C LEU B 802 25.85 -49.58 -17.59
N TRP B 803 26.22 -49.52 -16.30
CA TRP B 803 25.62 -48.52 -15.43
C TRP B 803 26.03 -47.10 -15.84
N ARG B 804 27.30 -46.91 -16.23
CA ARG B 804 27.74 -45.60 -16.69
C ARG B 804 27.03 -45.21 -17.98
N ALA B 805 26.85 -46.16 -18.90
CA ALA B 805 26.15 -45.86 -20.14
C ALA B 805 24.69 -45.49 -19.89
N ASP B 806 24.03 -46.22 -18.98
CA ASP B 806 22.64 -45.90 -18.66
C ASP B 806 22.53 -44.54 -17.98
N LYS B 807 23.43 -44.25 -17.04
CA LYS B 807 23.38 -42.98 -16.34
C LYS B 807 23.73 -41.82 -17.26
N GLU B 808 24.82 -41.94 -18.02
CA GLU B 808 25.28 -40.86 -18.88
C GLU B 808 25.83 -41.42 -20.20
N PRO C 15 -22.22 -1.51 22.49
CA PRO C 15 -22.42 -1.66 23.94
C PRO C 15 -23.39 -2.80 24.27
N ALA C 16 -23.12 -3.99 23.76
CA ALA C 16 -23.99 -5.15 23.98
C ALA C 16 -23.63 -5.87 25.27
N TYR C 17 -23.89 -5.19 26.39
CA TYR C 17 -23.64 -5.76 27.70
C TYR C 17 -24.81 -6.59 28.21
N ARG C 18 -25.95 -6.58 27.53
CA ARG C 18 -27.15 -7.27 28.00
C ARG C 18 -27.19 -8.73 27.57
N ILE C 19 -26.16 -9.22 26.86
CA ILE C 19 -26.14 -10.61 26.42
C ILE C 19 -26.19 -11.56 27.62
N LEU C 20 -25.58 -11.17 28.74
CA LEU C 20 -25.64 -11.97 29.95
C LEU C 20 -27.01 -11.92 30.63
N LYS C 21 -27.91 -11.04 30.18
CA LYS C 21 -29.23 -10.94 30.78
C LYS C 21 -30.20 -11.83 30.02
N PRO C 22 -30.75 -12.87 30.64
CA PRO C 22 -31.77 -13.69 29.98
C PRO C 22 -33.06 -12.91 29.79
N TRP C 23 -34.03 -13.58 29.16
CA TRP C 23 -35.33 -12.96 28.93
C TRP C 23 -36.04 -12.65 30.25
N TRP C 24 -35.92 -13.55 31.23
CA TRP C 24 -36.58 -13.32 32.50
C TRP C 24 -35.97 -12.14 33.25
N ASP C 25 -34.67 -11.90 33.08
CA ASP C 25 -34.07 -10.70 33.65
C ASP C 25 -34.66 -9.44 33.04
N VAL C 26 -34.86 -9.43 31.73
CA VAL C 26 -35.46 -8.28 31.06
C VAL C 26 -36.89 -8.07 31.56
N PHE C 27 -37.65 -9.16 31.69
CA PHE C 27 -39.03 -9.04 32.16
C PHE C 27 -39.07 -8.52 33.59
N THR C 28 -38.17 -9.00 34.45
CA THR C 28 -38.11 -8.50 35.82
C THR C 28 -37.72 -7.03 35.85
N ASP C 29 -36.79 -6.63 34.99
CA ASP C 29 -36.39 -5.23 34.93
C ASP C 29 -37.56 -4.34 34.51
N TYR C 30 -38.34 -4.78 33.52
CA TYR C 30 -39.49 -3.99 33.09
C TYR C 30 -40.59 -3.96 34.15
N ILE C 31 -40.81 -5.08 34.84
CA ILE C 31 -41.76 -5.08 35.94
C ILE C 31 -41.31 -4.14 37.04
N SER C 32 -40.01 -4.11 37.32
CA SER C 32 -39.47 -3.19 38.30
C SER C 32 -39.64 -1.74 37.86
N ILE C 33 -39.48 -1.47 36.55
CA ILE C 33 -39.68 -0.12 36.04
C ILE C 33 -41.13 0.30 36.24
N VAL C 34 -42.08 -0.59 35.94
CA VAL C 34 -43.48 -0.26 36.12
C VAL C 34 -43.81 -0.05 37.60
N MET C 35 -43.24 -0.89 38.47
CA MET C 35 -43.46 -0.72 39.91
C MET C 35 -42.87 0.60 40.41
N LEU C 36 -41.70 0.99 39.91
CA LEU C 36 -41.12 2.27 40.27
C LEU C 36 -41.99 3.42 39.78
N MET C 37 -42.56 3.29 38.58
CA MET C 37 -43.44 4.34 38.06
C MET C 37 -44.69 4.48 38.92
N ILE C 38 -45.32 3.37 39.29
CA ILE C 38 -46.51 3.48 40.14
C ILE C 38 -46.12 3.95 41.53
N ALA C 39 -44.91 3.61 42.00
CA ALA C 39 -44.45 4.09 43.30
C ALA C 39 -44.30 5.60 43.30
N VAL C 40 -43.63 6.16 42.29
CA VAL C 40 -43.44 7.61 42.24
C VAL C 40 -44.78 8.31 42.02
N PHE C 41 -45.66 7.71 41.23
CA PHE C 41 -46.99 8.29 41.03
C PHE C 41 -47.76 8.37 42.35
N GLY C 42 -47.81 7.26 43.09
CA GLY C 42 -48.48 7.27 44.37
C GLY C 42 -47.83 8.21 45.37
N GLY C 43 -46.49 8.28 45.35
CA GLY C 43 -45.80 9.16 46.27
C GLY C 43 -46.11 10.62 46.01
N THR C 44 -46.04 11.05 44.75
CA THR C 44 -46.34 12.44 44.44
C THR C 44 -47.82 12.74 44.64
N LEU C 45 -48.69 11.76 44.42
CA LEU C 45 -50.11 11.95 44.69
C LEU C 45 -50.37 12.14 46.17
N GLN C 46 -49.73 11.33 47.02
CA GLN C 46 -49.90 11.45 48.46
C GLN C 46 -49.30 12.75 48.99
N VAL C 47 -48.14 13.15 48.48
CA VAL C 47 -47.52 14.39 48.92
C VAL C 47 -48.37 15.58 48.51
N THR C 48 -48.86 15.58 47.26
CA THR C 48 -49.63 16.71 46.77
C THR C 48 -50.98 16.81 47.47
N GLN C 49 -51.70 15.70 47.56
CA GLN C 49 -53.06 15.70 48.10
C GLN C 49 -53.31 14.40 48.86
N ASP C 50 -53.31 14.49 50.19
CA ASP C 50 -53.66 13.35 51.03
C ASP C 50 -54.61 13.72 52.14
N LYS C 51 -55.37 14.81 52.00
CA LYS C 51 -56.27 15.25 53.06
C LYS C 51 -57.34 14.19 53.34
N MET C 52 -57.71 14.07 54.61
CA MET C 52 -58.77 13.18 55.05
C MET C 52 -59.83 14.03 55.73
N ILE C 53 -60.98 14.18 55.07
CA ILE C 53 -62.04 15.06 55.56
C ILE C 53 -62.78 14.33 56.69
N CYS C 54 -62.88 14.98 57.85
CA CYS C 54 -63.50 14.40 59.02
C CYS C 54 -64.62 15.29 59.52
N LEU C 55 -65.75 14.67 59.89
CA LEU C 55 -66.88 15.38 60.49
C LEU C 55 -67.27 14.67 61.78
N PRO C 56 -67.30 15.38 62.91
CA PRO C 56 -67.80 14.76 64.15
C PRO C 56 -69.27 14.42 64.05
N CYS C 57 -69.66 13.35 64.73
CA CYS C 57 -71.07 12.96 64.84
C CYS C 57 -71.52 13.15 66.28
N LYS C 58 -72.65 13.84 66.45
CA LYS C 58 -73.13 14.16 67.79
C LYS C 58 -73.49 12.91 68.58
N TRP C 59 -74.14 11.94 67.93
CA TRP C 59 -74.62 10.74 68.60
C TRP C 59 -73.61 9.62 68.36
N VAL C 60 -72.95 9.18 69.43
CA VAL C 60 -71.93 8.15 69.37
C VAL C 60 -72.35 6.97 70.24
N THR C 61 -72.30 5.78 69.68
CA THR C 61 -72.61 4.55 70.41
C THR C 61 -71.40 3.63 70.37
N LYS C 62 -70.71 3.53 71.50
CA LYS C 62 -69.52 2.69 71.63
C LYS C 62 -68.47 3.05 70.57
N ASP C 63 -68.06 4.32 70.58
CA ASP C 63 -67.07 4.84 69.64
C ASP C 63 -67.50 4.62 68.19
N SER C 64 -68.80 4.79 67.93
CA SER C 64 -69.33 4.66 66.59
C SER C 64 -70.57 5.53 66.47
N CYS C 65 -70.74 6.15 65.30
CA CYS C 65 -71.86 7.06 65.10
C CYS C 65 -73.17 6.29 65.02
N ASN C 66 -74.18 6.76 65.75
CA ASN C 66 -75.46 6.07 65.84
C ASN C 66 -76.27 6.18 64.56
N ASP C 67 -76.02 7.18 63.72
CA ASP C 67 -76.75 7.40 62.47
C ASP C 67 -78.25 7.56 62.74
N SER C 68 -78.56 8.61 63.50
CA SER C 68 -79.94 8.92 63.85
C SER C 68 -80.11 10.41 64.12
N THR C 92 -89.84 24.46 57.10
CA THR C 92 -89.99 23.34 58.02
C THR C 92 -89.29 22.10 57.49
N GLY C 93 -88.52 22.26 56.42
CA GLY C 93 -87.80 21.17 55.81
C GLY C 93 -86.51 20.85 56.54
N PRO C 94 -85.72 19.94 55.98
CA PRO C 94 -84.44 19.59 56.62
C PRO C 94 -83.48 20.76 56.61
N THR C 95 -82.64 20.80 57.64
CA THR C 95 -81.66 21.86 57.81
C THR C 95 -80.32 21.26 58.19
N GLY C 96 -79.25 22.00 57.90
CA GLY C 96 -77.92 21.52 58.20
C GLY C 96 -77.65 21.48 59.69
N ILE C 97 -76.64 20.68 60.05
CA ILE C 97 -76.24 20.50 61.44
C ILE C 97 -75.10 21.44 61.73
N LYS C 98 -75.23 22.22 62.81
CA LYS C 98 -74.23 23.21 63.19
C LYS C 98 -73.34 22.61 64.28
N TYR C 99 -72.08 22.36 63.94
CA TYR C 99 -71.13 21.81 64.90
C TYR C 99 -70.38 22.88 65.69
N ASP C 100 -70.48 24.14 65.29
CA ASP C 100 -69.81 25.25 65.97
C ASP C 100 -68.31 25.01 66.08
N LEU C 101 -67.72 24.54 64.98
CA LEU C 101 -66.30 24.26 64.91
C LEU C 101 -65.63 25.19 63.90
N ASP C 102 -64.51 25.76 64.31
CA ASP C 102 -63.72 26.59 63.39
C ASP C 102 -63.12 25.74 62.29
N ARG C 103 -62.73 26.39 61.19
CA ARG C 103 -62.08 25.69 60.09
C ARG C 103 -60.74 25.12 60.53
N HIS C 104 -60.02 25.85 61.37
CA HIS C 104 -58.75 25.33 61.89
C HIS C 104 -58.98 24.15 62.83
N GLN C 105 -60.10 24.12 63.54
CA GLN C 105 -60.43 22.94 64.33
C GLN C 105 -60.66 21.73 63.42
N TYR C 106 -61.33 21.93 62.29
CA TYR C 106 -61.49 20.86 61.32
C TYR C 106 -60.14 20.40 60.79
N ASN C 107 -59.24 21.34 60.49
CA ASN C 107 -57.92 20.97 60.02
C ASN C 107 -57.15 20.16 61.07
N TYR C 108 -57.25 20.57 62.33
CA TYR C 108 -56.58 19.83 63.40
C TYR C 108 -57.16 18.43 63.55
N VAL C 109 -58.49 18.30 63.47
CA VAL C 109 -59.12 16.98 63.55
C VAL C 109 -58.65 16.10 62.40
N ASP C 110 -58.62 16.67 61.19
CA ASP C 110 -58.14 15.91 60.04
C ASP C 110 -56.71 15.45 60.24
N ALA C 111 -55.84 16.34 60.72
CA ALA C 111 -54.44 15.98 60.91
C ALA C 111 -54.29 14.88 61.97
N VAL C 112 -55.00 15.01 63.09
CA VAL C 112 -54.83 14.05 64.18
C VAL C 112 -55.39 12.69 63.80
N CYS C 113 -56.53 12.67 63.09
CA CYS C 113 -57.08 11.37 62.69
C CYS C 113 -56.29 10.77 61.52
N TYR C 114 -55.66 11.61 60.69
CA TYR C 114 -54.76 11.10 59.66
C TYR C 114 -53.52 10.48 60.28
N GLU C 115 -52.98 11.10 61.32
CA GLU C 115 -51.79 10.57 61.98
C GLU C 115 -52.10 9.30 62.77
N ASN C 116 -53.18 9.31 63.56
CA ASN C 116 -53.39 8.23 64.51
C ASN C 116 -54.19 7.08 63.93
N ARG C 117 -55.42 7.35 63.46
CA ARG C 117 -56.38 6.30 63.18
C ARG C 117 -56.46 5.95 61.69
N LEU C 118 -55.53 6.44 60.88
CA LEU C 118 -55.39 6.00 59.50
C LEU C 118 -54.27 4.97 59.45
N HIS C 119 -54.55 3.82 58.82
CA HIS C 119 -53.60 2.71 58.85
C HIS C 119 -52.28 3.11 58.20
N TRP C 120 -51.18 2.70 58.84
CA TRP C 120 -49.86 3.06 58.34
C TRP C 120 -49.63 2.58 56.91
N PHE C 121 -50.22 1.44 56.55
CA PHE C 121 -50.09 0.96 55.18
C PHE C 121 -50.77 1.91 54.20
N ALA C 122 -51.97 2.38 54.53
CA ALA C 122 -52.70 3.26 53.62
C ALA C 122 -51.94 4.55 53.34
N LYS C 123 -51.07 4.97 54.26
CA LYS C 123 -50.30 6.18 54.08
C LYS C 123 -48.95 5.92 53.40
N TYR C 124 -48.24 4.88 53.84
CA TYR C 124 -46.88 4.62 53.39
C TYR C 124 -46.80 3.54 52.32
N PHE C 125 -47.92 3.22 51.67
CA PHE C 125 -47.87 2.28 50.55
C PHE C 125 -46.93 2.73 49.45
N PRO C 126 -46.98 3.96 48.93
CA PRO C 126 -46.01 4.33 47.89
C PRO C 126 -44.57 4.28 48.34
N TYR C 127 -44.29 4.63 49.59
CA TYR C 127 -42.91 4.60 50.07
C TYR C 127 -42.41 3.17 50.25
N LEU C 128 -43.27 2.28 50.76
CA LEU C 128 -42.89 0.89 50.84
C LEU C 128 -42.66 0.29 49.46
N VAL C 129 -43.51 0.65 48.49
CA VAL C 129 -43.34 0.16 47.13
C VAL C 129 -42.03 0.66 46.55
N LEU C 130 -41.70 1.94 46.78
CA LEU C 130 -40.44 2.49 46.30
C LEU C 130 -39.25 1.76 46.93
N LEU C 131 -39.33 1.51 48.24
CA LEU C 131 -38.24 0.80 48.92
C LEU C 131 -38.06 -0.61 48.37
N HIS C 132 -39.17 -1.32 48.15
CA HIS C 132 -39.08 -2.69 47.65
C HIS C 132 -38.57 -2.70 46.21
N THR C 133 -38.98 -1.74 45.39
CA THR C 133 -38.48 -1.65 44.03
C THR C 133 -36.98 -1.35 44.02
N LEU C 134 -36.52 -0.46 44.91
CA LEU C 134 -35.09 -0.20 45.01
C LEU C 134 -34.33 -1.44 45.47
N ILE C 135 -34.89 -2.19 46.40
CA ILE C 135 -34.24 -3.43 46.85
C ILE C 135 -34.16 -4.43 45.71
N PHE C 136 -35.24 -4.55 44.92
CA PHE C 136 -35.22 -5.47 43.79
C PHE C 136 -34.18 -5.06 42.75
N LEU C 137 -34.09 -3.76 42.45
CA LEU C 137 -33.09 -3.28 41.50
C LEU C 137 -31.68 -3.50 42.02
N ALA C 138 -31.46 -3.28 43.32
CA ALA C 138 -30.16 -3.53 43.90
C ALA C 138 -29.79 -5.01 43.81
N CYS C 139 -30.74 -5.90 44.09
CA CYS C 139 -30.47 -7.32 43.95
C CYS C 139 -30.16 -7.68 42.51
N SER C 140 -30.91 -7.10 41.56
CA SER C 140 -30.70 -7.42 40.14
C SER C 140 -29.33 -6.96 39.67
N ASN C 141 -28.87 -5.79 40.12
CA ASN C 141 -27.61 -5.23 39.67
C ASN C 141 -26.45 -5.49 40.62
N PHE C 142 -26.67 -6.32 41.65
CA PHE C 142 -25.58 -6.66 42.57
C PHE C 142 -24.40 -7.25 41.83
N TRP C 143 -24.58 -8.43 41.20
CA TRP C 143 -23.47 -9.09 40.53
C TRP C 143 -22.93 -8.27 39.37
N PHE C 144 -23.78 -7.46 38.74
CA PHE C 144 -23.32 -6.59 37.67
C PHE C 144 -22.38 -5.51 38.21
N LYS C 145 -22.66 -5.00 39.41
CA LYS C 145 -21.85 -3.95 40.00
C LYS C 145 -20.85 -4.43 41.02
N PHE C 146 -20.95 -5.69 41.47
CA PHE C 146 -19.99 -6.22 42.43
C PHE C 146 -18.66 -6.46 41.72
N PRO C 147 -17.59 -5.76 42.09
CA PRO C 147 -16.36 -5.80 41.28
C PRO C 147 -15.74 -7.19 41.16
N ARG C 148 -15.80 -7.98 42.23
CA ARG C 148 -15.16 -9.30 42.23
C ARG C 148 -15.72 -10.19 41.12
N THR C 149 -17.04 -10.17 40.95
CA THR C 149 -17.67 -10.89 39.85
C THR C 149 -17.87 -10.03 38.61
N SER C 150 -17.84 -8.71 38.75
CA SER C 150 -17.92 -7.85 37.57
C SER C 150 -16.72 -8.06 36.67
N SER C 151 -15.53 -8.22 37.25
CA SER C 151 -14.34 -8.50 36.46
C SER C 151 -14.48 -9.80 35.69
N LYS C 152 -14.96 -10.86 36.36
CA LYS C 152 -15.15 -12.13 35.69
C LYS C 152 -16.17 -12.02 34.56
N LEU C 153 -17.29 -11.34 34.81
CA LEU C 153 -18.32 -11.19 33.79
C LEU C 153 -17.81 -10.40 32.59
N GLU C 154 -17.10 -9.29 32.83
CA GLU C 154 -16.61 -8.49 31.72
C GLU C 154 -15.55 -9.25 30.93
N HIS C 155 -14.66 -9.97 31.62
CA HIS C 155 -13.66 -10.77 30.91
C HIS C 155 -14.33 -11.86 30.07
N PHE C 156 -15.34 -12.53 30.63
CA PHE C 156 -16.04 -13.58 29.89
C PHE C 156 -16.73 -13.03 28.66
N VAL C 157 -17.45 -11.92 28.81
CA VAL C 157 -18.15 -11.36 27.65
C VAL C 157 -17.17 -10.84 26.61
N SER C 158 -16.03 -10.28 27.05
CA SER C 158 -15.03 -9.79 26.11
C SER C 158 -14.45 -10.95 25.30
N ILE C 159 -14.03 -12.02 25.98
CA ILE C 159 -13.44 -13.14 25.25
C ILE C 159 -14.48 -13.83 24.37
N LEU C 160 -15.74 -13.89 24.83
CA LEU C 160 -16.79 -14.50 24.02
C LEU C 160 -17.03 -13.70 22.75
N LEU C 161 -17.11 -12.38 22.85
CA LEU C 161 -17.31 -11.57 21.65
C LEU C 161 -16.09 -11.63 20.74
N LYS C 162 -14.89 -11.68 21.32
CA LYS C 162 -13.68 -11.79 20.50
C LYS C 162 -13.68 -13.10 19.71
N CYS C 163 -14.03 -14.21 20.36
CA CYS C 163 -14.09 -15.48 19.65
C CYS C 163 -15.27 -15.55 18.69
N PHE C 164 -16.32 -14.76 18.92
CA PHE C 164 -17.49 -14.84 18.04
C PHE C 164 -17.24 -14.19 16.69
N ASP C 165 -16.50 -13.08 16.66
CA ASP C 165 -16.27 -12.36 15.42
C ASP C 165 -15.10 -12.91 14.61
N SER C 166 -14.34 -13.84 15.15
CA SER C 166 -13.15 -14.34 14.48
C SER C 166 -13.52 -15.11 13.21
N PRO C 167 -12.81 -14.86 12.10
CA PRO C 167 -13.01 -15.68 10.90
C PRO C 167 -12.60 -17.14 11.09
N TRP C 168 -11.83 -17.44 12.14
CA TRP C 168 -11.45 -18.82 12.43
C TRP C 168 -12.69 -19.67 12.66
N THR C 169 -13.66 -19.15 13.40
CA THR C 169 -14.91 -19.88 13.64
C THR C 169 -15.65 -20.11 12.34
N THR C 170 -15.68 -19.11 11.45
CA THR C 170 -16.34 -19.27 10.16
C THR C 170 -15.68 -20.37 9.35
N ARG C 171 -14.35 -20.39 9.34
CA ARG C 171 -13.63 -21.45 8.62
C ARG C 171 -13.91 -22.82 9.23
N ALA C 172 -13.92 -22.91 10.56
CA ALA C 172 -14.18 -24.19 11.21
C ALA C 172 -15.59 -24.69 10.89
N LEU C 173 -16.57 -23.79 10.86
CA LEU C 173 -17.92 -24.17 10.49
C LEU C 173 -18.00 -24.59 9.03
N SER C 174 -17.30 -23.88 8.14
CA SER C 174 -17.29 -24.25 6.73
C SER C 174 -16.55 -25.55 6.47
N GLU C 175 -15.69 -25.98 7.40
CA GLU C 175 -15.01 -27.26 7.23
C GLU C 175 -16.00 -28.41 7.21
N THR C 176 -17.03 -28.35 8.06
CA THR C 176 -18.06 -29.37 8.14
C THR C 176 -17.48 -30.75 8.41
N GLY C 230 -8.38 -21.81 0.38
CA GLY C 230 -8.53 -21.60 1.81
C GLY C 230 -7.27 -21.07 2.47
N VAL C 231 -6.63 -20.11 1.82
CA VAL C 231 -5.41 -19.48 2.32
C VAL C 231 -5.72 -18.05 2.74
N LEU C 232 -5.39 -17.74 4.00
CA LEU C 232 -5.60 -16.40 4.53
C LEU C 232 -4.31 -15.83 5.09
N ASP C 233 -4.38 -14.65 5.70
CA ASP C 233 -3.20 -13.98 6.21
C ASP C 233 -2.62 -14.74 7.39
N LYS C 234 -1.28 -14.67 7.52
CA LYS C 234 -0.61 -15.28 8.65
C LYS C 234 -1.02 -14.64 9.97
N LYS C 235 -1.25 -13.32 9.97
CA LYS C 235 -1.66 -12.65 11.19
C LYS C 235 -2.98 -13.21 11.71
N GLU C 236 -3.85 -13.69 10.82
CA GLU C 236 -5.10 -14.30 11.25
C GLU C 236 -4.83 -15.58 12.05
N GLY C 237 -3.93 -16.43 11.55
CA GLY C 237 -3.58 -17.62 12.30
C GLY C 237 -2.89 -17.30 13.61
N GLU C 238 -2.02 -16.29 13.61
CA GLU C 238 -1.34 -15.90 14.84
C GLU C 238 -2.31 -15.40 15.89
N GLN C 239 -3.27 -14.54 15.49
CA GLN C 239 -4.26 -14.07 16.44
C GLN C 239 -5.21 -15.19 16.87
N ALA C 240 -5.46 -16.16 16.00
CA ALA C 240 -6.25 -17.32 16.40
C ALA C 240 -5.53 -18.13 17.48
N LYS C 241 -4.21 -18.33 17.31
CA LYS C 241 -3.44 -19.04 18.33
C LYS C 241 -3.40 -18.25 19.63
N ALA C 242 -3.26 -16.92 19.54
CA ALA C 242 -3.28 -16.08 20.74
C ALA C 242 -4.63 -16.17 21.44
N LEU C 243 -5.72 -16.20 20.67
CA LEU C 243 -7.05 -16.36 21.25
C LEU C 243 -7.18 -17.72 21.93
N PHE C 244 -6.63 -18.77 21.32
CA PHE C 244 -6.63 -20.08 21.96
C PHE C 244 -5.90 -20.04 23.29
N GLU C 245 -4.73 -19.40 23.31
CA GLU C 245 -3.93 -19.33 24.53
C GLU C 245 -4.67 -18.55 25.62
N LYS C 246 -5.28 -17.41 25.25
CA LYS C 246 -5.98 -16.62 26.25
C LYS C 246 -7.27 -17.32 26.71
N VAL C 247 -7.92 -18.08 25.84
CA VAL C 247 -9.07 -18.86 26.26
C VAL C 247 -8.66 -19.93 27.26
N LYS C 248 -7.54 -20.61 27.00
CA LYS C 248 -7.05 -21.59 27.95
C LYS C 248 -6.70 -20.95 29.29
N LYS C 249 -6.03 -19.79 29.26
CA LYS C 249 -5.67 -19.11 30.49
C LYS C 249 -6.90 -18.67 31.26
N PHE C 250 -7.89 -18.10 30.55
CA PHE C 250 -9.13 -17.68 31.20
C PHE C 250 -9.88 -18.86 31.80
N ARG C 251 -9.91 -19.99 31.09
CA ARG C 251 -10.56 -21.18 31.64
C ARG C 251 -9.85 -21.65 32.90
N THR C 252 -8.52 -21.68 32.88
CA THR C 252 -7.78 -22.11 34.06
C THR C 252 -7.99 -21.15 35.23
N HIS C 253 -8.14 -19.85 34.93
CA HIS C 253 -8.30 -18.86 35.99
C HIS C 253 -9.71 -18.91 36.57
N VAL C 254 -10.71 -19.15 35.74
CA VAL C 254 -12.10 -18.98 36.18
C VAL C 254 -12.69 -20.24 36.80
N GLU C 255 -12.22 -21.43 36.40
CA GLU C 255 -12.80 -22.66 36.92
C GLU C 255 -12.52 -22.87 38.40
N GLU C 256 -11.60 -22.10 38.98
CA GLU C 256 -11.25 -22.26 40.38
C GLU C 256 -12.03 -21.32 41.29
N GLY C 257 -12.56 -20.22 40.74
CA GLY C 257 -13.20 -19.21 41.56
C GLY C 257 -14.50 -19.61 42.20
N ASP C 258 -15.53 -19.86 41.39
CA ASP C 258 -16.87 -20.21 41.86
C ASP C 258 -17.42 -19.12 42.78
N ILE C 259 -17.61 -17.92 42.20
CA ILE C 259 -18.09 -16.78 42.98
C ILE C 259 -19.31 -16.18 42.31
N VAL C 260 -19.49 -16.42 41.01
CA VAL C 260 -20.63 -15.83 40.31
C VAL C 260 -21.87 -16.69 40.48
N TYR C 261 -21.71 -18.01 40.52
CA TYR C 261 -22.87 -18.90 40.66
C TYR C 261 -23.49 -18.77 42.05
N ARG C 262 -22.66 -18.79 43.09
CA ARG C 262 -23.19 -18.65 44.45
C ARG C 262 -23.81 -17.28 44.66
N LEU C 263 -23.18 -16.23 44.11
CA LEU C 263 -23.74 -14.90 44.26
C LEU C 263 -25.08 -14.77 43.53
N TYR C 264 -25.17 -15.32 42.33
CA TYR C 264 -26.43 -15.28 41.60
C TYR C 264 -27.51 -16.08 42.32
N MET C 265 -27.15 -17.24 42.88
CA MET C 265 -28.11 -18.03 43.63
C MET C 265 -28.60 -17.29 44.86
N ARG C 266 -27.68 -16.64 45.59
CA ARG C 266 -28.08 -15.87 46.76
C ARG C 266 -28.97 -14.69 46.37
N GLN C 267 -28.65 -14.03 45.26
CA GLN C 267 -29.49 -12.94 44.77
C GLN C 267 -30.89 -13.42 44.44
N THR C 268 -31.00 -14.56 43.77
CA THR C 268 -32.31 -15.11 43.44
C THR C 268 -33.07 -15.52 44.69
N ILE C 269 -32.39 -16.10 45.68
CA ILE C 269 -33.03 -16.49 46.93
C ILE C 269 -33.53 -15.26 47.69
N ILE C 270 -32.73 -14.20 47.70
CA ILE C 270 -33.14 -12.96 48.34
C ILE C 270 -34.37 -12.39 47.64
N LYS C 271 -34.37 -12.40 46.30
CA LYS C 271 -35.54 -11.92 45.56
C LYS C 271 -36.78 -12.73 45.91
N VAL C 272 -36.64 -14.05 45.99
CA VAL C 272 -37.79 -14.91 46.25
C VAL C 272 -38.32 -14.69 47.67
N ILE C 273 -37.43 -14.61 48.65
CA ILE C 273 -37.89 -14.45 50.03
C ILE C 273 -38.49 -13.06 50.23
N LYS C 274 -37.90 -12.04 49.60
CA LYS C 274 -38.48 -10.70 49.65
C LYS C 274 -39.85 -10.68 49.00
N PHE C 275 -40.01 -11.38 47.87
CA PHE C 275 -41.32 -11.46 47.23
C PHE C 275 -42.33 -12.14 48.13
N ALA C 276 -41.94 -13.22 48.80
CA ALA C 276 -42.85 -13.91 49.69
C ALA C 276 -43.30 -13.00 50.83
N LEU C 277 -42.34 -12.34 51.48
CA LEU C 277 -42.70 -11.46 52.60
C LEU C 277 -43.57 -10.31 52.13
N ILE C 278 -43.22 -9.69 51.00
CA ILE C 278 -43.97 -8.53 50.54
C ILE C 278 -45.38 -8.92 50.14
N ILE C 279 -45.54 -10.05 49.45
CA ILE C 279 -46.88 -10.46 49.05
C ILE C 279 -47.71 -10.82 50.28
N CYS C 280 -47.12 -11.50 51.25
CA CYS C 280 -47.88 -11.85 52.45
C CYS C 280 -48.37 -10.61 53.18
N TYR C 281 -47.45 -9.68 53.49
CA TYR C 281 -47.86 -8.54 54.29
C TYR C 281 -48.76 -7.60 53.50
N THR C 282 -48.51 -7.41 52.20
CA THR C 282 -49.35 -6.53 51.40
C THR C 282 -50.74 -7.09 51.24
N VAL C 283 -50.87 -8.40 50.98
CA VAL C 283 -52.20 -8.99 50.86
C VAL C 283 -52.93 -8.93 52.20
N TYR C 284 -52.22 -9.11 53.31
CA TYR C 284 -52.89 -9.04 54.61
C TYR C 284 -53.37 -7.63 54.92
N TYR C 285 -52.56 -6.62 54.60
CA TYR C 285 -52.84 -5.24 55.00
C TYR C 285 -53.56 -4.42 53.94
N VAL C 286 -53.85 -5.00 52.77
CA VAL C 286 -54.56 -4.24 51.75
C VAL C 286 -56.03 -4.06 52.13
N HIS C 287 -56.54 -4.89 53.04
CA HIS C 287 -57.96 -4.84 53.39
C HIS C 287 -58.34 -3.60 54.16
N ASN C 288 -57.37 -2.85 54.69
CA ASN C 288 -57.66 -1.71 55.55
C ASN C 288 -57.71 -0.38 54.81
N ILE C 289 -57.57 -0.39 53.49
CA ILE C 289 -57.62 0.86 52.70
C ILE C 289 -59.10 1.09 52.36
N LYS C 290 -59.79 1.77 53.28
CA LYS C 290 -61.22 2.03 53.14
C LYS C 290 -61.46 3.52 52.96
N PHE C 291 -62.54 3.83 52.23
CA PHE C 291 -62.91 5.23 52.01
C PHE C 291 -63.28 5.91 53.33
N ASP C 292 -64.12 5.27 54.12
CA ASP C 292 -64.57 5.82 55.39
C ASP C 292 -63.84 5.15 56.54
N VAL C 293 -63.37 5.98 57.48
CA VAL C 293 -62.63 5.49 58.65
C VAL C 293 -63.14 6.21 59.88
N ASP C 294 -63.46 5.45 60.92
CA ASP C 294 -63.97 6.02 62.17
C ASP C 294 -62.81 6.19 63.13
N CYS C 295 -62.52 7.44 63.50
CA CYS C 295 -61.41 7.76 64.38
C CYS C 295 -61.91 8.26 65.72
N THR C 296 -61.36 7.69 66.80
CA THR C 296 -61.59 8.19 68.15
C THR C 296 -60.24 8.63 68.71
N VAL C 297 -59.88 9.89 68.45
CA VAL C 297 -58.59 10.43 68.85
C VAL C 297 -58.57 10.93 70.28
N ASP C 298 -59.73 11.07 70.93
CA ASP C 298 -59.82 11.45 72.34
C ASP C 298 -59.16 12.82 72.59
N ILE C 299 -59.74 13.84 71.97
CA ILE C 299 -59.33 15.23 72.17
C ILE C 299 -60.59 16.02 72.52
N GLU C 300 -60.81 16.28 73.80
CA GLU C 300 -61.98 16.99 74.25
C GLU C 300 -61.71 18.47 74.51
N SER C 301 -60.56 18.78 75.12
CA SER C 301 -60.24 20.16 75.45
C SER C 301 -60.04 21.03 74.22
N LEU C 302 -59.89 20.44 73.04
CA LEU C 302 -59.64 21.19 71.82
C LEU C 302 -60.86 21.35 70.93
N THR C 303 -61.67 20.30 70.76
CA THR C 303 -62.82 20.37 69.87
C THR C 303 -64.11 20.01 70.60
N GLY C 304 -64.01 19.21 71.65
CA GLY C 304 -65.18 18.84 72.44
C GLY C 304 -65.98 17.66 71.92
N TYR C 305 -65.54 17.02 70.84
CA TYR C 305 -66.22 15.87 70.28
C TYR C 305 -65.40 14.61 70.53
N ARG C 306 -66.08 13.55 70.99
CA ARG C 306 -65.40 12.30 71.33
C ARG C 306 -64.85 11.61 70.08
N THR C 307 -65.73 11.28 69.13
CA THR C 307 -65.35 10.52 67.96
C THR C 307 -65.73 11.28 66.71
N TYR C 308 -65.09 10.91 65.60
CA TYR C 308 -65.29 11.56 64.31
C TYR C 308 -65.47 10.51 63.23
N ARG C 309 -66.19 10.88 62.19
CA ARG C 309 -66.35 10.05 60.99
C ARG C 309 -65.59 10.73 59.85
N CYS C 310 -64.60 10.03 59.30
CA CYS C 310 -63.71 10.59 58.31
C CYS C 310 -63.90 9.90 56.97
N ALA C 311 -63.69 10.65 55.89
CA ALA C 311 -63.70 10.11 54.54
C ALA C 311 -62.33 10.29 53.92
N HIS C 312 -61.80 9.22 53.33
CA HIS C 312 -60.52 9.27 52.65
C HIS C 312 -60.75 9.30 51.15
N PRO C 313 -60.79 10.50 50.54
CA PRO C 313 -61.17 10.59 49.12
C PRO C 313 -60.20 9.88 48.18
N LEU C 314 -58.97 9.64 48.61
CA LEU C 314 -57.96 8.98 47.79
C LEU C 314 -57.89 7.48 48.05
N ALA C 315 -58.78 6.94 48.90
CA ALA C 315 -58.68 5.54 49.31
C ALA C 315 -58.89 4.59 48.15
N THR C 316 -59.86 4.88 47.27
CA THR C 316 -60.16 3.96 46.17
C THR C 316 -59.00 3.89 45.17
N LEU C 317 -58.41 5.04 44.84
CA LEU C 317 -57.26 5.06 43.94
C LEU C 317 -56.08 4.33 44.55
N PHE C 318 -55.83 4.53 45.84
CA PHE C 318 -54.77 3.81 46.53
C PHE C 318 -55.05 2.32 46.54
N LYS C 319 -56.31 1.93 46.69
CA LYS C 319 -56.65 0.50 46.71
C LYS C 319 -56.40 -0.14 45.36
N ILE C 320 -56.80 0.54 44.27
CA ILE C 320 -56.58 -0.06 42.96
C ILE C 320 -55.08 -0.08 42.63
N LEU C 321 -54.34 0.95 43.07
CA LEU C 321 -52.89 0.92 42.90
C LEU C 321 -52.26 -0.22 43.68
N ALA C 322 -52.76 -0.47 44.89
CA ALA C 322 -52.24 -1.58 45.69
C ALA C 322 -52.55 -2.92 45.02
N SER C 323 -53.75 -3.08 44.46
CA SER C 323 -54.05 -4.31 43.73
C SER C 323 -53.17 -4.49 42.51
N PHE C 324 -52.91 -3.39 41.78
CA PHE C 324 -52.02 -3.46 40.63
C PHE C 324 -50.61 -3.85 41.05
N TYR C 325 -50.13 -3.26 42.16
CA TYR C 325 -48.79 -3.61 42.64
C TYR C 325 -48.74 -5.05 43.13
N ILE C 326 -49.82 -5.54 43.74
CA ILE C 326 -49.87 -6.93 44.17
C ILE C 326 -49.79 -7.85 42.96
N SER C 327 -50.51 -7.51 41.88
CA SER C 327 -50.43 -8.32 40.66
C SER C 327 -49.03 -8.30 40.07
N LEU C 328 -48.39 -7.12 40.04
CA LEU C 328 -47.03 -7.04 39.54
C LEU C 328 -46.06 -7.84 40.39
N VAL C 329 -46.23 -7.80 41.72
CA VAL C 329 -45.38 -8.57 42.61
C VAL C 329 -45.61 -10.06 42.41
N ILE C 330 -46.85 -10.46 42.14
CA ILE C 330 -47.13 -11.86 41.86
C ILE C 330 -46.40 -12.31 40.59
N PHE C 331 -46.46 -11.48 39.55
CA PHE C 331 -45.74 -11.82 38.32
C PHE C 331 -44.23 -11.88 38.55
N TYR C 332 -43.70 -10.93 39.33
CA TYR C 332 -42.28 -10.92 39.64
C TYR C 332 -41.88 -12.18 40.40
N GLY C 333 -42.69 -12.58 41.38
CA GLY C 333 -42.40 -13.78 42.13
C GLY C 333 -42.50 -15.05 41.29
N LEU C 334 -43.46 -15.09 40.37
CA LEU C 334 -43.55 -16.23 39.47
C LEU C 334 -42.30 -16.33 38.59
N ILE C 335 -41.83 -15.19 38.08
CA ILE C 335 -40.61 -15.22 37.27
C ILE C 335 -39.41 -15.63 38.11
N CYS C 336 -39.34 -15.15 39.36
CA CYS C 336 -38.24 -15.54 40.24
C CYS C 336 -38.29 -17.03 40.56
N MET C 337 -39.49 -17.58 40.77
CA MET C 337 -39.63 -19.01 40.99
C MET C 337 -39.21 -19.81 39.77
N TYR C 338 -39.57 -19.32 38.57
CA TYR C 338 -39.10 -19.99 37.35
C TYR C 338 -37.58 -19.97 37.25
N THR C 339 -36.98 -18.82 37.58
CA THR C 339 -35.51 -18.73 37.56
C THR C 339 -34.88 -19.69 38.56
N LEU C 340 -35.45 -19.78 39.76
CA LEU C 340 -34.93 -20.70 40.77
C LEU C 340 -35.06 -22.15 40.30
N TRP C 341 -36.19 -22.50 39.70
CA TRP C 341 -36.36 -23.85 39.17
C TRP C 341 -35.35 -24.14 38.08
N TRP C 342 -35.13 -23.17 37.18
CA TRP C 342 -34.15 -23.35 36.12
C TRP C 342 -32.73 -23.46 36.66
N MET C 343 -32.45 -22.84 37.81
CA MET C 343 -31.11 -22.84 38.38
C MET C 343 -30.91 -23.90 39.44
N LEU C 344 -31.95 -24.62 39.85
CA LEU C 344 -31.86 -25.63 40.89
C LEU C 344 -32.26 -27.01 40.37
N ARG C 345 -32.40 -27.14 39.05
CA ARG C 345 -32.71 -28.43 38.44
C ARG C 345 -31.68 -28.89 37.42
N ARG C 346 -30.88 -27.99 36.84
CA ARG C 346 -29.91 -28.36 35.82
C ARG C 346 -28.51 -28.60 36.39
N SER C 347 -28.24 -28.18 37.62
CA SER C 347 -26.93 -28.32 38.25
C SER C 347 -25.86 -27.61 37.41
N LEU C 348 -25.98 -26.29 37.35
CA LEU C 348 -25.13 -25.44 36.53
C LEU C 348 -23.67 -25.43 36.96
N LYS C 349 -23.27 -26.18 37.99
CA LYS C 349 -21.86 -26.29 38.34
C LYS C 349 -21.06 -27.04 37.29
N LYS C 350 -21.72 -27.77 36.39
CA LYS C 350 -21.07 -28.48 35.31
C LYS C 350 -21.84 -28.26 34.01
N TYR C 351 -21.13 -28.29 32.90
CA TYR C 351 -21.72 -28.14 31.58
C TYR C 351 -21.66 -29.45 30.82
N SER C 352 -22.65 -29.68 29.97
CA SER C 352 -22.74 -30.93 29.22
C SER C 352 -21.75 -30.96 28.07
N PHE C 353 -21.87 -30.02 27.12
CA PHE C 353 -21.02 -29.96 25.93
C PHE C 353 -21.05 -31.28 25.17
N GLU C 354 -22.23 -31.87 25.08
CA GLU C 354 -22.43 -33.14 24.38
C GLU C 354 -22.92 -32.96 22.95
N SER C 355 -23.46 -31.79 22.61
CA SER C 355 -23.91 -31.56 21.23
C SER C 355 -22.75 -31.29 20.30
N ILE C 356 -21.67 -30.67 20.81
CA ILE C 356 -20.53 -30.32 19.96
C ILE C 356 -19.84 -31.59 19.45
N ARG C 357 -19.64 -32.57 20.32
CA ARG C 357 -18.98 -33.81 19.93
C ARG C 357 -19.83 -34.66 18.99
N GLU C 358 -21.10 -34.31 18.80
CA GLU C 358 -21.99 -35.03 17.90
C GLU C 358 -22.19 -34.32 16.57
N GLU C 359 -22.48 -33.02 16.58
CA GLU C 359 -22.70 -32.28 15.35
C GLU C 359 -21.41 -31.76 14.72
N SER C 360 -20.27 -31.89 15.41
CA SER C 360 -19.01 -31.42 14.87
C SER C 360 -17.87 -32.41 15.03
N SER C 361 -18.11 -33.57 15.67
CA SER C 361 -17.10 -34.61 15.89
C SER C 361 -15.92 -34.11 16.71
N TYR C 362 -16.11 -33.02 17.46
CA TYR C 362 -15.07 -32.50 18.35
C TYR C 362 -15.20 -33.14 19.73
N SER C 363 -14.91 -34.45 19.77
CA SER C 363 -15.02 -35.26 20.98
C SER C 363 -13.90 -34.99 21.99
N ASP C 364 -13.04 -34.01 21.74
CA ASP C 364 -11.97 -33.66 22.66
C ASP C 364 -12.35 -32.53 23.61
N ILE C 365 -13.62 -32.14 23.62
CA ILE C 365 -14.10 -31.04 24.45
C ILE C 365 -14.02 -31.48 25.90
N PRO C 366 -13.31 -30.77 26.76
CA PRO C 366 -13.27 -31.13 28.19
C PRO C 366 -14.51 -30.62 28.91
N ASP C 367 -14.86 -31.33 29.98
CA ASP C 367 -16.03 -30.95 30.77
C ASP C 367 -15.76 -29.64 31.49
N VAL C 368 -16.75 -28.77 31.51
CA VAL C 368 -16.62 -27.43 32.10
C VAL C 368 -17.02 -27.50 33.57
N LYS C 369 -16.18 -26.93 34.43
CA LYS C 369 -16.42 -26.94 35.86
C LYS C 369 -17.21 -25.69 36.25
N ASN C 370 -17.34 -25.42 37.55
CA ASN C 370 -18.12 -24.29 38.04
C ASN C 370 -17.46 -22.97 37.67
N ASP C 371 -18.25 -21.90 37.74
CA ASP C 371 -17.84 -20.52 37.51
C ASP C 371 -17.60 -20.27 36.02
N PHE C 372 -17.74 -21.31 35.21
CA PHE C 372 -17.71 -21.14 33.76
C PHE C 372 -18.90 -21.80 33.08
N ALA C 373 -19.42 -22.88 33.65
CA ALA C 373 -20.63 -23.50 33.11
C ALA C 373 -21.84 -22.61 33.32
N PHE C 374 -21.85 -21.81 34.39
CA PHE C 374 -22.97 -20.94 34.66
C PHE C 374 -23.12 -19.88 33.57
N MET C 375 -22.01 -19.22 33.20
CA MET C 375 -22.07 -18.23 32.15
C MET C 375 -22.39 -18.86 30.80
N LEU C 376 -21.91 -20.09 30.56
CA LEU C 376 -22.28 -20.79 29.33
C LEU C 376 -23.77 -21.07 29.27
N HIS C 377 -24.37 -21.47 30.40
CA HIS C 377 -25.81 -21.67 30.44
C HIS C 377 -26.56 -20.37 30.22
N LEU C 378 -26.05 -19.28 30.81
CA LEU C 378 -26.67 -17.97 30.59
C LEU C 378 -26.64 -17.59 29.12
N ILE C 379 -25.51 -17.81 28.45
CA ILE C 379 -25.41 -17.51 27.02
C ILE C 379 -26.35 -18.39 26.22
N ASP C 380 -26.45 -19.67 26.59
CA ASP C 380 -27.40 -20.57 25.94
C ASP C 380 -28.82 -20.06 26.09
N GLN C 381 -29.17 -19.54 27.27
CA GLN C 381 -30.48 -18.93 27.46
C GLN C 381 -30.65 -17.73 26.54
N TYR C 382 -29.61 -16.92 26.38
CA TYR C 382 -29.65 -15.84 25.41
C TYR C 382 -29.85 -16.40 24.00
N ASP C 383 -28.86 -17.17 23.52
CA ASP C 383 -28.99 -18.00 22.32
C ASP C 383 -27.78 -18.93 22.23
N PRO C 384 -27.96 -20.18 21.80
CA PRO C 384 -26.84 -21.13 21.80
C PRO C 384 -25.82 -20.93 20.70
N LEU C 385 -26.03 -19.98 19.79
CA LEU C 385 -25.09 -19.79 18.69
C LEU C 385 -23.72 -19.36 19.20
N TYR C 386 -23.69 -18.46 20.17
CA TYR C 386 -22.41 -18.03 20.75
C TYR C 386 -21.68 -19.20 21.39
N SER C 387 -22.40 -20.03 22.14
CA SER C 387 -21.78 -21.19 22.78
C SER C 387 -21.24 -22.16 21.73
N LYS C 388 -22.01 -22.42 20.67
CA LYS C 388 -21.57 -23.33 19.63
C LYS C 388 -20.31 -22.82 18.93
N ARG C 389 -20.30 -21.52 18.57
CA ARG C 389 -19.15 -20.96 17.89
C ARG C 389 -17.97 -20.69 18.81
N PHE C 390 -18.17 -20.77 20.12
CA PHE C 390 -17.07 -20.58 21.07
C PHE C 390 -16.49 -21.90 21.55
N ALA C 391 -17.26 -22.99 21.50
CA ALA C 391 -16.77 -24.27 21.98
C ALA C 391 -15.57 -24.76 21.18
N VAL C 392 -15.47 -24.37 19.91
CA VAL C 392 -14.37 -24.83 19.07
C VAL C 392 -13.03 -24.34 19.61
N PHE C 393 -13.02 -23.21 20.30
CA PHE C 393 -11.80 -22.68 20.87
C PHE C 393 -11.33 -23.44 22.10
N LEU C 394 -12.16 -24.33 22.66
CA LEU C 394 -11.77 -25.12 23.81
C LEU C 394 -11.28 -26.51 23.42
N SER C 395 -11.50 -26.92 22.16
CA SER C 395 -11.08 -28.22 21.68
C SER C 395 -9.68 -28.12 21.07
N GLU C 396 -8.75 -28.94 21.57
CA GLU C 396 -7.38 -28.88 21.08
C GLU C 396 -7.23 -29.52 19.70
N VAL C 397 -8.17 -30.37 19.29
CA VAL C 397 -8.09 -30.98 17.96
C VAL C 397 -8.27 -29.93 16.88
N SER C 398 -9.25 -29.03 17.06
CA SER C 398 -9.45 -27.95 16.11
C SER C 398 -8.24 -27.02 16.08
N GLU C 399 -7.69 -26.72 17.26
CA GLU C 399 -6.49 -25.89 17.33
C GLU C 399 -5.35 -26.52 16.56
N ASN C 400 -5.14 -27.82 16.75
CA ASN C 400 -4.06 -28.52 16.06
C ASN C 400 -4.26 -28.52 14.55
N LYS C 401 -5.49 -28.82 14.10
CA LYS C 401 -5.72 -28.93 12.67
C LYS C 401 -5.58 -27.58 11.98
N LEU C 402 -6.08 -26.49 12.60
CA LEU C 402 -5.93 -25.21 11.93
C LEU C 402 -4.56 -24.58 12.16
N ARG C 403 -3.82 -25.01 13.19
CA ARG C 403 -2.40 -24.67 13.26
C ARG C 403 -1.63 -25.33 12.13
N GLN C 404 -1.97 -26.59 11.82
CA GLN C 404 -1.38 -27.25 10.65
C GLN C 404 -1.78 -26.53 9.36
N LEU C 405 -3.02 -26.05 9.29
CA LEU C 405 -3.44 -25.26 8.14
C LEU C 405 -2.64 -23.98 8.02
N ASN C 406 -2.39 -23.31 9.14
CA ASN C 406 -1.56 -22.11 9.13
C ASN C 406 -0.13 -22.42 8.69
N LEU C 407 0.40 -23.56 9.14
CA LEU C 407 1.73 -23.98 8.68
C LEU C 407 1.75 -24.21 7.18
N ASN C 408 0.71 -24.85 6.65
CA ASN C 408 0.61 -25.05 5.20
C ASN C 408 0.52 -23.72 4.47
N ASN C 409 -0.17 -22.75 5.07
CA ASN C 409 -0.21 -21.40 4.48
C ASN C 409 1.18 -20.77 4.47
N GLU C 410 1.95 -20.95 5.55
CA GLU C 410 3.31 -20.41 5.60
C GLU C 410 4.23 -21.12 4.62
N TRP C 411 4.23 -22.45 4.61
CA TRP C 411 5.04 -23.25 3.70
C TRP C 411 4.11 -23.85 2.66
N THR C 412 4.01 -23.18 1.51
CA THR C 412 3.13 -23.63 0.44
C THR C 412 3.86 -24.59 -0.50
N LEU C 413 3.11 -25.10 -1.48
CA LEU C 413 3.67 -26.08 -2.41
C LEU C 413 4.78 -25.48 -3.26
N ASP C 414 4.54 -24.27 -3.80
CA ASP C 414 5.56 -23.62 -4.61
C ASP C 414 6.78 -23.27 -3.78
N LYS C 415 6.59 -22.91 -2.51
CA LYS C 415 7.72 -22.65 -1.62
C LYS C 415 8.58 -23.90 -1.44
N LEU C 416 7.93 -25.05 -1.21
CA LEU C 416 8.67 -26.30 -1.09
C LEU C 416 9.39 -26.65 -2.37
N ARG C 417 8.72 -26.48 -3.52
CA ARG C 417 9.36 -26.77 -4.81
C ARG C 417 10.57 -25.87 -5.05
N GLN C 418 10.46 -24.59 -4.71
CA GLN C 418 11.59 -23.68 -4.85
C GLN C 418 12.72 -24.06 -3.88
N ARG C 419 12.36 -24.56 -2.71
CA ARG C 419 13.34 -24.94 -1.69
C ARG C 419 13.80 -26.39 -1.82
N LEU C 420 13.35 -27.11 -2.84
CA LEU C 420 13.80 -28.48 -3.05
C LEU C 420 15.29 -28.50 -3.37
N THR C 421 15.96 -29.55 -2.91
CA THR C 421 17.39 -29.72 -3.12
C THR C 421 17.67 -31.12 -3.63
N LYS C 422 18.92 -31.34 -4.03
CA LYS C 422 19.40 -32.64 -4.47
C LYS C 422 20.58 -33.06 -3.59
N ASN C 423 20.49 -34.25 -3.01
CA ASN C 423 21.49 -34.70 -2.05
C ASN C 423 22.78 -35.08 -2.76
N ALA C 424 23.75 -35.58 -1.99
CA ALA C 424 25.01 -36.04 -2.57
C ALA C 424 24.85 -37.30 -3.40
N GLN C 425 23.72 -38.00 -3.28
CA GLN C 425 23.45 -39.19 -4.06
C GLN C 425 22.66 -38.89 -5.32
N ASP C 426 22.58 -37.61 -5.71
CA ASP C 426 21.86 -37.19 -6.92
C ASP C 426 20.39 -37.60 -6.88
N LYS C 427 19.78 -37.47 -5.70
CA LYS C 427 18.37 -37.77 -5.49
C LYS C 427 17.68 -36.56 -4.87
N LEU C 428 16.38 -36.43 -5.15
CA LEU C 428 15.62 -35.29 -4.67
C LEU C 428 15.47 -35.36 -3.16
N GLU C 429 15.90 -34.31 -2.47
CA GLU C 429 15.93 -34.29 -1.01
C GLU C 429 15.46 -32.93 -0.51
N LEU C 430 14.65 -32.93 0.55
CA LEU C 430 14.12 -31.72 1.15
C LEU C 430 14.35 -31.77 2.66
N HIS C 431 14.70 -30.62 3.23
CA HIS C 431 14.99 -30.51 4.65
C HIS C 431 14.00 -29.57 5.33
N LEU C 432 13.57 -29.97 6.53
CA LEU C 432 12.61 -29.21 7.34
C LEU C 432 13.22 -29.06 8.73
N PHE C 433 13.85 -27.91 8.98
CA PHE C 433 14.60 -27.69 10.21
C PHE C 433 13.80 -26.81 11.16
N MET C 434 13.60 -27.30 12.38
CA MET C 434 12.94 -26.56 13.47
C MET C 434 11.57 -26.04 13.05
N LEU C 435 10.72 -26.96 12.62
CA LEU C 435 9.33 -26.67 12.33
C LEU C 435 8.45 -27.24 13.43
N SER C 436 7.37 -26.51 13.74
CA SER C 436 6.43 -26.99 14.76
C SER C 436 5.70 -28.25 14.32
N GLY C 437 5.56 -28.47 13.02
CA GLY C 437 4.93 -29.68 12.52
C GLY C 437 5.22 -29.84 11.05
N ILE C 438 5.08 -31.07 10.58
CA ILE C 438 5.31 -31.40 9.18
C ILE C 438 4.15 -30.88 8.35
N PRO C 439 4.39 -30.02 7.36
CA PRO C 439 3.30 -29.52 6.52
C PRO C 439 2.62 -30.64 5.75
N ASP C 440 1.31 -30.47 5.54
CA ASP C 440 0.57 -31.44 4.75
C ASP C 440 0.95 -31.35 3.27
N THR C 441 1.39 -30.17 2.82
CA THR C 441 1.71 -29.97 1.42
C THR C 441 3.01 -30.66 1.01
N VAL C 442 3.78 -31.19 1.96
CA VAL C 442 4.98 -31.93 1.60
C VAL C 442 4.63 -33.21 0.86
N PHE C 443 3.39 -33.69 1.00
CA PHE C 443 2.94 -34.87 0.29
C PHE C 443 2.42 -34.56 -1.10
N ASP C 444 2.39 -33.28 -1.50
CA ASP C 444 1.99 -32.91 -2.84
C ASP C 444 3.04 -33.24 -3.89
N LEU C 445 4.28 -33.49 -3.48
CA LEU C 445 5.37 -33.85 -4.39
C LEU C 445 5.68 -35.32 -4.15
N VAL C 446 5.23 -36.17 -5.08
CA VAL C 446 5.43 -37.61 -4.97
C VAL C 446 6.74 -38.00 -5.64
N GLU C 447 7.47 -37.00 -6.13
CA GLU C 447 8.75 -37.22 -6.78
C GLU C 447 9.93 -37.16 -5.81
N LEU C 448 9.67 -36.94 -4.53
CA LEU C 448 10.71 -36.95 -3.52
C LEU C 448 11.18 -38.38 -3.26
N GLU C 449 12.49 -38.52 -3.05
CA GLU C 449 13.08 -39.82 -2.76
C GLU C 449 13.75 -39.80 -1.39
N VAL C 450 14.25 -38.63 -0.98
CA VAL C 450 14.87 -38.45 0.32
C VAL C 450 14.13 -37.33 1.05
N LEU C 451 13.72 -37.62 2.28
CA LEU C 451 13.06 -36.63 3.13
C LEU C 451 13.66 -36.71 4.53
N LYS C 452 14.16 -35.58 5.03
CA LYS C 452 14.75 -35.52 6.36
C LYS C 452 13.89 -34.64 7.26
N LEU C 453 13.53 -35.17 8.43
CA LEU C 453 12.77 -34.44 9.44
C LEU C 453 13.68 -34.21 10.64
N GLU C 454 14.02 -32.95 10.90
CA GLU C 454 14.95 -32.61 11.97
C GLU C 454 14.30 -31.60 12.90
N LEU C 455 14.35 -31.87 14.20
CA LEU C 455 13.84 -30.97 15.24
C LEU C 455 12.40 -30.57 14.97
N ILE C 456 11.57 -31.56 14.64
CA ILE C 456 10.14 -31.37 14.47
C ILE C 456 9.43 -32.12 15.60
N PRO C 457 9.00 -31.43 16.66
CA PRO C 457 8.55 -32.14 17.87
C PRO C 457 7.19 -32.80 17.71
N ASP C 458 7.04 -33.96 18.36
CA ASP C 458 5.78 -34.67 18.55
C ASP C 458 4.91 -34.69 17.28
N VAL C 459 5.52 -35.12 16.19
CA VAL C 459 4.82 -35.27 14.93
C VAL C 459 4.48 -36.73 14.71
N THR C 460 3.24 -37.01 14.32
CA THR C 460 2.77 -38.36 14.03
C THR C 460 2.68 -38.53 12.53
N ILE C 461 3.27 -39.61 12.03
CA ILE C 461 3.32 -39.86 10.59
C ILE C 461 1.90 -40.14 10.09
N PRO C 462 1.37 -39.32 9.20
CA PRO C 462 0.01 -39.55 8.70
C PRO C 462 0.00 -40.61 7.63
N PRO C 463 -1.18 -41.14 7.28
CA PRO C 463 -1.26 -42.06 6.14
C PRO C 463 -0.98 -41.41 4.80
N SER C 464 -0.80 -40.08 4.76
CA SER C 464 -0.54 -39.38 3.51
C SER C 464 0.79 -39.74 2.88
N ILE C 465 1.68 -40.41 3.62
CA ILE C 465 2.94 -40.87 3.04
C ILE C 465 2.69 -41.91 1.95
N ALA C 466 1.56 -42.62 2.01
CA ALA C 466 1.23 -43.60 0.98
C ALA C 466 1.15 -42.96 -0.39
N GLN C 467 0.83 -41.66 -0.45
CA GLN C 467 0.86 -40.95 -1.73
C GLN C 467 2.28 -40.90 -2.30
N LEU C 468 3.28 -40.73 -1.43
CA LEU C 468 4.67 -40.60 -1.85
C LEU C 468 5.25 -41.99 -2.15
N THR C 469 4.73 -42.60 -3.22
CA THR C 469 5.22 -43.91 -3.63
C THR C 469 6.69 -43.88 -4.05
N GLY C 470 7.18 -42.74 -4.52
CA GLY C 470 8.56 -42.58 -4.92
C GLY C 470 9.53 -42.30 -3.79
N LEU C 471 9.06 -42.23 -2.55
CA LEU C 471 9.93 -41.97 -1.41
C LEU C 471 10.80 -43.18 -1.14
N LYS C 472 12.12 -42.95 -1.02
CA LYS C 472 13.07 -44.01 -0.79
C LYS C 472 13.83 -43.89 0.52
N GLU C 473 14.29 -42.69 0.87
CA GLU C 473 15.04 -42.46 2.10
C GLU C 473 14.27 -41.53 3.01
N LEU C 474 14.24 -41.88 4.30
CA LEU C 474 13.65 -41.04 5.33
C LEU C 474 14.70 -40.84 6.42
N TRP C 475 14.90 -39.60 6.84
CA TRP C 475 15.90 -39.26 7.84
C TRP C 475 15.21 -38.69 9.07
N LEU C 476 15.55 -39.22 10.24
CA LEU C 476 15.05 -38.72 11.52
C LEU C 476 16.23 -38.14 12.30
N TYR C 477 16.25 -36.82 12.45
CA TYR C 477 17.33 -36.12 13.12
C TYR C 477 16.77 -35.49 14.39
N HIS C 478 16.94 -36.18 15.51
CA HIS C 478 16.47 -35.72 16.82
C HIS C 478 14.99 -35.39 16.79
N THR C 479 14.21 -36.32 16.24
CA THR C 479 12.76 -36.15 16.08
C THR C 479 12.07 -37.41 16.58
N ALA C 480 11.43 -37.32 17.74
CA ALA C 480 10.61 -38.42 18.25
C ALA C 480 9.27 -38.39 17.55
N ALA C 481 9.02 -39.38 16.69
CA ALA C 481 7.84 -39.41 15.84
C ALA C 481 6.97 -40.60 16.19
N LYS C 482 5.67 -40.36 16.32
CA LYS C 482 4.69 -41.42 16.43
C LYS C 482 4.18 -41.81 15.05
N ILE C 483 3.47 -42.93 14.98
CA ILE C 483 3.03 -43.47 13.69
C ILE C 483 1.65 -44.12 13.85
N GLU C 484 0.98 -44.29 12.73
CA GLU C 484 -0.32 -44.95 12.64
C GLU C 484 -0.19 -46.22 11.80
N ALA C 485 -1.26 -47.00 11.79
CA ALA C 485 -1.24 -48.28 11.07
C ALA C 485 -1.02 -48.12 9.57
N PRO C 486 -1.76 -47.26 8.83
CA PRO C 486 -1.47 -47.13 7.39
C PRO C 486 -0.09 -46.59 7.11
N ALA C 487 0.38 -45.64 7.90
CA ALA C 487 1.72 -45.09 7.69
C ALA C 487 2.80 -46.15 7.91
N LEU C 488 2.66 -46.95 8.97
CA LEU C 488 3.62 -48.02 9.22
C LEU C 488 3.55 -49.08 8.13
N ALA C 489 2.34 -49.38 7.63
CA ALA C 489 2.19 -50.34 6.55
C ALA C 489 2.89 -49.86 5.29
N PHE C 490 2.76 -48.56 4.98
CA PHE C 490 3.45 -48.02 3.81
C PHE C 490 4.96 -48.03 4.01
N LEU C 491 5.42 -47.70 5.23
CA LEU C 491 6.86 -47.64 5.48
C LEU C 491 7.49 -49.03 5.40
N ARG C 492 6.80 -50.06 5.89
CA ARG C 492 7.35 -51.41 5.87
C ARG C 492 7.35 -52.03 4.48
N GLU C 493 6.80 -51.35 3.47
CA GLU C 493 6.72 -51.91 2.13
C GLU C 493 7.28 -51.03 1.03
N ASN C 494 7.46 -49.73 1.26
CA ASN C 494 7.90 -48.82 0.21
C ASN C 494 9.00 -47.88 0.72
N LEU C 495 10.01 -48.46 1.36
CA LEU C 495 11.13 -47.69 1.87
C LEU C 495 12.44 -48.37 1.48
N ARG C 496 13.49 -47.57 1.36
CA ARG C 496 14.82 -48.07 1.01
C ARG C 496 15.82 -47.92 2.15
N ALA C 497 16.01 -46.69 2.64
CA ALA C 497 16.97 -46.43 3.71
C ALA C 497 16.34 -45.53 4.76
N LEU C 498 16.82 -45.67 5.99
CA LEU C 498 16.32 -44.89 7.11
C LEU C 498 17.50 -44.36 7.91
N HIS C 499 17.50 -43.04 8.14
CA HIS C 499 18.51 -42.38 8.95
C HIS C 499 17.88 -41.91 10.26
N ILE C 500 18.43 -42.39 11.38
CA ILE C 500 17.94 -42.01 12.70
C ILE C 500 19.12 -41.62 13.56
N LYS C 501 19.14 -40.39 14.05
CA LYS C 501 20.12 -39.93 15.03
C LYS C 501 19.38 -39.34 16.22
N PHE C 502 19.93 -39.56 17.42
CA PHE C 502 19.23 -39.25 18.65
C PHE C 502 20.21 -38.76 19.71
N THR C 503 19.67 -38.01 20.68
CA THR C 503 20.42 -37.63 21.87
C THR C 503 20.04 -38.45 23.09
N ASP C 504 18.91 -39.16 23.05
CA ASP C 504 18.46 -39.96 24.19
C ASP C 504 17.85 -41.25 23.67
N ILE C 505 17.81 -42.25 24.56
CA ILE C 505 17.32 -43.57 24.17
C ILE C 505 15.84 -43.53 23.85
N LYS C 506 15.04 -42.84 24.67
CA LYS C 506 13.59 -42.97 24.58
C LYS C 506 13.01 -42.32 23.31
N GLU C 507 13.77 -41.46 22.64
CA GLU C 507 13.22 -40.74 21.50
C GLU C 507 13.25 -41.53 20.21
N ILE C 508 14.01 -42.62 20.13
CA ILE C 508 14.08 -43.38 18.87
C ILE C 508 12.77 -44.11 18.65
N PRO C 509 12.22 -44.10 17.43
CA PRO C 509 11.00 -44.88 17.17
C PRO C 509 11.25 -46.36 17.35
N LEU C 510 10.24 -47.06 17.88
CA LEU C 510 10.33 -48.49 18.12
C LEU C 510 9.72 -49.32 17.00
N TRP C 511 8.88 -48.72 16.15
CA TRP C 511 8.25 -49.43 15.05
C TRP C 511 9.19 -49.61 13.86
N ILE C 512 10.46 -49.22 13.97
CA ILE C 512 11.40 -49.39 12.88
C ILE C 512 11.64 -50.87 12.61
N TYR C 513 11.43 -51.73 13.60
CA TYR C 513 11.67 -53.16 13.44
C TYR C 513 10.62 -53.81 12.55
N SER C 514 9.41 -53.26 12.49
CA SER C 514 8.35 -53.84 11.68
C SER C 514 8.61 -53.71 10.19
N LEU C 515 9.53 -52.83 9.78
CA LEU C 515 9.86 -52.68 8.37
C LEU C 515 10.55 -53.94 7.85
N LYS C 516 10.31 -54.24 6.57
CA LYS C 516 10.97 -55.37 5.93
C LYS C 516 11.60 -54.96 4.62
N THR C 517 11.06 -53.93 3.97
CA THR C 517 11.61 -53.42 2.73
C THR C 517 12.90 -52.64 2.95
N LEU C 518 13.25 -52.34 4.19
CA LEU C 518 14.44 -51.55 4.48
C LEU C 518 15.70 -52.29 4.06
N GLU C 519 16.61 -51.58 3.41
CA GLU C 519 17.90 -52.13 3.01
C GLU C 519 19.08 -51.55 3.79
N GLU C 520 19.11 -50.24 4.01
CA GLU C 520 20.16 -49.59 4.77
C GLU C 520 19.56 -48.89 5.98
N LEU C 521 20.15 -49.11 7.14
CA LEU C 521 19.75 -48.43 8.36
C LEU C 521 20.95 -47.69 8.94
N HIS C 522 20.73 -46.44 9.36
CA HIS C 522 21.79 -45.57 9.84
C HIS C 522 21.51 -45.22 11.29
N LEU C 523 22.25 -45.87 12.20
CA LEU C 523 22.12 -45.63 13.62
C LEU C 523 23.24 -44.70 14.08
N THR C 524 22.84 -43.55 14.64
CA THR C 524 23.80 -42.53 15.08
C THR C 524 23.37 -42.06 16.46
N GLY C 525 24.24 -42.25 17.45
CA GLY C 525 23.94 -41.84 18.80
C GLY C 525 24.47 -42.82 19.83
N ASN C 526 24.97 -42.29 20.95
CA ASN C 526 25.56 -43.13 22.00
C ASN C 526 24.44 -43.85 22.74
N LEU C 527 23.99 -44.96 22.16
CA LEU C 527 22.93 -45.76 22.72
C LEU C 527 23.41 -46.75 23.78
N SER C 528 24.71 -46.77 24.06
CA SER C 528 25.25 -47.68 25.06
C SER C 528 24.63 -47.40 26.42
N ALA C 529 24.23 -48.47 27.12
CA ALA C 529 23.56 -48.35 28.42
C ALA C 529 24.35 -49.19 29.42
N GLU C 530 24.77 -48.57 30.51
CA GLU C 530 25.60 -49.25 31.50
C GLU C 530 24.74 -50.17 32.36
N ASN C 531 25.14 -51.45 32.42
CA ASN C 531 24.49 -52.53 33.17
C ASN C 531 23.15 -52.96 32.58
N ASN C 532 22.68 -52.32 31.52
CA ASN C 532 21.53 -52.76 30.74
C ASN C 532 21.86 -52.67 29.25
N ARG C 533 23.02 -53.20 28.90
CA ARG C 533 23.59 -52.99 27.57
C ARG C 533 22.79 -53.70 26.50
N TYR C 534 22.60 -53.01 25.37
CA TYR C 534 22.14 -53.61 24.11
C TYR C 534 20.79 -54.29 24.29
N ILE C 535 19.79 -53.49 24.66
CA ILE C 535 18.43 -53.96 24.84
C ILE C 535 17.47 -53.31 23.86
N VAL C 536 17.63 -52.01 23.61
CA VAL C 536 16.73 -51.30 22.70
C VAL C 536 16.89 -51.81 21.28
N ILE C 537 18.11 -52.14 20.87
CA ILE C 537 18.39 -52.53 19.50
C ILE C 537 18.29 -54.04 19.36
N ASP C 538 17.69 -54.70 20.36
CA ASP C 538 17.46 -56.13 20.27
C ASP C 538 16.53 -56.51 19.13
N GLY C 539 15.68 -55.57 18.69
CA GLY C 539 14.79 -55.80 17.58
C GLY C 539 15.40 -55.63 16.21
N LEU C 540 16.71 -55.35 16.14
CA LEU C 540 17.38 -55.20 14.85
C LEU C 540 17.38 -56.48 14.05
N ARG C 541 17.19 -57.63 14.70
CA ARG C 541 17.14 -58.91 13.98
C ARG C 541 15.88 -59.04 13.14
N GLU C 542 14.87 -58.20 13.37
CA GLU C 542 13.63 -58.30 12.60
C GLU C 542 13.82 -58.05 11.12
N LEU C 543 14.85 -57.31 10.73
CA LEU C 543 15.09 -56.99 9.32
C LEU C 543 15.75 -58.19 8.66
N LYS C 544 15.01 -58.88 7.79
CA LYS C 544 15.55 -60.01 7.06
C LYS C 544 16.10 -59.61 5.70
N ARG C 545 15.99 -58.34 5.32
CA ARG C 545 16.53 -57.85 4.07
C ARG C 545 17.62 -56.80 4.28
N LEU C 546 17.98 -56.51 5.53
CA LEU C 546 19.01 -55.51 5.80
C LEU C 546 20.35 -55.95 5.24
N LYS C 547 20.96 -55.06 4.46
CA LYS C 547 22.24 -55.36 3.81
C LYS C 547 23.36 -54.45 4.27
N VAL C 548 23.13 -53.14 4.32
CA VAL C 548 24.15 -52.17 4.72
C VAL C 548 23.74 -51.60 6.09
N LEU C 549 24.63 -51.73 7.06
CA LEU C 549 24.39 -51.24 8.41
C LEU C 549 25.37 -50.11 8.70
N ARG C 550 24.84 -48.95 9.09
CA ARG C 550 25.63 -47.77 9.43
C ARG C 550 25.56 -47.60 10.95
N LEU C 551 26.66 -47.91 11.63
CA LEU C 551 26.72 -47.89 13.08
C LEU C 551 27.60 -46.75 13.56
N LYS C 552 27.07 -45.92 14.46
CA LYS C 552 27.84 -44.88 15.13
C LYS C 552 27.23 -44.70 16.52
N SER C 553 27.76 -45.44 17.49
CA SER C 553 27.18 -45.46 18.83
C SER C 553 28.21 -45.39 19.96
N ASN C 554 29.51 -45.36 19.65
CA ASN C 554 30.56 -45.31 20.66
C ASN C 554 30.41 -46.46 21.66
N LEU C 555 30.07 -47.63 21.14
CA LEU C 555 29.87 -48.81 21.98
C LEU C 555 31.23 -49.40 22.38
N SER C 556 31.36 -49.74 23.66
CA SER C 556 32.62 -50.29 24.16
C SER C 556 32.96 -51.62 23.49
N LYS C 557 31.97 -52.50 23.35
CA LYS C 557 32.14 -53.79 22.70
C LYS C 557 31.04 -53.99 21.67
N LEU C 558 31.35 -54.79 20.65
CA LEU C 558 30.40 -55.04 19.58
C LEU C 558 29.21 -55.84 20.12
N PRO C 559 27.97 -55.35 19.97
CA PRO C 559 26.82 -56.08 20.50
C PRO C 559 26.62 -57.42 19.79
N GLN C 560 26.04 -58.36 20.54
CA GLN C 560 25.74 -59.68 19.97
C GLN C 560 24.65 -59.59 18.92
N VAL C 561 23.74 -58.61 19.04
CA VAL C 561 22.69 -58.43 18.03
C VAL C 561 23.29 -58.06 16.69
N VAL C 562 24.41 -57.32 16.70
CA VAL C 562 25.10 -57.00 15.46
C VAL C 562 25.59 -58.28 14.78
N THR C 563 26.17 -59.19 15.57
CA THR C 563 26.61 -60.46 15.01
C THR C 563 25.43 -61.28 14.49
N ASP C 564 24.31 -61.26 15.21
CA ASP C 564 23.13 -62.00 14.76
C ASP C 564 22.61 -61.45 13.44
N VAL C 565 22.59 -60.13 13.29
CA VAL C 565 22.03 -59.52 12.09
C VAL C 565 23.03 -59.48 10.94
N GLY C 566 24.31 -59.71 11.22
CA GLY C 566 25.30 -59.67 10.16
C GLY C 566 25.38 -60.90 9.28
N VAL C 567 24.58 -61.93 9.55
CA VAL C 567 24.56 -63.12 8.70
C VAL C 567 24.05 -62.83 7.30
N HIS C 568 23.35 -61.72 7.10
CA HIS C 568 22.89 -61.33 5.77
C HIS C 568 23.33 -59.93 5.38
N LEU C 569 24.14 -59.26 6.18
CA LEU C 569 24.59 -57.92 5.86
C LEU C 569 25.65 -57.94 4.76
N GLN C 570 25.87 -56.78 4.14
CA GLN C 570 26.88 -56.62 3.11
C GLN C 570 27.93 -55.59 3.51
N LYS C 571 27.52 -54.42 3.97
CA LYS C 571 28.44 -53.34 4.34
C LYS C 571 28.22 -52.95 5.79
N LEU C 572 29.32 -52.89 6.54
CA LEU C 572 29.29 -52.48 7.95
C LEU C 572 30.25 -51.32 8.14
N SER C 573 29.76 -50.24 8.74
CA SER C 573 30.56 -49.04 9.00
C SER C 573 30.36 -48.66 10.46
N ILE C 574 31.43 -48.80 11.25
CA ILE C 574 31.41 -48.50 12.68
C ILE C 574 32.22 -47.24 12.93
N ASN C 575 31.69 -46.33 13.75
CA ASN C 575 32.33 -45.07 14.09
C ASN C 575 32.36 -44.96 15.60
N ASN C 576 33.51 -45.26 16.21
CA ASN C 576 33.65 -45.26 17.65
C ASN C 576 34.12 -43.92 18.21
N GLU C 577 34.31 -42.91 17.36
CA GLU C 577 34.66 -41.56 17.81
C GLU C 577 35.96 -41.53 18.61
N GLY C 578 36.89 -42.42 18.29
CA GLY C 578 38.14 -42.51 19.01
C GLY C 578 38.16 -43.48 20.16
N THR C 579 37.00 -44.03 20.54
CA THR C 579 36.95 -44.98 21.63
C THR C 579 37.47 -46.35 21.16
N LYS C 580 38.23 -47.02 22.03
CA LYS C 580 38.80 -48.32 21.71
C LYS C 580 37.69 -49.35 21.50
N LEU C 581 37.55 -49.85 20.27
CA LEU C 581 36.55 -50.86 19.96
C LEU C 581 37.18 -52.24 20.08
N ILE C 582 36.64 -53.06 20.98
CA ILE C 582 37.11 -54.42 21.19
C ILE C 582 36.23 -55.36 20.38
N VAL C 583 36.86 -56.19 19.55
CA VAL C 583 36.14 -57.13 18.71
C VAL C 583 36.27 -58.54 19.28
N LEU C 584 37.51 -59.04 19.33
CA LEU C 584 37.81 -60.36 19.89
C LEU C 584 36.97 -61.45 19.23
N ASN C 585 37.27 -61.69 17.95
CA ASN C 585 36.59 -62.71 17.13
C ASN C 585 35.08 -62.43 17.09
N SER C 586 34.75 -61.25 16.56
CA SER C 586 33.36 -60.87 16.37
C SER C 586 33.07 -60.44 14.93
N LEU C 587 33.92 -60.81 13.98
CA LEU C 587 33.72 -60.47 12.57
C LEU C 587 33.75 -61.68 11.65
N LYS C 588 34.26 -62.82 12.10
CA LYS C 588 34.36 -63.99 11.24
C LYS C 588 32.99 -64.56 10.90
N LYS C 589 31.99 -64.33 11.75
CA LYS C 589 30.66 -64.89 11.54
C LYS C 589 29.89 -64.20 10.43
N MET C 590 30.32 -63.02 9.99
CA MET C 590 29.66 -62.29 8.92
C MET C 590 30.17 -62.78 7.57
N VAL C 591 29.69 -63.97 7.19
CA VAL C 591 30.14 -64.59 5.95
C VAL C 591 29.70 -63.78 4.74
N ASN C 592 28.48 -63.23 4.76
CA ASN C 592 27.96 -62.48 3.63
C ASN C 592 28.42 -61.02 3.62
N LEU C 593 29.19 -60.60 4.62
CA LEU C 593 29.67 -59.22 4.64
C LEU C 593 30.63 -58.98 3.47
N THR C 594 30.47 -57.81 2.83
CA THR C 594 31.26 -57.46 1.65
C THR C 594 32.24 -56.33 1.91
N GLU C 595 31.81 -55.26 2.60
CA GLU C 595 32.64 -54.10 2.88
C GLU C 595 32.67 -53.86 4.38
N LEU C 596 33.85 -53.99 4.98
CA LEU C 596 34.04 -53.72 6.40
C LEU C 596 34.70 -52.35 6.57
N GLU C 597 34.03 -51.46 7.29
CA GLU C 597 34.54 -50.11 7.53
C GLU C 597 34.58 -49.84 9.02
N LEU C 598 35.75 -49.45 9.51
CA LEU C 598 35.94 -49.08 10.91
C LEU C 598 36.50 -47.67 10.97
N ILE C 599 35.78 -46.78 11.62
CA ILE C 599 36.12 -45.35 11.66
C ILE C 599 36.41 -44.96 13.12
N ARG C 600 37.59 -44.39 13.34
CA ARG C 600 37.98 -43.85 14.65
C ARG C 600 37.81 -44.88 15.76
N CYS C 601 38.34 -46.09 15.52
CA CYS C 601 38.30 -47.15 16.51
C CYS C 601 39.52 -47.16 17.43
N ASP C 602 40.54 -46.37 17.13
CA ASP C 602 41.76 -46.30 17.94
C ASP C 602 42.37 -47.67 18.14
N LEU C 603 42.39 -48.46 17.05
CA LEU C 603 42.84 -49.84 17.15
C LEU C 603 44.32 -49.93 17.51
N GLU C 604 45.18 -49.22 16.76
CA GLU C 604 46.63 -49.29 16.86
C GLU C 604 47.13 -50.68 16.47
N ARG C 605 46.22 -51.57 16.09
CA ARG C 605 46.55 -52.94 15.70
C ARG C 605 45.39 -53.57 14.95
N ILE C 606 45.64 -54.09 13.76
CA ILE C 606 44.56 -54.66 12.95
C ILE C 606 44.18 -56.03 13.52
N PRO C 607 42.93 -56.24 13.92
CA PRO C 607 42.52 -57.56 14.42
C PRO C 607 42.60 -58.62 13.34
N HIS C 608 42.91 -59.84 13.77
CA HIS C 608 43.03 -60.95 12.83
C HIS C 608 41.68 -61.47 12.35
N SER C 609 40.59 -61.06 13.01
CA SER C 609 39.27 -61.54 12.62
C SER C 609 38.87 -61.02 11.24
N ILE C 610 39.50 -59.93 10.79
CA ILE C 610 39.17 -59.37 9.48
C ILE C 610 39.58 -60.30 8.36
N PHE C 611 40.70 -61.01 8.51
CA PHE C 611 41.21 -61.86 7.44
C PHE C 611 40.31 -63.05 7.15
N SER C 612 39.41 -63.40 8.06
CA SER C 612 38.55 -64.56 7.87
C SER C 612 37.46 -64.32 6.82
N LEU C 613 37.21 -63.09 6.43
CA LEU C 613 36.20 -62.75 5.43
C LEU C 613 36.93 -62.54 4.10
N HIS C 614 37.17 -63.64 3.39
CA HIS C 614 37.92 -63.58 2.14
C HIS C 614 37.16 -62.79 1.08
N ASN C 615 35.83 -62.81 1.13
CA ASN C 615 35.00 -62.13 0.15
C ASN C 615 34.98 -60.62 0.34
N LEU C 616 35.58 -60.10 1.41
CA LEU C 616 35.61 -58.66 1.64
C LEU C 616 36.25 -57.93 0.47
N GLN C 617 35.59 -56.89 -0.01
CA GLN C 617 36.04 -56.13 -1.18
C GLN C 617 36.80 -54.87 -0.81
N GLU C 618 36.28 -54.06 0.11
CA GLU C 618 36.93 -52.83 0.55
C GLU C 618 36.97 -52.81 2.08
N ILE C 619 38.13 -52.44 2.62
CA ILE C 619 38.33 -52.39 4.07
C ILE C 619 38.78 -50.98 4.43
N ASP C 620 38.10 -50.38 5.41
CA ASP C 620 38.41 -49.04 5.87
C ASP C 620 38.80 -49.10 7.34
N LEU C 621 39.96 -48.54 7.67
CA LEU C 621 40.42 -48.46 9.06
C LEU C 621 40.86 -47.03 9.38
N LYS C 622 40.04 -46.07 8.99
CA LYS C 622 40.38 -44.65 9.14
C LYS C 622 40.58 -44.28 10.60
N ASP C 623 41.68 -43.58 10.88
CA ASP C 623 41.96 -42.95 12.17
C ASP C 623 41.89 -43.98 13.31
N ASN C 624 42.77 -44.96 13.21
CA ASN C 624 42.91 -45.98 14.26
C ASN C 624 44.29 -45.96 14.90
N ASN C 625 45.14 -44.97 14.56
CA ASN C 625 46.47 -44.82 15.14
C ASN C 625 47.34 -46.06 14.89
N LEU C 626 47.13 -46.70 13.74
CA LEU C 626 47.95 -47.86 13.39
C LEU C 626 49.39 -47.43 13.15
N LYS C 627 50.34 -48.19 13.67
CA LYS C 627 51.76 -47.94 13.47
C LYS C 627 52.42 -48.98 12.58
N THR C 628 52.16 -50.27 12.84
CA THR C 628 52.66 -51.36 12.01
C THR C 628 51.47 -52.07 11.37
N ILE C 629 51.51 -52.22 10.05
CA ILE C 629 50.44 -52.89 9.32
C ILE C 629 51.00 -54.15 8.66
N GLU C 630 51.96 -54.79 9.34
CA GLU C 630 52.61 -55.97 8.78
C GLU C 630 51.66 -57.15 8.65
N GLU C 631 50.48 -57.07 9.26
CA GLU C 631 49.48 -58.14 9.19
C GLU C 631 48.97 -58.35 7.77
N ILE C 632 49.39 -57.50 6.83
CA ILE C 632 48.96 -57.56 5.44
C ILE C 632 49.35 -58.87 4.80
N ILE C 633 50.28 -59.60 5.44
CA ILE C 633 50.62 -60.94 4.96
C ILE C 633 49.39 -61.83 4.96
N SER C 634 48.61 -61.80 6.04
CA SER C 634 47.39 -62.58 6.12
C SER C 634 46.30 -62.06 5.21
N PHE C 635 46.44 -60.84 4.67
CA PHE C 635 45.44 -60.30 3.75
C PHE C 635 45.41 -61.06 2.44
N GLN C 636 46.39 -61.92 2.17
CA GLN C 636 46.37 -62.72 0.96
C GLN C 636 45.17 -63.64 0.88
N HIS C 637 44.57 -63.98 2.03
CA HIS C 637 43.34 -64.78 2.02
C HIS C 637 42.22 -64.05 1.29
N LEU C 638 42.19 -62.72 1.41
CA LEU C 638 41.18 -61.88 0.75
C LEU C 638 41.65 -61.62 -0.68
N HIS C 639 41.27 -62.54 -1.57
CA HIS C 639 41.71 -62.45 -2.97
C HIS C 639 41.01 -61.30 -3.68
N ARG C 640 39.71 -61.12 -3.41
CA ARG C 640 38.93 -60.05 -4.04
C ARG C 640 38.96 -58.76 -3.24
N LEU C 641 39.98 -58.54 -2.43
CA LEU C 641 40.15 -57.30 -1.68
C LEU C 641 40.92 -56.32 -2.56
N THR C 642 40.21 -55.40 -3.18
CA THR C 642 40.82 -54.45 -4.11
C THR C 642 41.08 -53.08 -3.49
N CYS C 643 40.56 -52.81 -2.28
CA CYS C 643 40.72 -51.52 -1.64
C CYS C 643 41.11 -51.71 -0.18
N LEU C 644 42.14 -51.00 0.26
CA LEU C 644 42.54 -50.98 1.66
C LEU C 644 42.72 -49.53 2.10
N LYS C 645 42.06 -49.16 3.18
CA LYS C 645 42.06 -47.78 3.67
C LYS C 645 42.68 -47.78 5.08
N LEU C 646 43.92 -47.31 5.19
CA LEU C 646 44.64 -47.28 6.45
C LEU C 646 45.23 -45.90 6.73
N TRP C 647 44.57 -44.84 6.28
CA TRP C 647 45.09 -43.50 6.45
C TRP C 647 44.62 -42.92 7.77
N TYR C 648 45.04 -41.68 8.05
CA TYR C 648 44.77 -41.00 9.32
C TYR C 648 45.37 -41.75 10.51
N ASN C 649 46.44 -42.50 10.26
CA ASN C 649 47.09 -43.32 11.28
C ASN C 649 48.54 -42.88 11.46
N HIS C 650 49.28 -43.65 12.24
CA HIS C 650 50.70 -43.39 12.53
C HIS C 650 51.61 -44.26 11.68
N ILE C 651 51.19 -44.56 10.45
CA ILE C 651 51.94 -45.45 9.58
C ILE C 651 53.29 -44.79 9.27
N ALA C 652 54.37 -45.38 9.78
CA ALA C 652 55.70 -44.81 9.57
C ALA C 652 56.38 -45.35 8.32
N TYR C 653 56.48 -46.67 8.18
CA TYR C 653 57.11 -47.29 7.03
C TYR C 653 56.17 -48.34 6.44
N ILE C 654 56.02 -48.31 5.12
CA ILE C 654 55.16 -49.27 4.43
C ILE C 654 55.87 -50.62 4.39
N PRO C 655 55.26 -51.68 4.91
CA PRO C 655 55.91 -52.99 4.86
C PRO C 655 56.10 -53.47 3.43
N ILE C 656 57.18 -54.23 3.21
CA ILE C 656 57.47 -54.74 1.88
C ILE C 656 56.42 -55.76 1.46
N GLN C 657 55.79 -56.44 2.42
CA GLN C 657 54.83 -57.49 2.11
C GLN C 657 53.57 -56.96 1.45
N ILE C 658 53.36 -55.64 1.44
CA ILE C 658 52.20 -55.08 0.77
C ILE C 658 52.23 -55.35 -0.72
N GLY C 659 53.42 -55.56 -1.30
CA GLY C 659 53.52 -55.85 -2.71
C GLY C 659 52.94 -57.19 -3.11
N ASN C 660 52.80 -58.11 -2.14
CA ASN C 660 52.16 -59.39 -2.43
C ASN C 660 50.69 -59.18 -2.81
N LEU C 661 50.01 -58.25 -2.15
CA LEU C 661 48.61 -57.99 -2.41
C LEU C 661 48.44 -57.22 -3.72
N THR C 662 48.63 -57.90 -4.85
CA THR C 662 48.53 -57.28 -6.16
C THR C 662 47.09 -56.98 -6.57
N ASN C 663 46.10 -57.49 -5.83
CA ASN C 663 44.71 -57.28 -6.18
C ASN C 663 44.21 -55.89 -5.86
N LEU C 664 45.00 -55.08 -5.14
CA LEU C 664 44.56 -53.75 -4.75
C LEU C 664 44.41 -52.85 -5.97
N GLU C 665 43.35 -52.04 -5.98
CA GLU C 665 43.12 -51.05 -7.02
C GLU C 665 43.20 -49.61 -6.52
N ARG C 666 42.75 -49.35 -5.30
CA ARG C 666 42.84 -48.03 -4.69
C ARG C 666 43.40 -48.17 -3.29
N LEU C 667 44.41 -47.35 -2.98
CA LEU C 667 45.11 -47.43 -1.70
C LEU C 667 45.39 -46.02 -1.20
N TYR C 668 44.85 -45.69 -0.03
CA TYR C 668 45.08 -44.40 0.61
C TYR C 668 45.99 -44.61 1.81
N LEU C 669 47.12 -43.90 1.82
CA LEU C 669 48.05 -43.94 2.94
C LEU C 669 48.54 -42.53 3.28
N ASN C 670 47.66 -41.55 3.14
CA ASN C 670 48.00 -40.16 3.40
C ASN C 670 47.86 -39.84 4.88
N ARG C 671 48.30 -38.64 5.25
CA ARG C 671 48.21 -38.15 6.63
C ARG C 671 48.88 -39.11 7.61
N ASN C 672 50.02 -39.65 7.20
CA ASN C 672 50.76 -40.60 8.03
C ASN C 672 52.21 -40.17 8.18
N LYS C 673 53.02 -41.01 8.82
CA LYS C 673 54.45 -40.76 9.00
C LYS C 673 55.28 -41.41 7.90
N ILE C 674 54.68 -41.62 6.72
CA ILE C 674 55.35 -42.32 5.64
C ILE C 674 56.49 -41.46 5.11
N GLU C 675 57.68 -42.05 5.05
CA GLU C 675 58.85 -41.37 4.51
C GLU C 675 59.37 -41.96 3.21
N LYS C 676 59.09 -43.23 2.92
CA LYS C 676 59.58 -43.86 1.72
C LYS C 676 58.69 -45.04 1.35
N ILE C 677 58.71 -45.41 0.08
CA ILE C 677 57.87 -46.49 -0.45
C ILE C 677 58.76 -47.67 -0.82
N PRO C 678 58.47 -48.87 -0.33
CA PRO C 678 59.25 -50.04 -0.77
C PRO C 678 59.00 -50.36 -2.23
N THR C 679 60.03 -50.91 -2.88
CA THR C 679 59.93 -51.22 -4.30
C THR C 679 59.03 -52.42 -4.56
N GLN C 680 58.82 -53.29 -3.56
CA GLN C 680 57.97 -54.45 -3.77
C GLN C 680 56.51 -54.06 -3.97
N LEU C 681 56.09 -52.93 -3.40
CA LEU C 681 54.71 -52.48 -3.53
C LEU C 681 54.31 -52.30 -4.99
N PHE C 682 55.26 -51.91 -5.85
CA PHE C 682 54.97 -51.61 -7.24
C PHE C 682 54.77 -52.86 -8.09
N TYR C 683 54.68 -54.04 -7.47
CA TYR C 683 54.23 -55.23 -8.19
C TYR C 683 52.72 -55.30 -8.31
N CYS C 684 51.99 -54.42 -7.63
CA CYS C 684 50.53 -54.37 -7.68
C CYS C 684 50.14 -53.47 -8.85
N ARG C 685 50.16 -54.03 -10.06
CA ARG C 685 49.86 -53.23 -11.25
C ARG C 685 48.42 -52.74 -11.24
N LYS C 686 47.52 -53.47 -10.60
CA LYS C 686 46.10 -53.14 -10.62
C LYS C 686 45.77 -51.87 -9.83
N LEU C 687 46.76 -51.34 -9.11
CA LEU C 687 46.54 -50.11 -8.34
C LEU C 687 46.22 -48.95 -9.27
N ARG C 688 45.17 -48.21 -8.96
CA ARG C 688 44.68 -47.12 -9.79
C ARG C 688 44.53 -45.80 -9.06
N TYR C 689 44.25 -45.82 -7.76
CA TYR C 689 44.14 -44.61 -6.96
C TYR C 689 45.10 -44.70 -5.78
N LEU C 690 46.10 -43.83 -5.76
CA LEU C 690 47.10 -43.81 -4.71
C LEU C 690 47.08 -42.47 -4.00
N ASP C 691 47.12 -42.52 -2.66
CA ASP C 691 47.07 -41.31 -1.84
C ASP C 691 48.15 -41.41 -0.78
N LEU C 692 49.14 -40.52 -0.87
CA LEU C 692 50.26 -40.49 0.07
C LEU C 692 50.55 -39.07 0.51
N SER C 693 49.51 -38.22 0.51
CA SER C 693 49.68 -36.81 0.79
C SER C 693 49.97 -36.57 2.27
N HIS C 694 50.52 -35.39 2.55
CA HIS C 694 50.82 -34.94 3.91
C HIS C 694 51.71 -35.95 4.65
N ASN C 695 52.75 -36.42 3.97
CA ASN C 695 53.69 -37.37 4.54
C ASN C 695 55.10 -36.81 4.42
N ASN C 696 56.09 -37.65 4.72
CA ASN C 696 57.50 -37.26 4.72
C ASN C 696 58.24 -37.78 3.50
N LEU C 697 57.57 -37.89 2.35
CA LEU C 697 58.24 -38.34 1.15
C LEU C 697 59.20 -37.27 0.63
N THR C 698 60.37 -37.72 0.18
CA THR C 698 61.37 -36.85 -0.41
C THR C 698 61.72 -37.19 -1.85
N PHE C 699 61.57 -38.45 -2.26
CA PHE C 699 61.73 -38.84 -3.65
C PHE C 699 60.91 -40.10 -3.89
N LEU C 700 60.69 -40.39 -5.18
CA LEU C 700 59.88 -41.55 -5.52
C LEU C 700 60.75 -42.62 -6.16
N PRO C 701 60.45 -43.90 -5.93
CA PRO C 701 61.25 -44.97 -6.54
C PRO C 701 61.05 -45.02 -8.04
N ALA C 702 62.01 -45.67 -8.72
CA ALA C 702 61.92 -45.82 -10.17
C ALA C 702 60.83 -46.81 -10.57
N ASP C 703 60.36 -47.62 -9.64
CA ASP C 703 59.38 -48.65 -9.97
C ASP C 703 57.98 -48.10 -10.14
N ILE C 704 57.75 -46.82 -9.81
CA ILE C 704 56.41 -46.24 -9.94
C ILE C 704 55.97 -46.21 -11.40
N GLY C 705 56.93 -46.16 -12.33
CA GLY C 705 56.59 -46.11 -13.74
C GLY C 705 55.93 -47.37 -14.26
N LEU C 706 56.09 -48.49 -13.55
CA LEU C 706 55.48 -49.75 -13.96
C LEU C 706 54.03 -49.90 -13.51
N LEU C 707 53.50 -48.93 -12.78
CA LEU C 707 52.10 -48.93 -12.37
C LEU C 707 51.31 -48.11 -13.38
N GLN C 708 51.20 -48.66 -14.59
CA GLN C 708 50.54 -47.94 -15.68
C GLN C 708 49.07 -47.71 -15.40
N ASN C 709 48.43 -48.59 -14.62
CA ASN C 709 47.01 -48.47 -14.35
C ASN C 709 46.67 -47.31 -13.43
N LEU C 710 47.67 -46.67 -12.81
CA LEU C 710 47.41 -45.56 -11.91
C LEU C 710 46.90 -44.35 -12.67
N GLN C 711 45.86 -43.72 -12.12
CA GLN C 711 45.33 -42.48 -12.68
C GLN C 711 45.43 -41.31 -11.71
N ASN C 712 45.13 -41.52 -10.43
CA ASN C 712 45.17 -40.46 -9.43
C ASN C 712 46.34 -40.71 -8.48
N LEU C 713 47.25 -39.75 -8.40
CA LEU C 713 48.39 -39.80 -7.50
C LEU C 713 48.36 -38.59 -6.59
N ALA C 714 48.54 -38.81 -5.28
CA ALA C 714 48.43 -37.76 -4.28
C ALA C 714 49.65 -37.82 -3.37
N VAL C 715 50.58 -36.87 -3.56
CA VAL C 715 51.76 -36.75 -2.72
C VAL C 715 51.86 -35.32 -2.21
N THR C 716 50.72 -34.67 -2.02
CA THR C 716 50.69 -33.30 -1.55
C THR C 716 51.32 -33.17 -0.17
N ALA C 717 51.98 -32.03 0.06
CA ALA C 717 52.60 -31.69 1.34
C ALA C 717 53.68 -32.71 1.72
N ASN C 718 54.72 -32.76 0.88
CA ASN C 718 55.88 -33.61 1.10
C ASN C 718 57.15 -32.83 0.77
N ARG C 719 58.29 -33.49 0.94
CA ARG C 719 59.60 -32.89 0.69
C ARG C 719 60.20 -33.37 -0.63
N ILE C 720 59.35 -33.54 -1.64
CA ILE C 720 59.80 -34.02 -2.94
C ILE C 720 60.67 -32.97 -3.61
N GLU C 721 61.98 -33.20 -3.62
CA GLU C 721 62.90 -32.21 -4.16
C GLU C 721 62.75 -32.03 -5.66
N ALA C 722 62.71 -33.14 -6.40
CA ALA C 722 62.62 -33.09 -7.85
C ALA C 722 61.61 -34.13 -8.34
N LEU C 723 61.07 -33.90 -9.53
CA LEU C 723 60.10 -34.80 -10.12
C LEU C 723 60.82 -35.95 -10.83
N PRO C 724 60.62 -37.20 -10.42
CA PRO C 724 61.33 -38.30 -11.08
C PRO C 724 60.86 -38.46 -12.51
N PRO C 725 61.74 -38.89 -13.41
CA PRO C 725 61.33 -39.08 -14.82
C PRO C 725 60.43 -40.27 -15.04
N GLU C 726 60.42 -41.26 -14.13
CA GLU C 726 59.64 -42.46 -14.36
C GLU C 726 58.15 -42.24 -14.17
N LEU C 727 57.74 -41.13 -13.55
CA LEU C 727 56.32 -40.86 -13.35
C LEU C 727 55.58 -40.72 -14.67
N PHE C 728 56.26 -40.27 -15.71
CA PHE C 728 55.62 -40.05 -17.01
C PHE C 728 55.31 -41.35 -17.74
N GLN C 729 55.81 -42.49 -17.26
CA GLN C 729 55.47 -43.77 -17.86
C GLN C 729 53.98 -44.08 -17.72
N CYS C 730 53.37 -43.70 -16.61
CA CYS C 730 51.94 -43.89 -16.40
C CYS C 730 51.20 -42.88 -17.28
N ARG C 731 50.80 -43.32 -18.47
CA ARG C 731 50.30 -42.40 -19.48
C ARG C 731 48.93 -41.83 -19.14
N LYS C 732 48.15 -42.53 -18.32
CA LYS C 732 46.79 -42.10 -17.99
C LYS C 732 46.68 -41.53 -16.58
N LEU C 733 47.69 -40.79 -16.13
CA LEU C 733 47.62 -40.10 -14.84
C LEU C 733 46.76 -38.85 -15.02
N ARG C 734 45.47 -38.95 -14.69
CA ARG C 734 44.53 -37.85 -14.85
C ARG C 734 44.40 -36.98 -13.61
N ALA C 735 45.11 -37.32 -12.53
CA ALA C 735 45.07 -36.51 -11.32
C ALA C 735 46.41 -36.62 -10.60
N LEU C 736 47.12 -35.51 -10.51
CA LEU C 736 48.38 -35.42 -9.78
C LEU C 736 48.24 -34.36 -8.70
N HIS C 737 48.42 -34.76 -7.45
CA HIS C 737 48.31 -33.86 -6.31
C HIS C 737 49.72 -33.62 -5.79
N LEU C 738 50.34 -32.54 -6.26
CA LEU C 738 51.74 -32.24 -5.97
C LEU C 738 51.90 -30.93 -5.19
N GLY C 739 50.84 -30.47 -4.54
CA GLY C 739 50.90 -29.19 -3.86
C GLY C 739 51.72 -29.24 -2.59
N ASN C 740 52.11 -28.06 -2.11
CA ASN C 740 52.83 -27.89 -0.85
C ASN C 740 54.11 -28.72 -0.81
N ASN C 741 54.83 -28.75 -1.93
CA ASN C 741 56.09 -29.47 -2.04
C ASN C 741 57.20 -28.48 -2.37
N VAL C 742 58.42 -29.00 -2.51
CA VAL C 742 59.59 -28.16 -2.76
C VAL C 742 60.06 -28.34 -4.20
N LEU C 743 59.15 -28.68 -5.10
CA LEU C 743 59.47 -28.74 -6.51
C LEU C 743 59.88 -27.37 -7.02
N GLN C 744 60.99 -27.31 -7.75
CA GLN C 744 61.53 -26.05 -8.25
C GLN C 744 61.41 -25.91 -9.77
N SER C 745 61.71 -26.96 -10.52
CA SER C 745 61.66 -26.94 -11.97
C SER C 745 60.72 -28.03 -12.47
N LEU C 746 59.94 -27.70 -13.50
CA LEU C 746 59.01 -28.65 -14.08
C LEU C 746 59.63 -29.31 -15.29
N PRO C 747 59.81 -30.64 -15.27
CA PRO C 747 60.43 -31.32 -16.41
C PRO C 747 59.58 -31.17 -17.67
N SER C 748 60.28 -31.14 -18.81
CA SER C 748 59.62 -30.98 -20.10
C SER C 748 58.78 -32.18 -20.51
N ARG C 749 58.90 -33.30 -19.81
CA ARG C 749 58.13 -34.50 -20.14
C ARG C 749 56.67 -34.40 -19.72
N VAL C 750 56.24 -33.28 -19.12
CA VAL C 750 54.86 -33.15 -18.69
C VAL C 750 53.88 -33.20 -19.86
N GLY C 751 54.32 -32.84 -21.06
CA GLY C 751 53.46 -32.94 -22.22
C GLY C 751 53.17 -34.36 -22.67
N GLU C 752 53.93 -35.34 -22.18
CA GLU C 752 53.70 -36.74 -22.49
C GLU C 752 52.45 -37.29 -21.83
N LEU C 753 51.92 -36.62 -20.82
CA LEU C 753 50.73 -37.08 -20.12
C LEU C 753 49.51 -36.59 -20.89
N THR C 754 48.98 -37.44 -21.77
CA THR C 754 47.81 -37.07 -22.55
C THR C 754 46.59 -36.87 -21.66
N ASN C 755 46.44 -37.72 -20.64
CA ASN C 755 45.28 -37.67 -19.76
C ASN C 755 45.46 -36.65 -18.63
N LEU C 756 46.50 -35.83 -18.67
CA LEU C 756 46.75 -34.84 -17.64
C LEU C 756 45.60 -33.84 -17.60
N THR C 757 44.74 -33.94 -16.59
CA THR C 757 43.56 -33.10 -16.48
C THR C 757 43.62 -32.16 -15.28
N GLN C 758 43.81 -32.69 -14.07
CA GLN C 758 43.77 -31.91 -12.85
C GLN C 758 45.15 -31.89 -12.21
N ILE C 759 45.78 -30.71 -12.21
CA ILE C 759 47.11 -30.51 -11.63
C ILE C 759 47.05 -29.31 -10.70
N GLU C 760 47.62 -29.45 -9.51
CA GLU C 760 47.75 -28.35 -8.57
C GLU C 760 49.22 -28.12 -8.28
N LEU C 761 49.66 -26.86 -8.39
CA LEU C 761 51.05 -26.48 -8.15
C LEU C 761 51.16 -25.43 -7.05
N ARG C 762 50.10 -25.22 -6.28
CA ARG C 762 50.14 -24.25 -5.19
C ARG C 762 51.05 -24.74 -4.08
N GLY C 763 51.78 -23.80 -3.47
CA GLY C 763 52.72 -24.12 -2.42
C GLY C 763 54.05 -24.67 -2.90
N ASN C 764 54.29 -24.72 -4.21
CA ASN C 764 55.52 -25.25 -4.77
C ASN C 764 56.30 -24.11 -5.42
N ARG C 765 57.60 -24.07 -5.18
CA ARG C 765 58.45 -23.00 -5.67
C ARG C 765 58.84 -23.23 -7.14
N LEU C 766 57.85 -23.41 -8.00
CA LEU C 766 58.13 -23.66 -9.42
C LEU C 766 58.69 -22.39 -10.06
N GLU C 767 59.82 -22.54 -10.76
CA GLU C 767 60.45 -21.37 -11.37
C GLU C 767 59.91 -21.11 -12.77
N CYS C 768 59.92 -22.12 -13.64
CA CYS C 768 59.53 -21.94 -15.03
C CYS C 768 58.66 -23.12 -15.47
N LEU C 769 57.88 -22.89 -16.51
CA LEU C 769 56.95 -23.87 -17.05
C LEU C 769 57.34 -24.22 -18.47
N PRO C 770 57.58 -25.49 -18.80
CA PRO C 770 58.00 -25.84 -20.16
C PRO C 770 56.87 -25.66 -21.16
N VAL C 771 57.26 -25.54 -22.43
CA VAL C 771 56.29 -25.35 -23.50
C VAL C 771 55.44 -26.60 -23.68
N GLU C 772 56.00 -27.78 -23.40
CA GLU C 772 55.23 -29.02 -23.56
C GLU C 772 54.07 -29.09 -22.58
N LEU C 773 54.12 -28.32 -21.49
CA LEU C 773 53.00 -28.31 -20.55
C LEU C 773 51.70 -27.86 -21.22
N GLY C 774 51.79 -26.91 -22.16
CA GLY C 774 50.62 -26.40 -22.84
C GLY C 774 50.10 -27.23 -23.99
N GLU C 775 50.75 -28.35 -24.31
CA GLU C 775 50.30 -29.21 -25.39
C GLU C 775 49.46 -30.38 -24.90
N CYS C 776 49.18 -30.45 -23.60
CA CYS C 776 48.39 -31.55 -23.06
C CYS C 776 46.95 -31.43 -23.55
N PRO C 777 46.40 -32.47 -24.19
CA PRO C 777 45.02 -32.35 -24.72
C PRO C 777 43.97 -32.12 -23.65
N LEU C 778 44.15 -32.66 -22.46
CA LEU C 778 43.15 -32.55 -21.41
C LEU C 778 43.43 -31.44 -20.40
N LEU C 779 44.47 -30.64 -20.62
CA LEU C 779 44.77 -29.55 -19.71
C LEU C 779 43.91 -28.33 -20.06
N LYS C 780 43.38 -27.67 -19.03
CA LYS C 780 42.60 -26.45 -19.19
C LYS C 780 43.04 -25.44 -18.15
N ARG C 781 42.46 -24.24 -18.23
CA ARG C 781 42.81 -23.17 -17.29
C ARG C 781 42.46 -23.57 -15.86
N SER C 782 41.26 -24.11 -15.65
CA SER C 782 40.87 -24.57 -14.32
C SER C 782 41.52 -25.89 -13.96
N GLY C 783 41.91 -26.70 -14.94
CA GLY C 783 42.56 -27.95 -14.65
C GLY C 783 43.90 -27.78 -13.96
N LEU C 784 44.63 -26.72 -14.31
CA LEU C 784 45.93 -26.42 -13.72
C LEU C 784 45.74 -25.38 -12.63
N VAL C 785 46.10 -25.74 -11.40
CA VAL C 785 46.05 -24.83 -10.26
C VAL C 785 47.47 -24.35 -10.00
N VAL C 786 47.73 -23.07 -10.28
CA VAL C 786 49.06 -22.51 -10.16
C VAL C 786 48.91 -21.02 -9.87
N GLU C 787 49.98 -20.41 -9.37
CA GLU C 787 49.97 -18.98 -9.07
C GLU C 787 49.76 -18.18 -10.36
N GLU C 788 48.96 -17.12 -10.26
CA GLU C 788 48.65 -16.30 -11.43
C GLU C 788 49.91 -15.62 -11.98
N ASP C 789 50.76 -15.10 -11.09
CA ASP C 789 52.02 -14.52 -11.54
C ASP C 789 52.91 -15.57 -12.21
N LEU C 790 52.95 -16.78 -11.65
CA LEU C 790 53.69 -17.87 -12.29
C LEU C 790 52.98 -18.35 -13.55
N PHE C 791 51.64 -18.29 -13.59
CA PHE C 791 50.91 -18.64 -14.79
C PHE C 791 51.25 -17.71 -15.94
N SER C 792 51.45 -16.42 -15.64
CA SER C 792 51.81 -15.45 -16.67
C SER C 792 53.16 -15.74 -17.32
N THR C 793 54.01 -16.56 -16.69
CA THR C 793 55.28 -16.93 -17.30
C THR C 793 55.09 -17.79 -18.54
N LEU C 794 53.97 -18.49 -18.66
CA LEU C 794 53.70 -19.29 -19.83
C LEU C 794 53.54 -18.40 -21.06
N PRO C 795 53.87 -18.91 -22.25
CA PRO C 795 53.69 -18.13 -23.46
C PRO C 795 52.23 -17.78 -23.65
N PRO C 796 51.94 -16.62 -24.25
CA PRO C 796 50.54 -16.20 -24.41
C PRO C 796 49.69 -17.17 -25.21
N GLU C 797 50.30 -17.90 -26.16
CA GLU C 797 49.53 -18.88 -26.91
C GLU C 797 48.99 -19.99 -26.01
N VAL C 798 49.83 -20.47 -25.09
CA VAL C 798 49.39 -21.50 -24.14
C VAL C 798 48.27 -20.97 -23.26
N LYS C 799 48.42 -19.75 -22.76
CA LYS C 799 47.39 -19.15 -21.92
C LYS C 799 46.07 -19.02 -22.67
N GLU C 800 46.13 -18.53 -23.91
CA GLU C 800 44.92 -18.37 -24.71
C GLU C 800 44.27 -19.72 -25.00
N ARG C 801 45.07 -20.74 -25.32
CA ARG C 801 44.52 -22.06 -25.60
C ARG C 801 43.85 -22.65 -24.36
N LEU C 802 44.50 -22.51 -23.20
CA LEU C 802 43.90 -23.02 -21.96
C LEU C 802 42.62 -22.28 -21.62
N TRP C 803 42.60 -20.96 -21.80
CA TRP C 803 41.39 -20.19 -21.54
C TRP C 803 40.26 -20.61 -22.48
N ARG C 804 40.57 -20.81 -23.75
CA ARG C 804 39.55 -21.25 -24.71
C ARG C 804 39.03 -22.63 -24.36
N ALA C 805 39.92 -23.55 -23.96
CA ALA C 805 39.49 -24.90 -23.59
C ALA C 805 38.61 -24.87 -22.35
N ASP C 806 38.99 -24.07 -21.35
CA ASP C 806 38.21 -24.00 -20.12
C ASP C 806 36.87 -23.31 -20.34
N LYS C 807 36.82 -22.33 -21.25
CA LYS C 807 35.57 -21.59 -21.47
C LYS C 807 34.47 -22.50 -21.99
N GLU C 808 34.81 -23.39 -22.92
CA GLU C 808 33.82 -24.29 -23.50
C GLU C 808 34.33 -25.73 -23.54
N PRO D 15 -14.12 7.14 34.58
CA PRO D 15 -14.72 5.79 34.62
C PRO D 15 -13.69 4.69 34.59
N ALA D 16 -12.49 4.99 34.09
CA ALA D 16 -11.40 4.03 34.03
C ALA D 16 -10.78 3.77 35.39
N TYR D 17 -11.16 4.55 36.41
CA TYR D 17 -10.63 4.38 37.76
C TYR D 17 -11.45 3.41 38.59
N ARG D 18 -12.49 2.80 38.01
CA ARG D 18 -13.33 1.88 38.75
C ARG D 18 -12.57 0.66 39.27
N ILE D 19 -11.45 0.32 38.62
CA ILE D 19 -10.64 -0.80 39.10
C ILE D 19 -10.09 -0.50 40.49
N LEU D 20 -9.86 0.78 40.79
CA LEU D 20 -9.39 1.19 42.11
C LEU D 20 -10.52 1.34 43.12
N LYS D 21 -11.77 1.11 42.71
CA LYS D 21 -12.90 1.19 43.62
C LYS D 21 -13.33 -0.22 43.99
N PRO D 22 -13.07 -0.68 45.21
CA PRO D 22 -13.55 -2.02 45.61
C PRO D 22 -15.05 -2.03 45.86
N TRP D 23 -15.57 -3.16 46.36
CA TRP D 23 -17.01 -3.26 46.60
C TRP D 23 -17.47 -2.25 47.64
N TRP D 24 -16.65 -2.00 48.67
CA TRP D 24 -17.06 -1.05 49.70
C TRP D 24 -17.17 0.36 49.13
N ASP D 25 -16.30 0.74 48.20
CA ASP D 25 -16.35 2.09 47.65
C ASP D 25 -17.62 2.31 46.82
N VAL D 26 -17.95 1.35 45.95
CA VAL D 26 -19.15 1.49 45.14
C VAL D 26 -20.40 1.41 46.03
N PHE D 27 -20.36 0.58 47.07
CA PHE D 27 -21.48 0.53 48.00
C PHE D 27 -21.67 1.88 48.69
N THR D 28 -20.57 2.50 49.13
CA THR D 28 -20.68 3.82 49.76
C THR D 28 -21.15 4.87 48.77
N ASP D 29 -20.74 4.78 47.51
CA ASP D 29 -21.23 5.72 46.50
C ASP D 29 -22.74 5.58 46.31
N TYR D 30 -23.23 4.35 46.20
CA TYR D 30 -24.68 4.15 46.06
C TYR D 30 -25.43 4.60 47.30
N ILE D 31 -24.87 4.34 48.49
CA ILE D 31 -25.50 4.78 49.73
C ILE D 31 -25.56 6.30 49.78
N SER D 32 -24.49 6.96 49.33
CA SER D 32 -24.50 8.42 49.30
C SER D 32 -25.51 8.96 48.29
N ILE D 33 -25.68 8.27 47.16
CA ILE D 33 -26.71 8.66 46.20
C ILE D 33 -28.09 8.56 46.82
N VAL D 34 -28.34 7.47 47.56
CA VAL D 34 -29.63 7.30 48.21
C VAL D 34 -29.83 8.36 49.29
N MET D 35 -28.76 8.71 50.01
CA MET D 35 -28.84 9.76 51.01
C MET D 35 -29.16 11.11 50.37
N LEU D 36 -28.55 11.39 49.22
CA LEU D 36 -28.86 12.62 48.49
C LEU D 36 -30.31 12.66 48.05
N MET D 37 -30.82 11.52 47.56
CA MET D 37 -32.23 11.46 47.17
C MET D 37 -33.15 11.69 48.37
N ILE D 38 -32.83 11.08 49.51
CA ILE D 38 -33.62 11.30 50.72
C ILE D 38 -33.56 12.76 51.14
N ALA D 39 -32.37 13.37 51.06
CA ALA D 39 -32.21 14.76 51.47
C ALA D 39 -33.02 15.69 50.57
N VAL D 40 -32.96 15.48 49.26
CA VAL D 40 -33.70 16.37 48.36
C VAL D 40 -35.20 16.14 48.51
N PHE D 41 -35.63 14.89 48.72
CA PHE D 41 -37.05 14.64 48.95
C PHE D 41 -37.54 15.32 50.22
N GLY D 42 -36.78 15.20 51.31
CA GLY D 42 -37.17 15.86 52.54
C GLY D 42 -37.17 17.38 52.40
N GLY D 43 -36.19 17.91 51.68
CA GLY D 43 -36.14 19.35 51.49
C GLY D 43 -37.33 19.88 50.70
N THR D 44 -37.66 19.21 49.59
CA THR D 44 -38.79 19.67 48.80
C THR D 44 -40.11 19.43 49.52
N LEU D 45 -40.19 18.40 50.35
CA LEU D 45 -41.38 18.17 51.15
C LEU D 45 -41.57 19.27 52.19
N GLN D 46 -40.50 19.64 52.88
CA GLN D 46 -40.58 20.71 53.87
C GLN D 46 -40.88 22.05 53.21
N VAL D 47 -40.25 22.33 52.07
CA VAL D 47 -40.46 23.61 51.40
C VAL D 47 -41.88 23.71 50.84
N THR D 48 -42.39 22.63 50.23
CA THR D 48 -43.72 22.67 49.65
C THR D 48 -44.78 22.91 50.71
N GLN D 49 -44.75 22.13 51.79
CA GLN D 49 -45.62 22.40 52.94
C GLN D 49 -45.02 21.75 54.18
N ASP D 50 -44.87 22.54 55.24
CA ASP D 50 -44.46 22.02 56.54
C ASP D 50 -45.29 22.71 57.62
N LYS D 51 -46.56 22.97 57.32
CA LYS D 51 -47.39 23.78 58.19
C LYS D 51 -47.66 23.08 59.52
N MET D 52 -47.85 23.90 60.55
CA MET D 52 -48.35 23.43 61.84
C MET D 52 -49.83 23.78 61.96
N ILE D 53 -50.55 22.99 62.75
CA ILE D 53 -51.96 23.24 63.03
C ILE D 53 -52.08 23.35 64.55
N CYS D 54 -52.31 24.56 65.04
CA CYS D 54 -52.31 24.85 66.47
C CYS D 54 -53.71 25.18 66.94
N LEU D 55 -54.10 24.59 68.08
CA LEU D 55 -55.33 24.96 68.77
C LEU D 55 -55.01 25.36 70.20
N PRO D 56 -55.47 26.52 70.64
CA PRO D 56 -55.13 26.99 72.00
C PRO D 56 -55.81 26.14 73.07
N CYS D 57 -55.16 26.12 74.23
CA CYS D 57 -55.70 25.45 75.40
C CYS D 57 -56.69 26.38 76.09
N LYS D 58 -57.94 25.93 76.22
CA LYS D 58 -58.93 26.72 76.95
C LYS D 58 -58.60 26.77 78.43
N TRP D 59 -58.32 25.62 79.04
CA TRP D 59 -57.97 25.51 80.45
C TRP D 59 -56.52 25.04 80.52
N VAL D 60 -55.62 25.97 80.83
CA VAL D 60 -54.19 25.74 80.76
C VAL D 60 -53.61 25.73 82.16
N THR D 61 -52.88 24.66 82.49
CA THR D 61 -52.08 24.59 83.70
C THR D 61 -50.84 23.78 83.39
N LYS D 62 -49.70 24.18 83.96
CA LYS D 62 -48.39 23.59 83.65
C LYS D 62 -48.09 23.68 82.15
N ASP D 63 -48.59 24.73 81.51
CA ASP D 63 -48.34 25.01 80.08
C ASP D 63 -48.81 23.87 79.18
N SER D 64 -49.92 23.22 79.58
CA SER D 64 -50.52 22.17 78.76
C SER D 64 -51.93 21.91 79.29
N CYS D 65 -52.92 21.96 78.41
CA CYS D 65 -54.29 21.67 78.84
C CYS D 65 -54.42 20.20 79.22
N ASN D 66 -55.20 19.94 80.26
CA ASN D 66 -55.31 18.61 80.86
C ASN D 66 -56.45 17.78 80.27
N ASP D 67 -57.10 18.26 79.21
CA ASP D 67 -58.21 17.56 78.55
C ASP D 67 -59.35 17.32 79.56
N SER D 68 -59.88 18.44 80.05
CA SER D 68 -61.00 18.39 80.99
C SER D 68 -62.25 18.99 80.37
N THR D 92 -77.70 19.13 74.97
CA THR D 92 -77.59 17.74 75.37
C THR D 92 -76.39 17.07 74.69
N GLY D 93 -76.39 17.07 73.36
CA GLY D 93 -75.32 16.49 72.60
C GLY D 93 -74.05 17.29 72.69
N PRO D 94 -72.91 16.67 72.34
CA PRO D 94 -71.64 17.39 72.38
C PRO D 94 -71.62 18.52 71.37
N THR D 95 -70.93 19.60 71.71
CA THR D 95 -70.83 20.78 70.87
C THR D 95 -69.39 21.23 70.79
N GLY D 96 -69.08 21.98 69.74
CA GLY D 96 -67.74 22.48 69.54
C GLY D 96 -67.37 23.55 70.56
N ILE D 97 -66.07 23.85 70.60
CA ILE D 97 -65.51 24.82 71.52
C ILE D 97 -65.32 26.13 70.78
N LYS D 98 -65.78 27.23 71.38
CA LYS D 98 -65.70 28.55 70.77
C LYS D 98 -64.39 29.20 71.15
N TYR D 99 -63.58 29.56 70.15
CA TYR D 99 -62.34 30.27 70.37
C TYR D 99 -62.40 31.73 69.93
N ASP D 100 -63.35 32.09 69.07
CA ASP D 100 -63.50 33.46 68.59
C ASP D 100 -62.21 33.97 67.95
N LEU D 101 -61.57 33.12 67.16
CA LEU D 101 -60.32 33.46 66.48
C LEU D 101 -60.53 33.42 64.97
N ASP D 102 -60.03 34.47 64.30
CA ASP D 102 -60.09 34.51 62.85
C ASP D 102 -59.11 33.52 62.25
N ARG D 103 -59.27 33.27 60.95
CA ARG D 103 -58.35 32.36 60.26
C ARG D 103 -56.94 32.92 60.24
N HIS D 104 -56.81 34.23 60.06
CA HIS D 104 -55.48 34.85 60.05
C HIS D 104 -54.81 34.74 61.40
N GLN D 105 -55.57 34.81 62.49
CA GLN D 105 -54.98 34.60 63.80
C GLN D 105 -54.44 33.19 63.95
N TYR D 106 -55.18 32.20 63.44
CA TYR D 106 -54.67 30.82 63.44
C TYR D 106 -53.40 30.71 62.61
N ASN D 107 -53.37 31.36 61.44
CA ASN D 107 -52.18 31.31 60.60
C ASN D 107 -50.98 31.94 61.31
N TYR D 108 -51.19 33.07 61.99
CA TYR D 108 -50.12 33.71 62.73
C TYR D 108 -49.63 32.81 63.86
N VAL D 109 -50.55 32.17 64.60
CA VAL D 109 -50.15 31.28 65.68
C VAL D 109 -49.35 30.11 65.13
N ASP D 110 -49.79 29.54 64.01
CA ASP D 110 -49.06 28.43 63.39
C ASP D 110 -47.66 28.86 62.98
N ALA D 111 -47.54 30.03 62.34
CA ALA D 111 -46.23 30.49 61.92
C ALA D 111 -45.30 30.71 63.11
N VAL D 112 -45.80 31.35 64.17
CA VAL D 112 -44.97 31.64 65.33
C VAL D 112 -44.54 30.34 66.02
N CYS D 113 -45.47 29.40 66.19
CA CYS D 113 -45.11 28.14 66.83
C CYS D 113 -44.15 27.32 65.98
N TYR D 114 -44.33 27.35 64.66
CA TYR D 114 -43.42 26.62 63.78
C TYR D 114 -42.02 27.22 63.80
N GLU D 115 -41.93 28.55 63.88
CA GLU D 115 -40.62 29.18 63.90
C GLU D 115 -39.93 29.04 65.25
N ASN D 116 -40.69 29.08 66.34
CA ASN D 116 -40.11 29.13 67.67
C ASN D 116 -40.09 27.77 68.38
N ARG D 117 -41.26 27.15 68.57
CA ARG D 117 -41.36 25.99 69.45
C ARG D 117 -41.08 24.67 68.74
N LEU D 118 -40.79 24.68 67.44
CA LEU D 118 -40.41 23.47 66.75
C LEU D 118 -38.92 23.20 66.94
N HIS D 119 -38.57 21.94 67.20
CA HIS D 119 -37.19 21.57 67.40
C HIS D 119 -36.39 21.80 66.12
N TRP D 120 -35.15 22.28 66.28
CA TRP D 120 -34.31 22.60 65.13
C TRP D 120 -34.05 21.39 64.25
N PHE D 121 -34.07 20.19 64.82
CA PHE D 121 -33.91 18.98 64.02
C PHE D 121 -35.04 18.83 63.00
N ALA D 122 -36.28 19.04 63.44
CA ALA D 122 -37.42 18.90 62.54
C ALA D 122 -37.40 19.93 61.42
N LYS D 123 -36.73 21.07 61.62
CA LYS D 123 -36.65 22.09 60.59
C LYS D 123 -35.46 21.90 59.66
N TYR D 124 -34.33 21.39 60.18
CA TYR D 124 -33.09 21.37 59.42
C TYR D 124 -32.62 19.95 59.12
N PHE D 125 -33.47 18.94 59.29
CA PHE D 125 -33.07 17.58 58.95
C PHE D 125 -32.64 17.41 57.49
N PRO D 126 -33.41 17.86 56.50
CA PRO D 126 -32.94 17.70 55.11
C PRO D 126 -31.61 18.40 54.84
N TYR D 127 -31.42 19.59 55.41
CA TYR D 127 -30.16 20.29 55.20
C TYR D 127 -29.00 19.60 55.93
N LEU D 128 -29.28 19.04 57.12
CA LEU D 128 -28.24 18.33 57.85
C LEU D 128 -27.82 17.06 57.11
N VAL D 129 -28.78 16.29 56.59
CA VAL D 129 -28.41 15.08 55.86
C VAL D 129 -27.73 15.44 54.55
N LEU D 130 -28.15 16.54 53.89
CA LEU D 130 -27.46 17.01 52.70
C LEU D 130 -26.00 17.34 53.00
N LEU D 131 -25.77 18.06 54.10
CA LEU D 131 -24.40 18.39 54.50
C LEU D 131 -23.59 17.13 54.79
N HIS D 132 -24.18 16.18 55.51
CA HIS D 132 -23.46 14.96 55.86
C HIS D 132 -23.10 14.14 54.62
N THR D 133 -24.03 13.99 53.70
CA THR D 133 -23.73 13.21 52.49
C THR D 133 -22.77 13.96 51.58
N LEU D 134 -22.82 15.29 51.55
CA LEU D 134 -21.83 16.05 50.80
C LEU D 134 -20.43 15.85 51.38
N ILE D 135 -20.31 15.86 52.71
CA ILE D 135 -19.01 15.63 53.33
C ILE D 135 -18.54 14.20 53.06
N PHE D 136 -19.45 13.23 53.09
CA PHE D 136 -19.07 11.86 52.78
C PHE D 136 -18.57 11.72 51.34
N LEU D 137 -19.26 12.37 50.40
CA LEU D 137 -18.80 12.33 49.01
C LEU D 137 -17.45 13.03 48.85
N ALA D 138 -17.25 14.14 49.56
CA ALA D 138 -15.95 14.82 49.51
C ALA D 138 -14.85 13.92 50.05
N CYS D 139 -15.12 13.22 51.15
CA CYS D 139 -14.14 12.28 51.69
C CYS D 139 -13.86 11.15 50.70
N SER D 140 -14.90 10.65 50.04
CA SER D 140 -14.72 9.57 49.08
C SER D 140 -13.87 10.01 47.89
N ASN D 141 -14.08 11.22 47.40
CA ASN D 141 -13.39 11.71 46.21
C ASN D 141 -12.16 12.56 46.55
N PHE D 142 -11.78 12.63 47.82
CA PHE D 142 -10.59 13.39 48.22
C PHE D 142 -9.35 12.97 47.43
N TRP D 143 -9.06 11.67 47.41
CA TRP D 143 -7.84 11.21 46.75
C TRP D 143 -7.92 11.36 45.24
N PHE D 144 -9.11 11.21 44.65
CA PHE D 144 -9.25 11.41 43.21
C PHE D 144 -9.12 12.86 42.81
N LYS D 145 -9.56 13.80 43.66
CA LYS D 145 -9.49 15.22 43.38
C LYS D 145 -8.23 15.87 43.91
N PHE D 146 -7.37 15.12 44.61
CA PHE D 146 -6.11 15.65 45.08
C PHE D 146 -5.05 15.36 44.02
N PRO D 147 -4.50 16.38 43.35
CA PRO D 147 -3.59 16.12 42.23
C PRO D 147 -2.36 15.30 42.61
N ARG D 148 -1.82 15.50 43.83
CA ARG D 148 -0.63 14.77 44.25
C ARG D 148 -0.84 13.26 44.17
N THR D 149 -2.01 12.78 44.59
CA THR D 149 -2.32 11.37 44.45
C THR D 149 -3.09 11.06 43.18
N SER D 150 -3.81 12.04 42.61
CA SER D 150 -4.57 11.78 41.39
C SER D 150 -3.65 11.44 40.23
N SER D 151 -2.51 12.13 40.12
CA SER D 151 -1.57 11.83 39.05
C SER D 151 -1.05 10.41 39.18
N LYS D 152 -0.67 10.00 40.40
CA LYS D 152 -0.19 8.64 40.62
C LYS D 152 -1.26 7.62 40.29
N LEU D 153 -2.51 7.87 40.71
CA LEU D 153 -3.58 6.93 40.43
C LEU D 153 -3.85 6.81 38.94
N GLU D 154 -3.86 7.93 38.22
CA GLU D 154 -4.08 7.89 36.77
C GLU D 154 -2.95 7.13 36.08
N HIS D 155 -1.70 7.41 36.46
CA HIS D 155 -0.58 6.72 35.85
C HIS D 155 -0.62 5.22 36.14
N PHE D 156 -0.97 4.85 37.37
CA PHE D 156 -1.07 3.44 37.73
C PHE D 156 -2.16 2.74 36.93
N VAL D 157 -3.32 3.39 36.79
CA VAL D 157 -4.41 2.80 36.02
C VAL D 157 -3.98 2.61 34.56
N SER D 158 -3.36 3.63 33.97
CA SER D 158 -2.93 3.53 32.58
C SER D 158 -1.90 2.42 32.39
N ILE D 159 -0.93 2.32 33.30
CA ILE D 159 0.11 1.32 33.17
C ILE D 159 -0.46 -0.08 33.38
N LEU D 160 -1.38 -0.23 34.33
CA LEU D 160 -2.01 -1.52 34.55
C LEU D 160 -2.83 -1.95 33.33
N LEU D 161 -3.55 -1.02 32.72
CA LEU D 161 -4.28 -1.35 31.50
C LEU D 161 -3.32 -1.74 30.37
N LYS D 162 -2.22 -1.01 30.23
CA LYS D 162 -1.24 -1.31 29.19
C LYS D 162 -0.62 -2.68 29.39
N CYS D 163 -0.29 -3.04 30.64
CA CYS D 163 0.30 -4.35 30.89
C CYS D 163 -0.74 -5.46 30.78
N PHE D 164 -2.01 -5.14 31.02
CA PHE D 164 -3.06 -6.15 30.91
C PHE D 164 -3.37 -6.46 29.45
N ASP D 165 -3.46 -5.44 28.60
CA ASP D 165 -3.86 -5.66 27.22
C ASP D 165 -2.68 -5.94 26.28
N SER D 166 -1.45 -5.85 26.78
CA SER D 166 -0.30 -6.15 25.94
C SER D 166 -0.26 -7.64 25.61
N PRO D 167 0.16 -8.02 24.40
CA PRO D 167 0.24 -9.44 24.05
C PRO D 167 1.47 -10.15 24.63
N TRP D 168 2.47 -9.41 25.09
CA TRP D 168 3.69 -10.05 25.58
C TRP D 168 3.44 -10.81 26.87
N THR D 169 2.60 -10.27 27.75
CA THR D 169 2.34 -10.94 29.02
C THR D 169 1.60 -12.26 28.82
N THR D 170 0.74 -12.34 27.80
CA THR D 170 0.03 -13.59 27.54
C THR D 170 1.01 -14.71 27.22
N ARG D 171 1.96 -14.46 26.32
CA ARG D 171 2.92 -15.50 25.99
C ARG D 171 3.93 -15.72 27.11
N ALA D 172 4.20 -14.68 27.92
CA ALA D 172 5.06 -14.88 29.09
C ALA D 172 4.40 -15.85 30.07
N LEU D 173 3.10 -15.69 30.30
CA LEU D 173 2.37 -16.64 31.15
C LEU D 173 2.33 -18.02 30.50
N SER D 174 2.09 -18.08 29.19
CA SER D 174 1.97 -19.37 28.52
C SER D 174 3.27 -20.16 28.59
N GLU D 175 4.41 -19.49 28.39
CA GLU D 175 5.70 -20.18 28.38
C GLU D 175 6.03 -20.83 29.72
N THR D 176 5.49 -20.32 30.82
CA THR D 176 5.76 -20.86 32.15
C THR D 176 7.25 -20.96 32.44
N GLY D 230 10.78 -18.52 20.21
CA GLY D 230 9.93 -17.35 20.28
C GLY D 230 9.96 -16.53 19.01
N VAL D 231 8.88 -15.78 18.76
CA VAL D 231 8.76 -14.96 17.56
C VAL D 231 7.75 -13.85 17.84
N LEU D 232 8.12 -12.62 17.49
CA LEU D 232 7.22 -11.49 17.62
C LEU D 232 7.65 -10.40 16.64
N ASP D 233 6.74 -9.46 16.41
CA ASP D 233 6.98 -8.39 15.45
C ASP D 233 7.85 -7.29 16.08
N LYS D 234 8.38 -6.42 15.21
CA LYS D 234 9.18 -5.29 15.67
C LYS D 234 8.36 -4.36 16.54
N LYS D 235 7.13 -4.06 16.11
CA LYS D 235 6.26 -3.16 16.87
C LYS D 235 5.96 -3.75 18.25
N GLU D 236 5.68 -5.06 18.31
CA GLU D 236 5.45 -5.71 19.58
C GLU D 236 6.68 -5.62 20.47
N GLY D 237 7.86 -5.84 19.91
CA GLY D 237 9.07 -5.78 20.71
C GLY D 237 9.34 -4.41 21.28
N GLU D 238 9.20 -3.37 20.45
CA GLU D 238 9.43 -2.02 20.95
C GLU D 238 8.36 -1.60 21.95
N GLN D 239 7.11 -1.98 21.73
CA GLN D 239 6.06 -1.69 22.70
C GLN D 239 6.35 -2.37 24.03
N ALA D 240 6.78 -3.63 24.00
CA ALA D 240 7.09 -4.34 25.23
C ALA D 240 8.27 -3.71 25.95
N LYS D 241 9.29 -3.29 25.20
CA LYS D 241 10.44 -2.63 25.82
C LYS D 241 10.03 -1.33 26.49
N ALA D 242 9.23 -0.52 25.79
CA ALA D 242 8.74 0.73 26.37
C ALA D 242 7.91 0.46 27.62
N LEU D 243 7.05 -0.56 27.57
CA LEU D 243 6.24 -0.89 28.73
C LEU D 243 7.10 -1.33 29.90
N PHE D 244 8.13 -2.14 29.65
CA PHE D 244 9.02 -2.58 30.71
C PHE D 244 9.73 -1.42 31.37
N GLU D 245 10.29 -0.51 30.56
CA GLU D 245 11.01 0.62 31.14
C GLU D 245 10.08 1.56 31.89
N LYS D 246 8.87 1.78 31.34
CA LYS D 246 7.89 2.61 32.04
C LYS D 246 7.48 1.97 33.36
N VAL D 247 7.31 0.66 33.39
CA VAL D 247 6.93 -0.03 34.62
C VAL D 247 8.04 0.10 35.66
N LYS D 248 9.29 -0.08 35.23
CA LYS D 248 10.40 0.07 36.18
C LYS D 248 10.47 1.49 36.74
N LYS D 249 10.36 2.49 35.87
CA LYS D 249 10.43 3.88 36.33
C LYS D 249 9.26 4.20 37.26
N PHE D 250 8.06 3.73 36.92
CA PHE D 250 6.89 3.99 37.75
C PHE D 250 7.01 3.33 39.11
N ARG D 251 7.50 2.09 39.15
CA ARG D 251 7.70 1.42 40.43
C ARG D 251 8.72 2.18 41.29
N THR D 252 9.81 2.62 40.66
CA THR D 252 10.82 3.37 41.40
C THR D 252 10.25 4.68 41.94
N HIS D 253 9.46 5.38 41.13
CA HIS D 253 8.91 6.67 41.55
C HIS D 253 7.88 6.50 42.66
N VAL D 254 6.93 5.58 42.47
CA VAL D 254 5.83 5.44 43.42
C VAL D 254 6.31 4.81 44.73
N GLU D 255 7.35 3.97 44.68
CA GLU D 255 7.78 3.25 45.88
C GLU D 255 8.16 4.21 47.01
N GLU D 256 8.70 5.38 46.68
CA GLU D 256 9.19 6.30 47.70
C GLU D 256 8.14 7.34 48.12
N GLY D 257 6.91 7.25 47.63
CA GLY D 257 5.91 8.25 47.94
C GLY D 257 5.29 8.11 49.32
N ASP D 258 4.63 6.97 49.56
CA ASP D 258 3.94 6.66 50.82
C ASP D 258 2.85 7.67 51.16
N ILE D 259 2.25 8.29 50.14
CA ILE D 259 1.20 9.27 50.38
C ILE D 259 -0.20 8.67 50.26
N VAL D 260 -0.37 7.67 49.38
CA VAL D 260 -1.70 7.13 49.15
C VAL D 260 -2.21 6.37 50.37
N TYR D 261 -1.35 5.56 51.00
CA TYR D 261 -1.79 4.75 52.12
C TYR D 261 -2.22 5.61 53.30
N ARG D 262 -1.41 6.61 53.66
CA ARG D 262 -1.76 7.47 54.77
C ARG D 262 -3.00 8.30 54.48
N LEU D 263 -3.16 8.78 53.25
CA LEU D 263 -4.36 9.52 52.88
C LEU D 263 -5.61 8.66 52.98
N TYR D 264 -5.50 7.40 52.52
CA TYR D 264 -6.64 6.48 52.64
C TYR D 264 -6.97 6.18 54.09
N MET D 265 -5.94 6.03 54.93
CA MET D 265 -6.16 5.84 56.36
C MET D 265 -6.87 7.05 56.96
N ARG D 266 -6.45 8.26 56.59
CA ARG D 266 -7.11 9.46 57.08
C ARG D 266 -8.56 9.51 56.64
N GLN D 267 -8.84 9.16 55.38
CA GLN D 267 -10.21 9.14 54.91
C GLN D 267 -11.05 8.15 55.71
N THR D 268 -10.50 6.95 55.94
CA THR D 268 -11.26 5.94 56.69
C THR D 268 -11.53 6.39 58.12
N ILE D 269 -10.53 6.97 58.78
CA ILE D 269 -10.72 7.44 60.15
C ILE D 269 -11.75 8.56 60.20
N ILE D 270 -11.67 9.50 59.25
CA ILE D 270 -12.64 10.59 59.20
C ILE D 270 -14.05 10.05 59.01
N LYS D 271 -14.21 9.09 58.09
CA LYS D 271 -15.53 8.52 57.86
C LYS D 271 -16.05 7.79 59.08
N VAL D 272 -15.17 7.05 59.78
CA VAL D 272 -15.60 6.30 60.95
C VAL D 272 -16.05 7.25 62.07
N ILE D 273 -15.26 8.30 62.32
CA ILE D 273 -15.63 9.22 63.40
C ILE D 273 -16.88 10.02 63.03
N LYS D 274 -17.02 10.38 61.75
CA LYS D 274 -18.24 11.03 61.30
C LYS D 274 -19.45 10.14 61.51
N PHE D 275 -19.34 8.87 61.14
CA PHE D 275 -20.45 7.94 61.35
C PHE D 275 -20.79 7.80 62.83
N ALA D 276 -19.76 7.70 63.68
CA ALA D 276 -20.02 7.55 65.11
C ALA D 276 -20.74 8.76 65.68
N LEU D 277 -20.23 9.97 65.41
CA LEU D 277 -20.85 11.17 65.95
C LEU D 277 -22.25 11.37 65.38
N ILE D 278 -22.42 11.14 64.08
CA ILE D 278 -23.74 11.29 63.46
C ILE D 278 -24.73 10.32 64.08
N ILE D 279 -24.33 9.06 64.24
CA ILE D 279 -25.23 8.08 64.84
C ILE D 279 -25.62 8.50 66.25
N CYS D 280 -24.63 8.89 67.06
CA CYS D 280 -24.93 9.27 68.44
C CYS D 280 -25.92 10.42 68.48
N TYR D 281 -25.60 11.52 67.79
CA TYR D 281 -26.44 12.71 67.91
C TYR D 281 -27.80 12.53 67.25
N THR D 282 -27.84 11.84 66.10
CA THR D 282 -29.11 11.62 65.43
C THR D 282 -30.02 10.69 66.22
N VAL D 283 -29.47 9.63 66.80
CA VAL D 283 -30.29 8.74 67.61
C VAL D 283 -30.77 9.46 68.86
N TYR D 284 -29.93 10.31 69.45
CA TYR D 284 -30.36 11.02 70.66
C TYR D 284 -31.38 12.11 70.36
N TYR D 285 -31.38 12.68 69.15
CA TYR D 285 -32.27 13.80 68.83
C TYR D 285 -33.45 13.42 67.95
N VAL D 286 -33.53 12.19 67.46
CA VAL D 286 -34.68 11.80 66.65
C VAL D 286 -35.95 11.73 67.47
N HIS D 287 -35.83 11.54 68.79
CA HIS D 287 -37.00 11.53 69.65
C HIS D 287 -37.55 12.94 69.89
N ASN D 288 -36.83 13.97 69.47
CA ASN D 288 -37.24 15.35 69.68
C ASN D 288 -38.16 15.86 68.58
N ILE D 289 -38.54 15.02 67.63
CA ILE D 289 -39.52 15.36 66.61
C ILE D 289 -40.73 14.46 66.81
N LYS D 290 -41.92 15.06 66.84
CA LYS D 290 -43.11 14.31 67.19
C LYS D 290 -44.34 15.04 66.64
N PHE D 291 -45.43 14.28 66.48
CA PHE D 291 -46.66 14.86 65.95
C PHE D 291 -47.25 15.88 66.93
N ASP D 292 -47.38 15.49 68.19
CA ASP D 292 -47.96 16.35 69.21
C ASP D 292 -46.86 17.17 69.88
N VAL D 293 -46.88 18.48 69.63
CA VAL D 293 -45.91 19.41 70.20
C VAL D 293 -46.66 20.55 70.86
N ASP D 294 -46.37 20.80 72.14
CA ASP D 294 -46.99 21.87 72.88
C ASP D 294 -46.25 23.18 72.61
N CYS D 295 -47.00 24.25 72.37
CA CYS D 295 -46.44 25.55 72.02
C CYS D 295 -46.75 26.56 73.11
N THR D 296 -45.77 27.42 73.41
CA THR D 296 -45.96 28.52 74.35
C THR D 296 -45.00 29.63 73.93
N VAL D 297 -45.51 30.61 73.20
CA VAL D 297 -44.69 31.64 72.57
C VAL D 297 -44.95 33.03 73.12
N ASP D 298 -45.80 33.14 74.15
CA ASP D 298 -46.11 34.42 74.79
C ASP D 298 -46.69 35.41 73.79
N ILE D 299 -47.84 35.03 73.23
CA ILE D 299 -48.58 35.88 72.29
C ILE D 299 -49.95 36.10 72.91
N GLU D 300 -50.12 37.20 73.62
CA GLU D 300 -51.37 37.51 74.30
C GLU D 300 -52.12 38.70 73.69
N SER D 301 -51.43 39.81 73.43
CA SER D 301 -52.10 40.99 72.90
C SER D 301 -52.56 40.82 71.46
N LEU D 302 -52.15 39.76 70.78
CA LEU D 302 -52.56 39.51 69.41
C LEU D 302 -53.65 38.45 69.29
N THR D 303 -53.63 37.44 70.14
CA THR D 303 -54.65 36.38 70.11
C THR D 303 -55.42 36.23 71.40
N GLY D 304 -54.77 36.36 72.56
CA GLY D 304 -55.45 36.24 73.83
C GLY D 304 -55.28 34.92 74.54
N TYR D 305 -54.54 33.97 73.96
CA TYR D 305 -54.32 32.68 74.58
C TYR D 305 -52.84 32.50 74.92
N ARG D 306 -52.58 31.87 76.07
CA ARG D 306 -51.23 31.68 76.54
C ARG D 306 -50.53 30.55 75.80
N THR D 307 -51.08 29.33 75.90
CA THR D 307 -50.44 28.14 75.36
C THR D 307 -51.30 27.55 74.24
N TYR D 308 -50.62 26.93 73.28
CA TYR D 308 -51.28 26.32 72.13
C TYR D 308 -50.81 24.88 71.98
N ARG D 309 -51.76 24.01 71.61
CA ARG D 309 -51.47 22.62 71.29
C ARG D 309 -51.38 22.48 69.77
N CYS D 310 -50.16 22.28 69.27
CA CYS D 310 -49.90 22.23 67.84
C CYS D 310 -49.66 20.79 67.39
N ALA D 311 -50.12 20.49 66.17
CA ALA D 311 -49.88 19.20 65.54
C ALA D 311 -49.01 19.39 64.32
N HIS D 312 -47.98 18.55 64.18
CA HIS D 312 -47.06 18.57 63.05
C HIS D 312 -47.40 17.40 62.14
N PRO D 313 -48.19 17.60 61.09
CA PRO D 313 -48.66 16.46 60.28
C PRO D 313 -47.54 15.67 59.63
N LEU D 314 -46.44 16.32 59.24
CA LEU D 314 -45.33 15.65 58.58
C LEU D 314 -44.27 15.16 59.55
N ALA D 315 -44.50 15.31 60.86
CA ALA D 315 -43.50 14.88 61.84
C ALA D 315 -43.26 13.38 61.78
N THR D 316 -44.32 12.60 61.57
CA THR D 316 -44.14 11.15 61.49
C THR D 316 -43.38 10.74 60.24
N LEU D 317 -43.68 11.38 59.11
CA LEU D 317 -42.94 11.08 57.88
C LEU D 317 -41.48 11.50 58.01
N PHE D 318 -41.22 12.64 58.64
CA PHE D 318 -39.85 13.07 58.88
C PHE D 318 -39.14 12.11 59.83
N LYS D 319 -39.86 11.58 60.82
CA LYS D 319 -39.28 10.57 61.70
C LYS D 319 -38.91 9.31 60.93
N ILE D 320 -39.78 8.88 60.03
CA ILE D 320 -39.48 7.70 59.21
C ILE D 320 -38.26 7.96 58.33
N LEU D 321 -38.18 9.14 57.71
CA LEU D 321 -37.02 9.47 56.89
C LEU D 321 -35.76 9.54 57.72
N ALA D 322 -35.85 10.06 58.95
CA ALA D 322 -34.69 10.11 59.83
C ALA D 322 -34.24 8.71 60.24
N SER D 323 -35.19 7.82 60.50
CA SER D 323 -34.83 6.43 60.83
C SER D 323 -34.19 5.74 59.63
N PHE D 324 -34.71 6.00 58.43
CA PHE D 324 -34.11 5.44 57.23
C PHE D 324 -32.69 5.95 57.03
N TYR D 325 -32.48 7.25 57.26
CA TYR D 325 -31.13 7.82 57.17
C TYR D 325 -30.22 7.24 58.24
N ILE D 326 -30.75 6.98 59.44
CA ILE D 326 -29.95 6.36 60.49
C ILE D 326 -29.52 4.95 60.08
N SER D 327 -30.44 4.18 59.49
CA SER D 327 -30.07 2.85 59.02
C SER D 327 -29.03 2.92 57.91
N LEU D 328 -29.17 3.87 56.99
CA LEU D 328 -28.19 4.03 55.93
C LEU D 328 -26.83 4.42 56.49
N VAL D 329 -26.80 5.31 57.50
CA VAL D 329 -25.55 5.68 58.13
C VAL D 329 -24.94 4.51 58.89
N ILE D 330 -25.78 3.66 59.49
CA ILE D 330 -25.26 2.47 60.15
C ILE D 330 -24.59 1.56 59.14
N PHE D 331 -25.22 1.34 57.99
CA PHE D 331 -24.61 0.52 56.95
C PHE D 331 -23.31 1.14 56.44
N TYR D 332 -23.31 2.46 56.22
CA TYR D 332 -22.12 3.16 55.77
C TYR D 332 -20.99 3.03 56.77
N GLY D 333 -21.28 3.21 58.05
CA GLY D 333 -20.27 3.09 59.08
C GLY D 333 -19.75 1.68 59.25
N LEU D 334 -20.64 0.69 59.12
CA LEU D 334 -20.17 -0.70 59.18
C LEU D 334 -19.26 -1.02 58.00
N ILE D 335 -19.59 -0.50 56.81
CA ILE D 335 -18.72 -0.69 55.65
C ILE D 335 -17.37 -0.02 55.89
N CYS D 336 -17.38 1.20 56.43
CA CYS D 336 -16.12 1.90 56.71
C CYS D 336 -15.30 1.17 57.77
N MET D 337 -15.96 0.61 58.78
CA MET D 337 -15.26 -0.15 59.80
C MET D 337 -14.68 -1.45 59.24
N TYR D 338 -15.40 -2.11 58.32
CA TYR D 338 -14.84 -3.27 57.65
C TYR D 338 -13.62 -2.89 56.83
N THR D 339 -13.67 -1.74 56.15
CA THR D 339 -12.51 -1.26 55.41
C THR D 339 -11.34 -0.99 56.36
N LEU D 340 -11.61 -0.38 57.51
CA LEU D 340 -10.56 -0.13 58.50
C LEU D 340 -9.95 -1.44 59.00
N TRP D 341 -10.79 -2.42 59.30
CA TRP D 341 -10.30 -3.73 59.76
C TRP D 341 -9.46 -4.40 58.69
N TRP D 342 -9.91 -4.35 57.43
CA TRP D 342 -9.14 -4.91 56.33
C TRP D 342 -7.81 -4.19 56.15
N MET D 343 -7.76 -2.90 56.49
CA MET D 343 -6.52 -2.14 56.37
C MET D 343 -5.52 -2.46 57.46
N LEU D 344 -5.98 -2.83 58.66
CA LEU D 344 -5.10 -3.01 59.81
C LEU D 344 -4.92 -4.48 60.20
N ARG D 345 -5.33 -5.41 59.32
CA ARG D 345 -5.19 -6.82 59.62
C ARG D 345 -4.17 -7.54 58.75
N ARG D 346 -3.54 -6.86 57.80
CA ARG D 346 -2.58 -7.51 56.91
C ARG D 346 -1.29 -6.71 56.71
N SER D 347 -1.17 -5.53 57.31
CA SER D 347 -0.01 -4.65 57.11
C SER D 347 0.20 -4.38 55.61
N LEU D 348 -0.76 -3.64 55.06
CA LEU D 348 -0.86 -3.42 53.62
C LEU D 348 0.37 -2.73 53.04
N LYS D 349 1.31 -2.31 53.91
CA LYS D 349 2.57 -1.77 53.43
C LYS D 349 3.38 -2.82 52.68
N LYS D 350 3.10 -4.09 52.92
CA LYS D 350 3.90 -5.20 52.38
C LYS D 350 3.02 -6.15 51.59
N TYR D 351 3.47 -6.53 50.41
CA TYR D 351 2.83 -7.55 49.59
C TYR D 351 3.74 -8.76 49.51
N SER D 352 3.21 -9.93 49.85
CA SER D 352 4.00 -11.15 49.81
C SER D 352 4.48 -11.45 48.40
N PHE D 353 3.58 -11.33 47.42
CA PHE D 353 3.88 -11.55 46.00
C PHE D 353 4.49 -12.92 45.74
N GLU D 354 4.03 -13.94 46.50
CA GLU D 354 4.66 -15.25 46.45
C GLU D 354 3.95 -16.20 45.50
N SER D 355 2.64 -16.39 45.68
CA SER D 355 1.91 -17.40 44.93
C SER D 355 1.92 -17.11 43.44
N ILE D 356 1.70 -15.85 43.06
CA ILE D 356 1.70 -15.49 41.64
C ILE D 356 3.10 -15.64 41.06
N ARG D 357 4.13 -15.34 41.86
CA ARG D 357 5.50 -15.48 41.39
C ARG D 357 5.88 -16.95 41.17
N GLU D 358 5.40 -17.85 42.04
CA GLU D 358 5.80 -19.25 41.95
C GLU D 358 4.94 -20.06 41.00
N GLU D 359 3.69 -19.66 40.78
CA GLU D 359 2.81 -20.45 39.91
C GLU D 359 3.17 -20.31 38.44
N SER D 360 4.01 -19.34 38.08
CA SER D 360 4.46 -19.17 36.71
C SER D 360 5.96 -19.40 36.57
N SER D 361 6.60 -19.99 37.58
CA SER D 361 8.03 -20.31 37.56
C SER D 361 8.91 -19.07 37.44
N TYR D 362 8.37 -17.90 37.76
CA TYR D 362 9.16 -16.67 37.83
C TYR D 362 9.59 -16.40 39.26
N SER D 363 10.47 -17.28 39.77
CA SER D 363 10.80 -17.27 41.19
C SER D 363 11.55 -16.01 41.62
N ASP D 364 12.19 -15.30 40.69
CA ASP D 364 12.95 -14.11 41.04
C ASP D 364 12.11 -12.84 40.86
N ILE D 365 10.97 -12.81 41.54
CA ILE D 365 10.10 -11.64 41.59
C ILE D 365 10.24 -11.01 42.97
N PRO D 366 10.81 -9.82 43.08
CA PRO D 366 10.97 -9.19 44.41
C PRO D 366 9.62 -8.79 44.99
N ASP D 367 9.52 -8.86 46.32
CA ASP D 367 8.31 -8.45 47.01
C ASP D 367 8.21 -6.93 47.02
N VAL D 368 6.99 -6.41 46.86
CA VAL D 368 6.80 -4.97 46.74
C VAL D 368 6.73 -4.34 48.13
N LYS D 369 7.29 -3.14 48.24
CA LYS D 369 7.30 -2.37 49.47
C LYS D 369 6.13 -1.37 49.46
N ASN D 370 6.16 -0.42 50.40
CA ASN D 370 5.01 0.43 50.68
C ASN D 370 4.67 1.35 49.50
N ASP D 371 3.39 1.75 49.46
CA ASP D 371 2.82 2.71 48.52
C ASP D 371 2.67 2.12 47.12
N PHE D 372 3.18 0.90 46.92
CA PHE D 372 2.90 0.14 45.72
C PHE D 372 2.37 -1.25 46.02
N ALA D 373 2.57 -1.76 47.24
CA ALA D 373 1.87 -2.96 47.67
C ALA D 373 0.42 -2.66 48.02
N PHE D 374 0.13 -1.44 48.47
CA PHE D 374 -1.24 -1.07 48.78
C PHE D 374 -2.10 -0.99 47.52
N MET D 375 -1.56 -0.42 46.45
CA MET D 375 -2.28 -0.38 45.18
C MET D 375 -2.51 -1.78 44.64
N LEU D 376 -1.52 -2.66 44.80
CA LEU D 376 -1.70 -4.05 44.36
C LEU D 376 -2.72 -4.77 45.22
N HIS D 377 -2.79 -4.43 46.51
CA HIS D 377 -3.84 -4.98 47.37
C HIS D 377 -5.21 -4.52 46.89
N LEU D 378 -5.34 -3.25 46.51
CA LEU D 378 -6.59 -2.76 45.94
C LEU D 378 -6.95 -3.51 44.67
N ILE D 379 -5.96 -3.75 43.82
CA ILE D 379 -6.21 -4.49 42.58
C ILE D 379 -6.65 -5.92 42.89
N ASP D 380 -6.01 -6.57 43.86
CA ASP D 380 -6.42 -7.92 44.25
C ASP D 380 -7.83 -7.93 44.78
N GLN D 381 -8.20 -6.91 45.56
CA GLN D 381 -9.59 -6.78 46.00
C GLN D 381 -10.53 -6.66 44.81
N TYR D 382 -10.13 -5.88 43.80
CA TYR D 382 -10.93 -5.80 42.58
C TYR D 382 -10.82 -7.08 41.76
N ASP D 383 -9.61 -7.40 41.30
CA ASP D 383 -9.38 -8.60 40.49
C ASP D 383 -7.93 -9.05 40.57
N PRO D 384 -7.67 -10.25 41.08
CA PRO D 384 -6.28 -10.75 41.10
C PRO D 384 -5.69 -10.97 39.71
N LEU D 385 -6.51 -11.06 38.67
CA LEU D 385 -6.00 -11.33 37.34
C LEU D 385 -5.11 -10.19 36.85
N TYR D 386 -5.47 -8.94 37.14
CA TYR D 386 -4.64 -7.82 36.75
C TYR D 386 -3.28 -7.88 37.44
N SER D 387 -3.26 -8.22 38.74
CA SER D 387 -2.00 -8.37 39.45
C SER D 387 -1.17 -9.51 38.86
N LYS D 388 -1.81 -10.62 38.50
CA LYS D 388 -1.08 -11.72 37.88
C LYS D 388 -0.47 -11.30 36.55
N ARG D 389 -1.22 -10.56 35.74
CA ARG D 389 -0.68 -10.11 34.45
C ARG D 389 0.41 -9.07 34.63
N PHE D 390 0.36 -8.30 35.71
CA PHE D 390 1.38 -7.30 35.97
C PHE D 390 2.63 -7.89 36.62
N ALA D 391 2.51 -9.07 37.24
CA ALA D 391 3.65 -9.67 37.92
C ALA D 391 4.80 -9.99 36.97
N VAL D 392 4.51 -10.29 35.70
CA VAL D 392 5.55 -10.73 34.78
C VAL D 392 6.45 -9.60 34.32
N PHE D 393 6.20 -8.37 34.74
CA PHE D 393 7.06 -7.24 34.41
C PHE D 393 8.04 -6.91 35.52
N LEU D 394 8.08 -7.72 36.58
CA LEU D 394 8.99 -7.51 37.70
C LEU D 394 9.64 -8.84 38.08
N SER D 395 10.14 -9.56 37.08
CA SER D 395 10.68 -10.89 37.29
C SER D 395 12.17 -11.02 37.03
N GLU D 396 12.82 -10.00 36.44
CA GLU D 396 14.25 -9.94 36.17
C GLU D 396 14.69 -10.95 35.12
N VAL D 397 13.79 -11.82 34.63
CA VAL D 397 14.09 -12.77 33.58
C VAL D 397 13.26 -12.50 32.33
N SER D 398 12.00 -12.10 32.50
CA SER D 398 11.21 -11.64 31.36
C SER D 398 11.88 -10.45 30.68
N GLU D 399 12.59 -9.62 31.45
CA GLU D 399 13.39 -8.56 30.85
C GLU D 399 14.46 -9.15 29.94
N ASN D 400 15.12 -10.22 30.38
CA ASN D 400 16.13 -10.87 29.55
C ASN D 400 15.52 -11.45 28.28
N LYS D 401 14.35 -12.09 28.39
CA LYS D 401 13.70 -12.65 27.21
C LYS D 401 13.30 -11.55 26.23
N LEU D 402 12.74 -10.45 26.74
CA LEU D 402 12.40 -9.32 25.90
C LEU D 402 13.63 -8.76 25.20
N ARG D 403 14.73 -8.61 25.95
CA ARG D 403 15.95 -8.07 25.35
C ARG D 403 16.50 -8.98 24.28
N GLN D 404 16.50 -10.29 24.51
CA GLN D 404 17.06 -11.20 23.50
C GLN D 404 16.16 -11.26 22.27
N LEU D 405 14.84 -11.21 22.43
CA LEU D 405 13.96 -11.17 21.27
C LEU D 405 14.12 -9.87 20.49
N ASN D 406 14.24 -8.74 21.19
CA ASN D 406 14.46 -7.48 20.50
C ASN D 406 15.81 -7.44 19.81
N LEU D 407 16.82 -8.11 20.38
CA LEU D 407 18.13 -8.19 19.73
C LEU D 407 18.06 -9.05 18.48
N ASN D 408 17.34 -10.17 18.54
CA ASN D 408 17.11 -10.97 17.34
C ASN D 408 16.40 -10.16 16.27
N ASN D 409 15.45 -9.32 16.67
CA ASN D 409 14.76 -8.48 15.69
C ASN D 409 15.67 -7.38 15.16
N GLU D 410 16.65 -6.94 15.97
CA GLU D 410 17.48 -5.80 15.57
C GLU D 410 18.37 -6.15 14.38
N TRP D 411 19.08 -7.26 14.45
CA TRP D 411 20.08 -7.60 13.43
C TRP D 411 19.40 -8.36 12.30
N THR D 412 19.23 -7.70 11.16
CA THR D 412 18.72 -8.34 9.97
C THR D 412 19.84 -9.11 9.26
N LEU D 413 19.44 -9.90 8.26
CA LEU D 413 20.43 -10.67 7.50
C LEU D 413 21.39 -9.76 6.76
N ASP D 414 20.90 -8.65 6.22
CA ASP D 414 21.77 -7.74 5.47
C ASP D 414 22.80 -7.09 6.37
N LYS D 415 22.40 -6.66 7.57
CA LYS D 415 23.33 -6.06 8.51
C LYS D 415 24.42 -7.04 8.92
N LEU D 416 24.03 -8.29 9.18
CA LEU D 416 25.02 -9.30 9.55
C LEU D 416 25.96 -9.60 8.38
N ARG D 417 25.43 -9.67 7.16
CA ARG D 417 26.27 -9.90 6.00
C ARG D 417 27.23 -8.74 5.76
N GLN D 418 26.80 -7.52 6.10
CA GLN D 418 27.73 -6.39 6.07
C GLN D 418 28.75 -6.47 7.18
N ARG D 419 28.40 -7.06 8.32
CA ARG D 419 29.34 -7.28 9.42
C ARG D 419 30.33 -8.40 9.13
N LEU D 420 30.16 -9.13 8.04
CA LEU D 420 31.07 -10.22 7.70
C LEU D 420 32.47 -9.69 7.44
N THR D 421 33.46 -10.47 7.85
CA THR D 421 34.87 -10.10 7.71
C THR D 421 35.63 -11.24 7.04
N LYS D 422 36.70 -10.88 6.34
CA LYS D 422 37.59 -11.84 5.69
C LYS D 422 38.89 -11.87 6.47
N ASN D 423 39.05 -12.88 7.32
CA ASN D 423 40.20 -12.96 8.20
C ASN D 423 41.46 -13.37 7.42
N ALA D 424 42.58 -13.44 8.14
CA ALA D 424 43.84 -13.82 7.52
C ALA D 424 43.87 -15.29 7.09
N GLN D 425 42.96 -16.11 7.62
CA GLN D 425 42.91 -17.52 7.25
C GLN D 425 42.03 -17.80 6.05
N ASP D 426 41.52 -16.75 5.39
CA ASP D 426 40.72 -16.88 4.17
C ASP D 426 39.45 -17.70 4.42
N LYS D 427 38.63 -17.19 5.34
CA LYS D 427 37.32 -17.78 5.61
C LYS D 427 36.38 -16.68 6.08
N LEU D 428 35.08 -16.95 5.95
CA LEU D 428 34.06 -15.95 6.26
C LEU D 428 33.94 -15.76 7.77
N GLU D 429 34.24 -14.57 8.25
CA GLU D 429 34.20 -14.25 9.67
C GLU D 429 33.06 -13.30 9.98
N LEU D 430 32.29 -13.65 11.02
CA LEU D 430 31.22 -12.80 11.55
C LEU D 430 31.51 -12.57 13.03
N HIS D 431 31.78 -11.31 13.39
CA HIS D 431 32.24 -10.96 14.73
C HIS D 431 31.13 -10.24 15.48
N LEU D 432 30.76 -10.77 16.64
CA LEU D 432 29.81 -10.13 17.54
C LEU D 432 30.50 -9.88 18.88
N PHE D 433 30.49 -8.63 19.34
CA PHE D 433 31.15 -8.24 20.57
C PHE D 433 30.22 -7.37 21.40
N MET D 434 30.26 -7.57 22.72
CA MET D 434 29.48 -6.78 23.67
C MET D 434 27.98 -6.88 23.38
N LEU D 435 27.46 -8.10 23.46
CA LEU D 435 26.04 -8.36 23.25
C LEU D 435 25.52 -9.24 24.38
N SER D 436 24.24 -9.06 24.72
CA SER D 436 23.63 -9.87 25.76
C SER D 436 23.61 -11.34 25.39
N GLY D 437 23.28 -11.64 24.14
CA GLY D 437 23.21 -13.02 23.68
C GLY D 437 23.40 -13.10 22.18
N ILE D 438 23.38 -14.32 21.68
CA ILE D 438 23.56 -14.58 20.25
C ILE D 438 22.23 -14.34 19.54
N PRO D 439 22.16 -13.40 18.60
CA PRO D 439 20.94 -13.26 17.79
C PRO D 439 20.72 -14.49 16.93
N ASP D 440 19.47 -14.95 16.87
CA ASP D 440 19.15 -16.13 16.06
C ASP D 440 19.26 -15.87 14.57
N THR D 441 19.37 -14.60 14.15
CA THR D 441 19.51 -14.28 12.73
C THR D 441 20.90 -14.66 12.21
N VAL D 442 21.91 -14.73 13.07
CA VAL D 442 23.24 -15.09 12.62
C VAL D 442 23.30 -16.53 12.13
N PHE D 443 22.36 -17.37 12.57
CA PHE D 443 22.33 -18.77 12.14
C PHE D 443 21.62 -18.96 10.81
N ASP D 444 21.03 -17.90 10.25
CA ASP D 444 20.43 -17.95 8.92
C ASP D 444 21.46 -17.95 7.80
N LEU D 445 22.62 -17.33 8.03
CA LEU D 445 23.69 -17.28 7.03
C LEU D 445 24.52 -18.55 7.18
N VAL D 446 24.17 -19.58 6.43
CA VAL D 446 24.83 -20.86 6.54
C VAL D 446 26.25 -20.82 6.01
N GLU D 447 26.63 -19.74 5.30
CA GLU D 447 27.97 -19.61 4.74
C GLU D 447 29.00 -19.17 5.76
N LEU D 448 28.59 -18.92 7.02
CA LEU D 448 29.55 -18.56 8.05
C LEU D 448 30.55 -19.69 8.27
N GLU D 449 31.81 -19.33 8.49
CA GLU D 449 32.88 -20.29 8.68
C GLU D 449 33.55 -20.19 10.05
N VAL D 450 33.82 -18.98 10.52
CA VAL D 450 34.40 -18.77 11.85
C VAL D 450 33.54 -17.76 12.60
N LEU D 451 33.12 -18.13 13.80
CA LEU D 451 32.25 -17.30 14.62
C LEU D 451 32.98 -16.88 15.89
N LYS D 452 33.04 -15.57 16.12
CA LYS D 452 33.71 -15.01 17.29
C LYS D 452 32.69 -14.34 18.20
N LEU D 453 32.66 -14.77 19.46
CA LEU D 453 31.76 -14.20 20.46
C LEU D 453 32.57 -13.81 21.69
N GLU D 454 32.38 -12.58 22.16
CA GLU D 454 33.15 -12.04 23.27
C GLU D 454 32.22 -11.41 24.29
N LEU D 455 32.39 -11.77 25.56
CA LEU D 455 31.61 -11.23 26.66
C LEU D 455 30.11 -11.37 26.41
N ILE D 456 29.66 -12.61 26.28
CA ILE D 456 28.25 -12.94 26.08
C ILE D 456 27.75 -13.61 27.36
N PRO D 457 26.98 -12.90 28.19
CA PRO D 457 26.53 -13.48 29.47
C PRO D 457 25.26 -14.31 29.32
N ASP D 458 25.12 -15.27 30.24
CA ASP D 458 23.96 -16.17 30.34
C ASP D 458 23.50 -16.65 28.97
N VAL D 459 24.46 -17.12 28.17
CA VAL D 459 24.21 -17.52 26.79
C VAL D 459 23.93 -19.02 26.75
N THR D 460 22.83 -19.39 26.11
CA THR D 460 22.49 -20.78 25.83
C THR D 460 22.54 -21.02 24.33
N ILE D 461 23.30 -22.02 23.92
CA ILE D 461 23.51 -22.31 22.50
C ILE D 461 22.20 -22.88 21.94
N PRO D 462 21.57 -22.22 20.97
CA PRO D 462 20.31 -22.71 20.45
C PRO D 462 20.51 -23.94 19.58
N PRO D 463 19.48 -24.78 19.44
CA PRO D 463 19.57 -25.89 18.48
C PRO D 463 19.71 -25.43 17.05
N SER D 464 19.33 -24.18 16.75
CA SER D 464 19.41 -23.65 15.39
C SER D 464 20.84 -23.56 14.86
N ILE D 465 21.85 -23.85 15.68
CA ILE D 465 23.23 -23.80 15.24
C ILE D 465 23.51 -24.85 14.17
N ALA D 466 22.66 -25.88 14.08
CA ALA D 466 22.87 -26.92 13.07
C ALA D 466 22.71 -26.40 11.65
N GLN D 467 22.07 -25.24 11.47
CA GLN D 467 21.97 -24.65 10.14
C GLN D 467 23.34 -24.24 9.60
N LEU D 468 24.26 -23.84 10.48
CA LEU D 468 25.58 -23.39 10.07
C LEU D 468 26.39 -24.60 9.64
N THR D 469 26.15 -25.05 8.40
CA THR D 469 26.88 -26.19 7.87
C THR D 469 28.37 -25.88 7.76
N GLY D 470 28.71 -24.68 7.30
CA GLY D 470 30.10 -24.32 7.10
C GLY D 470 30.83 -23.82 8.32
N LEU D 471 30.17 -23.80 9.49
CA LEU D 471 30.82 -23.33 10.71
C LEU D 471 31.99 -24.24 11.07
N LYS D 472 33.15 -23.63 11.30
CA LYS D 472 34.35 -24.41 11.60
C LYS D 472 35.01 -23.96 12.89
N GLU D 473 35.02 -22.65 13.15
CA GLU D 473 35.72 -22.08 14.28
C GLU D 473 34.75 -21.31 15.17
N LEU D 474 34.83 -21.58 16.47
CA LEU D 474 34.02 -20.87 17.47
C LEU D 474 34.96 -20.24 18.48
N TRP D 475 34.81 -18.94 18.70
CA TRP D 475 35.64 -18.19 19.62
C TRP D 475 34.81 -17.75 20.82
N LEU D 476 35.21 -18.20 22.01
CA LEU D 476 34.54 -17.86 23.26
C LEU D 476 35.51 -17.05 24.11
N TYR D 477 35.28 -15.75 24.21
CA TYR D 477 36.14 -14.84 24.96
C TYR D 477 35.42 -14.43 26.24
N HIS D 478 35.92 -14.94 27.38
CA HIS D 478 35.37 -14.60 28.70
C HIS D 478 33.87 -14.86 28.76
N THR D 479 33.45 -16.00 28.22
CA THR D 479 32.04 -16.32 28.07
C THR D 479 31.81 -17.77 28.48
N ALA D 480 30.93 -18.00 29.44
CA ALA D 480 30.48 -19.33 29.80
C ALA D 480 29.12 -19.57 29.16
N ALA D 481 29.00 -20.65 28.41
CA ALA D 481 27.82 -20.91 27.60
C ALA D 481 27.23 -22.29 27.92
N LYS D 482 25.91 -22.34 27.92
CA LYS D 482 25.18 -23.60 27.97
C LYS D 482 24.76 -24.00 26.56
N ILE D 483 24.54 -25.31 26.39
CA ILE D 483 24.30 -25.86 25.06
C ILE D 483 23.19 -26.90 25.12
N GLU D 484 22.35 -26.91 24.09
CA GLU D 484 21.29 -27.89 23.94
C GLU D 484 21.86 -29.19 23.41
N ALA D 485 21.13 -30.29 23.67
CA ALA D 485 21.59 -31.60 23.21
C ALA D 485 21.73 -31.68 21.69
N PRO D 486 20.76 -31.25 20.87
CA PRO D 486 21.01 -31.25 19.42
C PRO D 486 22.17 -30.34 19.02
N ALA D 487 22.28 -29.18 19.65
CA ALA D 487 23.41 -28.30 19.37
C ALA D 487 24.73 -28.95 19.81
N LEU D 488 24.71 -29.66 20.94
CA LEU D 488 25.90 -30.37 21.39
C LEU D 488 26.30 -31.44 20.37
N ALA D 489 25.33 -32.18 19.85
CA ALA D 489 25.65 -33.19 18.84
C ALA D 489 26.19 -32.55 17.57
N PHE D 490 25.58 -31.45 17.13
CA PHE D 490 26.04 -30.80 15.90
C PHE D 490 27.46 -30.27 16.05
N LEU D 491 27.78 -29.68 17.20
CA LEU D 491 29.14 -29.22 17.42
C LEU D 491 30.10 -30.39 17.58
N ARG D 492 29.65 -31.50 18.17
CA ARG D 492 30.50 -32.67 18.31
C ARG D 492 30.84 -33.26 16.94
N GLU D 493 29.93 -33.12 15.98
CA GLU D 493 30.13 -33.72 14.67
C GLU D 493 30.52 -32.73 13.58
N ASN D 494 30.66 -31.44 13.90
CA ASN D 494 30.94 -30.47 12.85
C ASN D 494 32.02 -29.46 13.20
N LEU D 495 32.24 -29.21 14.50
CA LEU D 495 33.18 -28.17 14.90
C LEU D 495 34.61 -28.56 14.57
N ARG D 496 35.43 -27.56 14.23
CA ARG D 496 36.83 -27.77 13.90
C ARG D 496 37.77 -27.02 14.84
N ALA D 497 37.50 -25.76 15.14
CA ALA D 497 38.37 -24.94 15.96
C ALA D 497 37.58 -24.28 17.08
N LEU D 498 38.21 -24.19 18.26
CA LEU D 498 37.60 -23.55 19.42
C LEU D 498 38.63 -22.65 20.07
N HIS D 499 38.28 -21.36 20.23
CA HIS D 499 39.14 -20.37 20.86
C HIS D 499 38.54 -20.02 22.22
N ILE D 500 39.23 -20.40 23.29
CA ILE D 500 38.76 -20.18 24.65
C ILE D 500 39.69 -19.18 25.32
N LYS D 501 39.15 -18.00 25.63
CA LYS D 501 39.84 -17.02 26.45
C LYS D 501 38.99 -16.76 27.70
N PHE D 502 39.57 -16.98 28.87
CA PHE D 502 38.82 -16.91 30.11
C PHE D 502 39.69 -16.29 31.21
N THR D 503 39.05 -16.02 32.34
CA THR D 503 39.74 -15.55 33.54
C THR D 503 39.36 -16.31 34.79
N ASP D 504 38.44 -17.28 34.70
CA ASP D 504 38.01 -18.04 35.85
C ASP D 504 37.59 -19.43 35.39
N ILE D 505 37.57 -20.36 36.35
CA ILE D 505 37.21 -21.75 36.04
C ILE D 505 35.79 -21.83 35.51
N LYS D 506 34.87 -21.07 36.10
CA LYS D 506 33.46 -21.12 35.70
C LYS D 506 33.26 -20.65 34.28
N GLU D 507 34.18 -19.85 33.73
CA GLU D 507 34.07 -19.37 32.36
C GLU D 507 34.39 -20.45 31.33
N ILE D 508 34.91 -21.59 31.76
CA ILE D 508 35.25 -22.68 30.86
C ILE D 508 34.05 -23.61 30.74
N PRO D 509 33.47 -23.79 29.55
CA PRO D 509 32.36 -24.74 29.40
C PRO D 509 32.81 -26.15 29.77
N LEU D 510 31.91 -26.87 30.44
CA LEU D 510 32.22 -28.23 30.90
C LEU D 510 32.06 -29.27 29.80
N TRP D 511 31.48 -28.91 28.66
CA TRP D 511 31.25 -29.84 27.57
C TRP D 511 32.28 -29.73 26.46
N ILE D 512 33.36 -28.96 26.66
CA ILE D 512 34.37 -28.82 25.62
C ILE D 512 35.11 -30.13 25.37
N TYR D 513 35.10 -31.05 26.33
CA TYR D 513 35.79 -32.32 26.18
C TYR D 513 35.05 -33.30 25.29
N SER D 514 33.76 -33.08 25.03
CA SER D 514 32.95 -34.02 24.27
C SER D 514 32.94 -33.73 22.78
N LEU D 515 33.50 -32.61 22.34
CA LEU D 515 33.57 -32.30 20.91
C LEU D 515 34.77 -33.06 20.32
N LYS D 516 34.51 -34.32 19.96
CA LYS D 516 35.60 -35.19 19.53
C LYS D 516 36.12 -34.82 18.14
N THR D 517 35.33 -34.09 17.35
CA THR D 517 35.82 -33.60 16.06
C THR D 517 36.62 -32.31 16.19
N LEU D 518 36.71 -31.75 17.39
CA LEU D 518 37.55 -30.58 17.60
C LEU D 518 39.02 -30.97 17.49
N GLU D 519 39.78 -30.20 16.72
CA GLU D 519 41.17 -30.52 16.46
C GLU D 519 42.15 -29.49 16.98
N GLU D 520 41.86 -28.20 16.84
CA GLU D 520 42.72 -27.12 17.30
C GLU D 520 42.07 -26.44 18.50
N LEU D 521 42.78 -26.43 19.62
CA LEU D 521 42.29 -25.85 20.86
C LEU D 521 43.17 -24.68 21.26
N HIS D 522 42.54 -23.61 21.74
CA HIS D 522 43.25 -22.41 22.19
C HIS D 522 42.71 -22.03 23.58
N LEU D 523 43.48 -22.38 24.62
CA LEU D 523 43.09 -22.10 26.00
C LEU D 523 43.89 -20.90 26.49
N THR D 524 43.21 -19.75 26.62
CA THR D 524 43.82 -18.53 27.11
C THR D 524 43.19 -18.19 28.46
N GLY D 525 44.00 -18.20 29.51
CA GLY D 525 43.49 -17.91 30.83
C GLY D 525 44.19 -18.67 31.93
N ASN D 526 44.35 -18.04 33.09
CA ASN D 526 45.08 -18.64 34.20
C ASN D 526 44.19 -19.68 34.89
N LEU D 527 44.53 -20.96 34.72
CA LEU D 527 43.82 -22.04 35.39
C LEU D 527 44.58 -22.57 36.59
N SER D 528 45.63 -21.87 37.03
CA SER D 528 46.39 -22.31 38.19
C SER D 528 45.54 -22.20 39.45
N ALA D 529 45.46 -23.29 40.20
CA ALA D 529 44.73 -23.34 41.46
C ALA D 529 45.60 -23.96 42.53
N GLU D 530 45.57 -23.39 43.73
CA GLU D 530 46.38 -23.89 44.83
C GLU D 530 45.81 -25.21 45.32
N ASN D 531 46.58 -26.29 45.17
CA ASN D 531 46.23 -27.67 45.48
C ASN D 531 45.11 -28.21 44.59
N ASN D 532 44.62 -27.43 43.62
CA ASN D 532 43.62 -27.89 42.66
C ASN D 532 44.09 -27.66 41.22
N ARG D 533 45.39 -27.43 41.03
CA ARG D 533 45.90 -27.15 39.69
C ARG D 533 45.78 -28.37 38.79
N TYR D 534 45.44 -28.14 37.53
CA TYR D 534 45.33 -29.19 36.51
C TYR D 534 44.25 -30.22 36.87
N ILE D 535 43.28 -29.80 37.68
CA ILE D 535 42.14 -30.65 38.02
C ILE D 535 40.98 -30.27 37.11
N VAL D 536 40.89 -28.99 36.76
CA VAL D 536 39.87 -28.51 35.84
C VAL D 536 40.03 -29.14 34.45
N ILE D 537 41.25 -29.44 34.04
CA ILE D 537 41.52 -29.95 32.71
C ILE D 537 41.83 -31.44 32.73
N ASP D 538 41.29 -32.18 33.70
CA ASP D 538 41.48 -33.63 33.74
C ASP D 538 40.86 -34.32 32.52
N GLY D 539 39.88 -33.69 31.88
CA GLY D 539 39.19 -34.26 30.74
C GLY D 539 39.78 -33.95 29.39
N LEU D 540 41.00 -33.42 29.33
CA LEU D 540 41.63 -33.12 28.04
C LEU D 540 41.93 -34.37 27.24
N ARG D 541 42.06 -35.53 27.89
CA ARG D 541 42.38 -36.76 27.18
C ARG D 541 41.22 -37.29 26.33
N GLU D 542 40.03 -36.72 26.47
CA GLU D 542 38.89 -37.13 25.64
C GLU D 542 38.95 -36.56 24.23
N LEU D 543 39.81 -35.59 23.97
CA LEU D 543 39.96 -35.02 22.64
C LEU D 543 40.95 -35.87 21.84
N LYS D 544 40.41 -36.78 21.03
CA LYS D 544 41.24 -37.69 20.25
C LYS D 544 41.74 -37.08 18.93
N ARG D 545 41.00 -36.15 18.36
CA ARG D 545 41.43 -35.46 17.15
C ARG D 545 42.25 -34.21 17.45
N LEU D 546 42.56 -33.96 18.71
CA LEU D 546 43.33 -32.78 19.08
C LEU D 546 44.74 -32.84 18.48
N LYS D 547 45.08 -31.83 17.68
CA LYS D 547 46.38 -31.78 17.04
C LYS D 547 47.09 -30.47 17.35
N VAL D 548 46.34 -29.40 17.48
CA VAL D 548 46.88 -28.07 17.76
C VAL D 548 46.37 -27.63 19.13
N LEU D 549 47.30 -27.22 20.00
CA LEU D 549 46.96 -26.86 21.37
C LEU D 549 47.72 -25.61 21.79
N ARG D 550 47.03 -24.72 22.49
CA ARG D 550 47.61 -23.53 23.09
C ARG D 550 47.23 -23.50 24.56
N LEU D 551 48.22 -23.32 25.43
CA LEU D 551 48.00 -23.30 26.88
C LEU D 551 48.63 -22.02 27.43
N LYS D 552 47.85 -20.94 27.42
CA LYS D 552 48.24 -19.67 28.04
C LYS D 552 47.58 -19.61 29.41
N SER D 553 48.32 -20.04 30.43
CA SER D 553 47.79 -20.09 31.79
C SER D 553 48.79 -19.64 32.85
N ASN D 554 49.97 -19.17 32.46
CA ASN D 554 51.00 -18.70 33.40
C ASN D 554 51.32 -19.78 34.42
N LEU D 555 51.73 -20.94 33.92
CA LEU D 555 51.98 -22.10 34.75
C LEU D 555 53.45 -22.15 35.18
N SER D 556 53.69 -22.52 36.43
CA SER D 556 55.06 -22.74 36.89
C SER D 556 55.56 -24.12 36.49
N LYS D 557 54.66 -25.02 36.10
CA LYS D 557 55.03 -26.37 35.70
C LYS D 557 54.09 -26.83 34.60
N LEU D 558 54.50 -27.90 33.92
CA LEU D 558 53.70 -28.44 32.83
C LEU D 558 52.70 -29.45 33.38
N PRO D 559 51.44 -29.37 32.97
CA PRO D 559 50.43 -30.30 33.50
C PRO D 559 50.73 -31.75 33.13
N GLN D 560 50.34 -32.66 34.02
CA GLN D 560 50.57 -34.08 33.79
C GLN D 560 49.63 -34.61 32.70
N VAL D 561 48.37 -34.17 32.71
CA VAL D 561 47.39 -34.67 31.75
C VAL D 561 47.76 -34.25 30.34
N VAL D 562 48.30 -33.04 30.17
CA VAL D 562 48.73 -32.61 28.84
C VAL D 562 49.87 -33.48 28.34
N THR D 563 50.81 -33.81 29.22
CA THR D 563 51.89 -34.71 28.83
C THR D 563 51.35 -36.09 28.45
N ASP D 564 50.38 -36.59 29.22
CA ASP D 564 49.82 -37.90 28.92
C ASP D 564 49.05 -37.91 27.60
N VAL D 565 48.42 -36.77 27.24
CA VAL D 565 47.63 -36.69 26.02
C VAL D 565 48.45 -36.27 24.81
N GLY D 566 49.67 -35.79 25.02
CA GLY D 566 50.50 -35.33 23.91
C GLY D 566 50.96 -36.42 22.97
N VAL D 567 50.66 -37.68 23.29
CA VAL D 567 51.09 -38.79 22.45
C VAL D 567 50.48 -38.76 21.06
N HIS D 568 49.51 -37.87 20.81
CA HIS D 568 48.96 -37.69 19.48
C HIS D 568 48.92 -36.24 19.01
N LEU D 569 49.41 -35.29 19.81
CA LEU D 569 49.43 -33.89 19.41
C LEU D 569 50.47 -33.67 18.30
N GLN D 570 50.29 -32.58 17.57
CA GLN D 570 51.26 -32.17 16.55
C GLN D 570 51.84 -30.79 16.79
N LYS D 571 51.15 -29.94 17.55
CA LYS D 571 51.62 -28.59 17.85
C LYS D 571 51.24 -28.24 19.28
N LEU D 572 52.15 -27.58 19.99
CA LEU D 572 51.93 -27.17 21.38
C LEU D 572 52.66 -25.84 21.60
N SER D 573 51.92 -24.74 21.54
CA SER D 573 52.48 -23.41 21.77
C SER D 573 52.13 -22.97 23.20
N ILE D 574 53.12 -23.01 24.08
CA ILE D 574 52.93 -22.64 25.49
C ILE D 574 53.41 -21.20 25.65
N ASN D 575 52.50 -20.31 26.02
CA ASN D 575 52.80 -18.89 26.21
C ASN D 575 52.43 -18.52 27.64
N ASN D 576 53.38 -18.65 28.56
CA ASN D 576 53.15 -18.33 29.97
C ASN D 576 53.18 -16.84 30.26
N GLU D 577 53.55 -16.01 29.27
CA GLU D 577 53.58 -14.56 29.41
C GLU D 577 54.50 -14.12 30.56
N GLY D 578 55.72 -14.66 30.57
CA GLY D 578 56.72 -14.30 31.54
C GLY D 578 56.86 -15.26 32.70
N THR D 579 55.89 -16.14 32.93
CA THR D 579 55.97 -17.08 34.03
C THR D 579 57.03 -18.14 33.75
N LYS D 580 57.81 -18.47 34.78
CA LYS D 580 58.83 -19.50 34.65
C LYS D 580 58.18 -20.85 34.38
N LEU D 581 58.78 -21.62 33.48
CA LEU D 581 58.24 -22.92 33.09
C LEU D 581 59.30 -24.00 33.33
N ILE D 582 58.88 -25.13 33.87
CA ILE D 582 59.74 -26.29 34.10
C ILE D 582 59.06 -27.51 33.48
N VAL D 583 59.82 -28.28 32.70
CA VAL D 583 59.24 -29.42 32.01
C VAL D 583 59.03 -30.60 32.96
N LEU D 584 59.71 -30.58 34.12
CA LEU D 584 59.69 -31.65 35.11
C LEU D 584 59.74 -33.05 34.49
N ASN D 585 60.57 -33.20 33.45
CA ASN D 585 60.75 -34.48 32.74
C ASN D 585 59.40 -35.02 32.25
N SER D 586 58.66 -34.15 31.56
CA SER D 586 57.34 -34.50 31.04
C SER D 586 57.17 -33.99 29.61
N LEU D 587 58.22 -34.13 28.79
CA LEU D 587 58.16 -33.74 27.40
C LEU D 587 58.60 -34.81 26.42
N LYS D 588 59.28 -35.86 26.88
CA LYS D 588 59.75 -36.91 25.98
C LYS D 588 58.70 -37.97 25.69
N LYS D 589 57.58 -37.97 26.42
CA LYS D 589 56.51 -38.93 26.18
C LYS D 589 55.67 -38.58 24.95
N MET D 590 55.59 -37.30 24.60
CA MET D 590 54.82 -36.86 23.44
C MET D 590 55.68 -36.94 22.18
N VAL D 591 55.91 -38.18 21.74
CA VAL D 591 56.76 -38.43 20.58
C VAL D 591 56.13 -37.89 19.30
N ASN D 592 54.80 -37.96 19.20
CA ASN D 592 54.10 -37.55 17.98
C ASN D 592 54.08 -36.04 17.79
N LEU D 593 54.50 -35.26 18.77
CA LEU D 593 54.52 -33.81 18.63
C LEU D 593 55.45 -33.40 17.49
N THR D 594 54.96 -32.52 16.63
CA THR D 594 55.71 -32.10 15.45
C THR D 594 56.18 -30.66 15.51
N GLU D 595 55.52 -29.80 16.28
CA GLU D 595 55.94 -28.42 16.46
C GLU D 595 55.92 -28.06 17.93
N LEU D 596 56.89 -27.25 18.36
CA LEU D 596 57.00 -26.82 19.75
C LEU D 596 57.37 -25.35 19.79
N GLU D 597 56.51 -24.55 20.42
CA GLU D 597 56.74 -23.12 20.57
C GLU D 597 56.82 -22.79 22.04
N LEU D 598 57.91 -22.14 22.45
CA LEU D 598 58.12 -21.73 23.84
C LEU D 598 58.31 -20.22 23.85
N ILE D 599 57.23 -19.50 24.15
CA ILE D 599 57.21 -18.04 24.13
C ILE D 599 56.99 -17.55 25.55
N ARG D 600 57.93 -16.72 26.04
CA ARG D 600 57.84 -16.11 27.37
C ARG D 600 57.74 -17.16 28.47
N CYS D 601 58.38 -18.32 28.26
CA CYS D 601 58.34 -19.37 29.28
C CYS D 601 59.42 -19.22 30.33
N ASP D 602 60.40 -18.34 30.10
CA ASP D 602 61.48 -18.07 31.06
C ASP D 602 62.19 -19.35 31.48
N LEU D 603 62.76 -20.04 30.48
CA LEU D 603 63.56 -21.23 30.73
C LEU D 603 65.02 -20.93 31.01
N GLU D 604 65.57 -19.92 30.33
CA GLU D 604 66.97 -19.50 30.48
C GLU D 604 67.95 -20.58 30.02
N ARG D 605 67.43 -21.72 29.62
CA ARG D 605 68.24 -22.84 29.15
C ARG D 605 67.43 -23.64 28.14
N ILE D 606 68.06 -24.67 27.59
CA ILE D 606 67.40 -25.61 26.68
C ILE D 606 67.45 -26.99 27.34
N PRO D 607 66.34 -27.49 27.88
CA PRO D 607 66.37 -28.79 28.55
C PRO D 607 66.62 -29.93 27.58
N HIS D 608 67.12 -31.05 28.13
CA HIS D 608 67.48 -32.19 27.30
C HIS D 608 66.27 -32.91 26.72
N SER D 609 65.07 -32.66 27.25
CA SER D 609 63.88 -33.32 26.74
C SER D 609 63.49 -32.84 25.34
N ILE D 610 63.98 -31.66 24.93
CA ILE D 610 63.67 -31.16 23.59
C ILE D 610 64.35 -32.04 22.53
N PHE D 611 65.59 -32.46 22.79
CA PHE D 611 66.30 -33.31 21.84
C PHE D 611 65.66 -34.68 21.70
N SER D 612 64.93 -35.15 22.72
CA SER D 612 64.25 -36.43 22.64
C SER D 612 63.15 -36.46 21.58
N LEU D 613 62.71 -35.30 21.10
CA LEU D 613 61.72 -35.22 20.04
C LEU D 613 62.43 -35.22 18.70
N HIS D 614 62.00 -36.08 17.79
CA HIS D 614 62.62 -36.19 16.47
C HIS D 614 61.72 -35.73 15.34
N ASN D 615 60.46 -35.41 15.62
CA ASN D 615 59.52 -34.96 14.60
C ASN D 615 59.45 -33.44 14.48
N LEU D 616 60.21 -32.72 15.31
CA LEU D 616 60.14 -31.27 15.30
C LEU D 616 60.74 -30.69 14.02
N GLN D 617 60.09 -29.67 13.47
CA GLN D 617 60.56 -28.97 12.29
C GLN D 617 60.84 -27.50 12.55
N GLU D 618 59.93 -26.78 13.19
CA GLU D 618 60.10 -25.36 13.49
C GLU D 618 60.06 -25.18 15.01
N ILE D 619 61.14 -24.63 15.55
CA ILE D 619 61.28 -24.42 16.99
C ILE D 619 61.46 -22.93 17.24
N ASP D 620 60.67 -22.39 18.17
CA ASP D 620 60.73 -20.98 18.53
C ASP D 620 61.06 -20.85 20.01
N LEU D 621 61.95 -19.92 20.32
CA LEU D 621 62.38 -19.66 21.70
C LEU D 621 62.38 -18.17 21.98
N LYS D 622 61.33 -17.48 21.59
CA LYS D 622 61.22 -16.04 21.83
C LYS D 622 61.11 -15.74 23.32
N ASP D 623 61.73 -14.63 23.74
CA ASP D 623 61.58 -14.09 25.08
C ASP D 623 61.97 -15.08 26.17
N ASN D 624 62.98 -15.91 25.90
CA ASN D 624 63.50 -16.85 26.89
C ASN D 624 64.80 -16.39 27.53
N ASN D 625 65.31 -15.23 27.10
CA ASN D 625 66.52 -14.63 27.68
C ASN D 625 67.70 -15.60 27.69
N LEU D 626 67.86 -16.36 26.61
CA LEU D 626 68.96 -17.31 26.53
C LEU D 626 70.29 -16.58 26.32
N LYS D 627 71.30 -16.97 27.08
CA LYS D 627 72.65 -16.42 26.94
C LYS D 627 73.52 -17.32 26.06
N THR D 628 73.48 -18.63 26.28
CA THR D 628 74.22 -19.59 25.49
C THR D 628 73.24 -20.51 24.74
N ILE D 629 73.52 -20.71 23.46
CA ILE D 629 72.67 -21.56 22.62
C ILE D 629 73.53 -22.65 21.98
N GLU D 630 74.61 -23.02 22.66
CA GLU D 630 75.47 -24.10 22.19
C GLU D 630 74.79 -25.48 22.29
N GLU D 631 73.65 -25.57 22.97
CA GLU D 631 72.95 -26.83 23.11
C GLU D 631 72.49 -27.43 21.79
N ILE D 632 72.69 -26.73 20.67
CA ILE D 632 72.37 -27.26 19.35
C ILE D 632 73.25 -28.45 18.98
N ILE D 633 74.26 -28.77 19.81
CA ILE D 633 75.05 -29.97 19.61
C ILE D 633 74.14 -31.20 19.69
N SER D 634 73.25 -31.23 20.67
CA SER D 634 72.31 -32.33 20.84
C SER D 634 71.11 -32.22 19.91
N PHE D 635 70.98 -31.13 19.16
CA PHE D 635 69.91 -31.00 18.19
C PHE D 635 70.10 -31.90 16.97
N GLN D 636 71.25 -32.57 16.86
CA GLN D 636 71.49 -33.48 15.74
C GLN D 636 70.53 -34.67 15.73
N HIS D 637 69.84 -34.95 16.84
CA HIS D 637 68.79 -35.96 16.82
C HIS D 637 67.66 -35.58 15.90
N LEU D 638 67.41 -34.28 15.74
CA LEU D 638 66.35 -33.78 14.86
C LEU D 638 66.80 -33.90 13.41
N HIS D 639 66.55 -35.07 12.81
CA HIS D 639 66.90 -35.29 11.41
C HIS D 639 66.07 -34.45 10.46
N ARG D 640 64.88 -33.99 10.88
CA ARG D 640 63.98 -33.26 10.00
C ARG D 640 63.78 -31.81 10.44
N LEU D 641 64.70 -31.27 11.25
CA LEU D 641 64.59 -29.90 11.74
C LEU D 641 64.80 -28.94 10.57
N THR D 642 63.71 -28.35 10.09
CA THR D 642 63.79 -27.44 8.95
C THR D 642 64.07 -26.00 9.37
N CYS D 643 63.57 -25.58 10.52
CA CYS D 643 63.69 -24.19 10.93
C CYS D 643 64.08 -24.10 12.40
N LEU D 644 64.72 -22.99 12.74
CA LEU D 644 65.08 -22.67 14.12
C LEU D 644 64.87 -21.18 14.32
N LYS D 645 64.05 -20.83 15.31
CA LYS D 645 63.70 -19.44 15.58
C LYS D 645 64.23 -19.04 16.96
N LEU D 646 65.10 -18.04 16.99
CA LEU D 646 65.64 -17.52 18.24
C LEU D 646 65.54 -16.01 18.32
N TRP D 647 64.73 -15.38 17.49
CA TRP D 647 64.58 -13.93 17.51
C TRP D 647 63.90 -13.46 18.79
N TYR D 648 64.10 -12.18 19.12
CA TYR D 648 63.55 -11.57 20.32
C TYR D 648 64.06 -12.27 21.58
N ASN D 649 65.37 -12.43 21.67
CA ASN D 649 66.00 -13.09 22.81
C ASN D 649 67.29 -12.34 23.15
N HIS D 650 68.12 -12.97 23.98
CA HIS D 650 69.38 -12.39 24.45
C HIS D 650 70.58 -13.01 23.77
N ILE D 651 70.48 -13.31 22.47
CA ILE D 651 71.56 -13.94 21.73
C ILE D 651 72.71 -12.94 21.61
N ALA D 652 73.75 -13.14 22.42
CA ALA D 652 74.90 -12.23 22.37
C ALA D 652 75.84 -12.56 21.22
N TYR D 653 75.96 -13.83 20.86
CA TYR D 653 76.74 -14.24 19.70
C TYR D 653 76.25 -15.60 19.23
N ILE D 654 76.61 -15.93 18.01
CA ILE D 654 76.15 -17.16 17.35
C ILE D 654 77.26 -18.19 17.47
N PRO D 655 76.98 -19.38 18.01
CA PRO D 655 78.04 -20.40 18.14
C PRO D 655 78.46 -20.99 16.81
N ILE D 656 79.39 -21.95 16.84
CA ILE D 656 79.87 -22.56 15.62
C ILE D 656 79.10 -23.84 15.26
N GLN D 657 78.45 -24.47 16.24
CA GLN D 657 77.73 -25.72 15.97
C GLN D 657 76.44 -25.48 15.21
N ILE D 658 75.94 -24.24 15.17
CA ILE D 658 74.66 -23.95 14.53
C ILE D 658 74.69 -24.27 13.04
N GLY D 659 75.86 -24.19 12.40
CA GLY D 659 75.96 -24.50 10.98
C GLY D 659 76.08 -25.97 10.65
N ASN D 660 76.27 -26.83 11.65
CA ASN D 660 76.42 -28.26 11.38
C ASN D 660 75.11 -28.91 10.95
N LEU D 661 73.98 -28.39 11.44
CA LEU D 661 72.67 -28.94 11.08
C LEU D 661 72.30 -28.46 9.68
N THR D 662 72.72 -29.24 8.69
CA THR D 662 72.44 -28.90 7.29
C THR D 662 70.95 -28.91 6.98
N ASN D 663 70.14 -29.58 7.81
CA ASN D 663 68.71 -29.67 7.57
C ASN D 663 68.00 -28.33 7.71
N LEU D 664 68.62 -27.35 8.37
CA LEU D 664 67.96 -26.07 8.60
C LEU D 664 67.70 -25.34 7.29
N GLU D 665 66.50 -24.76 7.18
CA GLU D 665 66.12 -23.96 6.02
C GLU D 665 65.74 -22.52 6.37
N ARG D 666 65.18 -22.29 7.56
CA ARG D 666 64.79 -20.95 7.99
C ARG D 666 65.44 -20.66 9.34
N LEU D 667 65.83 -19.39 9.53
CA LEU D 667 66.48 -18.96 10.75
C LEU D 667 66.03 -17.55 11.08
N TYR D 668 65.81 -17.28 12.36
CA TYR D 668 65.39 -15.97 12.84
C TYR D 668 66.26 -15.58 14.04
N LEU D 669 67.11 -14.57 13.84
CA LEU D 669 68.02 -14.11 14.90
C LEU D 669 68.03 -12.59 14.99
N ASN D 670 66.88 -11.95 14.82
CA ASN D 670 66.77 -10.50 14.94
C ASN D 670 66.36 -10.12 16.36
N ARG D 671 66.45 -8.81 16.63
CA ARG D 671 66.15 -8.26 17.95
C ARG D 671 67.01 -8.92 19.02
N ASN D 672 68.27 -9.17 18.68
CA ASN D 672 69.23 -9.76 19.60
C ASN D 672 70.42 -8.81 19.77
N LYS D 673 71.44 -9.30 20.48
CA LYS D 673 72.65 -8.51 20.71
C LYS D 673 73.85 -9.20 20.09
N ILE D 674 73.70 -9.70 18.85
CA ILE D 674 74.78 -10.42 18.20
C ILE D 674 75.90 -9.46 17.85
N GLU D 675 77.14 -9.85 18.19
CA GLU D 675 78.31 -9.05 17.90
C GLU D 675 79.09 -9.51 16.68
N LYS D 676 79.08 -10.81 16.40
CA LYS D 676 79.74 -11.33 15.21
C LYS D 676 79.04 -12.62 14.80
N ILE D 677 79.07 -12.91 13.50
CA ILE D 677 78.46 -14.09 12.93
C ILE D 677 79.58 -15.00 12.42
N PRO D 678 79.77 -16.19 12.99
CA PRO D 678 80.83 -17.08 12.50
C PRO D 678 80.51 -17.62 11.11
N THR D 679 81.57 -17.96 10.38
CA THR D 679 81.42 -18.54 9.05
C THR D 679 80.75 -19.92 9.10
N GLN D 680 80.73 -20.57 10.27
CA GLN D 680 80.12 -21.88 10.38
C GLN D 680 78.63 -21.83 10.08
N LEU D 681 77.94 -20.80 10.55
CA LEU D 681 76.50 -20.70 10.34
C LEU D 681 76.13 -20.68 8.86
N PHE D 682 76.99 -20.12 8.02
CA PHE D 682 76.73 -19.99 6.60
C PHE D 682 76.96 -21.29 5.83
N TYR D 683 77.10 -22.41 6.52
CA TYR D 683 77.31 -23.70 5.88
C TYR D 683 76.03 -24.50 5.72
N CYS D 684 74.88 -23.93 6.09
CA CYS D 684 73.58 -24.53 5.81
C CYS D 684 73.07 -23.94 4.51
N ARG D 685 73.58 -24.49 3.40
CA ARG D 685 73.40 -23.86 2.10
C ARG D 685 71.96 -23.88 1.62
N LYS D 686 71.09 -24.70 2.22
CA LYS D 686 69.68 -24.70 1.88
C LYS D 686 68.89 -23.67 2.69
N LEU D 687 69.56 -22.73 3.34
CA LEU D 687 68.87 -21.69 4.11
C LEU D 687 68.09 -20.77 3.18
N ARG D 688 66.87 -20.44 3.59
CA ARG D 688 66.00 -19.61 2.75
C ARG D 688 65.55 -18.36 3.49
N TYR D 689 65.41 -18.43 4.81
CA TYR D 689 64.93 -17.32 5.62
C TYR D 689 65.94 -16.97 6.69
N LEU D 690 66.38 -15.72 6.71
CA LEU D 690 67.29 -15.24 7.74
C LEU D 690 67.21 -13.71 7.79
N ASP D 691 66.71 -13.19 8.90
CA ASP D 691 66.62 -11.74 9.12
C ASP D 691 67.44 -11.38 10.34
N LEU D 692 68.31 -10.36 10.20
CA LEU D 692 69.25 -9.97 11.24
C LEU D 692 69.04 -8.54 11.69
N SER D 693 67.81 -8.05 11.69
CA SER D 693 67.54 -6.67 12.06
C SER D 693 67.74 -6.47 13.56
N HIS D 694 68.02 -5.22 13.95
CA HIS D 694 68.14 -4.81 15.34
C HIS D 694 69.20 -5.63 16.07
N ASN D 695 70.44 -5.50 15.60
CA ASN D 695 71.57 -6.18 16.20
C ASN D 695 72.78 -5.23 16.23
N ASN D 696 73.75 -5.55 17.08
CA ASN D 696 74.95 -4.76 17.25
C ASN D 696 76.06 -5.17 16.29
N LEU D 697 75.70 -5.79 15.17
CA LEU D 697 76.68 -6.24 14.19
C LEU D 697 77.32 -5.04 13.50
N THR D 698 78.64 -5.10 13.32
CA THR D 698 79.36 -4.04 12.62
C THR D 698 79.81 -4.44 11.23
N PHE D 699 79.81 -5.73 10.91
CA PHE D 699 80.24 -6.22 9.62
C PHE D 699 79.27 -7.29 9.13
N LEU D 700 79.16 -7.43 7.82
CA LEU D 700 78.38 -8.49 7.21
C LEU D 700 79.34 -9.49 6.58
N PRO D 701 79.40 -10.72 7.08
CA PRO D 701 80.37 -11.69 6.53
C PRO D 701 80.11 -11.98 5.07
N ALA D 702 81.20 -12.22 4.33
CA ALA D 702 81.07 -12.50 2.90
C ALA D 702 80.39 -13.84 2.64
N ASP D 703 80.39 -14.73 3.63
CA ASP D 703 79.80 -16.05 3.44
C ASP D 703 78.28 -16.01 3.38
N ILE D 704 77.67 -14.86 3.68
CA ILE D 704 76.22 -14.75 3.54
C ILE D 704 75.82 -14.85 2.07
N GLY D 705 76.73 -14.47 1.16
CA GLY D 705 76.45 -14.63 -0.26
C GLY D 705 76.42 -16.08 -0.69
N LEU D 706 77.07 -16.96 0.07
CA LEU D 706 77.11 -18.37 -0.26
C LEU D 706 75.75 -19.06 -0.09
N LEU D 707 74.79 -18.40 0.56
CA LEU D 707 73.43 -18.94 0.70
C LEU D 707 72.58 -18.38 -0.44
N GLN D 708 72.70 -19.03 -1.60
CA GLN D 708 71.96 -18.58 -2.78
C GLN D 708 70.45 -18.75 -2.61
N ASN D 709 70.01 -19.71 -1.80
CA ASN D 709 68.58 -19.96 -1.61
C ASN D 709 67.91 -18.93 -0.72
N LEU D 710 68.69 -18.08 -0.05
CA LEU D 710 68.11 -17.07 0.84
C LEU D 710 67.25 -16.10 0.05
N GLN D 711 66.03 -15.86 0.55
CA GLN D 711 65.09 -14.95 -0.08
C GLN D 711 64.87 -13.67 0.70
N ASN D 712 65.11 -13.66 2.01
CA ASN D 712 64.86 -12.50 2.85
C ASN D 712 66.13 -12.17 3.61
N LEU D 713 66.52 -10.89 3.61
CA LEU D 713 67.66 -10.41 4.38
C LEU D 713 67.29 -9.07 4.99
N ALA D 714 66.89 -9.09 6.26
CA ALA D 714 66.48 -7.88 6.98
C ALA D 714 67.53 -7.56 8.03
N VAL D 715 68.33 -6.54 7.77
CA VAL D 715 69.36 -6.11 8.71
C VAL D 715 69.03 -4.69 9.19
N THR D 716 67.74 -4.41 9.32
CA THR D 716 67.29 -3.08 9.73
C THR D 716 67.90 -2.68 11.06
N ALA D 717 68.39 -1.44 11.13
CA ALA D 717 68.96 -0.87 12.36
C ALA D 717 70.17 -1.65 12.83
N ASN D 718 71.14 -1.82 11.94
CA ASN D 718 72.40 -2.47 12.24
C ASN D 718 73.56 -1.50 11.98
N ARG D 719 74.72 -1.83 12.54
CA ARG D 719 75.90 -0.97 12.51
C ARG D 719 76.89 -1.36 11.42
N ILE D 720 76.40 -1.91 10.31
CA ILE D 720 77.24 -2.27 9.18
C ILE D 720 77.37 -1.05 8.28
N GLU D 721 78.61 -0.63 8.02
CA GLU D 721 78.85 0.54 7.19
C GLU D 721 79.16 0.18 5.74
N ALA D 722 79.65 -1.03 5.48
CA ALA D 722 80.04 -1.44 4.14
C ALA D 722 79.28 -2.70 3.75
N LEU D 723 78.56 -2.63 2.64
CA LEU D 723 77.83 -3.78 2.13
C LEU D 723 78.80 -4.67 1.37
N PRO D 724 78.96 -5.94 1.76
CA PRO D 724 79.97 -6.79 1.13
C PRO D 724 79.65 -7.05 -0.33
N PRO D 725 80.65 -6.97 -1.21
CA PRO D 725 80.42 -7.34 -2.62
C PRO D 725 80.01 -8.79 -2.80
N GLU D 726 80.44 -9.68 -1.92
CA GLU D 726 80.11 -11.09 -2.05
C GLU D 726 78.62 -11.34 -1.83
N LEU D 727 77.93 -10.41 -1.15
CA LEU D 727 76.50 -10.57 -0.93
C LEU D 727 75.71 -10.54 -2.23
N PHE D 728 76.18 -9.78 -3.22
CA PHE D 728 75.44 -9.57 -4.46
C PHE D 728 75.39 -10.79 -5.36
N GLN D 729 75.90 -11.94 -4.91
CA GLN D 729 75.81 -13.17 -5.67
C GLN D 729 74.55 -13.98 -5.36
N CYS D 730 73.73 -13.52 -4.42
CA CYS D 730 72.48 -14.18 -4.08
C CYS D 730 71.42 -13.74 -5.07
N ARG D 731 71.43 -14.39 -6.25
CA ARG D 731 70.52 -14.01 -7.32
C ARG D 731 69.06 -14.29 -6.99
N LYS D 732 68.80 -15.09 -5.96
CA LYS D 732 67.43 -15.41 -5.54
C LYS D 732 67.05 -14.69 -4.25
N LEU D 733 67.53 -13.47 -4.05
CA LEU D 733 67.22 -12.69 -2.85
C LEU D 733 66.06 -11.76 -3.21
N ARG D 734 64.84 -12.22 -2.92
CA ARG D 734 63.65 -11.45 -3.28
C ARG D 734 63.56 -10.14 -2.51
N ALA D 735 63.70 -10.20 -1.19
CA ALA D 735 63.55 -9.03 -0.33
C ALA D 735 64.79 -8.85 0.53
N LEU D 736 65.30 -7.62 0.55
CA LEU D 736 66.41 -7.26 1.43
C LEU D 736 66.08 -5.92 2.08
N HIS D 737 66.27 -5.85 3.40
CA HIS D 737 65.94 -4.65 4.18
C HIS D 737 67.22 -4.00 4.67
N LEU D 738 67.35 -2.70 4.44
CA LEU D 738 68.52 -1.94 4.84
C LEU D 738 68.15 -0.67 5.62
N GLY D 739 66.90 -0.55 6.06
CA GLY D 739 66.48 0.66 6.73
C GLY D 739 67.18 0.88 8.07
N ASN D 740 67.33 2.16 8.40
CA ASN D 740 67.91 2.61 9.67
C ASN D 740 69.33 2.07 9.90
N ASN D 741 69.98 1.58 8.84
CA ASN D 741 71.35 1.11 8.95
C ASN D 741 72.31 2.30 8.92
N VAL D 742 73.60 2.03 9.07
CA VAL D 742 74.62 3.06 8.97
C VAL D 742 75.35 2.88 7.65
N LEU D 743 74.72 2.15 6.73
CA LEU D 743 75.26 1.93 5.40
C LEU D 743 75.62 3.25 4.73
N GLN D 744 76.89 3.41 4.35
CA GLN D 744 77.35 4.69 3.81
C GLN D 744 77.04 4.83 2.33
N SER D 745 76.90 3.71 1.61
CA SER D 745 76.61 3.74 0.20
C SER D 745 76.04 2.40 -0.25
N LEU D 746 75.39 2.40 -1.41
CA LEU D 746 74.86 1.18 -2.00
C LEU D 746 75.69 0.85 -3.24
N PRO D 747 76.41 -0.27 -3.27
CA PRO D 747 77.21 -0.59 -4.45
C PRO D 747 76.33 -0.86 -5.67
N SER D 748 76.92 -0.62 -6.84
CA SER D 748 76.18 -0.79 -8.10
C SER D 748 75.88 -2.25 -8.41
N ARG D 749 76.49 -3.19 -7.68
CA ARG D 749 76.26 -4.60 -7.94
C ARG D 749 74.86 -5.07 -7.53
N VAL D 750 74.05 -4.20 -6.92
CA VAL D 750 72.70 -4.57 -6.53
C VAL D 750 71.85 -4.90 -7.75
N GLY D 751 72.18 -4.31 -8.91
CA GLY D 751 71.42 -4.57 -10.12
C GLY D 751 71.61 -5.96 -10.68
N GLU D 752 72.59 -6.71 -10.19
CA GLU D 752 72.83 -8.07 -10.66
C GLU D 752 71.75 -9.05 -10.23
N LEU D 753 70.86 -8.65 -9.32
CA LEU D 753 69.79 -9.52 -8.85
C LEU D 753 68.51 -9.23 -9.60
N THR D 754 68.02 -10.21 -10.35
CA THR D 754 66.78 -10.05 -11.10
C THR D 754 65.55 -10.48 -10.33
N ASN D 755 65.72 -11.11 -9.17
CA ASN D 755 64.60 -11.58 -8.36
C ASN D 755 64.24 -10.61 -7.24
N LEU D 756 64.89 -9.45 -7.19
CA LEU D 756 64.62 -8.49 -6.12
C LEU D 756 63.18 -8.00 -6.17
N THR D 757 62.54 -7.96 -5.03
CA THR D 757 61.14 -7.57 -4.93
C THR D 757 60.91 -6.36 -4.04
N GLN D 758 61.55 -6.32 -2.86
CA GLN D 758 61.34 -5.24 -1.90
C GLN D 758 62.65 -4.83 -1.26
N ILE D 759 62.85 -3.53 -1.08
CA ILE D 759 64.00 -2.99 -0.38
C ILE D 759 63.52 -1.94 0.61
N GLU D 760 64.02 -2.03 1.84
CA GLU D 760 63.72 -1.07 2.90
C GLU D 760 64.91 -0.13 3.06
N LEU D 761 64.68 1.17 2.82
CA LEU D 761 65.76 2.15 2.83
C LEU D 761 65.43 3.35 3.69
N ARG D 762 64.76 3.15 4.83
CA ARG D 762 64.39 4.26 5.69
C ARG D 762 65.56 4.66 6.58
N GLY D 763 65.92 5.94 6.55
CA GLY D 763 66.94 6.45 7.44
C GLY D 763 68.36 6.01 7.14
N ASN D 764 68.63 5.55 5.92
CA ASN D 764 69.97 5.12 5.55
C ASN D 764 70.87 6.31 5.30
N ARG D 765 72.17 6.10 5.50
CA ARG D 765 73.17 7.11 5.20
C ARG D 765 73.58 7.04 3.74
N LEU D 766 72.60 7.09 2.84
CA LEU D 766 72.84 6.98 1.41
C LEU D 766 72.79 8.37 0.77
N GLU D 767 73.45 8.49 -0.38
CA GLU D 767 73.50 9.74 -1.13
C GLU D 767 72.60 9.73 -2.35
N CYS D 768 72.70 8.73 -3.21
CA CYS D 768 71.88 8.64 -4.41
C CYS D 768 71.60 7.18 -4.73
N LEU D 769 70.49 6.95 -5.41
CA LEU D 769 70.13 5.59 -5.83
C LEU D 769 70.86 5.22 -7.10
N PRO D 770 71.64 4.14 -7.11
CA PRO D 770 72.34 3.74 -8.33
C PRO D 770 71.37 3.33 -9.43
N VAL D 771 71.80 3.51 -10.68
CA VAL D 771 70.95 3.19 -11.82
C VAL D 771 70.63 1.70 -11.86
N GLU D 772 71.61 0.86 -11.53
CA GLU D 772 71.38 -0.59 -11.53
C GLU D 772 70.34 -1.00 -10.49
N LEU D 773 70.17 -0.20 -9.43
CA LEU D 773 69.17 -0.53 -8.43
C LEU D 773 67.76 -0.51 -9.00
N GLY D 774 67.47 0.40 -9.92
CA GLY D 774 66.16 0.52 -10.53
C GLY D 774 65.93 -0.31 -11.77
N GLU D 775 66.90 -1.14 -12.18
CA GLU D 775 66.75 -1.96 -13.38
C GLU D 775 66.18 -3.34 -13.09
N CYS D 776 65.89 -3.65 -11.84
CA CYS D 776 65.36 -4.96 -11.51
C CYS D 776 63.94 -5.10 -12.05
N PRO D 777 63.66 -6.11 -12.88
CA PRO D 777 62.31 -6.23 -13.46
C PRO D 777 61.22 -6.41 -12.42
N LEU D 778 61.51 -7.07 -11.30
CA LEU D 778 60.50 -7.33 -10.28
C LEU D 778 60.48 -6.30 -9.16
N LEU D 779 61.41 -5.34 -9.16
CA LEU D 779 61.41 -4.30 -8.15
C LEU D 779 60.59 -3.11 -8.62
N LYS D 780 59.70 -2.63 -7.75
CA LYS D 780 58.84 -1.49 -8.07
C LYS D 780 58.85 -0.47 -6.94
N ARG D 781 58.09 0.61 -7.10
CA ARG D 781 58.02 1.62 -6.06
C ARG D 781 57.42 1.05 -4.77
N SER D 782 56.52 0.08 -4.90
CA SER D 782 55.99 -0.60 -3.73
C SER D 782 57.10 -1.29 -2.96
N GLY D 783 58.01 -1.97 -3.67
CA GLY D 783 59.16 -2.57 -3.03
C GLY D 783 60.31 -1.63 -2.76
N LEU D 784 60.33 -0.47 -3.41
CA LEU D 784 61.39 0.51 -3.25
C LEU D 784 60.87 1.63 -2.36
N VAL D 785 61.08 1.47 -1.04
CA VAL D 785 60.68 2.48 -0.07
C VAL D 785 61.92 3.23 0.38
N VAL D 786 61.97 4.52 0.07
CA VAL D 786 63.15 5.34 0.35
C VAL D 786 62.67 6.77 0.57
N GLU D 787 63.57 7.62 1.08
CA GLU D 787 63.26 9.02 1.31
C GLU D 787 63.10 9.76 -0.02
N GLU D 788 62.47 10.93 0.05
CA GLU D 788 62.26 11.73 -1.16
C GLU D 788 63.58 12.20 -1.76
N ASP D 789 64.52 12.62 -0.91
CA ASP D 789 65.79 13.14 -1.42
C ASP D 789 66.56 12.07 -2.18
N LEU D 790 66.60 10.85 -1.65
CA LEU D 790 67.31 9.76 -2.34
C LEU D 790 66.55 9.33 -3.60
N PHE D 791 65.22 9.31 -3.53
CA PHE D 791 64.42 8.93 -4.69
C PHE D 791 64.51 9.96 -5.81
N SER D 792 64.82 11.21 -5.48
CA SER D 792 64.87 12.27 -6.49
C SER D 792 66.05 12.15 -7.43
N THR D 793 67.03 11.29 -7.12
CA THR D 793 68.21 11.12 -7.96
C THR D 793 68.00 10.12 -9.07
N LEU D 794 66.84 9.46 -9.12
CA LEU D 794 66.55 8.52 -10.20
C LEU D 794 66.33 9.25 -11.51
N PRO D 795 66.71 8.65 -12.63
CA PRO D 795 66.42 9.25 -13.94
C PRO D 795 64.93 9.33 -14.18
N PRO D 796 64.47 10.30 -14.97
CA PRO D 796 63.02 10.48 -15.16
C PRO D 796 62.33 9.25 -15.73
N GLU D 797 62.97 8.54 -16.66
CA GLU D 797 62.34 7.35 -17.22
C GLU D 797 62.26 6.24 -16.18
N VAL D 798 63.22 6.17 -15.27
CA VAL D 798 63.15 5.20 -14.18
C VAL D 798 61.95 5.48 -13.28
N LYS D 799 61.75 6.75 -12.93
CA LYS D 799 60.58 7.13 -12.13
C LYS D 799 59.30 6.80 -12.87
N GLU D 800 59.26 7.11 -14.17
CA GLU D 800 58.06 6.81 -14.97
C GLU D 800 57.75 5.33 -14.95
N ARG D 801 58.76 4.49 -15.19
CA ARG D 801 58.55 3.05 -15.21
C ARG D 801 58.11 2.53 -13.85
N LEU D 802 58.75 3.02 -12.77
CA LEU D 802 58.40 2.56 -11.44
C LEU D 802 56.96 2.94 -11.08
N TRP D 803 56.56 4.17 -11.38
CA TRP D 803 55.20 4.59 -11.06
C TRP D 803 54.17 3.87 -11.92
N ARG D 804 54.49 3.62 -13.19
CA ARG D 804 53.57 2.86 -14.04
C ARG D 804 53.40 1.43 -13.54
N ALA D 805 54.51 0.80 -13.12
CA ALA D 805 54.43 -0.56 -12.58
C ALA D 805 53.64 -0.57 -11.27
N ASP D 806 53.86 0.42 -10.41
CA ASP D 806 53.15 0.45 -9.13
C ASP D 806 51.65 0.68 -9.33
N LYS D 807 51.29 1.56 -10.26
CA LYS D 807 49.87 1.83 -10.51
C LYS D 807 49.16 0.61 -11.07
N GLU D 808 49.77 -0.08 -12.02
CA GLU D 808 49.16 -1.25 -12.64
C GLU D 808 50.08 -2.45 -12.60
N PRO E 15 -12.54 18.95 22.53
CA PRO E 15 -13.32 19.70 23.53
C PRO E 15 -12.49 20.06 24.76
N ALA E 16 -11.17 19.94 24.64
CA ALA E 16 -10.26 20.20 25.76
C ALA E 16 -9.78 21.65 25.72
N TYR E 17 -10.74 22.56 25.85
CA TYR E 17 -10.44 23.99 25.96
C TYR E 17 -10.21 24.44 27.38
N ARG E 18 -10.41 23.54 28.35
CA ARG E 18 -10.25 23.86 29.76
C ARG E 18 -8.79 24.03 30.19
N ILE E 19 -7.84 23.72 29.31
CA ILE E 19 -6.42 23.80 29.67
C ILE E 19 -6.04 25.21 30.06
N LEU E 20 -6.63 26.22 29.40
CA LEU E 20 -6.37 27.61 29.76
C LEU E 20 -6.98 28.00 31.09
N LYS E 21 -7.88 27.19 31.64
CA LYS E 21 -8.51 27.51 32.92
C LYS E 21 -7.69 26.94 34.07
N PRO E 22 -7.12 27.76 34.94
CA PRO E 22 -6.39 27.24 36.10
C PRO E 22 -7.35 26.60 37.10
N TRP E 23 -6.77 26.09 38.19
CA TRP E 23 -7.58 25.48 39.23
C TRP E 23 -8.49 26.50 39.90
N TRP E 24 -8.00 27.73 40.11
CA TRP E 24 -8.82 28.73 40.76
C TRP E 24 -10.01 29.14 39.89
N ASP E 25 -9.83 29.12 38.57
CA ASP E 25 -10.97 29.37 37.69
C ASP E 25 -12.04 28.29 37.84
N VAL E 26 -11.61 27.03 37.94
CA VAL E 26 -12.56 25.94 38.14
C VAL E 26 -13.29 26.10 39.48
N PHE E 27 -12.55 26.45 40.53
CA PHE E 27 -13.18 26.63 41.84
C PHE E 27 -14.17 27.79 41.81
N THR E 28 -13.81 28.90 41.15
CA THR E 28 -14.73 30.02 41.05
C THR E 28 -15.96 29.65 40.23
N ASP E 29 -15.78 28.85 39.17
CA ASP E 29 -16.93 28.41 38.38
C ASP E 29 -17.86 27.54 39.20
N TYR E 30 -17.32 26.63 40.01
CA TYR E 30 -18.17 25.79 40.84
C TYR E 30 -18.86 26.59 41.94
N ILE E 31 -18.14 27.55 42.53
CA ILE E 31 -18.78 28.44 43.52
C ILE E 31 -19.90 29.23 42.87
N SER E 32 -19.69 29.71 41.64
CA SER E 32 -20.73 30.41 40.93
C SER E 32 -21.92 29.50 40.63
N ILE E 33 -21.65 28.23 40.31
CA ILE E 33 -22.74 27.28 40.08
C ILE E 33 -23.57 27.10 41.34
N VAL E 34 -22.90 26.94 42.49
CA VAL E 34 -23.62 26.76 43.75
C VAL E 34 -24.42 28.02 44.09
N MET E 35 -23.83 29.20 43.87
CA MET E 35 -24.54 30.45 44.13
C MET E 35 -25.75 30.60 43.22
N LEU E 36 -25.61 30.20 41.95
CA LEU E 36 -26.75 30.23 41.03
C LEU E 36 -27.84 29.26 41.48
N MET E 37 -27.45 28.08 41.96
CA MET E 37 -28.44 27.12 42.44
C MET E 37 -29.21 27.67 43.63
N ILE E 38 -28.50 28.26 44.60
CA ILE E 38 -29.19 28.79 45.76
C ILE E 38 -30.01 30.02 45.37
N ALA E 39 -29.56 30.79 44.38
CA ALA E 39 -30.35 31.91 43.89
C ALA E 39 -31.66 31.43 43.28
N VAL E 40 -31.60 30.38 42.46
CA VAL E 40 -32.82 29.83 41.86
C VAL E 40 -33.74 29.27 42.94
N PHE E 41 -33.18 28.57 43.92
CA PHE E 41 -33.98 28.04 45.01
C PHE E 41 -34.69 29.15 45.77
N GLY E 42 -33.95 30.18 46.17
CA GLY E 42 -34.55 31.30 46.87
C GLY E 42 -35.59 32.04 46.04
N GLY E 43 -35.31 32.20 44.75
CA GLY E 43 -36.26 32.91 43.89
C GLY E 43 -37.56 32.16 43.72
N THR E 44 -37.48 30.84 43.47
CA THR E 44 -38.70 30.06 43.31
C THR E 44 -39.43 29.92 44.63
N LEU E 45 -38.70 29.90 45.75
CA LEU E 45 -39.34 29.88 47.06
C LEU E 45 -40.09 31.18 47.32
N GLN E 46 -39.47 32.32 47.01
CA GLN E 46 -40.13 33.61 47.22
C GLN E 46 -41.33 33.78 46.30
N VAL E 47 -41.20 33.35 45.04
CA VAL E 47 -42.32 33.46 44.11
C VAL E 47 -43.48 32.56 44.55
N THR E 48 -43.16 31.33 44.97
CA THR E 48 -44.21 30.39 45.35
C THR E 48 -44.84 30.80 46.68
N GLN E 49 -44.03 31.13 47.68
CA GLN E 49 -44.55 31.39 49.02
C GLN E 49 -43.65 32.41 49.71
N ASP E 50 -44.12 33.66 49.80
CA ASP E 50 -43.41 34.69 50.53
C ASP E 50 -44.37 35.53 51.39
N LYS E 51 -45.54 34.99 51.72
CA LYS E 51 -46.57 35.77 52.39
C LYS E 51 -46.11 36.20 53.78
N MET E 52 -46.63 37.36 54.20
CA MET E 52 -46.49 37.84 55.57
C MET E 52 -47.83 37.72 56.27
N ILE E 53 -47.81 37.40 57.55
CA ILE E 53 -49.03 37.27 58.35
C ILE E 53 -49.03 38.40 59.37
N CYS E 54 -50.03 39.28 59.28
CA CYS E 54 -50.10 40.47 60.10
C CYS E 54 -51.35 40.45 60.97
N LEU E 55 -51.18 40.67 62.26
CA LEU E 55 -52.30 40.85 63.18
C LEU E 55 -52.21 42.23 63.82
N PRO E 56 -53.27 43.04 63.74
CA PRO E 56 -53.22 44.39 64.30
C PRO E 56 -53.08 44.38 65.81
N CYS E 57 -52.36 45.39 66.31
CA CYS E 57 -52.16 45.57 67.74
C CYS E 57 -53.30 46.43 68.29
N LYS E 58 -54.06 45.88 69.24
CA LYS E 58 -55.17 46.63 69.84
C LYS E 58 -54.66 47.85 70.60
N TRP E 59 -53.58 47.69 71.35
CA TRP E 59 -52.97 48.77 72.11
C TRP E 59 -51.61 49.06 71.52
N VAL E 60 -51.38 50.32 71.15
CA VAL E 60 -50.18 50.73 70.42
C VAL E 60 -49.43 51.76 71.25
N THR E 61 -48.15 51.51 71.48
CA THR E 61 -47.26 52.46 72.14
C THR E 61 -46.03 52.64 71.28
N LYS E 62 -45.68 53.90 71.00
CA LYS E 62 -44.52 54.25 70.18
C LYS E 62 -44.59 53.56 68.81
N ASP E 63 -45.80 53.52 68.25
CA ASP E 63 -46.08 52.82 66.99
C ASP E 63 -45.60 51.37 67.06
N SER E 64 -45.91 50.72 68.17
CA SER E 64 -45.52 49.32 68.38
C SER E 64 -46.52 48.69 69.33
N CYS E 65 -46.56 47.35 69.31
CA CYS E 65 -47.47 46.60 70.16
C CYS E 65 -47.17 46.86 71.64
N ASN E 66 -48.23 47.12 72.40
CA ASN E 66 -48.06 47.38 73.83
C ASN E 66 -47.77 46.12 74.63
N ASP E 67 -48.17 44.95 74.12
CA ASP E 67 -47.94 43.66 74.78
C ASP E 67 -48.57 43.64 76.18
N SER E 68 -49.89 43.78 76.20
CA SER E 68 -50.65 43.73 77.45
C SER E 68 -52.11 43.40 77.18
N THR E 92 -65.16 31.17 81.71
CA THR E 92 -64.53 32.32 82.36
C THR E 92 -63.04 32.37 82.07
N GLY E 93 -62.58 31.45 81.23
CA GLY E 93 -61.18 31.38 80.86
C GLY E 93 -60.83 32.36 79.77
N PRO E 94 -59.61 32.24 79.24
CA PRO E 94 -59.19 33.15 78.17
C PRO E 94 -60.00 32.94 76.90
N THR E 95 -60.14 34.02 76.13
CA THR E 95 -60.89 33.99 74.90
C THR E 95 -60.13 34.75 73.82
N GLY E 96 -60.41 34.41 72.56
CA GLY E 96 -59.73 35.07 71.46
C GLY E 96 -60.15 36.53 71.32
N ILE E 97 -59.28 37.30 70.68
CA ILE E 97 -59.51 38.71 70.45
C ILE E 97 -60.17 38.88 69.08
N LYS E 98 -61.29 39.59 69.05
CA LYS E 98 -62.02 39.83 67.83
C LYS E 98 -61.59 41.16 67.23
N TYR E 99 -61.09 41.13 66.00
CA TYR E 99 -60.69 42.34 65.30
C TYR E 99 -61.76 42.84 64.34
N ASP E 100 -62.78 42.03 64.04
CA ASP E 100 -63.84 42.40 63.10
C ASP E 100 -63.28 42.81 61.75
N LEU E 101 -62.31 42.03 61.27
CA LEU E 101 -61.65 42.27 60.00
C LEU E 101 -61.94 41.11 59.05
N ASP E 102 -62.33 41.43 57.83
CA ASP E 102 -62.53 40.41 56.81
C ASP E 102 -61.20 39.80 56.41
N ARG E 103 -61.26 38.61 55.81
CA ARG E 103 -60.06 37.96 55.32
C ARG E 103 -59.39 38.80 54.23
N HIS E 104 -60.18 39.48 53.40
CA HIS E 104 -59.61 40.34 52.38
C HIS E 104 -58.91 41.56 53.01
N GLN E 105 -59.42 42.06 54.12
CA GLN E 105 -58.71 43.12 54.83
C GLN E 105 -57.37 42.62 55.37
N TYR E 106 -57.34 41.39 55.88
CA TYR E 106 -56.08 40.79 56.31
C TYR E 106 -55.11 40.67 55.13
N ASN E 107 -55.62 40.25 53.97
CA ASN E 107 -54.76 40.12 52.79
C ASN E 107 -54.22 41.48 52.36
N TYR E 108 -55.06 42.51 52.41
CA TYR E 108 -54.61 43.86 52.07
C TYR E 108 -53.54 44.35 53.04
N VAL E 109 -53.74 44.11 54.33
CA VAL E 109 -52.73 44.51 55.31
C VAL E 109 -51.42 43.79 55.06
N ASP E 110 -51.49 42.49 54.77
CA ASP E 110 -50.28 41.72 54.49
C ASP E 110 -49.57 42.27 53.25
N ALA E 111 -50.33 42.57 52.19
CA ALA E 111 -49.72 43.06 50.96
C ALA E 111 -49.07 44.43 51.17
N VAL E 112 -49.76 45.32 51.89
CA VAL E 112 -49.21 46.66 52.09
C VAL E 112 -48.00 46.63 53.01
N CYS E 113 -48.00 45.74 54.01
CA CYS E 113 -46.82 45.60 54.85
C CYS E 113 -45.65 45.00 54.07
N TYR E 114 -45.93 44.03 53.20
CA TYR E 114 -44.88 43.47 52.35
C TYR E 114 -44.30 44.52 51.44
N GLU E 115 -45.14 45.38 50.87
CA GLU E 115 -44.67 46.45 49.99
C GLU E 115 -43.84 47.47 50.76
N ASN E 116 -44.34 47.95 51.90
CA ASN E 116 -43.75 49.10 52.57
C ASN E 116 -42.78 48.70 53.68
N ARG E 117 -43.26 47.96 54.68
CA ARG E 117 -42.55 47.81 55.93
C ARG E 117 -41.64 46.58 55.98
N LEU E 118 -41.50 45.87 54.88
CA LEU E 118 -40.53 44.79 54.79
C LEU E 118 -39.30 45.28 54.03
N HIS E 119 -38.13 45.02 54.58
CA HIS E 119 -36.89 45.55 54.01
C HIS E 119 -36.68 45.02 52.60
N TRP E 120 -36.23 45.90 51.71
CA TRP E 120 -36.03 45.54 50.31
C TRP E 120 -35.06 44.38 50.16
N PHE E 121 -34.06 44.29 51.05
CA PHE E 121 -33.10 43.20 50.96
C PHE E 121 -33.77 41.86 51.20
N ALA E 122 -34.67 41.78 52.19
CA ALA E 122 -35.35 40.52 52.46
C ALA E 122 -36.19 40.08 51.27
N LYS E 123 -36.82 41.03 50.57
CA LYS E 123 -37.66 40.69 49.43
C LYS E 123 -36.83 40.30 48.21
N TYR E 124 -35.74 41.02 47.94
CA TYR E 124 -35.01 40.87 46.69
C TYR E 124 -33.64 40.23 46.87
N PHE E 125 -33.42 39.51 47.96
CA PHE E 125 -32.17 38.78 48.12
C PHE E 125 -31.92 37.78 47.00
N PRO E 126 -32.84 36.87 46.65
CA PRO E 126 -32.54 35.93 45.56
C PRO E 126 -32.27 36.61 44.23
N TYR E 127 -32.98 37.71 43.93
CA TYR E 127 -32.77 38.39 42.66
C TYR E 127 -31.41 39.08 42.62
N LEU E 128 -31.01 39.71 43.72
CA LEU E 128 -29.66 40.29 43.78
C LEU E 128 -28.60 39.21 43.66
N VAL E 129 -28.81 38.06 44.30
CA VAL E 129 -27.86 36.96 44.20
C VAL E 129 -27.76 36.47 42.77
N LEU E 130 -28.89 36.33 42.09
CA LEU E 130 -28.90 35.91 40.69
C LEU E 130 -28.16 36.91 39.81
N LEU E 131 -28.41 38.21 40.03
CA LEU E 131 -27.74 39.23 39.24
C LEU E 131 -26.24 39.21 39.46
N HIS E 132 -25.81 39.07 40.71
CA HIS E 132 -24.37 39.04 41.00
C HIS E 132 -23.72 37.79 40.44
N THR E 133 -24.41 36.65 40.50
CA THR E 133 -23.87 35.43 39.91
C THR E 133 -23.74 35.56 38.39
N LEU E 134 -24.74 36.16 37.75
CA LEU E 134 -24.65 36.39 36.31
C LEU E 134 -23.52 37.34 35.97
N ILE E 135 -23.31 38.37 36.78
CA ILE E 135 -22.20 39.29 36.55
C ILE E 135 -20.87 38.57 36.69
N PHE E 136 -20.75 37.70 37.71
CA PHE E 136 -19.53 36.94 37.90
C PHE E 136 -19.27 36.01 36.72
N LEU E 137 -20.31 35.33 36.23
CA LEU E 137 -20.13 34.45 35.07
C LEU E 137 -19.75 35.24 33.83
N ALA E 138 -20.37 36.41 33.63
CA ALA E 138 -20.03 37.24 32.50
C ALA E 138 -18.58 37.70 32.58
N CYS E 139 -18.11 38.10 33.77
CA CYS E 139 -16.71 38.48 33.92
C CYS E 139 -15.80 37.30 33.64
N SER E 140 -16.16 36.11 34.12
CA SER E 140 -15.33 34.93 33.92
C SER E 140 -15.21 34.58 32.44
N ASN E 141 -16.30 34.69 31.70
CA ASN E 141 -16.31 34.30 30.29
C ASN E 141 -16.11 35.47 29.34
N PHE E 142 -15.80 36.66 29.87
CA PHE E 142 -15.52 37.82 29.01
C PHE E 142 -14.41 37.51 28.01
N TRP E 143 -13.20 37.25 28.50
CA TRP E 143 -12.09 36.98 27.61
C TRP E 143 -12.28 35.70 26.79
N PHE E 144 -13.03 34.74 27.32
CA PHE E 144 -13.30 33.52 26.56
C PHE E 144 -14.23 33.79 25.39
N LYS E 145 -15.09 34.80 25.51
CA LYS E 145 -16.06 35.10 24.46
C LYS E 145 -15.75 36.39 23.71
N PHE E 146 -14.82 37.21 24.19
CA PHE E 146 -14.45 38.43 23.48
C PHE E 146 -13.64 38.05 22.24
N PRO E 147 -14.13 38.33 21.03
CA PRO E 147 -13.47 37.79 19.83
C PRO E 147 -12.04 38.23 19.65
N ARG E 148 -11.71 39.47 20.00
CA ARG E 148 -10.36 39.98 19.79
C ARG E 148 -9.32 39.16 20.52
N THR E 149 -9.62 38.76 21.76
CA THR E 149 -8.73 37.88 22.51
C THR E 149 -9.12 36.40 22.38
N SER E 150 -10.36 36.11 21.99
CA SER E 150 -10.74 34.72 21.73
C SER E 150 -9.93 34.14 20.58
N SER E 151 -9.69 34.93 19.54
CA SER E 151 -8.88 34.45 18.43
C SER E 151 -7.46 34.10 18.90
N LYS E 152 -6.87 34.98 19.71
CA LYS E 152 -5.53 34.70 20.21
C LYS E 152 -5.51 33.46 21.10
N LEU E 153 -6.51 33.31 21.97
CA LEU E 153 -6.56 32.16 22.85
C LEU E 153 -6.73 30.86 22.07
N GLU E 154 -7.62 30.85 21.08
CA GLU E 154 -7.84 29.64 20.31
C GLU E 154 -6.62 29.31 19.47
N HIS E 155 -5.95 30.32 18.89
CA HIS E 155 -4.73 30.06 18.15
C HIS E 155 -3.65 29.49 19.05
N PHE E 156 -3.50 30.05 20.26
CA PHE E 156 -2.49 29.55 21.20
C PHE E 156 -2.76 28.11 21.60
N VAL E 157 -4.02 27.79 21.94
CA VAL E 157 -4.31 26.43 22.37
C VAL E 157 -4.19 25.45 21.21
N SER E 158 -4.58 25.86 19.99
CA SER E 158 -4.42 24.99 18.84
C SER E 158 -2.95 24.71 18.56
N ILE E 159 -2.10 25.74 18.63
CA ILE E 159 -0.68 25.54 18.40
C ILE E 159 -0.08 24.64 19.48
N LEU E 160 -0.49 24.85 20.74
CA LEU E 160 0.02 24.02 21.82
C LEU E 160 -0.36 22.56 21.63
N LEU E 161 -1.63 22.29 21.26
CA LEU E 161 -2.05 20.91 21.09
C LEU E 161 -1.37 20.28 19.88
N LYS E 162 -1.19 21.04 18.79
CA LYS E 162 -0.48 20.50 17.64
C LYS E 162 0.97 20.18 17.98
N CYS E 163 1.62 21.05 18.76
CA CYS E 163 3.00 20.79 19.18
C CYS E 163 3.08 19.57 20.08
N PHE E 164 2.09 19.38 20.95
CA PHE E 164 2.15 18.28 21.92
C PHE E 164 2.14 16.93 21.23
N ASP E 165 1.32 16.76 20.20
CA ASP E 165 1.24 15.48 19.51
C ASP E 165 2.39 15.22 18.55
N SER E 166 3.24 16.22 18.30
CA SER E 166 4.31 16.06 17.34
C SER E 166 5.36 15.08 17.86
N PRO E 167 5.75 14.09 17.06
CA PRO E 167 6.86 13.21 17.46
C PRO E 167 8.20 13.91 17.55
N TRP E 168 8.31 15.11 16.97
CA TRP E 168 9.55 15.88 17.09
C TRP E 168 9.89 16.15 18.54
N THR E 169 8.89 16.50 19.35
CA THR E 169 9.13 16.73 20.77
C THR E 169 9.61 15.46 21.46
N THR E 170 9.01 14.31 21.12
CA THR E 170 9.44 13.05 21.71
C THR E 170 10.89 12.75 21.35
N ARG E 171 11.26 12.96 20.09
CA ARG E 171 12.64 12.73 19.69
C ARG E 171 13.60 13.68 20.40
N ALA E 172 13.23 14.95 20.53
CA ALA E 172 14.09 15.90 21.21
C ALA E 172 14.27 15.54 22.68
N LEU E 173 13.20 15.08 23.33
CA LEU E 173 13.30 14.64 24.71
C LEU E 173 14.17 13.39 24.83
N SER E 174 14.04 12.45 23.89
CA SER E 174 14.85 11.25 23.92
C SER E 174 16.31 11.53 23.59
N GLU E 175 16.61 12.66 22.94
CA GLU E 175 18.00 13.03 22.69
C GLU E 175 18.75 13.31 23.99
N THR E 176 18.03 13.70 25.05
CA THR E 176 18.61 13.99 26.36
C THR E 176 19.73 15.03 26.28
N GLY E 230 16.79 5.74 14.35
CA GLY E 230 16.53 7.16 14.47
C GLY E 230 16.12 7.81 13.16
N VAL E 231 15.57 7.01 12.25
CA VAL E 231 15.14 7.49 10.95
C VAL E 231 13.64 7.32 10.83
N LEU E 232 12.94 8.42 10.53
CA LEU E 232 11.50 8.40 10.39
C LEU E 232 11.08 8.92 9.01
N ASP E 233 9.79 9.09 8.79
CA ASP E 233 9.29 9.52 7.50
C ASP E 233 9.71 10.96 7.19
N LYS E 234 9.91 11.23 5.90
CA LYS E 234 10.26 12.57 5.46
C LYS E 234 9.15 13.57 5.76
N LYS E 235 7.89 13.15 5.59
CA LYS E 235 6.77 14.03 5.90
C LYS E 235 6.75 14.44 7.35
N GLU E 236 7.29 13.61 8.25
CA GLU E 236 7.41 14.01 9.65
C GLU E 236 8.34 15.20 9.80
N GLY E 237 9.48 15.17 9.12
CA GLY E 237 10.37 16.32 9.14
C GLY E 237 9.77 17.54 8.48
N GLU E 238 9.01 17.33 7.40
CA GLU E 238 8.34 18.44 6.73
C GLU E 238 7.35 19.13 7.67
N GLN E 239 6.51 18.33 8.34
CA GLN E 239 5.54 18.92 9.26
C GLN E 239 6.22 19.51 10.49
N ALA E 240 7.36 18.96 10.88
CA ALA E 240 8.12 19.56 11.98
C ALA E 240 8.63 20.94 11.60
N LYS E 241 9.17 21.09 10.38
CA LYS E 241 9.63 22.39 9.92
C LYS E 241 8.46 23.36 9.79
N ALA E 242 7.32 22.87 9.30
CA ALA E 242 6.13 23.71 9.20
C ALA E 242 5.67 24.17 10.58
N LEU E 243 5.71 23.28 11.57
CA LEU E 243 5.35 23.64 12.93
C LEU E 243 6.31 24.69 13.49
N PHE E 244 7.60 24.52 13.24
CA PHE E 244 8.57 25.53 13.68
C PHE E 244 8.28 26.89 13.05
N GLU E 245 8.02 26.90 11.75
CA GLU E 245 7.77 28.17 11.07
C GLU E 245 6.49 28.83 11.58
N LYS E 246 5.43 28.05 11.75
CA LYS E 246 4.18 28.64 12.23
C LYS E 246 4.30 29.10 13.68
N VAL E 247 5.09 28.39 14.49
CA VAL E 247 5.33 28.84 15.86
C VAL E 247 6.07 30.16 15.87
N LYS E 248 7.09 30.30 15.01
CA LYS E 248 7.82 31.56 14.93
C LYS E 248 6.91 32.69 14.46
N LYS E 249 6.07 32.42 13.45
CA LYS E 249 5.17 33.46 12.95
C LYS E 249 4.16 33.86 14.02
N PHE E 250 3.60 32.88 14.74
CA PHE E 250 2.66 33.18 15.80
C PHE E 250 3.33 33.98 16.92
N ARG E 251 4.58 33.65 17.25
CA ARG E 251 5.30 34.42 18.25
C ARG E 251 5.49 35.86 17.79
N THR E 252 5.88 36.04 16.53
CA THR E 252 6.06 37.39 16.01
C THR E 252 4.75 38.16 15.99
N HIS E 253 3.63 37.46 15.80
CA HIS E 253 2.34 38.14 15.71
C HIS E 253 1.79 38.51 17.08
N VAL E 254 1.76 37.54 18.01
CA VAL E 254 1.08 37.75 19.28
C VAL E 254 1.87 38.66 20.21
N GLU E 255 3.19 38.73 20.07
CA GLU E 255 4.00 39.52 20.99
C GLU E 255 3.74 41.02 20.87
N GLU E 256 3.06 41.47 19.81
CA GLU E 256 2.83 42.90 19.61
C GLU E 256 1.48 43.36 20.13
N GLY E 257 0.55 42.43 20.37
CA GLY E 257 -0.80 42.80 20.74
C GLY E 257 -0.97 43.30 22.16
N ASP E 258 -0.71 42.44 23.14
CA ASP E 258 -0.88 42.75 24.57
C ASP E 258 -2.33 43.18 24.85
N ILE E 259 -3.25 42.23 24.64
CA ILE E 259 -4.67 42.50 24.84
C ILE E 259 -5.26 41.51 25.82
N VAL E 260 -4.65 40.34 25.96
CA VAL E 260 -5.21 39.31 26.84
C VAL E 260 -4.82 39.57 28.29
N TYR E 261 -3.60 40.06 28.52
CA TYR E 261 -3.14 40.29 29.89
C TYR E 261 -3.91 41.45 30.53
N ARG E 262 -4.04 42.56 29.81
CA ARG E 262 -4.78 43.70 30.35
C ARG E 262 -6.24 43.36 30.56
N LEU E 263 -6.84 42.62 29.62
CA LEU E 263 -8.24 42.23 29.77
C LEU E 263 -8.44 41.31 30.96
N TYR E 264 -7.54 40.34 31.15
CA TYR E 264 -7.64 39.45 32.29
C TYR E 264 -7.45 40.21 33.60
N MET E 265 -6.52 41.15 33.63
CA MET E 265 -6.31 41.97 34.83
C MET E 265 -7.55 42.80 35.14
N ARG E 266 -8.14 43.41 34.12
CA ARG E 266 -9.35 44.21 34.35
C ARG E 266 -10.51 43.33 34.80
N GLN E 267 -10.63 42.12 34.24
CA GLN E 267 -11.66 41.20 34.69
C GLN E 267 -11.47 40.82 36.15
N THR E 268 -10.23 40.54 36.55
CA THR E 268 -9.96 40.20 37.95
C THR E 268 -10.25 41.39 38.87
N ILE E 269 -9.88 42.60 38.45
CA ILE E 269 -10.14 43.79 39.25
C ILE E 269 -11.64 44.01 39.39
N ILE E 270 -12.40 43.82 38.31
CA ILE E 270 -13.85 43.96 38.38
C ILE E 270 -14.44 42.93 39.33
N LYS E 271 -13.96 41.68 39.25
CA LYS E 271 -14.44 40.66 40.18
C LYS E 271 -14.14 41.04 41.62
N VAL E 272 -12.94 41.55 41.89
CA VAL E 272 -12.55 41.87 43.26
C VAL E 272 -13.39 43.04 43.80
N ILE E 273 -13.57 44.09 42.99
CA ILE E 273 -14.34 45.23 43.48
C ILE E 273 -15.81 44.88 43.64
N LYS E 274 -16.35 44.05 42.73
CA LYS E 274 -17.72 43.58 42.90
C LYS E 274 -17.86 42.75 44.15
N PHE E 275 -16.88 41.89 44.44
CA PHE E 275 -16.90 41.10 45.66
C PHE E 275 -16.86 42.01 46.89
N ALA E 276 -16.02 43.03 46.88
CA ALA E 276 -15.94 43.94 48.02
C ALA E 276 -17.27 44.64 48.25
N LEU E 277 -17.86 45.20 47.19
CA LEU E 277 -19.13 45.89 47.35
C LEU E 277 -20.24 44.95 47.81
N ILE E 278 -20.29 43.75 47.22
CA ILE E 278 -21.37 42.83 47.56
C ILE E 278 -21.23 42.35 49.00
N ILE E 279 -20.00 42.05 49.44
CA ILE E 279 -19.83 41.58 50.81
C ILE E 279 -20.15 42.71 51.79
N CYS E 280 -19.73 43.95 51.49
CA CYS E 280 -20.03 45.05 52.39
C CYS E 280 -21.54 45.24 52.55
N TYR E 281 -22.25 45.40 51.42
CA TYR E 281 -23.68 45.69 51.55
C TYR E 281 -24.46 44.49 52.07
N THR E 282 -24.08 43.27 51.68
CA THR E 282 -24.81 42.10 52.16
C THR E 282 -24.60 41.88 53.65
N VAL E 283 -23.36 42.05 54.14
CA VAL E 283 -23.12 41.90 55.57
C VAL E 283 -23.83 43.00 56.34
N TYR E 284 -23.88 44.22 55.78
CA TYR E 284 -24.57 45.29 56.50
C TYR E 284 -26.08 45.08 56.55
N TYR E 285 -26.67 44.55 55.48
CA TYR E 285 -28.12 44.44 55.37
C TYR E 285 -28.66 43.06 55.74
N VAL E 286 -27.80 42.10 56.10
CA VAL E 286 -28.29 40.80 56.50
C VAL E 286 -28.93 40.82 57.88
N HIS E 287 -28.67 41.87 58.68
CA HIS E 287 -29.21 41.94 60.03
C HIS E 287 -30.70 42.21 60.07
N ASN E 288 -31.32 42.54 58.93
CA ASN E 288 -32.72 42.92 58.90
C ASN E 288 -33.65 41.78 58.49
N ILE E 289 -33.14 40.55 58.40
CA ILE E 289 -33.98 39.40 58.03
C ILE E 289 -34.54 38.86 59.35
N LYS E 290 -35.66 39.43 59.78
CA LYS E 290 -36.27 39.09 61.05
C LYS E 290 -37.62 38.41 60.83
N PHE E 291 -37.93 37.43 61.68
CA PHE E 291 -39.21 36.74 61.61
C PHE E 291 -40.36 37.70 61.88
N ASP E 292 -40.25 38.49 62.94
CA ASP E 292 -41.29 39.44 63.32
C ASP E 292 -40.87 40.84 62.90
N VAL E 293 -41.78 41.54 62.21
CA VAL E 293 -41.52 42.89 61.72
C VAL E 293 -42.66 43.80 62.14
N ASP E 294 -42.32 44.94 62.75
CA ASP E 294 -43.30 45.92 63.16
C ASP E 294 -43.71 46.75 61.95
N CYS E 295 -44.97 46.61 61.55
CA CYS E 295 -45.50 47.28 60.36
C CYS E 295 -46.49 48.35 60.79
N THR E 296 -46.24 49.60 60.38
CA THR E 296 -47.17 50.70 60.58
C THR E 296 -47.38 51.38 59.23
N VAL E 297 -48.32 50.86 58.44
CA VAL E 297 -48.56 51.34 57.09
C VAL E 297 -49.51 52.52 57.03
N ASP E 298 -50.17 52.87 58.14
CA ASP E 298 -51.03 54.05 58.22
C ASP E 298 -52.17 53.97 57.19
N ILE E 299 -53.03 52.98 57.38
CA ILE E 299 -54.22 52.80 56.56
C ILE E 299 -55.41 52.68 57.52
N GLU E 300 -56.06 53.81 57.80
CA GLU E 300 -57.18 53.83 58.73
C GLU E 300 -58.53 53.75 58.04
N SER E 301 -58.68 54.43 56.90
CA SER E 301 -59.96 54.41 56.19
C SER E 301 -60.31 53.06 55.62
N LEU E 302 -59.37 52.11 55.57
CA LEU E 302 -59.60 50.79 55.00
C LEU E 302 -59.78 49.70 56.05
N THR E 303 -58.96 49.69 57.10
CA THR E 303 -59.05 48.69 58.14
C THR E 303 -59.38 49.26 59.51
N GLY E 304 -58.83 50.41 59.86
CA GLY E 304 -59.12 51.05 61.12
C GLY E 304 -58.09 50.86 62.22
N TYR E 305 -56.97 50.21 61.93
CA TYR E 305 -55.91 50.00 62.91
C TYR E 305 -54.67 50.77 62.51
N ARG E 306 -53.98 51.32 63.51
CA ARG E 306 -52.80 52.14 63.25
C ARG E 306 -51.59 51.30 62.89
N THR E 307 -51.22 50.34 63.75
CA THR E 307 -50.02 49.54 63.56
C THR E 307 -50.38 48.07 63.56
N TYR E 308 -49.45 47.26 63.04
CA TYR E 308 -49.65 45.83 62.94
C TYR E 308 -48.40 45.12 63.41
N ARG E 309 -48.56 43.86 63.81
CA ARG E 309 -47.47 43.01 64.29
C ARG E 309 -47.36 41.83 63.34
N CYS E 310 -46.59 42.02 62.27
CA CYS E 310 -46.49 41.01 61.22
C CYS E 310 -45.45 39.96 61.56
N ALA E 311 -45.58 38.80 60.90
CA ALA E 311 -44.62 37.72 61.02
C ALA E 311 -44.17 37.30 59.62
N HIS E 312 -42.88 37.03 59.47
CA HIS E 312 -42.35 36.57 58.19
C HIS E 312 -41.94 35.10 58.33
N PRO E 313 -42.82 34.17 57.98
CA PRO E 313 -42.51 32.74 58.21
C PRO E 313 -41.31 32.24 57.43
N LEU E 314 -40.93 32.91 56.35
CA LEU E 314 -39.79 32.51 55.53
C LEU E 314 -38.50 33.20 55.94
N ALA E 315 -38.53 34.01 57.00
CA ALA E 315 -37.38 34.84 57.33
C ALA E 315 -36.17 34.01 57.74
N THR E 316 -36.37 32.95 58.52
CA THR E 316 -35.23 32.18 59.01
C THR E 316 -34.53 31.45 57.86
N LEU E 317 -35.30 30.86 56.95
CA LEU E 317 -34.69 30.19 55.79
C LEU E 317 -33.95 31.19 54.92
N PHE E 318 -34.53 32.36 54.69
CA PHE E 318 -33.84 33.40 53.92
C PHE E 318 -32.57 33.85 54.63
N LYS E 319 -32.59 33.92 55.96
CA LYS E 319 -31.41 34.34 56.70
C LYS E 319 -30.29 33.32 56.59
N ILE E 320 -30.62 32.03 56.71
CA ILE E 320 -29.57 31.03 56.60
C ILE E 320 -29.05 30.95 55.16
N LEU E 321 -29.93 31.13 54.18
CA LEU E 321 -29.47 31.20 52.80
C LEU E 321 -28.56 32.40 52.57
N ALA E 322 -28.88 33.53 53.20
CA ALA E 322 -28.03 34.72 53.08
C ALA E 322 -26.68 34.50 53.72
N SER E 323 -26.65 33.81 54.88
CA SER E 323 -25.36 33.50 55.50
C SER E 323 -24.55 32.55 54.62
N PHE E 324 -25.20 31.56 54.03
CA PHE E 324 -24.51 30.64 53.13
C PHE E 324 -23.95 31.37 51.92
N TYR E 325 -24.74 32.30 51.35
CA TYR E 325 -24.26 33.08 50.21
C TYR E 325 -23.13 34.02 50.61
N ILE E 326 -23.17 34.56 51.83
CA ILE E 326 -22.08 35.40 52.30
C ILE E 326 -20.80 34.58 52.43
N SER E 327 -20.91 33.36 52.95
CA SER E 327 -19.73 32.50 53.03
C SER E 327 -19.18 32.17 51.65
N LEU E 328 -20.08 31.87 50.70
CA LEU E 328 -19.63 31.58 49.34
C LEU E 328 -18.97 32.81 48.71
N VAL E 329 -19.52 33.99 48.94
CA VAL E 329 -18.92 35.21 48.42
C VAL E 329 -17.57 35.46 49.05
N ILE E 330 -17.41 35.14 50.35
CA ILE E 330 -16.13 35.29 51.00
C ILE E 330 -15.10 34.35 50.35
N PHE E 331 -15.50 33.11 50.09
CA PHE E 331 -14.58 32.18 49.43
C PHE E 331 -14.23 32.68 48.03
N TYR E 332 -15.21 33.17 47.29
CA TYR E 332 -14.96 33.69 45.94
C TYR E 332 -13.99 34.87 45.99
N GLY E 333 -14.19 35.78 46.95
CA GLY E 333 -13.30 36.92 47.06
C GLY E 333 -11.89 36.53 47.49
N LEU E 334 -11.78 35.53 48.36
CA LEU E 334 -10.45 35.03 48.73
C LEU E 334 -9.74 34.44 47.52
N ILE E 335 -10.45 33.68 46.69
CA ILE E 335 -9.82 33.12 45.49
C ILE E 335 -9.44 34.23 44.53
N CYS E 336 -10.29 35.26 44.39
CA CYS E 336 -9.96 36.38 43.51
C CYS E 336 -8.76 37.15 44.02
N MET E 337 -8.65 37.34 45.34
CA MET E 337 -7.48 37.99 45.91
C MET E 337 -6.23 37.17 45.67
N TYR E 338 -6.33 35.84 45.81
CA TYR E 338 -5.19 34.99 45.51
C TYR E 338 -4.76 35.13 44.04
N THR E 339 -5.75 35.16 43.14
CA THR E 339 -5.42 35.34 41.71
C THR E 339 -4.76 36.68 41.46
N LEU E 340 -5.27 37.75 42.08
CA LEU E 340 -4.68 39.06 41.91
C LEU E 340 -3.25 39.10 42.43
N TRP E 341 -3.02 38.50 43.60
CA TRP E 341 -1.67 38.43 44.15
C TRP E 341 -0.74 37.65 43.23
N TRP E 342 -1.22 36.52 42.71
CA TRP E 342 -0.42 35.73 41.78
C TRP E 342 -0.13 36.48 40.49
N MET E 343 -1.01 37.39 40.09
CA MET E 343 -0.86 38.12 38.84
C MET E 343 -0.19 39.48 39.01
N LEU E 344 0.03 39.93 40.25
CA LEU E 344 0.59 41.25 40.49
C LEU E 344 1.88 41.17 41.31
N ARG E 345 2.55 40.01 41.28
CA ARG E 345 3.80 39.83 41.98
C ARG E 345 4.96 39.42 41.09
N ARG E 346 4.69 38.77 39.96
CA ARG E 346 5.74 38.22 39.12
C ARG E 346 5.85 38.87 37.75
N SER E 347 5.01 39.86 37.44
CA SER E 347 5.09 40.63 36.20
C SER E 347 5.01 39.71 34.97
N LEU E 348 3.83 39.10 34.82
CA LEU E 348 3.57 38.13 33.75
C LEU E 348 3.78 38.69 32.35
N LYS E 349 4.14 39.97 32.22
CA LYS E 349 4.51 40.52 30.92
C LYS E 349 5.82 39.94 30.40
N LYS E 350 6.58 39.22 31.22
CA LYS E 350 7.81 38.59 30.81
C LYS E 350 7.82 37.14 31.29
N TYR E 351 8.58 36.30 30.58
CA TYR E 351 8.73 34.90 30.95
C TYR E 351 10.20 34.61 31.21
N SER E 352 10.45 33.66 32.11
CA SER E 352 11.81 33.34 32.53
C SER E 352 12.50 32.40 31.53
N PHE E 353 11.93 31.22 31.31
CA PHE E 353 12.52 30.19 30.46
C PHE E 353 13.95 29.87 30.90
N GLU E 354 14.07 29.45 32.16
CA GLU E 354 15.36 29.13 32.76
C GLU E 354 15.57 27.64 33.00
N SER E 355 14.49 26.86 33.15
CA SER E 355 14.64 25.43 33.40
C SER E 355 15.06 24.68 32.14
N ILE E 356 14.65 25.16 30.96
CA ILE E 356 14.99 24.48 29.72
C ILE E 356 16.49 24.56 29.47
N ARG E 357 17.09 25.73 29.66
CA ARG E 357 18.51 25.89 29.46
C ARG E 357 19.36 25.24 30.56
N GLU E 358 18.73 24.58 31.53
CA GLU E 358 19.44 23.90 32.60
C GLU E 358 19.28 22.39 32.51
N GLU E 359 18.05 21.88 32.43
CA GLU E 359 17.85 20.44 32.31
C GLU E 359 18.05 19.95 30.88
N SER E 360 18.05 20.84 29.90
CA SER E 360 18.30 20.48 28.51
C SER E 360 19.42 21.27 27.86
N SER E 361 19.95 22.30 28.52
CA SER E 361 21.04 23.12 28.01
C SER E 361 20.70 23.76 26.67
N TYR E 362 19.44 24.16 26.48
CA TYR E 362 19.02 24.90 25.28
C TYR E 362 18.95 26.39 25.62
N SER E 363 20.13 26.99 25.70
CA SER E 363 20.29 28.37 26.15
C SER E 363 20.05 29.39 25.03
N ASP E 364 19.51 28.97 23.89
CA ASP E 364 19.24 29.88 22.78
C ASP E 364 17.81 30.38 22.76
N ILE E 365 17.01 30.06 23.79
CA ILE E 365 15.62 30.48 23.88
C ILE E 365 15.58 31.89 24.44
N PRO E 366 15.02 32.86 23.73
CA PRO E 366 14.93 34.22 24.26
C PRO E 366 13.76 34.36 25.23
N ASP E 367 13.82 35.41 26.04
CA ASP E 367 12.74 35.70 26.98
C ASP E 367 11.47 36.09 26.22
N VAL E 368 10.35 35.57 26.68
CA VAL E 368 9.05 35.80 26.05
C VAL E 368 8.41 37.02 26.68
N LYS E 369 8.03 37.99 25.85
CA LYS E 369 7.47 39.24 26.32
C LYS E 369 5.95 39.11 26.46
N ASN E 370 5.25 40.23 26.64
CA ASN E 370 3.84 40.24 26.95
C ASN E 370 3.00 39.58 25.86
N ASP E 371 1.78 39.21 26.24
CA ASP E 371 0.74 38.65 25.36
C ASP E 371 1.07 37.23 24.95
N PHE E 372 2.23 36.72 25.36
CA PHE E 372 2.59 35.34 25.12
C PHE E 372 3.04 34.70 26.43
N ALA E 373 3.73 35.48 27.26
CA ALA E 373 4.16 34.98 28.56
C ALA E 373 2.98 34.71 29.48
N PHE E 374 1.89 35.46 29.30
CA PHE E 374 0.72 35.26 30.15
C PHE E 374 0.08 33.89 29.89
N MET E 375 -0.10 33.54 28.62
CA MET E 375 -0.67 32.24 28.31
C MET E 375 0.25 31.11 28.73
N LEU E 376 1.57 31.30 28.58
CA LEU E 376 2.52 30.30 29.04
C LEU E 376 2.45 30.13 30.56
N HIS E 377 2.28 31.23 31.29
CA HIS E 377 2.10 31.14 32.73
C HIS E 377 0.82 30.41 33.09
N LEU E 378 -0.26 30.67 32.35
CA LEU E 378 -1.51 29.93 32.59
C LEU E 378 -1.32 28.44 32.35
N ILE E 379 -0.61 28.08 31.28
CA ILE E 379 -0.34 26.66 31.01
C ILE E 379 0.50 26.06 32.13
N ASP E 380 1.50 26.80 32.60
CA ASP E 380 2.30 26.34 33.73
C ASP E 380 1.43 26.10 34.96
N GLN E 381 0.46 27.00 35.19
CA GLN E 381 -0.49 26.79 36.28
C GLN E 381 -1.28 25.50 36.09
N TYR E 382 -1.68 25.23 34.84
CA TYR E 382 -2.29 23.93 34.55
C TYR E 382 -1.30 22.80 34.79
N ASP E 383 -0.21 22.78 34.02
CA ASP E 383 0.92 21.88 34.24
C ASP E 383 2.09 22.32 33.37
N PRO E 384 3.33 22.29 33.89
CA PRO E 384 4.46 22.80 33.11
C PRO E 384 4.93 21.86 31.99
N LEU E 385 4.33 20.68 31.84
CA LEU E 385 4.78 19.76 30.81
C LEU E 385 4.57 20.33 29.42
N TYR E 386 3.41 20.96 29.17
CA TYR E 386 3.14 21.54 27.87
C TYR E 386 4.13 22.65 27.55
N SER E 387 4.39 23.53 28.51
CA SER E 387 5.36 24.60 28.29
C SER E 387 6.75 24.04 28.04
N LYS E 388 7.15 23.01 28.78
CA LYS E 388 8.46 22.40 28.59
C LYS E 388 8.58 21.81 27.19
N ARG E 389 7.59 21.03 26.76
CA ARG E 389 7.63 20.41 25.45
C ARG E 389 7.38 21.38 24.31
N PHE E 390 6.91 22.59 24.60
CA PHE E 390 6.69 23.60 23.56
C PHE E 390 7.84 24.59 23.45
N ALA E 391 8.63 24.79 24.51
CA ALA E 391 9.73 25.73 24.47
C ALA E 391 10.79 25.34 23.44
N VAL E 392 10.91 24.05 23.11
CA VAL E 392 11.93 23.61 22.17
C VAL E 392 11.71 24.22 20.80
N PHE E 393 10.47 24.59 20.46
CA PHE E 393 10.20 25.17 19.16
C PHE E 393 10.61 26.64 19.08
N LEU E 394 10.96 27.26 20.20
CA LEU E 394 11.50 28.62 20.18
C LEU E 394 13.02 28.64 20.10
N SER E 395 13.67 27.48 20.23
CA SER E 395 15.12 27.38 20.21
C SER E 395 15.58 27.08 18.79
N GLU E 396 16.43 27.95 18.24
CA GLU E 396 16.95 27.72 16.90
C GLU E 396 18.02 26.63 16.86
N VAL E 397 18.65 26.33 18.00
CA VAL E 397 19.65 25.26 18.03
C VAL E 397 19.00 23.91 17.80
N SER E 398 17.89 23.64 18.49
CA SER E 398 17.16 22.40 18.26
C SER E 398 16.63 22.33 16.83
N GLU E 399 16.13 23.45 16.33
CA GLU E 399 15.67 23.52 14.94
C GLU E 399 16.79 23.12 13.98
N ASN E 400 17.96 23.72 14.16
CA ASN E 400 19.09 23.42 13.28
C ASN E 400 19.52 21.96 13.39
N LYS E 401 19.63 21.44 14.61
CA LYS E 401 20.14 20.08 14.77
C LYS E 401 19.17 19.05 14.21
N LEU E 402 17.87 19.24 14.42
CA LEU E 402 16.95 18.25 13.86
C LEU E 402 16.64 18.49 12.39
N ARG E 403 16.84 19.70 11.88
CA ARG E 403 16.86 19.90 10.43
C ARG E 403 18.03 19.15 9.80
N GLN E 404 19.19 19.19 10.45
CA GLN E 404 20.34 18.40 9.99
C GLN E 404 20.04 16.91 10.08
N LEU E 405 19.34 16.48 11.12
CA LEU E 405 18.92 15.09 11.24
C LEU E 405 17.99 14.69 10.11
N ASN E 406 17.03 15.55 9.78
CA ASN E 406 16.13 15.28 8.66
C ASN E 406 16.90 15.22 7.34
N LEU E 407 17.89 16.09 7.17
CA LEU E 407 18.71 16.06 5.97
C LEU E 407 19.50 14.76 5.87
N ASN E 408 20.03 14.29 7.01
CA ASN E 408 20.73 13.01 7.03
C ASN E 408 19.79 11.87 6.68
N ASN E 409 18.56 11.92 7.18
CA ASN E 409 17.56 10.93 6.80
C ASN E 409 17.26 11.00 5.31
N GLU E 410 17.31 12.20 4.73
CA GLU E 410 17.09 12.34 3.29
C GLU E 410 18.21 11.68 2.49
N TRP E 411 19.46 11.97 2.83
CA TRP E 411 20.62 11.41 2.14
C TRP E 411 21.16 10.25 2.99
N THR E 412 20.60 9.07 2.77
CA THR E 412 21.05 7.88 3.47
C THR E 412 22.44 7.46 2.98
N LEU E 413 23.08 6.59 3.74
CA LEU E 413 24.44 6.18 3.42
C LEU E 413 24.52 5.45 2.09
N ASP E 414 23.54 4.58 1.80
CA ASP E 414 23.56 3.85 0.54
C ASP E 414 23.46 4.79 -0.66
N LYS E 415 22.52 5.73 -0.60
CA LYS E 415 22.40 6.71 -1.68
C LYS E 415 23.60 7.65 -1.73
N LEU E 416 24.19 7.96 -0.57
CA LEU E 416 25.39 8.79 -0.56
C LEU E 416 26.55 8.10 -1.27
N ARG E 417 26.72 6.80 -1.05
CA ARG E 417 27.76 6.06 -1.74
C ARG E 417 27.41 5.84 -3.21
N GLN E 418 26.11 5.78 -3.52
CA GLN E 418 25.69 5.75 -4.91
C GLN E 418 26.11 7.03 -5.63
N ARG E 419 25.94 8.18 -4.98
CA ARG E 419 26.39 9.44 -5.55
C ARG E 419 27.91 9.60 -5.53
N LEU E 420 28.61 8.74 -4.78
CA LEU E 420 30.06 8.79 -4.76
C LEU E 420 30.62 8.34 -6.11
N THR E 421 31.54 9.15 -6.65
CA THR E 421 32.13 8.89 -7.95
C THR E 421 33.63 9.14 -7.87
N LYS E 422 34.29 9.08 -9.03
CA LYS E 422 35.72 9.27 -9.15
C LYS E 422 36.01 10.43 -10.10
N ASN E 423 36.98 11.26 -9.74
CA ASN E 423 37.27 12.48 -10.50
C ASN E 423 38.14 12.13 -11.72
N ALA E 424 38.64 13.16 -12.39
CA ALA E 424 39.53 12.97 -13.53
C ALA E 424 40.94 12.53 -13.11
N GLN E 425 41.27 12.66 -11.83
CA GLN E 425 42.56 12.21 -11.31
C GLN E 425 42.49 10.80 -10.72
N ASP E 426 41.40 10.08 -10.99
CA ASP E 426 41.20 8.71 -10.50
C ASP E 426 41.26 8.66 -8.97
N LYS E 427 40.63 9.65 -8.33
CA LYS E 427 40.51 9.70 -6.88
C LYS E 427 39.04 9.81 -6.50
N LEU E 428 38.71 9.33 -5.30
CA LEU E 428 37.33 9.37 -4.85
C LEU E 428 36.90 10.81 -4.60
N GLU E 429 35.80 11.21 -5.23
CA GLU E 429 35.30 12.57 -5.13
C GLU E 429 33.80 12.53 -4.85
N LEU E 430 33.35 13.51 -4.06
CA LEU E 430 31.94 13.64 -3.72
C LEU E 430 31.54 15.10 -3.85
N HIS E 431 30.45 15.34 -4.57
CA HIS E 431 29.96 16.70 -4.81
C HIS E 431 28.59 16.87 -4.19
N LEU E 432 28.38 18.03 -3.55
CA LEU E 432 27.12 18.37 -2.90
C LEU E 432 26.62 19.66 -3.54
N PHE E 433 25.55 19.58 -4.31
CA PHE E 433 25.03 20.70 -5.07
C PHE E 433 23.62 21.04 -4.64
N MET E 434 23.38 22.32 -4.37
CA MET E 434 22.06 22.84 -4.01
C MET E 434 21.49 22.12 -2.78
N LEU E 435 22.30 22.01 -1.74
CA LEU E 435 21.89 21.43 -0.47
C LEU E 435 21.86 22.52 0.59
N SER E 436 20.85 22.46 1.47
CA SER E 436 20.73 23.45 2.53
C SER E 436 21.90 23.37 3.52
N GLY E 437 22.48 22.19 3.69
CA GLY E 437 23.61 22.02 4.59
C GLY E 437 24.37 20.78 4.22
N ILE E 438 25.53 20.61 4.87
CA ILE E 438 26.36 19.43 4.66
C ILE E 438 25.85 18.30 5.55
N PRO E 439 25.46 17.17 4.97
CA PRO E 439 24.99 16.05 5.79
C PRO E 439 26.09 15.52 6.70
N ASP E 440 25.68 15.06 7.89
CA ASP E 440 26.64 14.44 8.81
C ASP E 440 27.12 13.10 8.28
N THR E 441 26.30 12.44 7.45
CA THR E 441 26.66 11.12 6.95
C THR E 441 27.81 11.15 5.96
N VAL E 442 28.19 12.33 5.47
CA VAL E 442 29.33 12.42 4.56
C VAL E 442 30.63 12.05 5.26
N PHE E 443 30.66 12.12 6.58
CA PHE E 443 31.86 11.76 7.33
C PHE E 443 31.92 10.26 7.64
N ASP E 444 30.92 9.49 7.23
CA ASP E 444 31.00 8.04 7.37
C ASP E 444 32.14 7.46 6.54
N LEU E 445 32.32 7.96 5.33
CA LEU E 445 33.34 7.46 4.41
C LEU E 445 34.62 8.25 4.66
N VAL E 446 35.64 7.60 5.22
CA VAL E 446 36.93 8.24 5.46
C VAL E 446 37.90 8.01 4.32
N GLU E 447 37.47 7.34 3.26
CA GLU E 447 38.31 7.06 2.10
C GLU E 447 38.22 8.12 1.03
N LEU E 448 37.47 9.20 1.27
CA LEU E 448 37.37 10.28 0.31
C LEU E 448 38.66 11.09 0.25
N GLU E 449 38.93 11.65 -0.93
CA GLU E 449 40.06 12.54 -1.12
C GLU E 449 39.66 13.92 -1.64
N VAL E 450 38.68 13.99 -2.54
CA VAL E 450 38.18 15.25 -3.08
C VAL E 450 36.76 15.46 -2.59
N LEU E 451 36.51 16.63 -2.00
CA LEU E 451 35.18 16.99 -1.54
C LEU E 451 34.77 18.31 -2.18
N LYS E 452 33.65 18.30 -2.88
CA LYS E 452 33.13 19.48 -3.57
C LYS E 452 31.97 20.04 -2.77
N LEU E 453 32.05 21.31 -2.41
CA LEU E 453 30.96 22.02 -1.73
C LEU E 453 30.58 23.21 -2.59
N GLU E 454 29.47 23.07 -3.33
CA GLU E 454 28.99 24.12 -4.22
C GLU E 454 27.60 24.55 -3.81
N LEU E 455 27.44 25.84 -3.56
CA LEU E 455 26.14 26.44 -3.23
C LEU E 455 25.49 25.75 -2.04
N ILE E 456 26.22 25.70 -0.94
CA ILE E 456 25.73 25.20 0.34
C ILE E 456 25.74 26.36 1.32
N PRO E 457 24.60 27.03 1.55
CA PRO E 457 24.62 28.29 2.28
C PRO E 457 24.93 28.11 3.76
N ASP E 458 25.64 29.10 4.32
CA ASP E 458 25.90 29.26 5.76
C ASP E 458 26.22 27.93 6.44
N VAL E 459 27.28 27.30 5.99
CA VAL E 459 27.75 26.05 6.59
C VAL E 459 29.00 26.32 7.42
N THR E 460 29.04 25.75 8.62
CA THR E 460 30.19 25.82 9.50
C THR E 460 30.90 24.47 9.50
N ILE E 461 32.20 24.48 9.24
CA ILE E 461 32.95 23.24 9.14
C ILE E 461 33.01 22.59 10.51
N PRO E 462 32.45 21.39 10.68
CA PRO E 462 32.37 20.77 12.01
C PRO E 462 33.68 20.08 12.36
N PRO E 463 33.88 19.75 13.64
CA PRO E 463 35.06 18.95 14.01
C PRO E 463 35.04 17.55 13.43
N SER E 464 33.90 17.09 12.91
CA SER E 464 33.81 15.74 12.38
C SER E 464 34.67 15.52 11.14
N ILE E 465 35.18 16.58 10.52
CA ILE E 465 36.08 16.42 9.38
C ILE E 465 37.38 15.76 9.80
N ALA E 466 37.74 15.83 11.09
CA ALA E 466 38.95 15.19 11.57
C ALA E 466 38.93 13.68 11.38
N GLN E 467 37.74 13.07 11.30
CA GLN E 467 37.65 11.64 11.05
C GLN E 467 38.19 11.28 9.68
N LEU E 468 37.96 12.13 8.68
CA LEU E 468 38.36 11.84 7.30
C LEU E 468 39.85 12.12 7.11
N THR E 469 40.66 11.26 7.74
CA THR E 469 42.11 11.40 7.66
C THR E 469 42.62 11.25 6.23
N GLY E 470 41.91 10.52 5.38
CA GLY E 470 42.29 10.36 3.99
C GLY E 470 41.89 11.48 3.07
N LEU E 471 41.22 12.51 3.60
CA LEU E 471 40.80 13.63 2.78
C LEU E 471 42.02 14.42 2.30
N LYS E 472 42.03 14.77 1.02
CA LYS E 472 43.14 15.49 0.42
C LYS E 472 42.75 16.80 -0.23
N GLU E 473 41.58 16.86 -0.88
CA GLU E 473 41.14 18.07 -1.57
C GLU E 473 39.76 18.47 -1.08
N LEU E 474 39.60 19.75 -0.73
CA LEU E 474 38.31 20.33 -0.40
C LEU E 474 38.02 21.43 -1.41
N TRP E 475 36.85 21.39 -2.03
CA TRP E 475 36.49 22.30 -3.10
C TRP E 475 35.32 23.17 -2.65
N LEU E 476 35.48 24.48 -2.78
CA LEU E 476 34.43 25.45 -2.46
C LEU E 476 34.04 26.20 -3.73
N TYR E 477 32.78 26.08 -4.13
CA TYR E 477 32.25 26.75 -5.31
C TYR E 477 31.15 27.70 -4.84
N HIS E 478 31.49 28.97 -4.68
CA HIS E 478 30.54 30.01 -4.24
C HIS E 478 29.85 29.62 -2.94
N THR E 479 30.63 29.10 -1.99
CA THR E 479 30.13 28.61 -0.71
C THR E 479 30.91 29.29 0.41
N ALA E 480 30.34 30.35 0.97
CA ALA E 480 30.92 31.00 2.14
C ALA E 480 30.86 30.05 3.34
N ALA E 481 32.02 29.67 3.86
CA ALA E 481 32.10 28.67 4.92
C ALA E 481 32.73 29.26 6.17
N LYS E 482 32.10 29.01 7.32
CA LYS E 482 32.68 29.30 8.61
C LYS E 482 33.36 28.05 9.16
N ILE E 483 34.25 28.26 10.13
CA ILE E 483 35.08 27.18 10.64
C ILE E 483 35.25 27.32 12.14
N GLU E 484 35.64 26.21 12.77
CA GLU E 484 35.96 26.15 14.20
C GLU E 484 37.42 25.76 14.38
N ALA E 485 37.87 25.78 15.63
CA ALA E 485 39.26 25.49 15.93
C ALA E 485 39.67 24.07 15.55
N PRO E 486 38.96 23.01 15.95
CA PRO E 486 39.44 21.66 15.57
C PRO E 486 39.38 21.39 14.07
N ALA E 487 38.34 21.88 13.39
CA ALA E 487 38.27 21.69 11.94
C ALA E 487 39.43 22.39 11.24
N LEU E 488 39.73 23.63 11.64
CA LEU E 488 40.86 24.33 11.05
C LEU E 488 42.18 23.64 11.38
N ALA E 489 42.30 23.09 12.60
CA ALA E 489 43.50 22.36 12.96
C ALA E 489 43.69 21.14 12.08
N PHE E 490 42.61 20.41 11.82
CA PHE E 490 42.71 19.25 10.94
C PHE E 490 43.05 19.66 9.51
N LEU E 491 42.44 20.75 9.04
CA LEU E 491 42.71 21.21 7.68
C LEU E 491 44.16 21.65 7.51
N ARG E 492 44.72 22.31 8.53
CA ARG E 492 46.08 22.84 8.44
C ARG E 492 47.14 21.75 8.35
N GLU E 493 46.81 20.49 8.62
CA GLU E 493 47.81 19.42 8.58
C GLU E 493 47.34 18.18 7.83
N ASN E 494 46.14 18.18 7.26
CA ASN E 494 45.63 16.99 6.56
C ASN E 494 44.93 17.38 5.27
N LEU E 495 45.54 18.25 4.47
CA LEU E 495 44.98 18.65 3.19
C LEU E 495 46.08 18.70 2.14
N ARG E 496 45.69 18.57 0.88
CA ARG E 496 46.62 18.66 -0.24
C ARG E 496 46.32 19.84 -1.15
N ALA E 497 45.08 19.99 -1.61
CA ALA E 497 44.71 21.07 -2.49
C ALA E 497 43.39 21.67 -2.04
N LEU E 498 43.20 22.95 -2.36
CA LEU E 498 41.99 23.67 -2.00
C LEU E 498 41.48 24.43 -3.21
N HIS E 499 40.19 24.29 -3.49
CA HIS E 499 39.54 24.99 -4.60
C HIS E 499 38.63 26.06 -4.04
N ILE E 500 38.87 27.32 -4.42
CA ILE E 500 38.10 28.45 -3.96
C ILE E 500 37.54 29.17 -5.19
N LYS E 501 36.24 29.06 -5.39
CA LYS E 501 35.54 29.76 -6.47
C LYS E 501 34.54 30.72 -5.84
N PHE E 502 34.65 32.01 -6.18
CA PHE E 502 33.83 33.03 -5.58
C PHE E 502 33.36 34.03 -6.62
N THR E 503 32.21 34.65 -6.34
CA THR E 503 31.72 35.78 -7.13
C THR E 503 31.87 37.11 -6.41
N ASP E 504 32.07 37.10 -5.09
CA ASP E 504 32.20 38.32 -4.31
C ASP E 504 33.40 38.20 -3.37
N ILE E 505 33.94 39.35 -2.97
CA ILE E 505 35.14 39.37 -2.13
C ILE E 505 34.85 38.75 -0.77
N LYS E 506 33.73 39.10 -0.15
CA LYS E 506 33.51 38.76 1.25
C LYS E 506 33.21 37.28 1.49
N GLU E 507 32.94 36.50 0.45
CA GLU E 507 32.55 35.11 0.66
C GLU E 507 33.73 34.14 0.70
N ILE E 508 34.94 34.59 0.37
CA ILE E 508 36.10 33.69 0.43
C ILE E 508 36.47 33.47 1.89
N PRO E 509 36.75 32.23 2.31
CA PRO E 509 37.24 32.02 3.68
C PRO E 509 38.56 32.74 3.92
N LEU E 510 38.71 33.29 5.12
CA LEU E 510 39.91 34.01 5.50
C LEU E 510 40.91 33.16 6.25
N TRP E 511 40.47 32.03 6.81
CA TRP E 511 41.35 31.13 7.55
C TRP E 511 42.15 30.21 6.64
N ILE E 512 42.02 30.33 5.32
CA ILE E 512 42.77 29.49 4.41
C ILE E 512 44.26 29.73 4.53
N TYR E 513 44.67 30.94 4.92
CA TYR E 513 46.08 31.27 5.01
C TYR E 513 46.79 30.53 6.14
N SER E 514 46.07 30.16 7.19
CA SER E 514 46.69 29.46 8.31
C SER E 514 47.17 28.06 7.93
N LEU E 515 46.63 27.49 6.85
CA LEU E 515 47.04 26.16 6.43
C LEU E 515 48.51 26.15 5.98
N LYS E 516 49.17 25.04 6.25
CA LYS E 516 50.57 24.87 5.87
C LYS E 516 50.82 23.61 5.06
N THR E 517 50.03 22.56 5.28
CA THR E 517 50.18 21.33 4.50
C THR E 517 49.70 21.51 3.06
N LEU E 518 49.04 22.62 2.76
CA LEU E 518 48.49 22.83 1.43
C LEU E 518 49.61 22.94 0.40
N GLU E 519 49.43 22.26 -0.74
CA GLU E 519 50.32 22.37 -1.87
C GLU E 519 49.75 23.17 -3.03
N GLU E 520 48.51 22.92 -3.42
CA GLU E 520 47.87 23.60 -4.54
C GLU E 520 46.71 24.43 -4.02
N LEU E 521 46.67 25.70 -4.42
CA LEU E 521 45.56 26.59 -4.12
C LEU E 521 44.92 27.05 -5.41
N HIS E 522 43.60 26.97 -5.48
CA HIS E 522 42.85 27.30 -6.69
C HIS E 522 41.92 28.46 -6.38
N LEU E 523 42.26 29.64 -6.90
CA LEU E 523 41.45 30.84 -6.72
C LEU E 523 40.71 31.14 -8.02
N THR E 524 39.40 31.30 -7.92
CA THR E 524 38.56 31.54 -9.08
C THR E 524 37.63 32.71 -8.78
N GLY E 525 37.74 33.78 -9.56
CA GLY E 525 36.88 34.93 -9.39
C GLY E 525 37.62 36.24 -9.48
N ASN E 526 37.04 37.22 -10.17
CA ASN E 526 37.65 38.54 -10.31
C ASN E 526 37.60 39.26 -8.96
N LEU E 527 38.75 39.76 -8.51
CA LEU E 527 38.87 40.34 -7.19
C LEU E 527 39.47 41.75 -7.18
N SER E 528 40.01 42.22 -8.30
CA SER E 528 40.71 43.50 -8.31
C SER E 528 39.77 44.66 -8.03
N ALA E 529 40.24 45.60 -7.22
CA ALA E 529 39.47 46.79 -6.87
C ALA E 529 40.43 47.92 -6.53
N GLU E 530 39.89 49.14 -6.49
CA GLU E 530 40.69 50.33 -6.27
C GLU E 530 40.66 50.73 -4.80
N ASN E 531 41.80 51.21 -4.30
CA ASN E 531 42.07 51.60 -2.91
C ASN E 531 42.12 50.41 -1.96
N ASN E 532 41.82 49.20 -2.43
CA ASN E 532 42.02 47.97 -1.68
C ASN E 532 42.56 46.89 -2.59
N ARG E 533 43.51 47.26 -3.45
CA ARG E 533 43.99 46.34 -4.48
C ARG E 533 44.84 45.23 -3.88
N TYR E 534 44.46 43.99 -4.16
CA TYR E 534 45.25 42.81 -3.81
C TYR E 534 45.52 42.75 -2.31
N ILE E 535 44.52 43.13 -1.52
CA ILE E 535 44.63 43.14 -0.06
C ILE E 535 44.04 41.87 0.56
N VAL E 536 43.01 41.31 -0.09
CA VAL E 536 42.40 40.08 0.41
C VAL E 536 43.39 38.93 0.36
N ILE E 537 44.24 38.89 -0.67
CA ILE E 537 45.16 37.79 -0.86
C ILE E 537 46.53 38.17 -0.31
N ASP E 538 46.57 39.19 0.55
CA ASP E 538 47.81 39.54 1.23
C ASP E 538 48.29 38.45 2.16
N GLY E 539 47.40 37.57 2.62
CA GLY E 539 47.76 36.46 3.47
C GLY E 539 48.30 35.25 2.76
N LEU E 540 48.46 35.33 1.43
CA LEU E 540 49.02 34.20 0.68
C LEU E 540 50.47 33.93 1.06
N ARG E 541 51.17 34.91 1.64
CA ARG E 541 52.55 34.71 2.05
C ARG E 541 52.67 33.72 3.20
N GLU E 542 51.59 33.49 3.95
CA GLU E 542 51.64 32.57 5.08
C GLU E 542 51.90 31.14 4.66
N LEU E 543 51.68 30.80 3.38
CA LEU E 543 51.94 29.46 2.89
C LEU E 543 53.43 29.33 2.60
N LYS E 544 54.14 28.56 3.43
CA LYS E 544 55.55 28.30 3.22
C LYS E 544 55.81 26.99 2.50
N ARG E 545 54.75 26.24 2.16
CA ARG E 545 54.88 25.00 1.41
C ARG E 545 54.09 25.04 0.11
N LEU E 546 53.59 26.21 -0.29
CA LEU E 546 52.81 26.31 -1.52
C LEU E 546 53.70 26.02 -2.72
N LYS E 547 53.26 25.08 -3.56
CA LYS E 547 54.02 24.64 -4.72
C LYS E 547 53.34 24.99 -6.04
N VAL E 548 52.08 24.63 -6.20
CA VAL E 548 51.34 24.87 -7.44
C VAL E 548 50.29 25.93 -7.16
N LEU E 549 50.37 27.04 -7.89
CA LEU E 549 49.43 28.14 -7.75
C LEU E 549 48.63 28.27 -9.04
N ARG E 550 47.29 28.23 -8.91
CA ARG E 550 46.39 28.37 -10.05
C ARG E 550 45.51 29.59 -9.81
N LEU E 551 45.57 30.55 -10.71
CA LEU E 551 44.91 31.84 -10.55
C LEU E 551 43.84 32.03 -11.61
N LYS E 552 42.61 32.30 -11.18
CA LYS E 552 41.51 32.69 -12.06
C LYS E 552 40.91 33.96 -11.44
N SER E 553 41.51 35.12 -11.75
CA SER E 553 41.08 36.36 -11.14
C SER E 553 41.00 37.53 -12.11
N ASN E 554 41.37 37.36 -13.37
CA ASN E 554 41.33 38.45 -14.36
C ASN E 554 42.08 39.68 -13.85
N LEU E 555 43.37 39.48 -13.58
CA LEU E 555 44.21 40.50 -12.96
C LEU E 555 44.85 41.38 -14.04
N SER E 556 44.67 42.69 -13.90
CA SER E 556 45.29 43.62 -14.81
C SER E 556 46.81 43.65 -14.66
N LYS E 557 47.31 43.55 -13.43
CA LYS E 557 48.74 43.54 -13.16
C LYS E 557 49.06 42.42 -12.18
N LEU E 558 50.22 41.80 -12.37
CA LEU E 558 50.64 40.71 -11.49
C LEU E 558 50.87 41.25 -10.09
N PRO E 559 50.20 40.71 -9.07
CA PRO E 559 50.38 41.23 -7.72
C PRO E 559 51.78 41.01 -7.18
N GLN E 560 52.19 41.92 -6.29
CA GLN E 560 53.48 41.78 -5.62
C GLN E 560 53.48 40.60 -4.65
N VAL E 561 52.31 40.29 -4.06
CA VAL E 561 52.21 39.15 -3.16
C VAL E 561 52.47 37.85 -3.92
N VAL E 562 52.05 37.79 -5.20
CA VAL E 562 52.34 36.62 -6.02
C VAL E 562 53.85 36.46 -6.19
N THR E 563 54.56 37.57 -6.44
CA THR E 563 56.01 37.50 -6.56
C THR E 563 56.65 37.08 -5.24
N ASP E 564 56.12 37.56 -4.12
CA ASP E 564 56.66 37.17 -2.82
C ASP E 564 56.47 35.67 -2.57
N VAL E 565 55.30 35.14 -2.92
CA VAL E 565 55.01 33.73 -2.66
C VAL E 565 55.60 32.81 -3.72
N GLY E 566 56.05 33.35 -4.84
CA GLY E 566 56.62 32.52 -5.89
C GLY E 566 58.05 32.05 -5.68
N VAL E 567 58.68 32.44 -4.57
CA VAL E 567 60.05 31.98 -4.30
C VAL E 567 60.12 30.49 -4.03
N HIS E 568 58.99 29.85 -3.73
CA HIS E 568 58.95 28.42 -3.50
C HIS E 568 57.93 27.69 -4.35
N LEU E 569 57.27 28.36 -5.29
CA LEU E 569 56.27 27.72 -6.13
C LEU E 569 56.94 26.84 -7.19
N GLN E 570 56.14 25.94 -7.77
CA GLN E 570 56.60 25.08 -8.85
C GLN E 570 55.80 25.30 -10.13
N LYS E 571 54.47 25.33 -10.05
CA LYS E 571 53.62 25.49 -11.21
C LYS E 571 52.73 26.71 -11.02
N LEU E 572 52.65 27.54 -12.06
CA LEU E 572 51.82 28.74 -12.05
C LEU E 572 50.89 28.71 -13.27
N SER E 573 49.60 28.88 -13.02
CA SER E 573 48.59 28.91 -14.08
C SER E 573 47.81 30.21 -13.96
N ILE E 574 47.98 31.09 -14.95
CA ILE E 574 47.32 32.40 -14.97
C ILE E 574 46.28 32.38 -16.07
N ASN E 575 45.08 32.87 -15.74
CA ASN E 575 43.96 32.94 -16.69
C ASN E 575 43.35 34.33 -16.59
N ASN E 576 43.70 35.19 -17.54
CA ASN E 576 43.21 36.57 -17.57
C ASN E 576 41.91 36.73 -18.33
N GLU E 577 41.31 35.62 -18.81
CA GLU E 577 40.02 35.64 -19.49
C GLU E 577 40.03 36.53 -20.73
N GLY E 578 41.17 36.57 -21.43
CA GLY E 578 41.30 37.37 -22.63
C GLY E 578 41.74 38.80 -22.41
N THR E 579 41.86 39.23 -21.16
CA THR E 579 42.33 40.58 -20.86
C THR E 579 43.85 40.63 -20.91
N LYS E 580 44.39 41.70 -21.49
CA LYS E 580 45.84 41.84 -21.60
C LYS E 580 46.46 41.99 -20.22
N LEU E 581 47.53 41.23 -19.98
CA LEU E 581 48.21 41.19 -18.69
C LEU E 581 49.53 41.96 -18.77
N ILE E 582 49.77 42.81 -17.78
CA ILE E 582 51.00 43.58 -17.67
C ILE E 582 51.87 42.95 -16.58
N VAL E 583 53.12 42.66 -16.92
CA VAL E 583 54.04 42.03 -15.97
C VAL E 583 55.08 43.03 -15.51
N LEU E 584 55.71 43.73 -16.46
CA LEU E 584 56.76 44.70 -16.18
C LEU E 584 57.90 44.08 -15.37
N ASN E 585 58.47 43.01 -15.94
CA ASN E 585 59.59 42.28 -15.36
C ASN E 585 59.27 41.80 -13.94
N SER E 586 58.25 40.94 -13.87
CA SER E 586 57.81 40.41 -12.60
C SER E 586 57.81 38.88 -12.56
N LEU E 587 58.56 38.21 -13.43
CA LEU E 587 58.62 36.76 -13.45
C LEU E 587 59.99 36.20 -13.08
N LYS E 588 61.04 37.04 -13.09
CA LYS E 588 62.38 36.56 -12.79
C LYS E 588 62.58 36.22 -11.32
N LYS E 589 61.67 36.64 -10.44
CA LYS E 589 61.79 36.33 -9.02
C LYS E 589 61.44 34.89 -8.69
N MET E 590 60.74 34.19 -9.57
CA MET E 590 60.36 32.79 -9.36
C MET E 590 61.48 31.86 -9.84
N VAL E 591 62.57 31.86 -9.09
CA VAL E 591 63.74 31.06 -9.47
C VAL E 591 63.42 29.57 -9.41
N ASN E 592 62.67 29.15 -8.40
CA ASN E 592 62.35 27.74 -8.22
C ASN E 592 61.09 27.31 -8.98
N LEU E 593 60.46 28.22 -9.73
CA LEU E 593 59.30 27.86 -10.53
C LEU E 593 59.69 26.87 -11.62
N THR E 594 58.86 25.85 -11.81
CA THR E 594 59.14 24.79 -12.77
C THR E 594 58.29 24.87 -14.03
N GLU E 595 56.99 25.10 -13.90
CA GLU E 595 56.09 25.15 -15.05
C GLU E 595 55.36 26.48 -15.03
N LEU E 596 55.42 27.20 -16.15
CA LEU E 596 54.72 28.48 -16.31
C LEU E 596 53.61 28.30 -17.33
N GLU E 597 52.38 28.61 -16.92
CA GLU E 597 51.20 28.47 -17.77
C GLU E 597 50.47 29.80 -17.83
N LEU E 598 50.25 30.29 -19.04
CA LEU E 598 49.57 31.57 -19.29
C LEU E 598 48.40 31.30 -20.22
N ILE E 599 47.19 31.37 -19.69
CA ILE E 599 45.98 31.02 -20.44
C ILE E 599 45.18 32.29 -20.65
N ARG E 600 44.87 32.58 -21.93
CA ARG E 600 44.03 33.72 -22.29
C ARG E 600 44.53 35.02 -21.68
N CYS E 601 45.86 35.21 -21.71
CA CYS E 601 46.45 36.42 -21.16
C CYS E 601 46.51 37.56 -22.17
N ASP E 602 46.23 37.30 -23.45
CA ASP E 602 46.21 38.33 -24.48
C ASP E 602 47.52 39.12 -24.50
N LEU E 603 48.64 38.40 -24.34
CA LEU E 603 49.93 39.08 -24.25
C LEU E 603 50.29 39.81 -25.53
N GLU E 604 50.07 39.17 -26.68
CA GLU E 604 50.36 39.71 -28.01
C GLU E 604 51.86 39.86 -28.21
N ARG E 605 52.64 39.56 -27.18
CA ARG E 605 54.10 39.62 -27.23
C ARG E 605 54.68 38.92 -26.00
N ILE E 606 55.63 38.03 -26.21
CA ILE E 606 56.17 37.24 -25.08
C ILE E 606 57.06 38.14 -24.22
N PRO E 607 56.78 38.28 -22.94
CA PRO E 607 57.68 39.05 -22.07
C PRO E 607 59.03 38.38 -21.94
N HIS E 608 60.07 39.19 -21.76
CA HIS E 608 61.42 38.66 -21.71
C HIS E 608 61.76 38.03 -20.37
N SER E 609 60.95 38.26 -19.34
CA SER E 609 61.23 37.65 -18.04
C SER E 609 61.06 36.14 -18.06
N ILE E 610 60.33 35.62 -19.05
CA ILE E 610 60.14 34.17 -19.15
C ILE E 610 61.45 33.47 -19.43
N PHE E 611 62.29 34.06 -20.30
CA PHE E 611 63.57 33.45 -20.64
C PHE E 611 64.54 33.39 -19.47
N SER E 612 64.35 34.22 -18.44
CA SER E 612 65.28 34.28 -17.33
C SER E 612 65.12 33.13 -16.35
N LEU E 613 64.02 32.38 -16.44
CA LEU E 613 63.78 31.22 -15.57
C LEU E 613 64.44 30.01 -16.22
N HIS E 614 65.71 29.78 -15.88
CA HIS E 614 66.50 28.72 -16.49
C HIS E 614 65.99 27.32 -16.14
N ASN E 615 65.19 27.19 -15.08
CA ASN E 615 64.68 25.89 -14.65
C ASN E 615 63.25 25.62 -15.11
N LEU E 616 62.70 26.48 -15.95
CA LEU E 616 61.33 26.28 -16.43
C LEU E 616 61.24 25.01 -17.27
N GLN E 617 60.11 24.32 -17.18
CA GLN E 617 59.92 23.04 -17.86
C GLN E 617 58.91 23.15 -18.99
N GLU E 618 57.70 23.63 -18.70
CA GLU E 618 56.63 23.74 -19.70
C GLU E 618 56.12 25.17 -19.72
N ILE E 619 56.00 25.74 -20.92
CA ILE E 619 55.52 27.10 -21.12
C ILE E 619 54.33 27.06 -22.07
N ASP E 620 53.26 27.75 -21.69
CA ASP E 620 52.04 27.81 -22.50
C ASP E 620 51.69 29.26 -22.76
N LEU E 621 51.28 29.55 -24.00
CA LEU E 621 50.76 30.86 -24.41
C LEU E 621 49.40 30.70 -25.05
N LYS E 622 48.54 29.93 -24.37
CA LYS E 622 47.22 29.56 -24.88
C LYS E 622 46.33 30.78 -25.08
N ASP E 623 46.01 31.09 -26.34
CA ASP E 623 45.09 32.16 -26.71
C ASP E 623 45.53 33.51 -26.13
N ASN E 624 46.71 33.93 -26.55
CA ASN E 624 47.27 35.21 -26.14
C ASN E 624 47.46 36.17 -27.31
N ASN E 625 46.82 35.89 -28.45
CA ASN E 625 46.90 36.75 -29.63
C ASN E 625 48.34 36.98 -30.07
N LEU E 626 49.14 35.92 -30.06
CA LEU E 626 50.52 35.98 -30.50
C LEU E 626 50.60 35.68 -32.00
N LYS E 627 51.45 36.43 -32.69
CA LYS E 627 51.69 36.22 -34.12
C LYS E 627 53.12 35.84 -34.43
N THR E 628 54.10 36.43 -33.75
CA THR E 628 55.51 36.14 -33.96
C THR E 628 56.09 35.52 -32.70
N ILE E 629 56.87 34.45 -32.88
CA ILE E 629 57.52 33.75 -31.78
C ILE E 629 59.01 33.69 -32.04
N GLU E 630 59.54 34.72 -32.72
CA GLU E 630 60.95 34.75 -33.09
C GLU E 630 61.85 34.90 -31.87
N GLU E 631 61.29 35.20 -30.70
CA GLU E 631 62.08 35.34 -29.48
C GLU E 631 62.66 34.03 -28.98
N ILE E 632 62.50 32.93 -29.74
CA ILE E 632 63.06 31.64 -29.36
C ILE E 632 64.58 31.68 -29.24
N ILE E 633 65.22 32.68 -29.87
CA ILE E 633 66.65 32.88 -29.64
C ILE E 633 66.92 33.12 -28.16
N SER E 634 66.05 33.88 -27.50
CA SER E 634 66.12 34.03 -26.05
C SER E 634 65.64 32.78 -25.31
N PHE E 635 64.68 32.05 -25.87
CA PHE E 635 64.26 30.79 -25.27
C PHE E 635 65.38 29.77 -25.23
N GLN E 636 66.39 29.91 -26.11
CA GLN E 636 67.52 29.01 -26.11
C GLN E 636 68.27 29.02 -24.78
N HIS E 637 68.14 30.10 -24.00
CA HIS E 637 68.68 30.10 -22.64
C HIS E 637 68.01 29.04 -21.77
N LEU E 638 66.78 28.66 -22.10
CA LEU E 638 66.05 27.65 -21.36
C LEU E 638 66.36 26.30 -22.00
N HIS E 639 67.31 25.58 -21.39
CA HIS E 639 67.78 24.32 -21.97
C HIS E 639 66.79 23.19 -21.74
N ARG E 640 66.10 23.21 -20.59
CA ARG E 640 65.21 22.11 -20.20
C ARG E 640 63.76 22.36 -20.61
N LEU E 641 63.52 23.12 -21.68
CA LEU E 641 62.17 23.36 -22.17
C LEU E 641 61.74 22.16 -23.02
N THR E 642 61.26 21.12 -22.35
CA THR E 642 60.81 19.92 -23.04
C THR E 642 59.53 20.14 -23.82
N CYS E 643 58.57 20.87 -23.27
CA CYS E 643 57.28 21.10 -23.90
C CYS E 643 57.01 22.60 -24.01
N LEU E 644 56.71 23.07 -25.22
CA LEU E 644 56.35 24.44 -25.47
C LEU E 644 54.97 24.47 -26.11
N LYS E 645 54.07 25.28 -25.55
CA LYS E 645 52.69 25.36 -25.99
C LYS E 645 52.41 26.76 -26.50
N LEU E 646 52.23 26.89 -27.82
CA LEU E 646 51.99 28.17 -28.47
C LEU E 646 50.81 28.09 -29.42
N TRP E 647 49.72 27.45 -29.00
CA TRP E 647 48.57 27.26 -29.85
C TRP E 647 47.43 28.20 -29.43
N TYR E 648 46.33 28.13 -30.17
CA TYR E 648 45.17 29.01 -30.01
C TYR E 648 45.52 30.47 -30.28
N ASN E 649 46.60 30.72 -31.02
CA ASN E 649 47.06 32.07 -31.32
C ASN E 649 47.04 32.32 -32.83
N HIS E 650 47.57 33.46 -33.24
CA HIS E 650 47.63 33.88 -34.63
C HIS E 650 49.04 33.74 -35.19
N ILE E 651 49.76 32.69 -34.79
CA ILE E 651 51.13 32.50 -35.23
C ILE E 651 51.15 32.31 -36.73
N ALA E 652 51.80 33.24 -37.44
CA ALA E 652 51.79 33.23 -38.89
C ALA E 652 52.76 32.18 -39.45
N TYR E 653 54.05 32.32 -39.14
CA TYR E 653 55.07 31.42 -39.65
C TYR E 653 56.04 31.05 -38.53
N ILE E 654 56.45 29.79 -38.52
CA ILE E 654 57.39 29.29 -37.52
C ILE E 654 58.79 29.78 -37.87
N PRO E 655 59.46 30.51 -36.99
CA PRO E 655 60.84 30.94 -37.27
C PRO E 655 61.78 29.76 -37.37
N ILE E 656 62.81 29.90 -38.19
CA ILE E 656 63.78 28.84 -38.36
C ILE E 656 64.57 28.61 -37.07
N GLN E 657 64.60 29.60 -36.18
CA GLN E 657 65.36 29.49 -34.94
C GLN E 657 64.77 28.47 -33.97
N ILE E 658 63.56 27.97 -34.24
CA ILE E 658 62.98 26.94 -33.39
C ILE E 658 63.80 25.65 -33.44
N GLY E 659 64.56 25.44 -34.52
CA GLY E 659 65.42 24.27 -34.59
C GLY E 659 66.57 24.34 -33.61
N ASN E 660 66.92 25.54 -33.15
CA ASN E 660 67.95 25.67 -32.12
C ASN E 660 67.54 24.96 -30.83
N LEU E 661 66.28 25.11 -30.45
CA LEU E 661 65.75 24.42 -29.27
C LEU E 661 65.50 22.94 -29.58
N THR E 662 66.56 22.16 -29.70
CA THR E 662 66.43 20.74 -29.99
C THR E 662 65.85 19.95 -28.82
N ASN E 663 65.73 20.57 -27.64
CA ASN E 663 65.23 19.90 -26.45
C ASN E 663 63.71 19.76 -26.43
N LEU E 664 63.01 20.34 -27.41
CA LEU E 664 61.56 20.23 -27.44
C LEU E 664 61.14 18.79 -27.69
N GLU E 665 60.16 18.32 -26.91
CA GLU E 665 59.61 16.99 -27.07
C GLU E 665 58.13 17.01 -27.37
N ARG E 666 57.39 17.97 -26.83
CA ARG E 666 55.95 18.10 -27.06
C ARG E 666 55.65 19.54 -27.48
N LEU E 667 55.24 19.71 -28.74
CA LEU E 667 55.00 21.03 -29.31
C LEU E 667 53.57 21.10 -29.83
N TYR E 668 52.84 22.12 -29.40
CA TYR E 668 51.47 22.35 -29.85
C TYR E 668 51.45 23.61 -30.70
N LEU E 669 50.97 23.48 -31.94
CA LEU E 669 50.88 24.60 -32.86
C LEU E 669 49.58 24.56 -33.66
N ASN E 670 48.52 23.99 -33.09
CA ASN E 670 47.24 23.92 -33.77
C ASN E 670 46.47 25.23 -33.57
N ARG E 671 45.42 25.40 -34.37
CA ARG E 671 44.56 26.58 -34.32
C ARG E 671 45.37 27.87 -34.51
N ASN E 672 46.32 27.84 -35.44
CA ASN E 672 47.17 28.98 -35.71
C ASN E 672 47.21 29.22 -37.22
N LYS E 673 47.78 30.37 -37.60
CA LYS E 673 47.93 30.75 -38.98
C LYS E 673 49.15 30.10 -39.64
N ILE E 674 49.72 29.08 -39.02
CA ILE E 674 50.89 28.41 -39.57
C ILE E 674 50.54 27.76 -40.89
N GLU E 675 51.33 28.06 -41.92
CA GLU E 675 51.11 27.52 -43.26
C GLU E 675 52.15 26.49 -43.70
N LYS E 676 53.35 26.52 -43.12
CA LYS E 676 54.40 25.59 -43.53
C LYS E 676 55.36 25.35 -42.38
N ILE E 677 55.97 24.17 -42.37
CA ILE E 677 56.90 23.77 -41.33
C ILE E 677 58.32 24.11 -41.80
N PRO E 678 59.10 24.85 -41.03
CA PRO E 678 60.49 25.13 -41.44
C PRO E 678 61.33 23.86 -41.39
N THR E 679 62.35 23.83 -42.25
CA THR E 679 63.21 22.66 -42.33
C THR E 679 64.11 22.53 -41.09
N GLN E 680 64.51 23.65 -40.50
CA GLN E 680 65.39 23.60 -39.33
C GLN E 680 64.68 23.02 -38.11
N LEU E 681 63.35 23.08 -38.09
CA LEU E 681 62.59 22.56 -36.95
C LEU E 681 62.84 21.07 -36.73
N PHE E 682 63.24 20.35 -37.77
CA PHE E 682 63.42 18.90 -37.68
C PHE E 682 64.74 18.51 -37.04
N TYR E 683 65.60 19.47 -36.68
CA TYR E 683 66.78 19.12 -35.90
C TYR E 683 66.41 18.71 -34.48
N CYS E 684 65.19 19.05 -34.04
CA CYS E 684 64.69 18.67 -32.72
C CYS E 684 64.15 17.25 -32.81
N ARG E 685 65.07 16.28 -32.76
CA ARG E 685 64.67 14.87 -32.88
C ARG E 685 63.93 14.39 -31.63
N LYS E 686 64.01 15.15 -30.54
CA LYS E 686 63.32 14.76 -29.30
C LYS E 686 61.81 14.93 -29.38
N LEU E 687 61.28 15.54 -30.44
CA LEU E 687 59.85 15.78 -30.53
C LEU E 687 59.07 14.48 -30.51
N ARG E 688 58.04 14.43 -29.67
CA ARG E 688 57.19 13.26 -29.52
C ARG E 688 55.71 13.56 -29.70
N TYR E 689 55.26 14.74 -29.27
CA TYR E 689 53.88 15.17 -29.43
C TYR E 689 53.86 16.44 -30.27
N LEU E 690 53.41 16.32 -31.52
CA LEU E 690 53.31 17.45 -32.43
C LEU E 690 51.86 17.67 -32.80
N ASP E 691 51.41 18.92 -32.68
CA ASP E 691 50.03 19.29 -32.96
C ASP E 691 50.02 20.41 -33.99
N LEU E 692 49.38 20.17 -35.13
CA LEU E 692 49.33 21.14 -36.22
C LEU E 692 47.94 21.20 -36.83
N SER E 693 46.93 20.77 -36.10
CA SER E 693 45.58 20.67 -36.64
C SER E 693 44.98 22.06 -36.88
N HIS E 694 44.03 22.11 -37.81
CA HIS E 694 43.24 23.31 -38.11
C HIS E 694 44.15 24.50 -38.44
N ASN E 695 45.16 24.25 -39.28
CA ASN E 695 46.09 25.27 -39.72
C ASN E 695 46.09 25.29 -41.25
N ASN E 696 46.95 26.15 -41.80
CA ASN E 696 47.06 26.31 -43.24
C ASN E 696 48.10 25.40 -43.87
N LEU E 697 48.43 24.29 -43.21
CA LEU E 697 49.41 23.36 -43.75
C LEU E 697 48.88 22.73 -45.04
N THR E 698 49.72 22.70 -46.07
CA THR E 698 49.35 22.13 -47.36
C THR E 698 50.09 20.84 -47.69
N PHE E 699 51.38 20.77 -47.39
CA PHE E 699 52.14 19.54 -47.59
C PHE E 699 53.12 19.36 -46.44
N LEU E 700 53.52 18.11 -46.22
CA LEU E 700 54.42 17.79 -45.12
C LEU E 700 55.85 17.74 -45.62
N PRO E 701 56.80 18.40 -44.95
CA PRO E 701 58.18 18.40 -45.43
C PRO E 701 58.79 17.00 -45.40
N ALA E 702 59.75 16.79 -46.30
CA ALA E 702 60.39 15.48 -46.41
C ALA E 702 61.28 15.19 -45.20
N ASP E 703 61.55 16.19 -44.37
CA ASP E 703 62.41 16.00 -43.21
C ASP E 703 61.66 15.38 -42.02
N ILE E 704 60.35 15.17 -42.13
CA ILE E 704 59.57 14.62 -41.03
C ILE E 704 60.01 13.20 -40.68
N GLY E 705 60.57 12.47 -41.63
CA GLY E 705 60.99 11.10 -41.37
C GLY E 705 62.14 10.99 -40.39
N LEU E 706 62.87 12.08 -40.16
CA LEU E 706 64.00 12.08 -39.25
C LEU E 706 63.58 12.26 -37.80
N LEU E 707 62.29 12.50 -37.53
CA LEU E 707 61.78 12.62 -36.17
C LEU E 707 61.20 11.26 -35.77
N GLN E 708 62.09 10.33 -35.46
CA GLN E 708 61.66 8.99 -35.10
C GLN E 708 61.04 8.93 -33.71
N ASN E 709 61.35 9.89 -32.84
CA ASN E 709 60.76 9.92 -31.51
C ASN E 709 59.30 10.35 -31.53
N LEU E 710 58.81 10.89 -32.63
CA LEU E 710 57.44 11.34 -32.71
C LEU E 710 56.48 10.16 -32.67
N GLN E 711 55.43 10.28 -31.87
CA GLN E 711 54.37 9.27 -31.80
C GLN E 711 53.00 9.85 -32.05
N ASN E 712 52.73 11.07 -31.58
CA ASN E 712 51.43 11.71 -31.71
C ASN E 712 51.54 12.85 -32.71
N LEU E 713 50.78 12.76 -33.80
CA LEU E 713 50.75 13.80 -34.81
C LEU E 713 49.30 14.12 -35.15
N ALA E 714 49.00 15.42 -35.26
CA ALA E 714 47.64 15.90 -35.51
C ALA E 714 47.69 17.04 -36.52
N VAL E 715 47.27 16.75 -37.75
CA VAL E 715 47.20 17.76 -38.81
C VAL E 715 45.77 17.84 -39.32
N THR E 716 44.81 17.58 -38.43
CA THR E 716 43.40 17.57 -38.80
C THR E 716 42.97 18.93 -39.31
N ALA E 717 42.09 18.93 -40.33
CA ALA E 717 41.50 20.14 -40.90
C ALA E 717 42.58 21.05 -41.51
N ASN E 718 43.31 20.49 -42.46
CA ASN E 718 44.34 21.21 -43.19
C ASN E 718 44.17 20.96 -44.68
N ARG E 719 45.14 21.47 -45.45
CA ARG E 719 45.10 21.36 -46.91
C ARG E 719 46.01 20.25 -47.44
N ILE E 720 46.12 19.13 -46.71
CA ILE E 720 46.98 18.04 -47.12
C ILE E 720 46.37 17.33 -48.32
N GLU E 721 46.95 17.54 -49.50
CA GLU E 721 46.44 16.91 -50.71
C GLU E 721 46.70 15.41 -50.73
N ALA E 722 47.92 14.99 -50.35
CA ALA E 722 48.29 13.59 -50.36
C ALA E 722 49.26 13.32 -49.21
N LEU E 723 49.34 12.06 -48.81
CA LEU E 723 50.21 11.67 -47.71
C LEU E 723 51.62 11.46 -48.22
N PRO E 724 52.63 12.15 -47.67
CA PRO E 724 53.98 12.01 -48.21
C PRO E 724 54.54 10.63 -47.91
N PRO E 725 55.47 10.14 -48.75
CA PRO E 725 56.02 8.80 -48.53
C PRO E 725 57.00 8.73 -47.37
N GLU E 726 57.77 9.78 -47.11
CA GLU E 726 58.78 9.72 -46.06
C GLU E 726 58.16 9.68 -44.67
N LEU E 727 56.89 10.05 -44.54
CA LEU E 727 56.24 10.02 -43.23
C LEU E 727 56.09 8.60 -42.71
N PHE E 728 56.02 7.62 -43.61
CA PHE E 728 55.81 6.23 -43.21
C PHE E 728 57.00 5.63 -42.48
N GLN E 729 58.18 6.26 -42.52
CA GLN E 729 59.35 5.71 -41.86
C GLN E 729 59.41 6.06 -40.38
N CYS E 730 58.54 6.92 -39.89
CA CYS E 730 58.42 7.16 -38.46
C CYS E 730 57.66 6.00 -37.84
N ARG E 731 58.41 4.99 -37.39
CA ARG E 731 57.83 3.68 -37.11
C ARG E 731 56.90 3.68 -35.89
N LYS E 732 57.17 4.52 -34.88
CA LYS E 732 56.43 4.48 -33.63
C LYS E 732 55.40 5.60 -33.53
N LEU E 733 54.76 5.95 -34.65
CA LEU E 733 53.69 6.93 -34.65
C LEU E 733 52.41 6.27 -34.11
N ARG E 734 52.12 6.50 -32.84
CA ARG E 734 50.94 5.90 -32.21
C ARG E 734 49.67 6.70 -32.44
N ALA E 735 49.77 7.93 -32.96
CA ALA E 735 48.60 8.76 -33.20
C ALA E 735 48.81 9.58 -34.47
N LEU E 736 47.87 9.49 -35.40
CA LEU E 736 47.92 10.24 -36.65
C LEU E 736 46.53 10.79 -36.93
N HIS E 737 46.34 12.09 -36.67
CA HIS E 737 45.07 12.75 -36.89
C HIS E 737 45.16 13.52 -38.21
N LEU E 738 44.47 13.02 -39.24
CA LEU E 738 44.54 13.59 -40.59
C LEU E 738 43.14 13.86 -41.13
N GLY E 739 42.17 14.08 -40.26
CA GLY E 739 40.80 14.26 -40.70
C GLY E 739 40.52 15.65 -41.23
N ASN E 740 39.36 15.79 -41.89
CA ASN E 740 38.86 17.07 -42.39
C ASN E 740 39.86 17.74 -43.33
N ASN E 741 40.67 16.94 -44.00
CA ASN E 741 41.65 17.42 -44.96
C ASN E 741 41.13 17.23 -46.38
N VAL E 742 41.98 17.51 -47.37
CA VAL E 742 41.64 17.32 -48.77
C VAL E 742 42.40 16.13 -49.31
N LEU E 743 42.71 15.18 -48.42
CA LEU E 743 43.41 13.96 -48.80
C LEU E 743 42.63 13.22 -49.89
N GLN E 744 43.32 12.87 -50.96
CA GLN E 744 42.71 12.20 -52.11
C GLN E 744 43.05 10.72 -52.17
N SER E 745 44.33 10.39 -52.14
CA SER E 745 44.78 9.01 -52.26
C SER E 745 45.60 8.61 -51.04
N LEU E 746 45.36 7.42 -50.53
CA LEU E 746 46.09 6.90 -49.38
C LEU E 746 47.16 5.93 -49.85
N PRO E 747 48.44 6.23 -49.66
CA PRO E 747 49.48 5.30 -50.11
C PRO E 747 49.40 3.98 -49.35
N SER E 748 49.84 2.91 -50.02
CA SER E 748 49.78 1.58 -49.46
C SER E 748 50.76 1.36 -48.32
N ARG E 749 51.70 2.28 -48.10
CA ARG E 749 52.70 2.15 -47.04
C ARG E 749 52.14 2.38 -45.64
N VAL E 750 50.82 2.55 -45.46
CA VAL E 750 50.27 2.74 -44.13
C VAL E 750 50.48 1.50 -43.26
N GLY E 751 50.56 0.33 -43.88
CA GLY E 751 50.79 -0.90 -43.13
C GLY E 751 52.16 -0.98 -42.48
N GLU E 752 53.11 -0.18 -42.95
CA GLU E 752 54.44 -0.17 -42.34
C GLU E 752 54.42 0.37 -40.92
N LEU E 753 53.37 1.10 -40.54
CA LEU E 753 53.26 1.66 -39.19
C LEU E 753 52.64 0.60 -38.29
N THR E 754 53.47 -0.32 -37.80
CA THR E 754 52.97 -1.36 -36.89
C THR E 754 52.55 -0.77 -35.55
N ASN E 755 53.04 0.42 -35.22
CA ASN E 755 52.70 1.08 -33.96
C ASN E 755 51.52 2.03 -34.10
N LEU E 756 50.93 2.15 -35.28
CA LEU E 756 49.80 3.05 -35.47
C LEU E 756 48.55 2.48 -34.81
N THR E 757 47.89 3.32 -34.02
CA THR E 757 46.69 2.90 -33.29
C THR E 757 45.46 3.71 -33.66
N GLN E 758 45.56 5.04 -33.66
CA GLN E 758 44.42 5.92 -33.86
C GLN E 758 44.58 6.69 -35.16
N ILE E 759 43.61 6.55 -36.06
CA ILE E 759 43.56 7.32 -37.30
C ILE E 759 42.10 7.54 -37.67
N GLU E 760 41.83 8.65 -38.35
CA GLU E 760 40.50 8.96 -38.84
C GLU E 760 40.56 9.34 -40.31
N LEU E 761 39.48 9.03 -41.03
CA LEU E 761 39.37 9.34 -42.45
C LEU E 761 38.12 10.15 -42.77
N ARG E 762 37.47 10.71 -41.75
CA ARG E 762 36.28 11.52 -41.98
C ARG E 762 36.67 12.87 -42.58
N GLY E 763 35.87 13.33 -43.55
CA GLY E 763 36.12 14.59 -44.21
C GLY E 763 37.12 14.56 -45.33
N ASN E 764 37.80 13.43 -45.54
CA ASN E 764 38.80 13.29 -46.59
C ASN E 764 38.24 12.44 -47.72
N ARG E 765 38.35 12.94 -48.95
CA ARG E 765 37.80 12.27 -50.12
C ARG E 765 38.68 11.09 -50.54
N LEU E 766 38.64 10.04 -49.73
CA LEU E 766 39.41 8.83 -49.99
C LEU E 766 38.51 7.83 -50.71
N GLU E 767 38.78 7.61 -52.00
CA GLU E 767 37.95 6.73 -52.80
C GLU E 767 38.24 5.25 -52.52
N CYS E 768 39.49 4.92 -52.21
CA CYS E 768 39.89 3.52 -52.05
C CYS E 768 40.96 3.42 -50.97
N LEU E 769 41.15 2.19 -50.50
CA LEU E 769 42.08 1.90 -49.41
C LEU E 769 43.01 0.77 -49.80
N PRO E 770 44.21 0.72 -49.23
CA PRO E 770 45.14 -0.35 -49.54
C PRO E 770 44.87 -1.60 -48.72
N VAL E 771 45.62 -2.66 -49.02
CA VAL E 771 45.50 -3.93 -48.30
C VAL E 771 46.43 -4.01 -47.10
N GLU E 772 47.46 -3.16 -47.03
CA GLU E 772 48.37 -3.18 -45.90
C GLU E 772 47.78 -2.52 -44.66
N LEU E 773 46.70 -1.74 -44.81
CA LEU E 773 46.12 -1.05 -43.67
C LEU E 773 45.65 -2.03 -42.60
N GLY E 774 45.27 -3.24 -42.98
CA GLY E 774 44.81 -4.25 -42.05
C GLY E 774 45.88 -5.13 -41.44
N GLU E 775 47.16 -4.89 -41.73
CA GLU E 775 48.24 -5.71 -41.19
C GLU E 775 48.82 -5.15 -39.90
N CYS E 776 48.37 -3.98 -39.46
CA CYS E 776 48.93 -3.34 -38.27
C CYS E 776 48.30 -3.96 -37.02
N PRO E 777 49.09 -4.57 -36.13
CA PRO E 777 48.49 -5.16 -34.93
C PRO E 777 47.79 -4.15 -34.02
N LEU E 778 48.29 -2.92 -33.94
CA LEU E 778 47.73 -1.94 -33.01
C LEU E 778 46.51 -1.22 -33.58
N LEU E 779 46.15 -1.46 -34.84
CA LEU E 779 44.97 -0.83 -35.40
C LEU E 779 43.73 -1.66 -35.09
N LYS E 780 42.70 -1.02 -34.57
CA LYS E 780 41.44 -1.67 -34.26
C LYS E 780 40.29 -0.88 -34.87
N ARG E 781 39.14 -1.53 -34.99
CA ARG E 781 37.99 -0.92 -35.65
C ARG E 781 37.56 0.36 -34.95
N SER E 782 37.54 0.35 -33.61
CA SER E 782 37.24 1.58 -32.88
C SER E 782 38.31 2.65 -33.13
N GLY E 783 39.55 2.23 -33.37
CA GLY E 783 40.60 3.17 -33.70
C GLY E 783 40.56 3.66 -35.12
N LEU E 784 39.74 3.03 -35.98
CA LEU E 784 39.61 3.43 -37.38
C LEU E 784 38.29 4.18 -37.53
N VAL E 785 38.37 5.50 -37.66
CA VAL E 785 37.21 6.34 -37.90
C VAL E 785 37.11 6.58 -39.40
N VAL E 786 36.20 5.86 -40.05
CA VAL E 786 36.04 5.91 -41.50
C VAL E 786 34.55 5.75 -41.81
N GLU E 787 34.16 6.13 -43.03
CA GLU E 787 32.78 6.01 -43.46
C GLU E 787 32.37 4.54 -43.56
N GLU E 788 31.09 4.28 -43.30
CA GLU E 788 30.60 2.91 -43.26
C GLU E 788 30.74 2.22 -44.61
N ASP E 789 30.38 2.91 -45.70
CA ASP E 789 30.59 2.35 -47.02
C ASP E 789 32.07 2.20 -47.32
N LEU E 790 32.89 3.18 -46.94
CA LEU E 790 34.34 3.06 -47.10
C LEU E 790 34.91 1.98 -46.20
N PHE E 791 34.29 1.71 -45.06
CA PHE E 791 34.70 0.57 -44.25
C PHE E 791 34.35 -0.75 -44.93
N SER E 792 33.18 -0.82 -45.58
CA SER E 792 32.82 -1.99 -46.37
C SER E 792 33.72 -2.15 -47.59
N THR E 793 34.36 -1.06 -48.05
CA THR E 793 35.33 -1.17 -49.13
C THR E 793 36.58 -1.93 -48.71
N LEU E 794 36.80 -2.10 -47.40
CA LEU E 794 37.89 -2.95 -46.94
C LEU E 794 37.64 -4.40 -47.38
N PRO E 795 38.71 -5.17 -47.59
CA PRO E 795 38.52 -6.58 -47.91
C PRO E 795 37.78 -7.28 -46.79
N PRO E 796 36.93 -8.26 -47.13
CA PRO E 796 36.12 -8.92 -46.07
C PRO E 796 36.96 -9.57 -44.99
N GLU E 797 38.10 -10.15 -45.36
CA GLU E 797 39.01 -10.69 -44.35
C GLU E 797 39.54 -9.58 -43.45
N VAL E 798 39.90 -8.44 -44.03
CA VAL E 798 40.38 -7.30 -43.25
C VAL E 798 39.26 -6.77 -42.35
N LYS E 799 38.04 -6.71 -42.87
CA LYS E 799 36.91 -6.27 -42.06
C LYS E 799 36.69 -7.19 -40.87
N GLU E 800 36.76 -8.51 -41.11
CA GLU E 800 36.59 -9.45 -40.02
C GLU E 800 37.71 -9.35 -39.01
N ARG E 801 38.94 -9.13 -39.48
CA ARG E 801 40.07 -8.95 -38.56
C ARG E 801 39.88 -7.71 -37.69
N LEU E 802 39.45 -6.60 -38.29
CA LEU E 802 39.23 -5.38 -37.52
C LEU E 802 38.09 -5.56 -36.53
N TRP E 803 37.03 -6.27 -36.93
CA TRP E 803 35.92 -6.53 -36.01
C TRP E 803 36.36 -7.41 -34.85
N ARG E 804 37.19 -8.42 -35.13
CA ARG E 804 37.70 -9.27 -34.07
C ARG E 804 38.60 -8.49 -33.11
N ALA E 805 39.43 -7.60 -33.66
CA ALA E 805 40.26 -6.76 -32.80
C ALA E 805 39.43 -5.84 -31.93
N ASP E 806 38.37 -5.25 -32.49
CA ASP E 806 37.51 -4.36 -31.73
C ASP E 806 36.76 -5.11 -30.63
N LYS E 807 36.25 -6.31 -30.95
CA LYS E 807 35.43 -7.05 -29.99
C LYS E 807 36.24 -7.45 -28.77
N GLU E 808 37.49 -7.87 -28.96
CA GLU E 808 38.34 -8.27 -27.84
C GLU E 808 39.79 -7.85 -28.08
N PRO F 15 -20.44 28.31 15.04
CA PRO F 15 -19.26 27.51 14.68
C PRO F 15 -18.76 27.81 13.27
N ALA F 16 -19.67 28.29 12.41
CA ALA F 16 -19.33 28.61 11.03
C ALA F 16 -19.23 30.11 10.78
N TYR F 17 -20.26 30.87 11.15
CA TYR F 17 -20.28 32.31 10.93
C TYR F 17 -19.85 33.10 12.15
N ARG F 18 -19.33 32.43 13.18
CA ARG F 18 -18.90 33.13 14.39
C ARG F 18 -17.77 34.11 14.11
N ILE F 19 -16.99 33.87 13.05
CA ILE F 19 -15.92 34.79 12.68
C ILE F 19 -16.50 36.14 12.25
N LEU F 20 -17.72 36.14 11.74
CA LEU F 20 -18.37 37.35 11.28
C LEU F 20 -19.14 38.08 12.38
N LYS F 21 -19.05 37.60 13.62
CA LYS F 21 -19.73 38.24 14.74
C LYS F 21 -18.71 38.98 15.59
N PRO F 22 -18.63 40.31 15.51
CA PRO F 22 -17.71 41.05 16.39
C PRO F 22 -18.18 41.05 17.83
N TRP F 23 -17.48 41.81 18.69
CA TRP F 23 -17.85 41.85 20.10
C TRP F 23 -19.25 42.41 20.29
N TRP F 24 -19.62 43.41 19.51
CA TRP F 24 -20.95 44.00 19.65
C TRP F 24 -22.04 43.00 19.32
N ASP F 25 -21.82 42.15 18.31
CA ASP F 25 -22.85 41.19 17.94
C ASP F 25 -23.09 40.15 19.03
N VAL F 26 -22.01 39.60 19.59
CA VAL F 26 -22.17 38.61 20.64
C VAL F 26 -22.73 39.24 21.90
N PHE F 27 -22.33 40.49 22.19
CA PHE F 27 -22.91 41.20 23.32
C PHE F 27 -24.41 41.39 23.14
N THR F 28 -24.83 41.77 21.94
CA THR F 28 -26.26 41.94 21.68
C THR F 28 -27.00 40.60 21.77
N ASP F 29 -26.36 39.51 21.33
CA ASP F 29 -26.99 38.21 21.44
C ASP F 29 -27.18 37.81 22.90
N TYR F 30 -26.18 38.04 23.74
CA TYR F 30 -26.32 37.73 25.16
C TYR F 30 -27.35 38.64 25.83
N ILE F 31 -27.38 39.92 25.45
CA ILE F 31 -28.38 40.83 25.99
C ILE F 31 -29.78 40.37 25.60
N SER F 32 -29.95 39.91 24.36
CA SER F 32 -31.24 39.40 23.92
C SER F 32 -31.62 38.13 24.67
N ILE F 33 -30.64 37.28 24.97
CA ILE F 33 -30.93 36.09 25.78
C ILE F 33 -31.42 36.50 27.16
N VAL F 34 -30.76 37.49 27.77
CA VAL F 34 -31.19 37.95 29.09
C VAL F 34 -32.58 38.58 29.01
N MET F 35 -32.87 39.31 27.92
CA MET F 35 -34.20 39.89 27.75
C MET F 35 -35.26 38.81 27.60
N LEU F 36 -34.94 37.72 26.88
CA LEU F 36 -35.86 36.60 26.77
C LEU F 36 -36.11 35.95 28.12
N MET F 37 -35.05 35.81 28.92
CA MET F 37 -35.22 35.27 30.27
C MET F 37 -36.12 36.17 31.12
N ILE F 38 -35.91 37.48 31.02
CA ILE F 38 -36.76 38.43 31.75
C ILE F 38 -38.22 38.30 31.28
N ALA F 39 -38.42 38.19 29.98
CA ALA F 39 -39.76 38.09 29.43
C ALA F 39 -40.47 36.83 29.92
N VAL F 40 -39.78 35.68 29.86
CA VAL F 40 -40.42 34.44 30.27
C VAL F 40 -40.66 34.43 31.78
N PHE F 41 -39.73 35.00 32.56
CA PHE F 41 -39.94 35.08 34.00
C PHE F 41 -41.14 35.95 34.33
N GLY F 42 -41.23 37.14 33.71
CA GLY F 42 -42.38 37.99 33.96
C GLY F 42 -43.68 37.36 33.51
N GLY F 43 -43.66 36.66 32.37
CA GLY F 43 -44.87 36.01 31.89
C GLY F 43 -45.35 34.92 32.84
N THR F 44 -44.43 34.05 33.29
CA THR F 44 -44.83 32.98 34.19
C THR F 44 -45.21 33.53 35.57
N LEU F 45 -44.60 34.66 35.97
CA LEU F 45 -44.99 35.28 37.24
C LEU F 45 -46.40 35.86 37.16
N GLN F 46 -46.71 36.54 36.05
CA GLN F 46 -48.06 37.09 35.88
C GLN F 46 -49.09 35.99 35.76
N VAL F 47 -48.77 34.91 35.03
CA VAL F 47 -49.71 33.81 34.86
C VAL F 47 -49.94 33.09 36.18
N THR F 48 -48.86 32.83 36.94
CA THR F 48 -49.00 32.10 38.19
C THR F 48 -49.86 32.87 39.19
N GLN F 49 -49.55 34.14 39.41
CA GLN F 49 -50.38 34.97 40.28
C GLN F 49 -50.11 36.43 39.95
N ASP F 50 -51.17 37.17 39.62
CA ASP F 50 -51.10 38.61 39.44
C ASP F 50 -52.32 39.27 40.05
N LYS F 51 -52.75 38.75 41.20
CA LYS F 51 -54.00 39.17 41.80
C LYS F 51 -53.91 40.60 42.32
N MET F 52 -55.07 41.24 42.42
CA MET F 52 -55.24 42.50 43.12
C MET F 52 -55.98 42.26 44.42
N ILE F 53 -55.77 43.16 45.38
CA ILE F 53 -56.49 43.14 46.65
C ILE F 53 -57.14 44.50 46.79
N CYS F 54 -58.46 44.55 46.70
CA CYS F 54 -59.20 45.80 46.68
C CYS F 54 -60.04 45.94 47.95
N LEU F 55 -59.92 47.09 48.61
CA LEU F 55 -60.81 47.44 49.70
C LEU F 55 -61.58 48.71 49.36
N PRO F 56 -62.90 48.68 49.48
CA PRO F 56 -63.70 49.84 49.08
C PRO F 56 -63.50 51.05 49.99
N CYS F 57 -63.69 52.23 49.41
CA CYS F 57 -63.67 53.48 50.13
C CYS F 57 -65.06 53.72 50.72
N LYS F 58 -65.13 53.87 52.04
CA LYS F 58 -66.42 54.18 52.66
C LYS F 58 -66.81 55.63 52.41
N TRP F 59 -65.83 56.54 52.51
CA TRP F 59 -66.06 57.97 52.25
C TRP F 59 -65.28 58.33 50.99
N VAL F 60 -65.99 58.50 49.89
CA VAL F 60 -65.39 58.69 48.58
C VAL F 60 -65.48 60.16 48.20
N THR F 61 -64.33 60.77 47.92
CA THR F 61 -64.25 62.13 47.41
C THR F 61 -63.17 62.20 46.34
N LYS F 62 -63.51 62.73 45.17
CA LYS F 62 -62.65 62.69 43.99
C LYS F 62 -62.25 61.24 43.67
N ASP F 63 -63.20 60.33 43.86
CA ASP F 63 -63.01 58.90 43.55
C ASP F 63 -61.82 58.31 44.29
N SER F 64 -61.65 58.68 45.55
CA SER F 64 -60.59 58.13 46.40
C SER F 64 -60.88 58.53 47.83
N CYS F 65 -60.81 57.57 48.75
CA CYS F 65 -61.05 57.89 50.15
C CYS F 65 -59.95 58.79 50.70
N ASN F 66 -60.36 59.77 51.50
CA ASN F 66 -59.44 60.79 52.01
C ASN F 66 -58.86 60.44 53.38
N ASP F 67 -59.05 59.21 53.85
CA ASP F 67 -58.53 58.76 55.14
C ASP F 67 -59.04 59.63 56.29
N SER F 68 -60.36 59.61 56.44
CA SER F 68 -61.02 60.37 57.49
C SER F 68 -61.23 59.50 58.73
N THR F 92 -63.47 51.55 73.07
CA THR F 92 -62.39 52.48 73.39
C THR F 92 -61.23 52.31 72.41
N GLY F 93 -60.67 51.11 72.37
CA GLY F 93 -59.56 50.82 71.49
C GLY F 93 -59.98 50.77 70.04
N PRO F 94 -59.01 50.80 69.14
CA PRO F 94 -59.34 50.72 67.71
C PRO F 94 -59.98 49.39 67.36
N THR F 95 -60.88 49.44 66.38
CA THR F 95 -61.63 48.27 65.95
C THR F 95 -61.67 48.24 64.43
N GLY F 96 -61.98 47.06 63.89
CA GLY F 96 -62.03 46.89 62.46
C GLY F 96 -63.22 47.60 61.84
N ILE F 97 -63.28 47.52 60.51
CA ILE F 97 -64.30 48.18 59.71
C ILE F 97 -65.19 47.12 59.10
N LYS F 98 -66.50 47.30 59.25
CA LYS F 98 -67.49 46.36 58.72
C LYS F 98 -67.82 46.74 57.29
N TYR F 99 -67.53 45.85 56.35
CA TYR F 99 -67.91 46.06 54.96
C TYR F 99 -69.09 45.21 54.53
N ASP F 100 -69.37 44.12 55.25
CA ASP F 100 -70.50 43.23 54.94
C ASP F 100 -70.40 42.71 53.50
N LEU F 101 -69.19 42.37 53.07
CA LEU F 101 -68.95 41.84 51.75
C LEU F 101 -68.45 40.40 51.84
N ASP F 102 -69.04 39.53 51.01
CA ASP F 102 -68.60 38.15 50.95
C ASP F 102 -67.23 38.05 50.29
N ARG F 103 -66.57 36.91 50.49
CA ARG F 103 -65.27 36.69 49.86
C ARG F 103 -65.39 36.65 48.35
N HIS F 104 -66.47 36.05 47.85
CA HIS F 104 -66.69 36.00 46.40
C HIS F 104 -66.89 37.39 45.82
N GLN F 105 -67.54 38.27 46.57
CA GLN F 105 -67.67 39.67 46.12
C GLN F 105 -66.30 40.34 46.05
N TYR F 106 -65.44 40.07 47.02
CA TYR F 106 -64.08 40.60 46.96
C TYR F 106 -63.34 40.08 45.74
N ASN F 107 -63.49 38.78 45.45
CA ASN F 107 -62.83 38.21 44.28
C ASN F 107 -63.35 38.85 42.99
N TYR F 108 -64.66 39.08 42.90
CA TYR F 108 -65.23 39.73 41.74
C TYR F 108 -64.70 41.15 41.59
N VAL F 109 -64.64 41.91 42.70
CA VAL F 109 -64.12 43.26 42.65
C VAL F 109 -62.67 43.26 42.20
N ASP F 110 -61.86 42.33 42.73
CA ASP F 110 -60.46 42.24 42.33
C ASP F 110 -60.33 41.94 40.84
N ALA F 111 -61.13 41.00 40.34
CA ALA F 111 -61.04 40.65 38.92
C ALA F 111 -61.44 41.84 38.05
N VAL F 112 -62.52 42.53 38.42
CA VAL F 112 -62.99 43.65 37.61
C VAL F 112 -61.97 44.78 37.61
N CYS F 113 -61.41 45.10 38.79
CA CYS F 113 -60.40 46.15 38.86
C CYS F 113 -59.13 45.77 38.11
N TYR F 114 -58.72 44.51 38.18
CA TYR F 114 -57.54 44.06 37.45
C TYR F 114 -57.75 44.15 35.95
N GLU F 115 -58.95 43.81 35.49
CA GLU F 115 -59.21 43.85 34.05
C GLU F 115 -59.37 45.29 33.54
N ASN F 116 -60.00 46.16 34.34
CA ASN F 116 -60.37 47.49 33.88
C ASN F 116 -59.37 48.57 34.29
N ARG F 117 -59.14 48.73 35.59
CA ARG F 117 -58.42 49.88 36.09
C ARG F 117 -56.92 49.69 36.18
N LEU F 118 -56.40 48.53 35.79
CA LEU F 118 -54.97 48.34 35.75
C LEU F 118 -54.41 48.83 34.43
N HIS F 119 -53.28 49.51 34.48
CA HIS F 119 -52.66 50.05 33.27
C HIS F 119 -52.22 48.91 32.35
N TRP F 120 -52.39 49.13 31.04
CA TRP F 120 -52.06 48.09 30.07
C TRP F 120 -50.59 47.70 30.14
N PHE F 121 -49.72 48.62 30.57
CA PHE F 121 -48.31 48.29 30.70
C PHE F 121 -48.10 47.19 31.72
N ALA F 122 -48.78 47.27 32.87
CA ALA F 122 -48.61 46.26 33.90
C ALA F 122 -49.06 44.88 33.43
N LYS F 123 -50.16 44.83 32.66
CA LYS F 123 -50.66 43.54 32.18
C LYS F 123 -49.83 42.98 31.03
N TYR F 124 -49.28 43.84 30.17
CA TYR F 124 -48.65 43.38 28.94
C TYR F 124 -47.14 43.59 28.90
N PHE F 125 -46.52 43.90 30.03
CA PHE F 125 -45.07 44.08 30.03
C PHE F 125 -44.30 42.84 29.57
N PRO F 126 -44.55 41.63 30.10
CA PRO F 126 -43.79 40.48 29.59
C PRO F 126 -43.99 40.23 28.10
N TYR F 127 -45.20 40.42 27.60
CA TYR F 127 -45.44 40.21 26.18
C TYR F 127 -44.78 41.30 25.35
N LEU F 128 -44.77 42.54 25.85
CA LEU F 128 -44.11 43.62 25.13
C LEU F 128 -42.60 43.40 25.05
N VAL F 129 -41.98 43.00 26.16
CA VAL F 129 -40.53 42.76 26.13
C VAL F 129 -40.22 41.54 25.28
N LEU F 130 -41.08 40.51 25.30
CA LEU F 130 -40.89 39.36 24.42
C LEU F 130 -40.94 39.78 22.96
N LEU F 131 -41.92 40.61 22.59
CA LEU F 131 -42.01 41.10 21.22
C LEU F 131 -40.77 41.92 20.84
N HIS F 132 -40.33 42.80 21.74
CA HIS F 132 -39.17 43.63 21.43
C HIS F 132 -37.92 42.80 21.22
N THR F 133 -37.67 41.83 22.11
CA THR F 133 -36.47 41.02 21.96
C THR F 133 -36.57 40.08 20.77
N LEU F 134 -37.78 39.62 20.42
CA LEU F 134 -37.93 38.81 19.21
C LEU F 134 -37.62 39.63 17.96
N ILE F 135 -38.09 40.87 17.92
CA ILE F 135 -37.78 41.72 16.77
C ILE F 135 -36.30 42.05 16.73
N PHE F 136 -35.68 42.24 17.90
CA PHE F 136 -34.23 42.48 17.93
C PHE F 136 -33.46 41.27 17.39
N LEU F 137 -33.86 40.06 17.78
CA LEU F 137 -33.22 38.86 17.26
C LEU F 137 -33.44 38.71 15.76
N ALA F 138 -34.65 39.03 15.29
CA ALA F 138 -34.93 38.98 13.86
C ALA F 138 -34.05 39.96 13.10
N CYS F 139 -33.88 41.17 13.63
CA CYS F 139 -32.98 42.14 12.99
C CYS F 139 -31.55 41.65 12.99
N SER F 140 -31.12 41.02 14.09
CA SER F 140 -29.75 40.51 14.17
C SER F 140 -29.51 39.41 13.15
N ASN F 141 -30.47 38.50 12.97
CA ASN F 141 -30.31 37.36 12.08
C ASN F 141 -30.86 37.62 10.68
N PHE F 142 -31.30 38.84 10.38
CA PHE F 142 -31.80 39.16 9.05
C PHE F 142 -30.80 38.81 7.96
N TRP F 143 -29.56 39.28 8.11
CA TRP F 143 -28.57 39.04 7.05
C TRP F 143 -28.17 37.56 6.99
N PHE F 144 -28.14 36.87 8.13
CA PHE F 144 -27.80 35.45 8.12
C PHE F 144 -28.90 34.60 7.50
N LYS F 145 -30.16 35.01 7.62
CA LYS F 145 -31.27 34.23 7.08
C LYS F 145 -31.78 34.75 5.74
N PHE F 146 -31.16 35.79 5.19
CA PHE F 146 -31.54 36.30 3.88
C PHE F 146 -30.65 35.63 2.84
N PRO F 147 -31.19 34.80 1.95
CA PRO F 147 -30.32 34.02 1.05
C PRO F 147 -29.40 34.86 0.19
N ARG F 148 -29.88 36.01 -0.31
CA ARG F 148 -29.09 36.84 -1.21
C ARG F 148 -27.79 37.31 -0.56
N THR F 149 -27.76 37.39 0.76
CA THR F 149 -26.52 37.67 1.49
C THR F 149 -25.99 36.48 2.27
N SER F 150 -26.87 35.53 2.64
CA SER F 150 -26.40 34.34 3.36
C SER F 150 -25.47 33.51 2.49
N SER F 151 -25.78 33.39 1.20
CA SER F 151 -24.90 32.64 0.30
C SER F 151 -23.52 33.29 0.24
N LYS F 152 -23.48 34.62 0.10
CA LYS F 152 -22.20 35.32 0.06
C LYS F 152 -21.44 35.15 1.36
N LEU F 153 -22.14 35.24 2.50
CA LEU F 153 -21.46 35.08 3.79
C LEU F 153 -20.89 33.68 3.96
N GLU F 154 -21.65 32.66 3.58
CA GLU F 154 -21.16 31.28 3.68
C GLU F 154 -19.96 31.07 2.76
N HIS F 155 -20.03 31.58 1.53
CA HIS F 155 -18.92 31.43 0.60
C HIS F 155 -17.68 32.14 1.11
N PHE F 156 -17.85 33.34 1.68
CA PHE F 156 -16.71 34.07 2.24
C PHE F 156 -16.10 33.33 3.42
N VAL F 157 -16.95 32.75 4.29
CA VAL F 157 -16.44 31.97 5.40
C VAL F 157 -15.64 30.78 4.90
N SER F 158 -16.16 30.07 3.91
CA SER F 158 -15.45 28.91 3.37
C SER F 158 -14.12 29.32 2.75
N ILE F 159 -14.11 30.42 1.99
CA ILE F 159 -12.89 30.88 1.33
C ILE F 159 -11.85 31.28 2.38
N LEU F 160 -12.29 32.00 3.42
CA LEU F 160 -11.36 32.42 4.45
C LEU F 160 -10.80 31.23 5.22
N LEU F 161 -11.64 30.23 5.52
CA LEU F 161 -11.15 29.04 6.19
C LEU F 161 -10.14 28.29 5.32
N LYS F 162 -10.43 28.18 4.02
CA LYS F 162 -9.50 27.50 3.11
C LYS F 162 -8.18 28.24 3.00
N CYS F 163 -8.21 29.57 2.95
CA CYS F 163 -6.96 30.33 2.87
C CYS F 163 -6.20 30.25 4.19
N PHE F 164 -6.91 30.20 5.32
CA PHE F 164 -6.23 30.17 6.61
C PHE F 164 -5.57 28.82 6.86
N ASP F 165 -6.27 27.71 6.59
CA ASP F 165 -5.77 26.39 6.92
C ASP F 165 -4.80 25.83 5.88
N SER F 166 -4.69 26.47 4.73
CA SER F 166 -3.77 25.97 3.70
C SER F 166 -2.33 26.17 4.15
N PRO F 167 -1.42 25.26 3.77
CA PRO F 167 0.00 25.44 4.11
C PRO F 167 0.77 26.34 3.16
N TRP F 168 0.22 26.63 1.97
CA TRP F 168 0.94 27.46 1.02
C TRP F 168 1.11 28.89 1.52
N THR F 169 0.08 29.43 2.18
CA THR F 169 0.18 30.79 2.71
C THR F 169 1.23 30.90 3.80
N THR F 170 1.42 29.83 4.59
CA THR F 170 2.44 29.86 5.63
C THR F 170 3.82 30.08 5.04
N ARG F 171 4.17 29.31 4.00
CA ARG F 171 5.48 29.48 3.38
C ARG F 171 5.54 30.76 2.56
N ALA F 172 4.40 31.23 2.04
CA ALA F 172 4.39 32.51 1.34
C ALA F 172 4.74 33.65 2.30
N LEU F 173 4.20 33.61 3.51
CA LEU F 173 4.58 34.59 4.53
C LEU F 173 6.01 34.39 5.00
N SER F 174 6.45 33.13 5.12
CA SER F 174 7.80 32.86 5.59
C SER F 174 8.85 33.41 4.63
N GLU F 175 8.60 33.27 3.32
CA GLU F 175 9.58 33.72 2.33
C GLU F 175 9.81 35.22 2.43
N THR F 176 8.74 35.99 2.58
CA THR F 176 8.81 37.45 2.72
C THR F 176 9.61 38.10 1.57
N GLY F 230 12.83 26.09 -3.84
CA GLY F 230 11.52 25.78 -3.29
C GLY F 230 11.05 24.38 -3.62
N VAL F 231 10.44 23.71 -2.65
CA VAL F 231 9.93 22.37 -2.80
C VAL F 231 8.46 22.37 -2.42
N LEU F 232 7.62 21.79 -3.27
CA LEU F 232 6.17 21.75 -3.03
C LEU F 232 5.62 20.42 -3.52
N ASP F 233 4.53 19.99 -2.89
CA ASP F 233 3.88 18.74 -3.25
C ASP F 233 2.82 18.99 -4.33
N LYS F 234 2.61 17.97 -5.17
CA LYS F 234 1.65 18.09 -6.26
C LYS F 234 0.24 18.30 -5.73
N LYS F 235 -0.14 17.55 -4.70
CA LYS F 235 -1.45 17.75 -4.07
C LYS F 235 -1.55 19.16 -3.49
N GLU F 236 -0.50 19.63 -2.83
CA GLU F 236 -0.49 20.99 -2.32
C GLU F 236 -0.58 21.99 -3.47
N GLY F 237 0.12 21.73 -4.57
CA GLY F 237 0.07 22.65 -5.70
C GLY F 237 -1.31 22.76 -6.31
N GLU F 238 -1.97 21.62 -6.52
CA GLU F 238 -3.32 21.67 -7.09
C GLU F 238 -4.32 22.29 -6.13
N GLN F 239 -4.17 22.00 -4.83
CA GLN F 239 -5.05 22.63 -3.83
C GLN F 239 -4.86 24.14 -3.83
N ALA F 240 -3.62 24.61 -3.90
CA ALA F 240 -3.36 26.05 -3.91
C ALA F 240 -3.88 26.69 -5.19
N LYS F 241 -3.75 26.01 -6.33
CA LYS F 241 -4.29 26.54 -7.57
C LYS F 241 -5.81 26.67 -7.50
N ALA F 242 -6.48 25.64 -6.96
CA ALA F 242 -7.93 25.72 -6.78
C ALA F 242 -8.30 26.85 -5.83
N LEU F 243 -7.55 27.03 -4.75
CA LEU F 243 -7.82 28.12 -3.83
C LEU F 243 -7.65 29.47 -4.50
N PHE F 244 -6.60 29.62 -5.31
CA PHE F 244 -6.37 30.91 -5.98
C PHE F 244 -7.49 31.23 -6.95
N GLU F 245 -7.90 30.24 -7.76
CA GLU F 245 -8.97 30.51 -8.72
C GLU F 245 -10.30 30.78 -8.01
N LYS F 246 -10.56 30.06 -6.91
CA LYS F 246 -11.77 30.33 -6.14
C LYS F 246 -11.74 31.73 -5.54
N VAL F 247 -10.58 32.16 -5.03
CA VAL F 247 -10.48 33.49 -4.45
C VAL F 247 -10.71 34.55 -5.53
N LYS F 248 -10.12 34.36 -6.71
CA LYS F 248 -10.29 35.35 -7.77
C LYS F 248 -11.76 35.43 -8.22
N LYS F 249 -12.39 34.28 -8.44
CA LYS F 249 -13.79 34.30 -8.88
C LYS F 249 -14.71 34.87 -7.80
N PHE F 250 -14.44 34.54 -6.54
CA PHE F 250 -15.25 35.07 -5.45
C PHE F 250 -15.10 36.58 -5.33
N ARG F 251 -13.86 37.09 -5.44
CA ARG F 251 -13.66 38.54 -5.41
C ARG F 251 -14.38 39.22 -6.56
N THR F 252 -14.28 38.65 -7.76
CA THR F 252 -14.96 39.23 -8.91
C THR F 252 -16.48 39.25 -8.70
N HIS F 253 -17.02 38.17 -8.15
CA HIS F 253 -18.47 38.09 -7.92
C HIS F 253 -18.93 39.05 -6.83
N VAL F 254 -18.13 39.24 -5.79
CA VAL F 254 -18.58 39.96 -4.61
C VAL F 254 -18.35 41.46 -4.71
N GLU F 255 -17.27 41.90 -5.37
CA GLU F 255 -16.93 43.32 -5.39
C GLU F 255 -18.03 44.18 -6.00
N GLU F 256 -18.90 43.62 -6.82
CA GLU F 256 -19.93 44.38 -7.52
C GLU F 256 -21.31 44.24 -6.88
N GLY F 257 -21.42 43.57 -5.74
CA GLY F 257 -22.71 43.37 -5.10
C GLY F 257 -23.22 44.60 -4.36
N ASP F 258 -22.48 45.02 -3.34
CA ASP F 258 -22.82 46.17 -2.50
C ASP F 258 -24.20 46.03 -1.88
N ILE F 259 -24.52 44.83 -1.40
CA ILE F 259 -25.76 44.58 -0.70
C ILE F 259 -25.54 44.32 0.79
N VAL F 260 -24.43 43.70 1.19
CA VAL F 260 -24.20 43.40 2.59
C VAL F 260 -24.02 44.68 3.40
N TYR F 261 -23.29 45.65 2.84
CA TYR F 261 -23.01 46.89 3.58
C TYR F 261 -24.30 47.66 3.85
N ARG F 262 -25.13 47.83 2.83
CA ARG F 262 -26.37 48.58 3.02
C ARG F 262 -27.36 47.81 3.90
N LEU F 263 -27.37 46.49 3.80
CA LEU F 263 -28.23 45.69 4.68
C LEU F 263 -27.81 45.85 6.14
N TYR F 264 -26.50 45.84 6.40
CA TYR F 264 -26.01 46.05 7.75
C TYR F 264 -26.35 47.45 8.25
N MET F 265 -26.22 48.45 7.36
CA MET F 265 -26.61 49.81 7.73
C MET F 265 -28.09 49.90 8.07
N ARG F 266 -28.94 49.23 7.29
CA ARG F 266 -30.37 49.22 7.58
C ARG F 266 -30.65 48.55 8.92
N GLN F 267 -29.98 47.43 9.20
CA GLN F 267 -30.17 46.77 10.49
C GLN F 267 -29.77 47.69 11.64
N THR F 268 -28.62 48.36 11.50
CA THR F 268 -28.16 49.24 12.57
C THR F 268 -29.11 50.41 12.78
N ILE F 269 -29.58 51.02 11.68
CA ILE F 269 -30.49 52.16 11.81
C ILE F 269 -31.81 51.72 12.43
N ILE F 270 -32.34 50.57 12.00
CA ILE F 270 -33.59 50.07 12.57
C ILE F 270 -33.42 49.81 14.07
N LYS F 271 -32.30 49.18 14.45
CA LYS F 271 -32.07 48.91 15.87
C LYS F 271 -31.97 50.19 16.67
N VAL F 272 -31.26 51.20 16.13
CA VAL F 272 -31.09 52.46 16.86
C VAL F 272 -32.43 53.17 17.04
N ILE F 273 -33.23 53.25 15.98
CA ILE F 273 -34.49 53.97 16.09
C ILE F 273 -35.47 53.21 16.99
N LYS F 274 -35.47 51.87 16.91
CA LYS F 274 -36.32 51.09 17.80
C LYS F 274 -35.89 51.27 19.24
N PHE F 275 -34.58 51.27 19.51
CA PHE F 275 -34.09 51.51 20.86
C PHE F 275 -34.51 52.87 21.37
N ALA F 276 -34.42 53.91 20.51
CA ALA F 276 -34.81 55.24 20.93
C ALA F 276 -36.30 55.31 21.28
N LEU F 277 -37.16 54.79 20.40
CA LEU F 277 -38.59 54.85 20.66
C LEU F 277 -38.97 54.01 21.88
N ILE F 278 -38.36 52.83 22.01
CA ILE F 278 -38.64 51.96 23.16
C ILE F 278 -38.22 52.65 24.45
N ILE F 279 -37.04 53.26 24.46
CA ILE F 279 -36.59 53.97 25.66
C ILE F 279 -37.55 55.08 26.01
N CYS F 280 -37.94 55.89 25.02
CA CYS F 280 -38.84 57.00 25.30
C CYS F 280 -40.15 56.51 25.89
N TYR F 281 -40.82 55.57 25.22
CA TYR F 281 -42.15 55.16 25.65
C TYR F 281 -42.09 54.37 26.96
N THR F 282 -41.09 53.50 27.12
CA THR F 282 -40.99 52.72 28.34
C THR F 282 -40.65 53.59 29.54
N VAL F 283 -39.75 54.56 29.38
CA VAL F 283 -39.43 55.46 30.49
C VAL F 283 -40.64 56.32 30.83
N TYR F 284 -41.40 56.74 29.81
CA TYR F 284 -42.56 57.59 30.10
C TYR F 284 -43.70 56.79 30.75
N TYR F 285 -43.79 55.49 30.47
CA TYR F 285 -44.91 54.71 30.97
C TYR F 285 -44.57 53.80 32.15
N VAL F 286 -43.29 53.73 32.55
CA VAL F 286 -42.95 52.90 33.70
C VAL F 286 -43.47 53.50 34.99
N HIS F 287 -43.74 54.80 35.00
CA HIS F 287 -44.33 55.44 36.17
C HIS F 287 -45.81 55.13 36.32
N ASN F 288 -46.42 54.49 35.33
CA ASN F 288 -47.85 54.18 35.36
C ASN F 288 -48.14 52.83 36.01
N ILE F 289 -47.13 52.15 36.56
CA ILE F 289 -47.32 50.93 37.33
C ILE F 289 -46.89 51.21 38.75
N LYS F 290 -47.76 50.89 39.71
CA LYS F 290 -47.53 51.25 41.09
C LYS F 290 -48.32 50.33 42.00
N PHE F 291 -47.90 50.25 43.27
CA PHE F 291 -48.56 49.38 44.22
C PHE F 291 -49.97 49.87 44.52
N ASP F 292 -50.12 51.16 44.83
CA ASP F 292 -51.42 51.73 45.16
C ASP F 292 -52.09 52.26 43.90
N VAL F 293 -53.19 51.62 43.52
CA VAL F 293 -53.98 52.01 42.35
C VAL F 293 -55.42 52.18 42.79
N ASP F 294 -56.01 53.33 42.46
CA ASP F 294 -57.40 53.61 42.81
C ASP F 294 -58.32 53.08 41.71
N CYS F 295 -59.28 52.25 42.10
CA CYS F 295 -60.19 51.59 41.18
C CYS F 295 -61.57 52.21 41.28
N THR F 296 -62.14 52.60 40.14
CA THR F 296 -63.50 53.11 40.05
C THR F 296 -64.14 52.45 38.82
N VAL F 297 -64.73 51.27 39.02
CA VAL F 297 -65.28 50.49 37.92
C VAL F 297 -66.80 50.63 37.79
N ASP F 298 -67.45 51.30 38.74
CA ASP F 298 -68.89 51.59 38.67
C ASP F 298 -69.72 50.30 38.66
N ILE F 299 -69.57 49.53 39.73
CA ILE F 299 -70.42 48.36 39.95
C ILE F 299 -71.00 48.43 41.35
N GLU F 300 -72.20 48.99 41.48
CA GLU F 300 -72.86 49.10 42.78
C GLU F 300 -74.04 48.14 42.92
N SER F 301 -74.57 47.63 41.82
CA SER F 301 -75.67 46.67 41.89
C SER F 301 -75.24 45.33 42.45
N LEU F 302 -73.94 45.03 42.45
CA LEU F 302 -73.42 43.78 42.97
C LEU F 302 -72.71 43.90 44.31
N THR F 303 -72.09 45.03 44.59
CA THR F 303 -71.38 45.24 45.86
C THR F 303 -71.85 46.44 46.65
N GLY F 304 -72.39 47.48 46.01
CA GLY F 304 -72.89 48.64 46.71
C GLY F 304 -71.87 49.73 46.98
N TYR F 305 -70.60 49.51 46.65
CA TYR F 305 -69.57 50.51 46.85
C TYR F 305 -69.15 51.12 45.52
N ARG F 306 -68.91 52.43 45.54
CA ARG F 306 -68.58 53.16 44.32
C ARG F 306 -67.12 52.95 43.93
N THR F 307 -66.20 53.32 44.80
CA THR F 307 -64.78 53.32 44.49
C THR F 307 -64.04 52.36 45.42
N TYR F 308 -62.98 51.77 44.89
CA TYR F 308 -62.16 50.82 45.62
C TYR F 308 -60.70 51.23 45.55
N ARG F 309 -59.97 50.99 46.64
CA ARG F 309 -58.53 51.15 46.68
C ARG F 309 -57.89 49.77 46.58
N CYS F 310 -57.21 49.51 45.48
CA CYS F 310 -56.63 48.21 45.19
C CYS F 310 -55.12 48.26 45.36
N ALA F 311 -54.56 47.16 45.84
CA ALA F 311 -53.12 47.01 45.99
C ALA F 311 -52.62 45.98 44.99
N HIS F 312 -51.51 46.30 44.31
CA HIS F 312 -50.91 45.37 43.36
C HIS F 312 -49.61 44.85 43.96
N PRO F 313 -49.63 43.66 44.56
CA PRO F 313 -48.43 43.18 45.29
C PRO F 313 -47.21 43.01 44.42
N LEU F 314 -47.38 42.65 43.15
CA LEU F 314 -46.26 42.44 42.24
C LEU F 314 -45.88 43.69 41.47
N ALA F 315 -46.50 44.83 41.78
CA ALA F 315 -46.18 46.06 41.07
C ALA F 315 -44.73 46.47 41.28
N THR F 316 -44.20 46.29 42.49
CA THR F 316 -42.81 46.63 42.75
C THR F 316 -41.86 45.73 41.98
N LEU F 317 -42.14 44.43 41.94
CA LEU F 317 -41.28 43.51 41.21
C LEU F 317 -41.34 43.76 39.70
N PHE F 318 -42.54 44.04 39.19
CA PHE F 318 -42.67 44.39 37.78
C PHE F 318 -41.97 45.69 37.46
N LYS F 319 -42.01 46.67 38.37
CA LYS F 319 -41.29 47.92 38.16
C LYS F 319 -39.78 47.67 38.14
N ILE F 320 -39.29 46.80 39.02
CA ILE F 320 -37.86 46.48 39.03
C ILE F 320 -37.47 45.79 37.74
N LEU F 321 -38.29 44.84 37.27
CA LEU F 321 -38.00 44.16 36.01
C LEU F 321 -38.04 45.13 34.84
N ALA F 322 -38.98 46.07 34.85
CA ALA F 322 -39.04 47.07 33.78
C ALA F 322 -37.82 47.97 33.81
N SER F 323 -37.36 48.37 34.99
CA SER F 323 -36.15 49.20 35.08
C SER F 323 -34.93 48.42 34.59
N PHE F 324 -34.83 47.14 34.94
CA PHE F 324 -33.71 46.34 34.47
C PHE F 324 -33.75 46.18 32.96
N TYR F 325 -34.95 45.98 32.40
CA TYR F 325 -35.09 45.90 30.95
C TYR F 325 -34.73 47.24 30.29
N ILE F 326 -35.07 48.35 30.94
CA ILE F 326 -34.69 49.66 30.41
C ILE F 326 -33.18 49.80 30.39
N SER F 327 -32.50 49.37 31.46
CA SER F 327 -31.05 49.42 31.49
C SER F 327 -30.44 48.54 30.40
N LEU F 328 -31.01 47.34 30.20
CA LEU F 328 -30.52 46.46 29.15
C LEU F 328 -30.72 47.07 27.78
N VAL F 329 -31.87 47.73 27.57
CA VAL F 329 -32.12 48.40 26.29
C VAL F 329 -31.17 49.57 26.11
N ILE F 330 -30.82 50.28 27.18
CA ILE F 330 -29.86 51.36 27.08
C ILE F 330 -28.50 50.81 26.65
N PHE F 331 -28.08 49.70 27.24
CA PHE F 331 -26.82 49.08 26.83
C PHE F 331 -26.87 48.63 25.38
N TYR F 332 -27.99 48.01 24.97
CA TYR F 332 -28.15 47.56 23.59
C TYR F 332 -28.08 48.73 22.63
N GLY F 333 -28.75 49.84 22.96
CA GLY F 333 -28.73 51.00 22.09
C GLY F 333 -27.37 51.67 22.03
N LEU F 334 -26.66 51.72 23.15
CA LEU F 334 -25.30 52.26 23.14
C LEU F 334 -24.38 51.39 22.28
N ILE F 335 -24.54 50.07 22.35
CA ILE F 335 -23.77 49.18 21.49
C ILE F 335 -24.11 49.41 20.02
N CYS F 336 -25.40 49.58 19.71
CA CYS F 336 -25.79 49.83 18.33
C CYS F 336 -25.29 51.17 17.84
N MET F 337 -25.26 52.18 18.72
CA MET F 337 -24.71 53.48 18.34
C MET F 337 -23.21 53.41 18.13
N TYR F 338 -22.51 52.61 18.94
CA TYR F 338 -21.08 52.39 18.69
C TYR F 338 -20.87 51.73 17.34
N THR F 339 -21.71 50.74 17.00
CA THR F 339 -21.61 50.12 15.68
C THR F 339 -21.88 51.13 14.57
N LEU F 340 -22.90 51.97 14.74
CA LEU F 340 -23.20 52.99 13.74
C LEU F 340 -22.04 53.96 13.55
N TRP F 341 -21.45 54.40 14.66
CA TRP F 341 -20.28 55.29 14.57
C TRP F 341 -19.12 54.59 13.88
N TRP F 342 -18.91 53.31 14.19
CA TRP F 342 -17.83 52.57 13.54
C TRP F 342 -18.09 52.38 12.05
N MET F 343 -19.35 52.36 11.62
CA MET F 343 -19.66 52.21 10.21
C MET F 343 -19.63 53.53 9.45
N LEU F 344 -19.55 54.67 10.13
CA LEU F 344 -19.58 55.98 9.48
C LEU F 344 -18.35 56.81 9.81
N ARG F 345 -17.27 56.19 10.26
CA ARG F 345 -16.06 56.91 10.62
C ARG F 345 -14.91 56.70 9.63
N ARG F 346 -14.70 55.47 9.15
CA ARG F 346 -13.58 55.16 8.28
C ARG F 346 -13.99 54.85 6.85
N SER F 347 -15.25 55.05 6.48
CA SER F 347 -15.74 54.81 5.12
C SER F 347 -15.45 53.36 4.70
N LEU F 348 -16.18 52.45 5.35
CA LEU F 348 -15.94 51.01 5.24
C LEU F 348 -16.11 50.50 3.81
N LYS F 349 -16.50 51.37 2.88
CA LYS F 349 -16.57 50.99 1.48
C LYS F 349 -15.20 50.72 0.89
N LYS F 350 -14.13 51.20 1.54
CA LYS F 350 -12.77 51.12 1.01
C LYS F 350 -11.84 50.53 2.05
N TYR F 351 -10.98 49.62 1.63
CA TYR F 351 -9.90 49.08 2.45
C TYR F 351 -8.56 49.51 1.85
N SER F 352 -7.74 50.17 2.66
CA SER F 352 -6.46 50.67 2.17
C SER F 352 -5.50 49.52 1.87
N PHE F 353 -5.41 48.55 2.79
CA PHE F 353 -4.63 47.33 2.60
C PHE F 353 -3.14 47.61 2.44
N GLU F 354 -2.71 48.82 2.79
CA GLU F 354 -1.32 49.21 2.55
C GLU F 354 -0.34 48.55 3.52
N SER F 355 -0.70 48.47 4.81
CA SER F 355 0.23 47.97 5.80
C SER F 355 0.57 46.50 5.56
N ILE F 356 -0.43 45.68 5.25
CA ILE F 356 -0.20 44.26 5.06
C ILE F 356 0.69 44.02 3.85
N ARG F 357 0.43 44.74 2.76
CA ARG F 357 1.21 44.53 1.55
C ARG F 357 2.63 45.07 1.71
N GLU F 358 2.80 46.17 2.44
CA GLU F 358 4.14 46.74 2.59
C GLU F 358 4.98 45.92 3.56
N GLU F 359 4.37 45.32 4.58
CA GLU F 359 5.12 44.55 5.55
C GLU F 359 5.38 43.12 5.09
N SER F 360 4.69 42.65 4.04
CA SER F 360 4.89 41.30 3.52
C SER F 360 5.64 41.27 2.21
N SER F 361 6.22 42.40 1.78
CA SER F 361 6.99 42.52 0.55
C SER F 361 6.14 42.30 -0.71
N TYR F 362 4.83 42.09 -0.55
CA TYR F 362 3.93 41.94 -1.68
C TYR F 362 3.32 43.30 -2.02
N SER F 363 4.19 44.17 -2.55
CA SER F 363 3.81 45.58 -2.73
C SER F 363 2.67 45.73 -3.74
N ASP F 364 2.51 44.79 -4.66
CA ASP F 364 1.48 44.91 -5.70
C ASP F 364 0.21 44.14 -5.30
N ILE F 365 -0.35 44.54 -4.16
CA ILE F 365 -1.64 44.03 -3.71
C ILE F 365 -2.68 45.12 -3.95
N PRO F 366 -3.66 44.88 -4.82
CA PRO F 366 -4.67 45.92 -5.09
C PRO F 366 -5.53 46.20 -3.88
N ASP F 367 -5.96 47.44 -3.77
CA ASP F 367 -6.84 47.85 -2.69
C ASP F 367 -8.24 47.30 -2.91
N VAL F 368 -8.90 46.87 -1.83
CA VAL F 368 -10.19 46.21 -1.95
C VAL F 368 -11.29 47.24 -2.15
N LYS F 369 -12.23 46.92 -3.03
CA LYS F 369 -13.35 47.80 -3.36
C LYS F 369 -14.55 47.49 -2.44
N ASN F 370 -15.71 48.02 -2.77
CA ASN F 370 -16.89 47.91 -1.94
C ASN F 370 -17.43 46.48 -1.89
N ASP F 371 -18.12 46.17 -0.78
CA ASP F 371 -18.81 44.91 -0.53
C ASP F 371 -17.84 43.78 -0.25
N PHE F 372 -16.54 44.05 -0.41
CA PHE F 372 -15.50 43.13 0.02
C PHE F 372 -14.55 43.76 1.01
N ALA F 373 -14.49 45.09 1.09
CA ALA F 373 -13.75 45.75 2.15
C ALA F 373 -14.51 45.72 3.47
N PHE F 374 -15.85 45.68 3.41
CA PHE F 374 -16.65 45.61 4.63
C PHE F 374 -16.47 44.26 5.32
N MET F 375 -16.47 43.17 4.56
CA MET F 375 -16.24 41.86 5.14
C MET F 375 -14.86 41.76 5.75
N LEU F 376 -13.86 42.33 5.08
CA LEU F 376 -12.51 42.34 5.64
C LEU F 376 -12.41 43.22 6.88
N HIS F 377 -13.19 44.31 6.93
CA HIS F 377 -13.26 45.11 8.14
C HIS F 377 -13.87 44.31 9.29
N LEU F 378 -14.91 43.53 9.01
CA LEU F 378 -15.47 42.66 10.02
C LEU F 378 -14.43 41.65 10.50
N ILE F 379 -13.67 41.09 9.57
CA ILE F 379 -12.64 40.12 9.94
C ILE F 379 -11.57 40.78 10.81
N ASP F 380 -11.16 42.00 10.45
CA ASP F 380 -10.18 42.73 11.26
C ASP F 380 -10.72 43.00 12.65
N GLN F 381 -12.00 43.34 12.75
CA GLN F 381 -12.62 43.47 14.07
C GLN F 381 -12.55 42.16 14.84
N TYR F 382 -12.77 41.04 14.16
CA TYR F 382 -12.61 39.74 14.80
C TYR F 382 -11.13 39.41 15.00
N ASP F 383 -10.37 39.29 13.90
CA ASP F 383 -8.94 38.99 13.98
C ASP F 383 -8.22 39.44 12.72
N PRO F 384 -7.27 40.36 12.83
CA PRO F 384 -6.49 40.77 11.65
C PRO F 384 -5.66 39.64 11.06
N LEU F 385 -5.39 38.57 11.81
CA LEU F 385 -4.56 37.49 11.31
C LEU F 385 -5.19 36.79 10.11
N TYR F 386 -6.52 36.65 10.09
CA TYR F 386 -7.17 36.04 8.94
C TYR F 386 -7.00 36.88 7.69
N SER F 387 -7.14 38.20 7.82
CA SER F 387 -6.88 39.08 6.68
C SER F 387 -5.43 39.02 6.24
N LYS F 388 -4.51 38.91 7.20
CA LYS F 388 -3.09 38.76 6.88
C LYS F 388 -2.84 37.50 6.07
N ARG F 389 -3.46 36.38 6.47
CA ARG F 389 -3.28 35.13 5.74
C ARG F 389 -4.01 35.14 4.40
N PHE F 390 -5.06 35.95 4.27
CA PHE F 390 -5.80 36.02 3.02
C PHE F 390 -5.17 36.97 2.01
N ALA F 391 -4.37 37.95 2.48
CA ALA F 391 -3.78 38.92 1.57
C ALA F 391 -2.85 38.27 0.55
N VAL F 392 -2.17 37.19 0.93
CA VAL F 392 -1.20 36.58 0.02
C VAL F 392 -1.84 35.91 -1.18
N PHE F 393 -3.16 35.81 -1.22
CA PHE F 393 -3.88 35.29 -2.37
C PHE F 393 -4.31 36.41 -3.32
N LEU F 394 -3.88 37.64 -3.07
CA LEU F 394 -4.16 38.76 -3.95
C LEU F 394 -2.92 39.63 -4.17
N SER F 395 -1.77 39.03 -4.41
CA SER F 395 -0.51 39.75 -4.51
C SER F 395 0.03 39.88 -5.92
N GLU F 396 -0.56 39.16 -6.89
CA GLU F 396 -0.15 39.18 -8.29
C GLU F 396 1.27 38.64 -8.47
N VAL F 397 1.87 38.14 -7.39
CA VAL F 397 3.18 37.50 -7.43
C VAL F 397 3.11 36.06 -6.94
N SER F 398 2.34 35.83 -5.86
CA SER F 398 2.15 34.46 -5.38
C SER F 398 1.53 33.58 -6.45
N GLU F 399 0.70 34.14 -7.32
CA GLU F 399 0.17 33.38 -8.45
C GLU F 399 1.29 32.89 -9.35
N ASN F 400 2.25 33.78 -9.68
CA ASN F 400 3.38 33.39 -10.52
C ASN F 400 4.24 32.34 -9.82
N LYS F 401 4.49 32.50 -8.53
CA LYS F 401 5.29 31.52 -7.81
C LYS F 401 4.61 30.16 -7.78
N LEU F 402 3.29 30.14 -7.53
CA LEU F 402 2.55 28.89 -7.53
C LEU F 402 2.55 28.23 -8.90
N ARG F 403 2.40 29.03 -9.96
CA ARG F 403 2.45 28.48 -11.31
C ARG F 403 3.82 27.88 -11.60
N GLN F 404 4.89 28.56 -11.18
CA GLN F 404 6.23 28.04 -11.39
C GLN F 404 6.42 26.73 -10.65
N LEU F 405 5.96 26.64 -9.41
CA LEU F 405 6.07 25.39 -8.66
C LEU F 405 5.24 24.28 -9.30
N ASN F 406 4.05 24.63 -9.79
CA ASN F 406 3.20 23.63 -10.43
C ASN F 406 3.84 23.09 -11.70
N LEU F 407 4.44 23.96 -12.51
CA LEU F 407 5.09 23.48 -13.73
C LEU F 407 6.38 22.73 -13.42
N ASN F 408 7.03 23.07 -12.30
CA ASN F 408 8.16 22.26 -11.84
C ASN F 408 7.70 20.85 -11.47
N ASN F 409 6.59 20.74 -10.76
CA ASN F 409 6.13 19.44 -10.29
C ASN F 409 5.57 18.59 -11.43
N GLU F 410 4.78 19.19 -12.32
CA GLU F 410 4.06 18.42 -13.33
C GLU F 410 5.02 17.84 -14.36
N TRP F 411 5.98 18.63 -14.82
CA TRP F 411 6.93 18.17 -15.85
C TRP F 411 7.91 17.20 -15.20
N THR F 412 7.67 15.91 -15.40
CA THR F 412 8.56 14.88 -14.88
C THR F 412 9.79 14.74 -15.79
N LEU F 413 10.76 13.96 -15.30
CA LEU F 413 11.97 13.73 -16.08
C LEU F 413 11.67 12.91 -17.33
N ASP F 414 10.74 11.95 -17.24
CA ASP F 414 10.45 11.09 -18.39
C ASP F 414 9.80 11.88 -19.52
N LYS F 415 8.94 12.84 -19.19
CA LYS F 415 8.33 13.67 -20.23
C LYS F 415 9.39 14.48 -20.97
N LEU F 416 10.35 15.04 -20.22
CA LEU F 416 11.44 15.79 -20.86
C LEU F 416 12.30 14.88 -21.70
N ARG F 417 12.57 13.66 -21.23
CA ARG F 417 13.34 12.70 -22.01
C ARG F 417 12.64 12.36 -23.31
N GLN F 418 11.32 12.18 -23.26
CA GLN F 418 10.55 11.97 -24.49
C GLN F 418 10.51 13.22 -25.35
N ARG F 419 10.69 14.39 -24.76
CA ARG F 419 10.76 15.64 -25.52
C ARG F 419 12.15 15.91 -26.10
N LEU F 420 13.13 15.07 -25.80
CA LEU F 420 14.48 15.27 -26.31
C LEU F 420 14.50 15.11 -27.83
N THR F 421 15.26 15.97 -28.48
CA THR F 421 15.38 15.99 -29.93
C THR F 421 16.85 16.03 -30.33
N LYS F 422 17.16 15.44 -31.48
CA LYS F 422 18.49 15.52 -32.07
C LYS F 422 18.43 16.46 -33.27
N ASN F 423 19.12 17.59 -33.17
CA ASN F 423 19.09 18.59 -34.22
C ASN F 423 20.01 18.19 -35.37
N ALA F 424 20.18 19.11 -36.33
CA ALA F 424 21.04 18.85 -37.47
C ALA F 424 22.51 18.71 -37.09
N GLN F 425 22.91 19.19 -35.91
CA GLN F 425 24.28 19.07 -35.44
C GLN F 425 24.48 17.85 -34.55
N ASP F 426 23.48 16.97 -34.44
CA ASP F 426 23.57 15.74 -33.65
C ASP F 426 23.83 16.04 -32.17
N LYS F 427 22.98 16.88 -31.58
CA LYS F 427 23.04 17.18 -30.16
C LYS F 427 21.66 17.06 -29.55
N LEU F 428 21.61 16.65 -28.29
CA LEU F 428 20.35 16.46 -27.59
C LEU F 428 19.68 17.81 -27.34
N GLU F 429 18.57 18.04 -28.05
CA GLU F 429 17.85 19.31 -27.96
C GLU F 429 16.58 19.15 -27.15
N LEU F 430 16.37 20.07 -26.22
CA LEU F 430 15.14 20.12 -25.41
C LEU F 430 14.49 21.49 -25.65
N HIS F 431 13.35 21.49 -26.32
CA HIS F 431 12.70 22.72 -26.76
C HIS F 431 11.60 23.11 -25.77
N LEU F 432 11.66 24.36 -25.30
CA LEU F 432 10.66 24.92 -24.42
C LEU F 432 9.99 26.10 -25.12
N PHE F 433 8.67 26.02 -25.30
CA PHE F 433 7.91 27.04 -26.01
C PHE F 433 6.58 27.25 -25.30
N MET F 434 6.16 28.52 -25.21
CA MET F 434 4.90 28.89 -24.58
C MET F 434 4.83 28.42 -23.13
N LEU F 435 5.88 28.74 -22.36
CA LEU F 435 5.93 28.45 -20.94
C LEU F 435 6.21 29.73 -20.17
N SER F 436 5.49 29.90 -19.07
CA SER F 436 5.69 31.09 -18.24
C SER F 436 7.09 31.11 -17.64
N GLY F 437 7.57 29.96 -17.17
CA GLY F 437 8.89 29.88 -16.58
C GLY F 437 9.57 28.58 -16.96
N ILE F 438 10.88 28.53 -16.68
CA ILE F 438 11.68 27.35 -16.97
C ILE F 438 11.44 26.30 -15.90
N PRO F 439 10.96 25.11 -16.26
CA PRO F 439 10.82 24.05 -15.26
C PRO F 439 12.17 23.68 -14.66
N ASP F 440 12.18 23.37 -13.37
CA ASP F 440 13.42 23.00 -12.70
C ASP F 440 13.81 21.55 -12.99
N THR F 441 12.89 20.76 -13.54
CA THR F 441 13.21 19.37 -13.87
C THR F 441 14.16 19.27 -15.06
N VAL F 442 14.19 20.28 -15.93
CA VAL F 442 15.08 20.23 -17.08
C VAL F 442 16.54 20.29 -16.65
N PHE F 443 16.83 20.77 -15.45
CA PHE F 443 18.18 20.82 -14.92
C PHE F 443 18.59 19.53 -14.20
N ASP F 444 17.84 18.45 -14.42
CA ASP F 444 18.20 17.14 -13.89
C ASP F 444 18.82 16.22 -14.94
N LEU F 445 18.57 16.47 -16.22
CA LEU F 445 19.12 15.66 -17.31
C LEU F 445 20.39 16.33 -17.80
N VAL F 446 21.54 15.90 -17.27
CA VAL F 446 22.81 16.50 -17.62
C VAL F 446 23.23 16.22 -19.05
N GLU F 447 22.54 15.31 -19.73
CA GLU F 447 22.84 14.99 -21.12
C GLU F 447 22.36 16.06 -22.10
N LEU F 448 21.64 17.08 -21.62
CA LEU F 448 21.20 18.15 -22.50
C LEU F 448 22.41 18.89 -23.08
N GLU F 449 22.33 19.19 -24.37
CA GLU F 449 23.42 19.82 -25.08
C GLU F 449 23.05 21.20 -25.61
N VAL F 450 21.89 21.34 -26.25
CA VAL F 450 21.41 22.62 -26.76
C VAL F 450 20.04 22.88 -26.19
N LEU F 451 19.85 24.06 -25.58
CA LEU F 451 18.61 24.45 -24.94
C LEU F 451 18.02 25.65 -25.65
N LYS F 452 16.76 25.54 -26.07
CA LYS F 452 16.05 26.61 -26.75
C LYS F 452 14.93 27.13 -25.86
N LEU F 453 14.92 28.45 -25.65
CA LEU F 453 13.89 29.11 -24.87
C LEU F 453 13.17 30.12 -25.75
N GLU F 454 11.84 30.03 -25.78
CA GLU F 454 11.04 30.92 -26.62
C GLU F 454 9.85 31.43 -25.80
N LEU F 455 9.76 32.75 -25.65
CA LEU F 455 8.69 33.41 -24.91
C LEU F 455 8.55 32.83 -23.50
N ILE F 456 9.61 33.01 -22.72
CA ILE F 456 9.60 32.62 -21.31
C ILE F 456 9.64 33.89 -20.49
N PRO F 457 8.50 34.53 -20.23
CA PRO F 457 8.51 35.86 -19.62
C PRO F 457 8.98 35.85 -18.17
N ASP F 458 9.63 36.97 -17.79
CA ASP F 458 10.05 37.29 -16.43
C ASP F 458 10.68 36.10 -15.69
N VAL F 459 11.42 35.27 -16.40
CA VAL F 459 12.07 34.11 -15.80
C VAL F 459 13.49 34.49 -15.40
N THR F 460 13.97 33.91 -14.31
CA THR F 460 15.32 34.12 -13.82
C THR F 460 16.07 32.80 -13.89
N ILE F 461 17.30 32.84 -14.36
CA ILE F 461 18.11 31.64 -14.52
C ILE F 461 18.46 31.11 -13.13
N PRO F 462 18.03 29.89 -12.79
CA PRO F 462 18.32 29.35 -11.45
C PRO F 462 19.78 29.00 -11.30
N PRO F 463 20.31 29.00 -10.09
CA PRO F 463 21.68 28.53 -9.87
C PRO F 463 21.87 27.06 -10.23
N SER F 464 20.79 26.29 -10.29
CA SER F 464 20.87 24.87 -10.62
C SER F 464 21.34 24.62 -12.05
N ILE F 465 21.53 25.67 -12.85
CA ILE F 465 22.01 25.49 -14.22
C ILE F 465 23.41 24.88 -14.23
N ALA F 466 24.17 25.08 -13.15
CA ALA F 466 25.50 24.49 -13.05
C ALA F 466 25.47 22.97 -13.06
N GLN F 467 24.33 22.36 -12.74
CA GLN F 467 24.22 20.90 -12.81
C GLN F 467 24.38 20.40 -14.23
N LEU F 468 23.83 21.12 -15.21
CA LEU F 468 23.88 20.71 -16.61
C LEU F 468 25.30 20.95 -17.13
N THR F 469 26.18 20.00 -16.87
CA THR F 469 27.56 20.11 -17.35
C THR F 469 27.63 20.09 -18.87
N GLY F 470 26.82 19.27 -19.51
CA GLY F 470 26.87 19.11 -20.95
C GLY F 470 26.17 20.21 -21.74
N LEU F 471 25.55 21.18 -21.06
CA LEU F 471 24.90 22.27 -21.76
C LEU F 471 25.91 23.08 -22.57
N LYS F 472 25.61 23.29 -23.84
CA LYS F 472 26.52 24.00 -24.73
C LYS F 472 25.88 25.17 -25.45
N GLU F 473 24.61 25.07 -25.83
CA GLU F 473 23.94 26.11 -26.60
C GLU F 473 22.68 26.55 -25.87
N LEU F 474 22.53 27.87 -25.74
CA LEU F 474 21.34 28.48 -25.16
C LEU F 474 20.70 29.37 -26.21
N TRP F 475 19.43 29.11 -26.52
CA TRP F 475 18.71 29.85 -27.54
C TRP F 475 17.58 30.62 -26.89
N LEU F 476 17.59 31.95 -27.04
CA LEU F 476 16.58 32.82 -26.48
C LEU F 476 15.80 33.48 -27.60
N TYR F 477 14.48 33.33 -27.57
CA TYR F 477 13.59 33.90 -28.57
C TYR F 477 12.65 34.89 -27.88
N HIS F 478 12.91 36.18 -28.06
CA HIS F 478 12.05 37.25 -27.51
C HIS F 478 11.88 37.11 -26.01
N THR F 479 12.94 36.70 -25.31
CA THR F 479 12.87 36.38 -23.89
C THR F 479 13.96 37.17 -23.15
N ALA F 480 13.54 38.17 -22.39
CA ALA F 480 14.43 38.93 -21.52
C ALA F 480 14.45 38.26 -20.15
N ALA F 481 15.51 37.50 -19.88
CA ALA F 481 15.62 36.71 -18.66
C ALA F 481 16.74 37.24 -17.77
N LYS F 482 16.56 37.08 -16.47
CA LYS F 482 17.56 37.49 -15.49
C LYS F 482 18.43 36.30 -15.10
N ILE F 483 19.61 36.60 -14.56
CA ILE F 483 20.61 35.59 -14.22
C ILE F 483 21.13 35.87 -12.82
N GLU F 484 21.70 34.83 -12.21
CA GLU F 484 22.28 34.90 -10.88
C GLU F 484 23.79 34.74 -10.96
N ALA F 485 24.47 35.18 -9.90
CA ALA F 485 25.93 35.15 -9.90
C ALA F 485 26.51 33.75 -10.11
N PRO F 486 26.06 32.71 -9.40
CA PRO F 486 26.55 31.36 -9.74
C PRO F 486 26.19 30.94 -11.15
N ALA F 487 24.96 31.24 -11.58
CA ALA F 487 24.56 30.93 -12.95
C ALA F 487 25.38 31.72 -13.95
N LEU F 488 25.65 32.99 -13.64
CA LEU F 488 26.49 33.80 -14.53
C LEU F 488 27.89 33.21 -14.65
N ALA F 489 28.48 32.79 -13.53
CA ALA F 489 29.81 32.18 -13.57
C ALA F 489 29.79 30.89 -14.38
N PHE F 490 28.77 30.05 -14.16
CA PHE F 490 28.72 28.78 -14.88
C PHE F 490 28.56 29.00 -16.38
N LEU F 491 27.73 29.96 -16.77
CA LEU F 491 27.58 30.25 -18.20
C LEU F 491 28.84 30.88 -18.78
N ARG F 492 29.54 31.70 -17.98
CA ARG F 492 30.79 32.27 -18.44
C ARG F 492 31.86 31.21 -18.64
N GLU F 493 31.83 30.14 -17.86
CA GLU F 493 32.87 29.13 -17.94
C GLU F 493 32.45 27.87 -18.69
N ASN F 494 31.21 27.78 -19.14
CA ASN F 494 30.77 26.55 -19.81
C ASN F 494 30.08 26.80 -21.15
N LEU F 495 29.30 27.86 -21.28
CA LEU F 495 28.52 28.07 -22.49
C LEU F 495 29.44 28.42 -23.66
N ARG F 496 29.04 27.98 -24.86
CA ARG F 496 29.83 28.24 -26.06
C ARG F 496 29.03 28.89 -27.18
N ALA F 497 27.74 28.57 -27.32
CA ALA F 497 26.91 29.11 -28.39
C ALA F 497 25.66 29.73 -27.81
N LEU F 498 25.27 30.89 -28.35
CA LEU F 498 24.08 31.61 -27.91
C LEU F 498 23.31 32.09 -29.13
N HIS F 499 22.01 31.81 -29.15
CA HIS F 499 21.11 32.25 -30.21
C HIS F 499 20.11 33.24 -29.61
N ILE F 500 20.05 34.44 -30.17
CA ILE F 500 19.21 35.52 -29.67
C ILE F 500 18.27 35.95 -30.78
N LYS F 501 16.97 35.81 -30.55
CA LYS F 501 15.94 36.42 -31.37
C LYS F 501 15.17 37.41 -30.51
N PHE F 502 15.14 38.67 -30.93
CA PHE F 502 14.53 39.72 -30.13
C PHE F 502 13.85 40.73 -31.04
N THR F 503 13.10 41.63 -30.42
CA THR F 503 12.43 42.71 -31.15
C THR F 503 12.59 44.06 -30.47
N ASP F 504 13.28 44.13 -29.34
CA ASP F 504 13.45 45.39 -28.63
C ASP F 504 14.75 45.33 -27.84
N ILE F 505 15.25 46.51 -27.47
CA ILE F 505 16.52 46.59 -26.74
C ILE F 505 16.42 45.90 -25.39
N LYS F 506 15.28 46.05 -24.70
CA LYS F 506 15.14 45.45 -23.38
C LYS F 506 15.12 43.93 -23.42
N GLU F 507 14.97 43.33 -24.60
CA GLU F 507 14.96 41.88 -24.75
C GLU F 507 16.35 41.28 -24.84
N ILE F 508 17.40 42.10 -24.80
CA ILE F 508 18.78 41.64 -24.89
C ILE F 508 19.38 41.63 -23.49
N PRO F 509 19.69 40.47 -22.93
CA PRO F 509 20.33 40.44 -21.60
C PRO F 509 21.67 41.16 -21.62
N LEU F 510 21.95 41.87 -20.53
CA LEU F 510 23.19 42.64 -20.43
C LEU F 510 24.39 41.76 -20.06
N TRP F 511 24.16 40.54 -19.57
CA TRP F 511 25.23 39.67 -19.13
C TRP F 511 25.77 38.77 -20.22
N ILE F 512 25.26 38.88 -21.45
CA ILE F 512 25.79 38.08 -22.55
C ILE F 512 27.21 38.50 -22.91
N TYR F 513 27.58 39.76 -22.63
CA TYR F 513 28.92 40.23 -22.94
C TYR F 513 29.98 39.59 -22.06
N SER F 514 29.68 39.30 -20.80
CA SER F 514 30.64 38.72 -19.89
C SER F 514 30.87 37.23 -20.14
N LEU F 515 30.04 36.60 -20.95
CA LEU F 515 30.20 35.17 -21.28
C LEU F 515 31.38 35.04 -22.23
N LYS F 516 32.58 34.97 -21.64
CA LYS F 516 33.80 35.03 -22.43
C LYS F 516 34.14 33.70 -23.10
N THR F 517 33.53 32.60 -22.67
CA THR F 517 33.70 31.33 -23.36
C THR F 517 32.73 31.18 -24.53
N LEU F 518 31.85 32.15 -24.74
CA LEU F 518 30.94 32.10 -25.87
C LEU F 518 31.71 32.31 -27.17
N GLU F 519 31.46 31.45 -28.16
CA GLU F 519 32.11 31.54 -29.45
C GLU F 519 31.16 31.67 -30.63
N GLU F 520 29.94 31.14 -30.53
CA GLU F 520 28.96 31.22 -31.60
C GLU F 520 27.82 32.13 -31.15
N LEU F 521 27.66 33.25 -31.85
CA LEU F 521 26.65 34.25 -31.51
C LEU F 521 25.66 34.39 -32.66
N HIS F 522 24.38 34.52 -32.32
CA HIS F 522 23.33 34.69 -33.32
C HIS F 522 22.38 35.78 -32.81
N LEU F 523 22.51 36.98 -33.37
CA LEU F 523 21.65 38.10 -33.02
C LEU F 523 20.62 38.30 -34.12
N THR F 524 19.35 38.17 -33.75
CA THR F 524 18.23 38.36 -34.68
C THR F 524 17.28 39.38 -34.10
N GLY F 525 17.18 40.53 -34.74
CA GLY F 525 16.33 41.60 -34.24
C GLY F 525 16.89 42.98 -34.48
N ASN F 526 16.02 43.96 -34.72
CA ASN F 526 16.46 45.32 -35.00
C ASN F 526 17.03 45.98 -33.77
N LEU F 527 18.22 46.59 -33.92
CA LEU F 527 18.81 47.39 -32.86
C LEU F 527 19.26 48.77 -33.31
N SER F 528 18.95 49.18 -34.54
CA SER F 528 19.32 50.50 -35.01
C SER F 528 18.49 51.56 -34.31
N ALA F 529 19.15 52.63 -33.87
CA ALA F 529 18.50 53.72 -33.16
C ALA F 529 19.01 55.06 -33.70
N GLU F 530 18.19 56.10 -33.51
CA GLU F 530 18.54 57.43 -33.95
C GLU F 530 19.52 58.05 -32.96
N ASN F 531 20.78 58.18 -33.36
CA ASN F 531 21.89 58.69 -32.55
C ASN F 531 22.14 57.85 -31.30
N ASN F 532 21.50 56.69 -31.17
CA ASN F 532 21.77 55.77 -30.08
C ASN F 532 22.20 54.40 -30.59
N ARG F 533 22.33 54.24 -31.91
CA ARG F 533 22.70 52.97 -32.48
C ARG F 533 24.14 52.61 -32.14
N TYR F 534 24.38 51.33 -31.85
CA TYR F 534 25.71 50.78 -31.62
C TYR F 534 26.40 51.39 -30.41
N ILE F 535 25.63 51.97 -29.50
CA ILE F 535 26.20 52.58 -28.31
C ILE F 535 26.18 51.63 -27.12
N VAL F 536 25.08 50.89 -26.94
CA VAL F 536 24.97 49.93 -25.85
C VAL F 536 25.58 48.61 -26.30
N ILE F 537 25.98 48.52 -27.56
CA ILE F 537 26.61 47.34 -28.12
C ILE F 537 28.12 47.39 -28.04
N ASP F 538 28.67 48.27 -27.21
CA ASP F 538 30.13 48.34 -27.06
C ASP F 538 30.69 47.15 -26.31
N GLY F 539 29.84 46.29 -25.76
CA GLY F 539 30.30 45.13 -25.03
C GLY F 539 30.83 44.01 -25.89
N LEU F 540 30.87 44.19 -27.21
CA LEU F 540 31.40 43.14 -28.08
C LEU F 540 32.89 42.92 -27.87
N ARG F 541 33.61 43.91 -27.32
CA ARG F 541 35.03 43.74 -27.05
C ARG F 541 35.27 42.63 -26.04
N GLU F 542 34.33 42.42 -25.11
CA GLU F 542 34.52 41.41 -24.07
C GLU F 542 34.49 39.99 -24.61
N LEU F 543 33.84 39.76 -25.75
CA LEU F 543 33.76 38.43 -26.34
C LEU F 543 35.10 38.12 -26.99
N LYS F 544 36.05 37.67 -26.18
CA LYS F 544 37.39 37.36 -26.68
C LYS F 544 37.38 36.10 -27.54
N ARG F 545 36.58 35.11 -27.17
CA ARG F 545 36.55 33.84 -27.87
C ARG F 545 35.50 33.80 -28.97
N LEU F 546 34.88 34.93 -29.28
CA LEU F 546 33.86 34.97 -30.33
C LEU F 546 34.47 34.64 -31.68
N LYS F 547 33.94 33.61 -32.33
CA LYS F 547 34.46 33.18 -33.62
C LYS F 547 33.36 33.15 -34.67
N VAL F 548 32.14 32.82 -34.26
CA VAL F 548 30.99 32.74 -35.17
C VAL F 548 30.02 33.85 -34.78
N LEU F 549 29.69 34.70 -35.73
CA LEU F 549 28.81 35.84 -35.51
C LEU F 549 27.77 35.93 -36.60
N ARG F 550 26.53 36.23 -36.21
CA ARG F 550 25.44 36.44 -37.15
C ARG F 550 24.63 37.64 -36.70
N LEU F 551 24.69 38.72 -37.48
CA LEU F 551 24.01 39.98 -37.14
C LEU F 551 22.85 40.17 -38.08
N LYS F 552 21.63 40.20 -37.53
CA LYS F 552 20.40 40.41 -38.28
C LYS F 552 19.64 41.56 -37.61
N SER F 553 19.96 42.80 -38.01
CA SER F 553 19.32 43.96 -37.42
C SER F 553 18.99 45.04 -38.46
N ASN F 554 18.99 44.69 -39.74
CA ASN F 554 18.73 45.63 -40.83
C ASN F 554 19.68 46.82 -40.74
N LEU F 555 20.97 46.50 -40.69
CA LEU F 555 22.02 47.50 -40.47
C LEU F 555 22.22 48.31 -41.73
N SER F 556 21.50 49.44 -41.82
CA SER F 556 21.81 50.42 -42.86
C SER F 556 23.16 51.08 -42.62
N LYS F 557 23.71 50.96 -41.42
CA LYS F 557 25.05 51.42 -41.09
C LYS F 557 25.77 50.30 -40.38
N LEU F 558 27.01 50.03 -40.80
CA LEU F 558 27.78 48.95 -40.19
C LEU F 558 28.45 49.46 -38.92
N PRO F 559 28.22 48.83 -37.77
CA PRO F 559 28.84 49.31 -36.53
C PRO F 559 30.36 49.21 -36.59
N GLN F 560 31.02 50.22 -36.02
CA GLN F 560 32.48 50.20 -35.95
C GLN F 560 32.99 49.24 -34.88
N VAL F 561 32.16 48.93 -33.87
CA VAL F 561 32.55 47.97 -32.85
C VAL F 561 32.70 46.57 -33.46
N VAL F 562 31.80 46.21 -34.38
CA VAL F 562 31.90 44.92 -35.05
C VAL F 562 33.17 44.87 -35.89
N THR F 563 33.49 45.98 -36.58
CA THR F 563 34.71 46.02 -37.38
C THR F 563 35.95 45.87 -36.51
N ASP F 564 35.95 46.51 -35.34
CA ASP F 564 37.10 46.40 -34.44
C ASP F 564 37.22 45.00 -33.83
N VAL F 565 36.08 44.36 -33.54
CA VAL F 565 36.11 43.02 -32.95
C VAL F 565 36.34 41.93 -33.97
N GLY F 566 36.17 42.22 -35.26
CA GLY F 566 36.40 41.23 -36.29
C GLY F 566 37.83 40.82 -36.50
N VAL F 567 38.79 41.49 -35.84
CA VAL F 567 40.20 41.15 -35.99
C VAL F 567 40.50 39.74 -35.51
N HIS F 568 39.61 39.14 -34.72
CA HIS F 568 39.74 37.75 -34.30
C HIS F 568 38.55 36.88 -34.69
N LEU F 569 37.50 37.43 -35.27
CA LEU F 569 36.38 36.64 -35.75
C LEU F 569 36.79 35.82 -36.98
N GLN F 570 36.05 34.75 -37.23
CA GLN F 570 36.29 33.91 -38.40
C GLN F 570 35.10 33.82 -39.34
N LYS F 571 33.89 34.14 -38.88
CA LYS F 571 32.68 34.08 -39.69
C LYS F 571 31.78 35.26 -39.35
N LEU F 572 31.11 35.80 -40.36
CA LEU F 572 30.20 36.93 -40.19
C LEU F 572 29.15 36.86 -41.29
N SER F 573 27.93 36.47 -40.94
CA SER F 573 26.81 36.43 -41.87
C SER F 573 25.81 37.52 -41.50
N ILE F 574 25.74 38.55 -42.34
CA ILE F 574 24.88 39.71 -42.10
C ILE F 574 23.64 39.55 -42.96
N ASN F 575 22.47 39.52 -42.31
CA ASN F 575 21.18 39.38 -42.99
C ASN F 575 20.36 40.63 -42.67
N ASN F 576 20.31 41.57 -43.61
CA ASN F 576 19.62 42.84 -43.40
C ASN F 576 18.17 42.82 -43.86
N GLU F 577 17.65 41.69 -44.31
CA GLU F 577 16.28 41.59 -44.82
C GLU F 577 16.03 42.58 -45.96
N GLY F 578 17.02 42.71 -46.84
CA GLY F 578 16.93 43.61 -47.97
C GLY F 578 17.40 45.03 -47.71
N THR F 579 17.72 45.37 -46.47
CA THR F 579 18.23 46.70 -46.18
C THR F 579 19.62 46.88 -46.78
N LYS F 580 19.85 48.06 -47.36
CA LYS F 580 21.15 48.35 -47.96
C LYS F 580 22.24 48.38 -46.90
N LEU F 581 23.41 47.83 -47.25
CA LEU F 581 24.54 47.74 -46.33
C LEU F 581 25.54 48.83 -46.67
N ILE F 582 25.89 49.64 -45.67
CA ILE F 582 26.88 50.69 -45.80
C ILE F 582 28.02 50.38 -44.83
N VAL F 583 29.24 50.27 -45.35
CA VAL F 583 30.39 49.91 -44.54
C VAL F 583 31.37 51.07 -44.36
N LEU F 584 31.27 52.13 -45.18
CA LEU F 584 32.15 53.30 -45.13
C LEU F 584 33.61 52.90 -44.94
N ASN F 585 34.03 51.90 -45.73
CA ASN F 585 35.42 51.44 -45.75
C ASN F 585 35.88 50.98 -44.36
N SER F 586 35.21 49.94 -43.86
CA SER F 586 35.55 49.38 -42.55
C SER F 586 35.50 47.85 -42.55
N LEU F 587 35.54 47.23 -43.72
CA LEU F 587 35.51 45.78 -43.82
C LEU F 587 36.87 45.15 -44.09
N LYS F 588 37.92 45.95 -44.28
CA LYS F 588 39.26 45.43 -44.53
C LYS F 588 40.10 45.33 -43.26
N LYS F 589 39.52 45.63 -42.11
CA LYS F 589 40.23 45.55 -40.83
C LYS F 589 40.16 44.16 -40.19
N MET F 590 39.16 43.36 -40.56
CA MET F 590 39.03 42.00 -40.04
C MET F 590 39.90 41.05 -40.89
N VAL F 591 41.21 41.11 -40.63
CA VAL F 591 42.16 40.31 -41.39
C VAL F 591 41.98 38.82 -41.13
N ASN F 592 41.63 38.44 -39.90
CA ASN F 592 41.48 37.03 -39.53
C ASN F 592 40.11 36.47 -39.86
N LEU F 593 39.22 37.27 -40.46
CA LEU F 593 37.88 36.79 -40.80
C LEU F 593 38.00 35.73 -41.89
N THR F 594 37.82 34.46 -41.52
CA THR F 594 38.03 33.38 -42.47
C THR F 594 36.88 33.25 -43.46
N GLU F 595 35.67 33.60 -43.05
CA GLU F 595 34.50 33.49 -43.90
C GLU F 595 33.67 34.76 -43.83
N LEU F 596 32.97 35.06 -44.93
CA LEU F 596 32.14 36.26 -45.03
C LEU F 596 30.91 35.92 -45.84
N GLU F 597 29.73 36.18 -45.27
CA GLU F 597 28.46 35.92 -45.93
C GLU F 597 27.65 37.20 -45.92
N LEU F 598 27.11 37.57 -47.09
CA LEU F 598 26.29 38.76 -47.26
C LEU F 598 24.98 38.34 -47.92
N ILE F 599 23.94 38.17 -47.11
CA ILE F 599 22.63 37.74 -47.58
C ILE F 599 21.63 38.86 -47.32
N ARG F 600 20.88 39.23 -48.36
CA ARG F 600 19.86 40.27 -48.26
C ARG F 600 20.44 41.61 -47.82
N CYS F 601 21.70 41.85 -48.21
CA CYS F 601 22.35 43.12 -47.93
C CYS F 601 22.07 44.17 -48.99
N ASP F 602 21.54 43.77 -50.14
CA ASP F 602 21.18 44.67 -51.24
C ASP F 602 22.37 45.58 -51.60
N LEU F 603 23.48 44.93 -51.90
CA LEU F 603 24.71 45.63 -52.26
C LEU F 603 24.70 46.16 -53.69
N GLU F 604 24.12 45.43 -54.63
CA GLU F 604 23.99 45.76 -56.05
C GLU F 604 25.34 45.88 -56.75
N ARG F 605 26.45 45.68 -56.03
CA ARG F 605 27.79 45.73 -56.59
C ARG F 605 28.76 45.27 -55.50
N ILE F 606 29.84 44.61 -55.91
CA ILE F 606 30.82 44.06 -54.98
C ILE F 606 31.75 45.17 -54.50
N PRO F 607 31.83 45.45 -53.20
CA PRO F 607 32.81 46.41 -52.71
C PRO F 607 34.22 45.87 -52.82
N HIS F 608 35.19 46.79 -52.88
CA HIS F 608 36.59 46.41 -53.02
C HIS F 608 37.19 45.87 -51.72
N SER F 609 36.48 46.00 -50.59
CA SER F 609 37.03 45.53 -49.32
C SER F 609 37.06 44.02 -49.21
N ILE F 610 36.26 43.31 -50.01
CA ILE F 610 36.25 41.85 -49.97
C ILE F 610 37.58 41.30 -50.48
N PHE F 611 38.22 41.99 -51.42
CA PHE F 611 39.48 41.52 -52.00
C PHE F 611 40.61 41.47 -50.98
N SER F 612 40.50 42.23 -49.89
CA SER F 612 41.52 42.24 -48.85
C SER F 612 41.36 41.09 -47.86
N LEU F 613 40.34 40.26 -48.03
CA LEU F 613 40.08 39.12 -47.14
C LEU F 613 40.78 37.90 -47.72
N HIS F 614 42.12 37.89 -47.62
CA HIS F 614 42.89 36.80 -48.21
C HIS F 614 42.58 35.45 -47.57
N ASN F 615 42.04 35.45 -46.35
CA ASN F 615 41.69 34.22 -45.65
C ASN F 615 40.32 33.69 -46.06
N LEU F 616 39.61 34.40 -46.92
CA LEU F 616 38.26 33.99 -47.32
C LEU F 616 38.30 32.69 -48.11
N GLN F 617 37.35 31.81 -47.82
CA GLN F 617 37.21 30.55 -48.55
C GLN F 617 35.82 30.37 -49.14
N GLU F 618 34.78 30.80 -48.44
CA GLU F 618 33.40 30.72 -48.93
C GLU F 618 32.79 32.12 -48.91
N ILE F 619 32.33 32.58 -50.06
CA ILE F 619 31.76 33.90 -50.21
C ILE F 619 30.44 33.78 -50.96
N ASP F 620 29.43 34.52 -50.49
CA ASP F 620 28.11 34.46 -51.11
C ASP F 620 27.51 35.85 -51.09
N LEU F 621 26.84 36.19 -52.20
CA LEU F 621 26.10 37.44 -52.34
C LEU F 621 24.65 37.14 -52.69
N LYS F 622 24.10 36.09 -52.09
CA LYS F 622 22.72 35.70 -52.33
C LYS F 622 21.77 36.81 -51.89
N ASP F 623 20.74 37.04 -52.70
CA ASP F 623 19.70 38.03 -52.45
C ASP F 623 20.21 39.47 -52.44
N ASN F 624 21.38 39.71 -53.04
CA ASN F 624 21.89 41.06 -53.20
C ASN F 624 21.61 41.63 -54.58
N ASN F 625 20.95 40.86 -55.45
CA ASN F 625 20.59 41.29 -56.80
C ASN F 625 21.81 41.79 -57.57
N LEU F 626 22.93 41.06 -57.43
CA LEU F 626 24.13 41.41 -58.16
C LEU F 626 23.94 41.18 -59.65
N LYS F 627 24.44 42.10 -60.46
CA LYS F 627 24.30 42.05 -61.91
C LYS F 627 25.58 41.70 -62.64
N THR F 628 26.73 42.17 -62.16
CA THR F 628 28.02 41.89 -62.78
C THR F 628 28.97 41.34 -61.73
N ILE F 629 29.74 40.32 -62.11
CA ILE F 629 30.71 39.71 -61.21
C ILE F 629 32.08 39.71 -61.88
N GLU F 630 32.34 40.72 -62.72
CA GLU F 630 33.64 40.85 -63.36
C GLU F 630 34.76 41.12 -62.36
N GLU F 631 34.44 41.49 -61.12
CA GLU F 631 35.44 41.71 -60.10
C GLU F 631 36.14 40.43 -59.67
N ILE F 632 35.83 39.30 -60.32
CA ILE F 632 36.61 38.09 -60.13
C ILE F 632 38.06 38.31 -60.52
N ILE F 633 38.34 39.33 -61.33
CA ILE F 633 39.73 39.69 -61.64
C ILE F 633 40.47 40.08 -60.36
N SER F 634 39.88 40.96 -59.56
CA SER F 634 40.47 41.38 -58.29
C SER F 634 40.24 40.36 -57.19
N PHE F 635 39.35 39.39 -57.41
CA PHE F 635 39.18 38.28 -56.49
C PHE F 635 40.41 37.37 -56.45
N GLN F 636 41.35 37.53 -57.38
CA GLN F 636 42.53 36.67 -57.44
C GLN F 636 43.44 36.83 -56.23
N HIS F 637 43.28 37.92 -55.46
CA HIS F 637 44.10 38.11 -54.26
C HIS F 637 43.85 37.01 -53.24
N LEU F 638 42.64 36.48 -53.16
CA LEU F 638 42.29 35.45 -52.19
C LEU F 638 42.99 34.15 -52.57
N HIS F 639 44.11 33.87 -51.89
CA HIS F 639 44.89 32.69 -52.22
C HIS F 639 44.15 31.38 -51.95
N ARG F 640 43.46 31.28 -50.82
CA ARG F 640 42.80 30.04 -50.41
C ARG F 640 41.30 30.09 -50.62
N LEU F 641 40.84 30.86 -51.61
CA LEU F 641 39.41 30.95 -51.93
C LEU F 641 38.98 29.66 -52.60
N THR F 642 38.46 28.73 -51.80
CA THR F 642 38.08 27.42 -52.29
C THR F 642 36.62 27.32 -52.71
N CYS F 643 35.82 28.35 -52.49
CA CYS F 643 34.40 28.30 -52.81
C CYS F 643 33.89 29.67 -53.21
N LEU F 644 32.75 29.68 -53.89
CA LEU F 644 32.12 30.91 -54.33
C LEU F 644 30.66 30.61 -54.65
N LYS F 645 29.75 31.31 -53.98
CA LYS F 645 28.31 31.13 -54.21
C LYS F 645 27.72 32.44 -54.71
N LEU F 646 26.93 32.37 -55.78
CA LEU F 646 26.27 33.54 -56.33
C LEU F 646 24.84 33.22 -56.78
N TRP F 647 24.20 32.26 -56.13
CA TRP F 647 22.85 31.88 -56.50
C TRP F 647 21.85 32.94 -56.09
N TYR F 648 20.70 32.94 -56.76
CA TYR F 648 19.60 33.87 -56.49
C TYR F 648 20.06 35.32 -56.72
N ASN F 649 20.53 35.58 -57.93
CA ASN F 649 20.99 36.91 -58.32
C ASN F 649 20.72 37.10 -59.81
N HIS F 650 21.00 38.32 -60.29
CA HIS F 650 20.72 38.71 -61.67
C HIS F 650 21.96 38.66 -62.56
N ILE F 651 22.85 37.70 -62.35
CA ILE F 651 24.03 37.58 -63.19
C ILE F 651 23.62 37.11 -64.57
N ALA F 652 23.92 37.92 -65.59
CA ALA F 652 23.48 37.63 -66.95
C ALA F 652 24.43 36.71 -67.72
N TYR F 653 25.71 36.68 -67.36
CA TYR F 653 26.66 35.80 -68.02
C TYR F 653 27.84 35.55 -67.09
N ILE F 654 28.56 34.49 -67.38
CA ILE F 654 29.72 34.07 -66.58
C ILE F 654 30.95 34.81 -67.10
N PRO F 655 31.66 35.57 -66.26
CA PRO F 655 32.87 36.25 -66.73
C PRO F 655 33.95 35.26 -67.15
N ILE F 656 34.75 35.69 -68.14
CA ILE F 656 35.82 34.82 -68.64
C ILE F 656 36.93 34.66 -67.60
N GLN F 657 37.03 35.60 -66.65
CA GLN F 657 38.12 35.55 -65.68
C GLN F 657 37.88 34.52 -64.58
N ILE F 658 36.64 34.05 -64.41
CA ILE F 658 36.33 33.16 -63.29
C ILE F 658 37.12 31.85 -63.34
N GLY F 659 37.55 31.43 -64.54
CA GLY F 659 38.34 30.21 -64.63
C GLY F 659 39.78 30.37 -64.22
N ASN F 660 40.25 31.60 -64.06
CA ASN F 660 41.64 31.84 -63.65
C ASN F 660 41.89 31.52 -62.19
N LEU F 661 40.85 31.56 -61.35
CA LEU F 661 40.99 31.22 -59.94
C LEU F 661 40.92 29.70 -59.79
N THR F 662 42.07 29.06 -60.00
CA THR F 662 42.15 27.61 -59.86
C THR F 662 41.87 27.15 -58.44
N ASN F 663 41.99 28.05 -57.45
CA ASN F 663 41.71 27.69 -56.07
C ASN F 663 40.26 27.32 -55.84
N LEU F 664 39.35 27.80 -56.69
CA LEU F 664 37.93 27.54 -56.50
C LEU F 664 37.63 26.05 -56.64
N GLU F 665 36.81 25.54 -55.73
CA GLU F 665 36.40 24.14 -55.74
C GLU F 665 34.89 23.95 -55.71
N ARG F 666 34.15 24.78 -54.98
CA ARG F 666 32.71 24.67 -54.86
C ARG F 666 32.06 25.94 -55.42
N LEU F 667 31.09 25.76 -56.31
CA LEU F 667 30.47 26.89 -56.99
C LEU F 667 28.96 26.75 -56.91
N TYR F 668 28.27 27.89 -56.78
CA TYR F 668 26.82 27.93 -56.71
C TYR F 668 26.33 29.04 -57.64
N LEU F 669 25.83 28.65 -58.82
CA LEU F 669 25.39 29.61 -59.81
C LEU F 669 24.02 29.27 -60.39
N ASN F 670 23.15 28.67 -59.59
CA ASN F 670 21.80 28.36 -60.05
C ASN F 670 20.84 29.49 -59.69
N ARG F 671 19.63 29.42 -60.25
CA ARG F 671 18.59 30.42 -60.03
C ARG F 671 19.07 31.81 -60.41
N ASN F 672 19.81 31.90 -61.51
CA ASN F 672 20.35 33.15 -62.01
C ASN F 672 19.82 33.40 -63.42
N LYS F 673 20.23 34.54 -64.00
CA LYS F 673 19.80 34.95 -65.34
C LYS F 673 20.89 34.72 -66.37
N ILE F 674 21.72 33.70 -66.18
CA ILE F 674 22.82 33.42 -67.09
C ILE F 674 22.27 32.89 -68.41
N GLU F 675 22.72 33.49 -69.51
CA GLU F 675 22.27 33.12 -70.83
C GLU F 675 23.12 32.04 -71.49
N LYS F 676 24.45 32.15 -71.37
CA LYS F 676 25.36 31.16 -71.94
C LYS F 676 26.51 30.94 -70.97
N ILE F 677 27.14 29.78 -71.09
CA ILE F 677 28.22 29.38 -70.21
C ILE F 677 29.50 29.33 -71.03
N PRO F 678 30.42 30.29 -70.88
CA PRO F 678 31.70 30.20 -71.55
C PRO F 678 32.55 29.07 -70.99
N THR F 679 33.45 28.55 -71.85
CA THR F 679 34.32 27.45 -71.46
C THR F 679 35.38 27.86 -70.45
N GLN F 680 35.51 29.17 -70.17
CA GLN F 680 36.54 29.65 -69.26
C GLN F 680 36.37 29.08 -67.86
N LEU F 681 35.13 29.01 -67.37
CA LEU F 681 34.88 28.49 -66.03
C LEU F 681 35.35 27.05 -65.88
N PHE F 682 35.30 26.27 -66.97
CA PHE F 682 35.62 24.85 -66.93
C PHE F 682 37.12 24.57 -66.85
N TYR F 683 37.93 25.59 -66.60
CA TYR F 683 39.37 25.42 -66.45
C TYR F 683 39.79 25.25 -65.00
N CYS F 684 38.84 25.27 -64.06
CA CYS F 684 39.11 24.95 -62.66
C CYS F 684 38.76 23.48 -62.46
N ARG F 685 39.71 22.61 -62.80
CA ARG F 685 39.44 21.19 -62.90
C ARG F 685 39.20 20.53 -61.55
N LYS F 686 39.51 21.22 -60.45
CA LYS F 686 39.19 20.71 -59.12
C LYS F 686 37.78 21.06 -58.68
N LEU F 687 36.93 21.49 -59.60
CA LEU F 687 35.56 21.83 -59.26
C LEU F 687 34.77 20.59 -58.83
N ARG F 688 34.00 20.73 -57.76
CA ARG F 688 33.20 19.63 -57.22
C ARG F 688 31.75 19.99 -56.97
N TYR F 689 31.41 21.27 -56.77
CA TYR F 689 30.04 21.70 -56.56
C TYR F 689 29.69 22.75 -57.60
N LEU F 690 28.61 22.53 -58.34
CA LEU F 690 28.17 23.46 -59.37
C LEU F 690 26.71 23.19 -59.68
N ASP F 691 25.86 24.20 -59.47
CA ASP F 691 24.44 24.12 -59.80
C ASP F 691 24.10 25.14 -60.86
N LEU F 692 23.29 24.73 -61.83
CA LEU F 692 22.82 25.60 -62.90
C LEU F 692 21.31 25.52 -63.05
N SER F 693 20.62 25.13 -61.98
CA SER F 693 19.18 24.96 -62.02
C SER F 693 18.46 26.29 -62.15
N HIS F 694 17.28 26.25 -62.79
CA HIS F 694 16.38 27.39 -62.91
C HIS F 694 17.09 28.58 -63.59
N ASN F 695 17.73 28.28 -64.71
CA ASN F 695 18.41 29.30 -65.51
C ASN F 695 17.89 29.22 -66.94
N ASN F 696 18.17 30.27 -67.71
CA ASN F 696 17.75 30.36 -69.10
C ASN F 696 18.69 29.64 -70.06
N LEU F 697 19.53 28.72 -69.55
CA LEU F 697 20.46 28.01 -70.39
C LEU F 697 19.74 27.08 -71.36
N THR F 698 20.17 27.09 -72.62
CA THR F 698 19.59 26.24 -73.65
C THR F 698 20.57 25.22 -74.22
N PHE F 699 21.81 25.21 -73.74
CA PHE F 699 22.82 24.30 -74.27
C PHE F 699 23.83 23.98 -73.18
N LEU F 700 24.61 22.93 -73.43
CA LEU F 700 25.70 22.55 -72.54
C LEU F 700 27.00 22.51 -73.32
N PRO F 701 28.00 23.30 -72.94
CA PRO F 701 29.25 23.35 -73.71
C PRO F 701 29.99 22.04 -73.67
N ALA F 702 31.07 21.98 -74.46
CA ALA F 702 31.85 20.74 -74.57
C ALA F 702 32.71 20.50 -73.34
N ASP F 703 33.31 21.56 -72.79
CA ASP F 703 34.27 21.42 -71.71
C ASP F 703 33.61 21.15 -70.36
N ILE F 704 32.30 20.88 -70.35
CA ILE F 704 31.63 20.53 -69.11
C ILE F 704 32.13 19.20 -68.57
N GLY F 705 32.48 18.27 -69.46
CA GLY F 705 32.96 16.97 -69.06
C GLY F 705 34.41 16.90 -68.67
N LEU F 706 35.13 18.02 -68.73
CA LEU F 706 36.53 18.07 -68.34
C LEU F 706 36.71 18.27 -66.84
N LEU F 707 35.63 18.48 -66.10
CA LEU F 707 35.67 18.60 -64.64
C LEU F 707 35.38 17.21 -64.08
N GLN F 708 36.44 16.41 -63.90
CA GLN F 708 36.30 15.05 -63.44
C GLN F 708 36.05 14.93 -61.95
N ASN F 709 36.31 15.99 -61.18
CA ASN F 709 36.04 15.99 -59.75
C ASN F 709 34.61 16.37 -59.40
N LEU F 710 33.83 16.86 -60.37
CA LEU F 710 32.47 17.27 -60.10
C LEU F 710 31.60 16.07 -59.77
N GLN F 711 30.80 16.19 -58.70
CA GLN F 711 29.86 15.16 -58.32
C GLN F 711 28.44 15.71 -58.12
N ASN F 712 28.21 16.98 -58.37
CA ASN F 712 26.90 17.59 -58.21
C ASN F 712 26.59 18.43 -59.45
N LEU F 713 25.62 17.98 -60.24
CA LEU F 713 25.20 18.69 -61.44
C LEU F 713 23.70 18.97 -61.33
N ALA F 714 23.36 20.20 -60.99
CA ALA F 714 21.96 20.61 -60.80
C ALA F 714 21.60 21.61 -61.89
N VAL F 715 20.90 21.13 -62.92
CA VAL F 715 20.43 21.98 -64.00
C VAL F 715 18.91 21.89 -64.07
N THR F 716 18.28 21.70 -62.92
CA THR F 716 16.83 21.52 -62.87
C THR F 716 16.10 22.75 -63.43
N ALA F 717 15.08 22.50 -64.25
CA ALA F 717 14.22 23.54 -64.82
C ALA F 717 15.01 24.52 -65.68
N ASN F 718 15.70 23.97 -66.67
CA ASN F 718 16.42 24.73 -67.67
C ASN F 718 15.91 24.38 -69.05
N ARG F 719 16.31 25.18 -70.05
CA ARG F 719 15.90 24.98 -71.44
C ARG F 719 16.83 24.03 -72.18
N ILE F 720 17.57 23.19 -71.47
CA ILE F 720 18.45 22.21 -72.08
C ILE F 720 17.60 21.08 -72.65
N GLU F 721 17.72 20.84 -73.95
CA GLU F 721 16.93 19.82 -74.62
C GLU F 721 17.77 18.69 -75.21
N ALA F 722 19.09 18.85 -75.30
CA ALA F 722 19.99 17.82 -75.80
C ALA F 722 21.08 17.57 -74.76
N LEU F 723 21.26 16.32 -74.38
CA LEU F 723 22.28 15.95 -73.42
C LEU F 723 23.56 15.60 -74.17
N PRO F 724 24.65 16.35 -74.01
CA PRO F 724 25.87 16.07 -74.76
C PRO F 724 26.53 14.80 -74.28
N PRO F 725 27.02 13.97 -75.21
CA PRO F 725 27.75 12.76 -74.80
C PRO F 725 29.01 13.06 -74.01
N GLU F 726 29.65 14.20 -74.25
CA GLU F 726 30.90 14.51 -73.57
C GLU F 726 30.68 14.77 -72.08
N LEU F 727 29.45 15.10 -71.68
CA LEU F 727 29.17 15.32 -70.26
C LEU F 727 29.39 14.07 -69.43
N PHE F 728 29.16 12.89 -70.01
CA PHE F 728 29.31 11.62 -69.30
C PHE F 728 30.75 11.27 -68.98
N GLN F 729 31.73 12.11 -69.32
CA GLN F 729 33.12 11.85 -68.99
C GLN F 729 33.44 12.05 -67.52
N CYS F 730 32.53 12.66 -66.76
CA CYS F 730 32.72 12.88 -65.32
C CYS F 730 32.48 11.56 -64.61
N ARG F 731 33.54 10.77 -64.43
CA ARG F 731 33.40 9.45 -63.83
C ARG F 731 33.15 9.52 -62.33
N LYS F 732 33.36 10.69 -61.72
CA LYS F 732 33.10 10.88 -60.30
C LYS F 732 31.87 11.74 -60.05
N LEU F 733 30.86 11.63 -60.91
CA LEU F 733 29.62 12.39 -60.77
C LEU F 733 28.64 11.55 -59.96
N ARG F 734 28.61 11.80 -58.65
CA ARG F 734 27.77 11.00 -57.77
C ARG F 734 26.29 11.30 -57.98
N ALA F 735 25.93 12.57 -58.08
CA ALA F 735 24.54 12.97 -58.24
C ALA F 735 24.40 14.02 -59.32
N LEU F 736 23.30 13.93 -60.07
CA LEU F 736 22.99 14.92 -61.09
C LEU F 736 21.49 15.20 -61.04
N HIS F 737 21.13 16.44 -61.35
CA HIS F 737 19.74 16.89 -61.33
C HIS F 737 19.38 17.39 -62.71
N LEU F 738 18.50 16.67 -63.40
CA LEU F 738 18.08 17.04 -64.73
C LEU F 738 16.58 17.28 -64.86
N GLY F 739 15.84 17.19 -63.76
CA GLY F 739 14.39 17.27 -63.84
C GLY F 739 13.89 18.65 -64.22
N ASN F 740 12.60 18.69 -64.57
CA ASN F 740 11.87 19.89 -64.97
C ASN F 740 12.47 20.56 -66.21
N ASN F 741 13.39 19.88 -66.89
CA ASN F 741 14.02 20.41 -68.10
C ASN F 741 13.19 20.03 -69.33
N VAL F 742 13.68 20.45 -70.49
CA VAL F 742 13.11 20.04 -71.77
C VAL F 742 13.97 18.98 -72.45
N LEU F 743 14.81 18.28 -71.69
CA LEU F 743 15.68 17.24 -72.23
C LEU F 743 14.85 16.15 -72.91
N GLN F 744 15.16 15.86 -74.17
CA GLN F 744 14.34 14.92 -74.93
C GLN F 744 14.60 13.48 -74.51
N SER F 745 15.87 13.12 -74.30
CA SER F 745 16.21 11.74 -73.99
C SER F 745 17.53 11.68 -73.24
N LEU F 746 17.78 10.52 -72.62
CA LEU F 746 19.03 10.27 -71.90
C LEU F 746 19.90 9.34 -72.73
N PRO F 747 21.10 9.75 -73.13
CA PRO F 747 21.96 8.87 -73.93
C PRO F 747 22.38 7.64 -73.15
N SER F 748 22.85 6.63 -73.89
CA SER F 748 23.23 5.36 -73.29
C SER F 748 24.47 5.47 -72.42
N ARG F 749 25.24 6.55 -72.54
CA ARG F 749 26.48 6.69 -71.78
C ARG F 749 26.24 6.94 -70.29
N VAL F 750 24.98 7.06 -69.86
CA VAL F 750 24.71 7.31 -68.44
C VAL F 750 25.12 6.11 -67.59
N GLY F 751 24.99 4.89 -68.12
CA GLY F 751 25.34 3.70 -67.36
C GLY F 751 26.83 3.50 -67.18
N GLU F 752 27.65 4.23 -67.93
CA GLU F 752 29.10 4.12 -67.84
C GLU F 752 29.65 4.66 -66.52
N LEU F 753 28.84 5.38 -65.74
CA LEU F 753 29.28 5.94 -64.48
C LEU F 753 28.95 4.96 -63.35
N THR F 754 29.97 4.59 -62.57
CA THR F 754 29.79 3.68 -61.45
C THR F 754 29.59 4.39 -60.13
N ASN F 755 29.87 5.69 -60.07
CA ASN F 755 29.73 6.47 -58.85
C ASN F 755 28.36 7.11 -58.71
N LEU F 756 27.46 6.90 -59.68
CA LEU F 756 26.14 7.51 -59.64
C LEU F 756 25.35 7.00 -58.44
N THR F 757 24.70 7.92 -57.73
CA THR F 757 23.92 7.56 -56.55
C THR F 757 22.50 8.09 -56.64
N GLN F 758 22.33 9.30 -57.16
CA GLN F 758 21.01 9.93 -57.22
C GLN F 758 20.85 10.69 -58.53
N ILE F 759 19.65 10.61 -59.10
CA ILE F 759 19.30 11.36 -60.30
C ILE F 759 17.93 12.01 -60.09
N GLU F 760 17.83 13.30 -60.42
CA GLU F 760 16.58 14.03 -60.37
C GLU F 760 16.15 14.29 -61.82
N LEU F 761 15.06 13.66 -62.24
CA LEU F 761 14.66 13.67 -63.65
C LEU F 761 13.19 14.01 -63.87
N ARG F 762 12.43 14.32 -62.83
CA ARG F 762 10.99 14.55 -62.99
C ARG F 762 10.74 15.88 -63.68
N GLY F 763 9.85 15.86 -64.68
CA GLY F 763 9.49 17.05 -65.42
C GLY F 763 10.18 17.23 -66.75
N ASN F 764 10.72 16.17 -67.33
CA ASN F 764 11.45 16.25 -68.59
C ASN F 764 10.62 15.64 -69.71
N ARG F 765 10.94 16.03 -70.94
CA ARG F 765 10.25 15.50 -72.13
C ARG F 765 10.88 14.18 -72.54
N LEU F 766 10.98 13.23 -71.61
CA LEU F 766 11.63 11.95 -71.86
C LEU F 766 10.62 10.93 -72.35
N GLU F 767 11.07 10.05 -73.25
CA GLU F 767 10.24 8.98 -73.79
C GLU F 767 10.40 7.69 -72.99
N CYS F 768 11.62 7.17 -72.90
CA CYS F 768 11.91 5.97 -72.14
C CYS F 768 13.33 6.03 -71.60
N LEU F 769 13.52 5.53 -70.39
CA LEU F 769 14.86 5.49 -69.81
C LEU F 769 15.73 4.51 -70.57
N PRO F 770 17.02 4.82 -70.73
CA PRO F 770 17.92 3.88 -71.41
C PRO F 770 18.13 2.61 -70.60
N VAL F 771 18.39 1.52 -71.31
CA VAL F 771 18.64 0.25 -70.66
C VAL F 771 19.94 0.29 -69.88
N GLU F 772 20.93 1.05 -70.36
CA GLU F 772 22.21 1.13 -69.68
C GLU F 772 22.12 1.78 -68.31
N LEU F 773 21.07 2.55 -68.04
CA LEU F 773 20.94 3.20 -66.75
C LEU F 773 20.78 2.20 -65.60
N GLY F 774 20.31 0.99 -65.89
CA GLY F 774 20.09 -0.02 -64.88
C GLY F 774 21.31 -0.81 -64.47
N GLU F 775 22.49 -0.51 -65.02
CA GLU F 775 23.71 -1.22 -64.69
C GLU F 775 24.54 -0.52 -63.62
N CYS F 776 24.06 0.59 -63.08
CA CYS F 776 24.81 1.33 -62.08
C CYS F 776 24.81 0.57 -60.76
N PRO F 777 25.98 0.19 -60.23
CA PRO F 777 25.99 -0.58 -58.98
C PRO F 777 25.42 0.16 -57.78
N LEU F 778 25.57 1.48 -57.74
CA LEU F 778 25.16 2.26 -56.57
C LEU F 778 23.87 3.04 -56.75
N LEU F 779 23.28 3.04 -57.95
CA LEU F 779 22.01 3.74 -58.15
C LEU F 779 20.85 2.84 -57.75
N LYS F 780 19.96 3.35 -56.92
CA LYS F 780 18.80 2.62 -56.42
C LYS F 780 17.53 3.44 -56.65
N ARG F 781 16.39 2.87 -56.26
CA ARG F 781 15.12 3.59 -56.41
C ARG F 781 15.11 4.88 -55.59
N SER F 782 15.81 4.89 -54.45
CA SER F 782 15.92 6.11 -53.67
C SER F 782 16.61 7.21 -54.47
N GLY F 783 17.67 6.86 -55.20
CA GLY F 783 18.34 7.82 -56.05
C GLY F 783 17.72 8.00 -57.42
N LEU F 784 16.94 7.03 -57.88
CA LEU F 784 16.29 7.07 -59.18
C LEU F 784 14.86 7.56 -58.95
N VAL F 785 14.69 8.88 -58.94
CA VAL F 785 13.38 9.50 -58.78
C VAL F 785 12.98 10.10 -60.12
N VAL F 786 11.91 9.58 -60.71
CA VAL F 786 11.45 9.96 -62.04
C VAL F 786 9.94 9.77 -62.09
N GLU F 787 9.32 10.22 -63.18
CA GLU F 787 7.88 10.14 -63.33
C GLU F 787 7.40 8.69 -63.29
N GLU F 788 6.08 8.54 -63.11
CA GLU F 788 5.50 7.21 -63.02
C GLU F 788 5.62 6.47 -64.35
N ASP F 789 5.22 7.10 -65.45
CA ASP F 789 5.32 6.45 -66.76
C ASP F 789 6.77 6.22 -67.15
N LEU F 790 7.65 7.19 -66.86
CA LEU F 790 9.06 7.02 -67.19
C LEU F 790 9.68 5.86 -66.40
N PHE F 791 9.35 5.75 -65.12
CA PHE F 791 9.79 4.61 -64.35
C PHE F 791 9.16 3.31 -64.85
N SER F 792 7.97 3.40 -65.45
CA SER F 792 7.32 2.23 -66.04
C SER F 792 7.93 1.83 -67.38
N THR F 793 8.67 2.73 -68.03
CA THR F 793 9.30 2.41 -69.31
C THR F 793 10.50 1.50 -69.17
N LEU F 794 11.06 1.34 -67.97
CA LEU F 794 12.21 0.50 -67.77
C LEU F 794 11.85 -0.98 -67.96
N PRO F 795 12.80 -1.81 -68.35
CA PRO F 795 12.55 -3.25 -68.47
C PRO F 795 12.19 -3.84 -67.11
N PRO F 796 11.36 -4.89 -67.09
CA PRO F 796 10.94 -5.47 -65.80
C PRO F 796 12.11 -5.98 -64.98
N GLU F 797 13.15 -6.53 -65.60
CA GLU F 797 14.31 -6.97 -64.84
C GLU F 797 15.01 -5.79 -64.19
N VAL F 798 15.07 -4.65 -64.88
CA VAL F 798 15.64 -3.44 -64.28
C VAL F 798 14.80 -3.00 -63.10
N LYS F 799 13.47 -3.07 -63.22
CA LYS F 799 12.59 -2.69 -62.12
C LYS F 799 12.82 -3.58 -60.91
N GLU F 800 12.88 -4.90 -61.11
CA GLU F 800 13.04 -5.80 -59.97
C GLU F 800 14.42 -5.65 -59.36
N ARG F 801 15.45 -5.44 -60.17
CA ARG F 801 16.79 -5.21 -59.62
C ARG F 801 16.83 -3.94 -58.79
N LEU F 802 16.24 -2.85 -59.30
CA LEU F 802 16.22 -1.60 -58.55
C LEU F 802 15.46 -1.74 -57.25
N TRP F 803 14.30 -2.40 -57.27
CA TRP F 803 13.52 -2.55 -56.06
C TRP F 803 14.21 -3.45 -55.04
N ARG F 804 14.83 -4.53 -55.50
CA ARG F 804 15.56 -5.39 -54.57
C ARG F 804 16.77 -4.68 -53.98
N ALA F 805 17.47 -3.87 -54.78
CA ALA F 805 18.60 -3.11 -54.26
C ALA F 805 18.14 -2.07 -53.24
N ASP F 806 17.01 -1.40 -53.52
CA ASP F 806 16.55 -0.34 -52.62
C ASP F 806 16.01 -0.92 -51.32
N LYS F 807 15.22 -1.99 -51.39
CA LYS F 807 14.64 -2.58 -50.19
C LYS F 807 15.71 -3.26 -49.34
N GLU F 808 16.58 -4.04 -49.98
CA GLU F 808 17.62 -4.77 -49.24
C GLU F 808 19.00 -4.39 -49.73
N GLN G 5 6.35 46.49 -44.28
CA GLN G 5 5.07 46.71 -44.96
C GLN G 5 4.21 45.46 -44.90
N VAL G 6 4.50 44.58 -43.94
CA VAL G 6 3.77 43.33 -43.80
C VAL G 6 2.35 43.63 -43.32
N GLN G 7 1.36 43.21 -44.10
CA GLN G 7 -0.04 43.42 -43.78
C GLN G 7 -0.73 42.08 -43.60
N LEU G 8 -1.55 41.97 -42.56
CA LEU G 8 -2.23 40.74 -42.21
C LEU G 8 -3.71 40.88 -42.52
N VAL G 9 -4.23 40.01 -43.38
CA VAL G 9 -5.63 40.00 -43.76
C VAL G 9 -6.25 38.69 -43.28
N GLU G 10 -7.55 38.72 -43.04
CA GLU G 10 -8.29 37.57 -42.54
C GLU G 10 -9.53 37.34 -43.37
N SER G 11 -9.93 36.07 -43.46
CA SER G 11 -11.14 35.68 -44.18
C SER G 11 -11.69 34.42 -43.52
N GLY G 12 -12.62 33.75 -44.20
CA GLY G 12 -13.15 32.49 -43.71
C GLY G 12 -14.33 32.61 -42.77
N GLY G 13 -14.91 33.79 -42.60
CA GLY G 13 -16.06 33.92 -41.73
C GLY G 13 -17.31 33.30 -42.32
N GLY G 14 -18.32 33.17 -41.48
CA GLY G 14 -19.58 32.58 -41.90
C GLY G 14 -20.44 32.24 -40.71
N LEU G 15 -21.57 31.62 -41.02
CA LEU G 15 -22.55 31.20 -40.00
C LEU G 15 -22.60 29.69 -39.96
N VAL G 16 -22.38 29.13 -38.76
CA VAL G 16 -22.43 27.69 -38.56
C VAL G 16 -22.51 27.43 -37.06
N GLN G 17 -23.27 26.40 -36.67
CA GLN G 17 -23.41 26.05 -35.28
C GLN G 17 -22.26 25.13 -34.86
N ALA G 18 -22.37 24.52 -33.69
CA ALA G 18 -21.33 23.63 -33.18
C ALA G 18 -21.19 22.42 -34.10
N GLY G 19 -20.00 21.81 -34.06
CA GLY G 19 -19.69 20.70 -34.92
C GLY G 19 -19.21 21.08 -36.31
N GLY G 20 -19.00 22.37 -36.58
CA GLY G 20 -18.50 22.83 -37.86
C GLY G 20 -16.99 22.95 -37.86
N SER G 21 -16.49 23.58 -38.93
CA SER G 21 -15.05 23.74 -39.09
C SER G 21 -14.78 24.91 -40.03
N LEU G 22 -13.79 25.73 -39.67
CA LEU G 22 -13.37 26.87 -40.48
C LEU G 22 -11.86 27.04 -40.36
N ARG G 23 -11.28 27.71 -41.35
CA ARG G 23 -9.84 27.96 -41.40
C ARG G 23 -9.62 29.44 -41.71
N LEU G 24 -9.33 30.24 -40.68
CA LEU G 24 -9.04 31.66 -40.86
C LEU G 24 -7.62 31.81 -41.37
N SER G 25 -7.47 32.47 -42.52
CA SER G 25 -6.16 32.62 -43.16
C SER G 25 -5.53 33.93 -42.71
N CYS G 26 -4.36 33.83 -42.07
CA CYS G 26 -3.59 35.01 -41.67
C CYS G 26 -2.53 35.28 -42.73
N ALA G 27 -2.99 35.78 -43.87
CA ALA G 27 -2.10 36.00 -45.01
C ALA G 27 -1.26 37.25 -44.80
N ALA G 28 0.05 37.12 -45.02
CA ALA G 28 0.98 38.25 -44.94
C ALA G 28 1.33 38.71 -46.36
N SER G 29 1.97 39.88 -46.43
CA SER G 29 2.33 40.48 -47.71
C SER G 29 3.72 41.10 -47.58
N GLY G 30 4.11 41.86 -48.60
CA GLY G 30 5.42 42.48 -48.65
C GLY G 30 6.49 41.56 -49.19
N PHE G 31 6.87 40.57 -48.40
CA PHE G 31 7.85 39.56 -48.79
C PHE G 31 7.62 38.32 -47.94
N PRO G 32 8.15 37.16 -48.36
CA PRO G 32 7.95 35.94 -47.55
C PRO G 32 8.73 35.99 -46.25
N VAL G 33 8.00 36.18 -45.15
CA VAL G 33 8.61 36.30 -43.82
C VAL G 33 7.81 35.46 -42.84
N ALA G 34 7.00 34.54 -43.37
CA ALA G 34 6.13 33.72 -42.54
C ALA G 34 6.94 32.65 -41.81
N GLN G 35 7.88 33.08 -40.98
CA GLN G 35 8.69 32.18 -40.17
C GLN G 35 8.89 32.77 -38.77
N GLU G 36 7.93 33.56 -38.31
CA GLU G 36 7.96 34.22 -37.02
C GLU G 36 6.80 33.70 -36.17
N ILE G 37 6.60 34.33 -35.01
CA ILE G 37 5.57 33.92 -34.06
C ILE G 37 4.28 34.63 -34.44
N MET G 38 3.21 33.87 -34.62
CA MET G 38 1.90 34.39 -34.98
C MET G 38 0.97 34.21 -33.78
N THR G 39 0.81 35.26 -33.00
CA THR G 39 -0.01 35.23 -31.79
C THR G 39 -1.44 35.61 -32.16
N TRP G 40 -2.37 34.68 -32.00
CA TRP G 40 -3.77 34.92 -32.32
C TRP G 40 -4.49 35.53 -31.12
N TYR G 41 -5.28 36.57 -31.37
CA TYR G 41 -6.08 37.20 -30.34
C TYR G 41 -7.56 37.15 -30.74
N ARG G 42 -8.41 36.90 -29.74
CA ARG G 42 -9.85 36.84 -29.95
C ARG G 42 -10.51 37.98 -29.17
N GLN G 43 -11.51 38.59 -29.80
CA GLN G 43 -12.19 39.76 -29.24
C GLN G 43 -13.69 39.63 -29.48
N ALA G 44 -14.41 39.12 -28.49
CA ALA G 44 -15.86 39.20 -28.52
C ALA G 44 -16.30 40.64 -28.24
N PRO G 45 -17.34 41.13 -28.93
CA PRO G 45 -17.79 42.51 -28.70
C PRO G 45 -18.15 42.77 -27.25
N GLY G 46 -17.39 43.64 -26.59
CA GLY G 46 -17.63 43.98 -25.20
C GLY G 46 -16.63 43.39 -24.23
N LYS G 47 -15.43 43.06 -24.73
CA LYS G 47 -14.36 42.53 -23.89
C LYS G 47 -13.04 43.09 -24.41
N GLU G 48 -11.93 42.52 -23.94
CA GLU G 48 -10.59 42.98 -24.27
C GLU G 48 -9.76 41.81 -24.82
N ARG G 49 -8.46 42.05 -24.99
CA ARG G 49 -7.59 41.09 -25.65
C ARG G 49 -7.54 39.77 -24.89
N GLU G 50 -7.54 38.67 -25.65
CA GLU G 50 -7.37 37.34 -25.09
C GLU G 50 -6.63 36.49 -26.12
N TRP G 51 -5.43 36.05 -25.75
CA TRP G 51 -4.59 35.27 -26.65
C TRP G 51 -5.22 33.92 -26.95
N VAL G 52 -5.11 33.48 -28.20
CA VAL G 52 -5.68 32.21 -28.66
C VAL G 52 -4.61 31.14 -28.80
N ALA G 53 -3.67 31.33 -29.72
CA ALA G 53 -2.63 30.34 -29.97
C ALA G 53 -1.47 31.01 -30.71
N ALA G 54 -0.25 30.58 -30.38
CA ALA G 54 0.96 31.11 -31.00
C ALA G 54 1.77 29.96 -31.58
N ILE G 55 2.57 30.28 -32.60
CA ILE G 55 3.41 29.29 -33.29
C ILE G 55 4.86 29.70 -33.09
N SER G 56 5.72 28.71 -32.87
CA SER G 56 7.14 28.98 -32.67
C SER G 56 7.78 29.49 -33.97
N SER G 57 8.88 30.22 -33.81
CA SER G 57 9.62 30.68 -34.98
C SER G 57 10.13 29.51 -35.81
N ILE G 58 10.42 28.38 -35.16
CA ILE G 58 10.73 27.15 -35.90
C ILE G 58 9.52 26.71 -36.69
N GLY G 59 8.33 26.79 -36.09
CA GLY G 59 7.09 26.40 -36.73
C GLY G 59 6.66 24.97 -36.45
N ASP G 60 7.52 24.16 -35.85
CA ASP G 60 7.20 22.76 -35.57
C ASP G 60 6.53 22.54 -34.22
N THR G 61 6.52 23.55 -33.35
CA THR G 61 5.95 23.42 -32.01
C THR G 61 5.00 24.58 -31.75
N THR G 62 3.89 24.29 -31.07
CA THR G 62 2.92 25.32 -30.74
C THR G 62 2.14 24.91 -29.50
N ALA G 63 1.46 25.88 -28.89
CA ALA G 63 0.62 25.63 -27.73
C ALA G 63 -0.53 26.62 -27.73
N TYR G 64 -1.73 26.13 -27.43
CA TYR G 64 -2.93 26.93 -27.40
C TYR G 64 -3.55 26.90 -26.00
N ALA G 65 -4.58 27.72 -25.81
CA ALA G 65 -5.25 27.81 -24.52
C ALA G 65 -5.95 26.50 -24.19
N ASP G 66 -5.99 26.19 -22.89
CA ASP G 66 -6.62 24.95 -22.43
C ASP G 66 -8.13 24.95 -22.66
N SER G 67 -8.75 26.11 -22.86
CA SER G 67 -10.18 26.17 -23.15
C SER G 67 -10.51 25.51 -24.48
N VAL G 68 -9.59 25.56 -25.45
CA VAL G 68 -9.81 24.96 -26.76
C VAL G 68 -8.85 23.78 -26.93
N LYS G 69 -8.52 23.13 -25.83
CA LYS G 69 -7.55 22.05 -25.85
C LYS G 69 -8.10 20.84 -26.61
N GLY G 70 -7.34 20.36 -27.59
CA GLY G 70 -7.71 19.19 -28.35
C GLY G 70 -8.57 19.46 -29.56
N ARG G 71 -9.07 20.68 -29.74
CA ARG G 71 -9.89 21.04 -30.88
C ARG G 71 -9.24 22.09 -31.77
N PHE G 72 -8.80 23.20 -31.19
CA PHE G 72 -8.14 24.24 -31.96
C PHE G 72 -6.78 23.74 -32.47
N THR G 73 -6.40 24.24 -33.64
CA THR G 73 -5.12 23.93 -34.24
C THR G 73 -4.71 25.07 -35.15
N ILE G 74 -3.40 25.21 -35.34
CA ILE G 74 -2.84 26.21 -36.24
C ILE G 74 -1.80 25.55 -37.13
N SER G 75 -1.63 26.12 -38.32
CA SER G 75 -0.67 25.60 -39.29
C SER G 75 -0.32 26.74 -40.24
N ARG G 76 0.73 26.53 -41.04
CA ARG G 76 1.22 27.57 -41.93
C ARG G 76 1.76 26.92 -43.19
N ASP G 77 1.81 27.73 -44.25
CA ASP G 77 2.36 27.31 -45.54
C ASP G 77 3.12 28.46 -46.15
N ASN G 78 4.42 28.29 -46.35
CA ASN G 78 5.26 29.34 -46.88
C ASN G 78 5.05 29.58 -48.37
N ALA G 79 4.24 28.76 -49.05
CA ALA G 79 4.02 28.93 -50.47
C ALA G 79 3.40 30.29 -50.78
N LYS G 80 2.35 30.65 -50.05
CA LYS G 80 1.67 31.93 -50.26
C LYS G 80 1.73 32.83 -49.04
N ASN G 81 2.60 32.54 -48.07
CA ASN G 81 2.83 33.40 -46.91
C ASN G 81 1.55 33.65 -46.13
N THR G 82 0.98 32.57 -45.58
CA THR G 82 -0.25 32.67 -44.81
C THR G 82 -0.22 31.65 -43.69
N VAL G 83 -1.03 31.91 -42.67
CA VAL G 83 -1.19 31.02 -41.52
C VAL G 83 -2.66 30.71 -41.37
N TYR G 84 -3.02 29.43 -41.44
CA TYR G 84 -4.40 28.99 -41.35
C TYR G 84 -4.76 28.71 -39.89
N LEU G 85 -5.89 29.25 -39.45
CA LEU G 85 -6.39 29.04 -38.09
C LEU G 85 -7.42 27.92 -38.15
N GLN G 86 -6.97 26.69 -37.94
CA GLN G 86 -7.83 25.52 -38.03
C GLN G 86 -8.78 25.45 -36.85
N MET G 87 -10.05 25.19 -37.12
CA MET G 87 -11.07 25.07 -36.10
C MET G 87 -11.93 23.84 -36.36
N ASN G 88 -12.40 23.22 -35.27
CA ASN G 88 -13.25 22.05 -35.36
C ASN G 88 -13.95 21.85 -34.03
N SER G 89 -15.23 21.48 -34.10
CA SER G 89 -16.07 21.24 -32.92
C SER G 89 -16.08 22.46 -32.00
N LEU G 90 -16.48 23.59 -32.54
CA LEU G 90 -16.45 24.84 -31.80
C LEU G 90 -17.67 24.98 -30.90
N LYS G 91 -17.46 25.56 -29.72
CA LYS G 91 -18.57 25.85 -28.83
C LYS G 91 -19.34 27.06 -29.32
N PRO G 92 -20.62 27.18 -28.97
CA PRO G 92 -21.41 28.35 -29.41
C PRO G 92 -20.93 29.67 -28.82
N GLU G 93 -19.96 29.65 -27.90
CA GLU G 93 -19.44 30.86 -27.28
C GLU G 93 -18.22 31.43 -27.99
N ASP G 94 -17.78 30.82 -29.09
CA ASP G 94 -16.59 31.27 -29.80
C ASP G 94 -16.91 32.26 -30.92
N THR G 95 -18.17 32.65 -31.09
CA THR G 95 -18.57 33.55 -32.16
C THR G 95 -18.02 34.94 -31.86
N ALA G 96 -16.88 35.26 -32.49
CA ALA G 96 -16.21 36.53 -32.26
C ALA G 96 -15.30 36.83 -33.44
N VAL G 97 -14.88 38.08 -33.52
CA VAL G 97 -13.93 38.52 -34.54
C VAL G 97 -12.52 38.30 -34.02
N TYR G 98 -11.74 37.48 -34.70
CA TYR G 98 -10.40 37.14 -34.25
C TYR G 98 -9.35 38.05 -34.88
N TYR G 99 -8.14 37.98 -34.33
CA TYR G 99 -7.00 38.73 -34.86
C TYR G 99 -5.74 37.89 -34.70
N CYS G 100 -4.87 37.96 -35.71
CA CYS G 100 -3.57 37.33 -35.65
C CYS G 100 -2.50 38.40 -35.61
N ALA G 101 -1.45 38.15 -34.83
CA ALA G 101 -0.43 39.17 -34.57
C ALA G 101 0.96 38.54 -34.66
N VAL G 102 1.84 39.20 -35.39
CA VAL G 102 3.26 38.84 -35.45
C VAL G 102 4.06 40.05 -34.97
N ASN G 103 4.94 39.82 -34.00
CA ASN G 103 5.67 40.91 -33.36
C ASN G 103 6.93 41.20 -34.16
N VAL G 104 6.80 42.09 -35.14
CA VAL G 104 7.93 42.61 -35.90
C VAL G 104 7.84 44.13 -35.80
N GLY G 105 8.50 44.70 -34.79
CA GLY G 105 8.36 46.12 -34.52
C GLY G 105 7.07 46.48 -33.80
N PHE G 106 5.93 46.02 -34.32
CA PHE G 106 4.63 46.21 -33.69
C PHE G 106 3.90 44.88 -33.60
N THR G 107 2.99 44.79 -32.63
CA THR G 107 2.10 43.63 -32.52
C THR G 107 0.91 43.89 -33.44
N TYR G 108 1.16 43.71 -34.74
CA TYR G 108 0.19 44.07 -35.76
C TYR G 108 -1.06 43.19 -35.67
N LYS G 109 -2.20 43.84 -35.47
CA LYS G 109 -3.49 43.17 -35.52
C LYS G 109 -4.15 43.43 -36.86
N GLY G 110 -4.61 42.37 -37.51
CA GLY G 110 -5.19 42.47 -38.83
C GLY G 110 -6.54 43.17 -38.83
N GLN G 111 -7.20 43.10 -39.98
CA GLN G 111 -8.52 43.71 -40.11
C GLN G 111 -9.54 43.03 -39.19
N GLY G 112 -9.49 41.71 -39.10
CA GLY G 112 -10.40 40.97 -38.24
C GLY G 112 -11.65 40.52 -38.96
N THR G 113 -11.90 39.22 -38.95
CA THR G 113 -13.07 38.64 -39.61
C THR G 113 -14.05 38.11 -38.58
N GLN G 114 -15.29 38.60 -38.65
CA GLN G 114 -16.33 38.13 -37.75
C GLN G 114 -16.71 36.70 -38.08
N VAL G 115 -16.91 35.90 -37.03
CA VAL G 115 -17.38 34.51 -37.17
C VAL G 115 -18.68 34.40 -36.39
N THR G 116 -19.73 33.94 -37.07
CA THR G 116 -21.06 33.83 -36.49
C THR G 116 -21.34 32.36 -36.16
N VAL G 117 -21.64 32.10 -34.89
CA VAL G 117 -21.96 30.75 -34.42
C VAL G 117 -23.23 30.83 -33.59
N SER G 118 -24.19 29.96 -33.88
CA SER G 118 -25.46 29.93 -33.14
C SER G 118 -25.37 28.99 -31.95
N GLN H 5 -25.35 -55.51 -22.30
CA GLN H 5 -25.33 -56.50 -21.24
C GLN H 5 -24.35 -56.10 -20.14
N VAL H 6 -23.86 -54.86 -20.21
CA VAL H 6 -22.93 -54.35 -19.21
C VAL H 6 -23.67 -54.15 -17.90
N GLN H 7 -23.25 -54.87 -16.86
CA GLN H 7 -23.89 -54.83 -15.56
C GLN H 7 -22.90 -54.30 -14.52
N LEU H 8 -23.39 -53.42 -13.65
CA LEU H 8 -22.56 -52.78 -12.63
C LEU H 8 -22.97 -53.32 -11.27
N VAL H 9 -22.02 -53.89 -10.54
CA VAL H 9 -22.25 -54.45 -9.22
C VAL H 9 -21.40 -53.67 -8.21
N GLU H 10 -21.85 -53.67 -6.96
CA GLU H 10 -21.19 -52.95 -5.89
C GLU H 10 -20.98 -53.87 -4.70
N SER H 11 -19.90 -53.61 -3.96
CA SER H 11 -19.57 -54.37 -2.76
C SER H 11 -18.82 -53.43 -1.81
N GLY H 12 -18.20 -53.99 -0.79
CA GLY H 12 -17.38 -53.22 0.13
C GLY H 12 -18.11 -52.57 1.28
N GLY H 13 -19.39 -52.87 1.47
CA GLY H 13 -20.12 -52.30 2.58
C GLY H 13 -19.65 -52.85 3.93
N GLY H 14 -20.06 -52.17 5.00
CA GLY H 14 -19.69 -52.60 6.32
C GLY H 14 -20.03 -51.54 7.34
N LEU H 15 -19.66 -51.81 8.59
CA LEU H 15 -19.90 -50.91 9.71
C LEU H 15 -18.56 -50.40 10.23
N VAL H 16 -18.41 -49.07 10.26
CA VAL H 16 -17.19 -48.44 10.75
C VAL H 16 -17.51 -46.97 11.01
N GLN H 17 -16.91 -46.42 12.07
CA GLN H 17 -17.10 -45.02 12.40
C GLN H 17 -16.09 -44.18 11.60
N ALA H 18 -15.97 -42.91 11.97
CA ALA H 18 -15.04 -42.02 11.28
C ALA H 18 -13.60 -42.50 11.46
N GLY H 19 -12.74 -42.11 10.52
CA GLY H 19 -11.37 -42.58 10.51
C GLY H 19 -11.14 -43.89 9.81
N GLY H 20 -12.19 -44.49 9.25
CA GLY H 20 -12.06 -45.74 8.50
C GLY H 20 -11.86 -45.49 7.03
N SER H 21 -11.89 -46.59 6.27
CA SER H 21 -11.67 -46.52 4.83
C SER H 21 -12.30 -47.72 4.16
N LEU H 22 -13.02 -47.48 3.05
CA LEU H 22 -13.62 -48.54 2.26
C LEU H 22 -13.44 -48.22 0.78
N ARG H 23 -13.37 -49.27 -0.04
CA ARG H 23 -13.19 -49.14 -1.48
C ARG H 23 -14.31 -49.91 -2.18
N LEU H 24 -15.40 -49.20 -2.48
CA LEU H 24 -16.52 -49.81 -3.19
C LEU H 24 -16.13 -50.06 -4.64
N SER H 25 -16.37 -51.27 -5.13
CA SER H 25 -15.96 -51.69 -6.46
C SER H 25 -17.14 -51.57 -7.42
N CYS H 26 -16.96 -50.82 -8.50
CA CYS H 26 -17.96 -50.71 -9.56
C CYS H 26 -17.56 -51.64 -10.70
N ALA H 27 -17.74 -52.94 -10.47
CA ALA H 27 -17.31 -53.94 -11.45
C ALA H 27 -18.28 -54.01 -12.62
N ALA H 28 -17.75 -53.96 -13.83
CA ALA H 28 -18.53 -54.10 -15.05
C ALA H 28 -18.25 -55.46 -15.68
N SER H 29 -19.14 -55.87 -16.58
CA SER H 29 -19.04 -57.18 -17.22
C SER H 29 -19.42 -57.04 -18.69
N GLY H 30 -19.55 -58.17 -19.36
CA GLY H 30 -19.84 -58.22 -20.79
C GLY H 30 -18.60 -58.21 -21.67
N PHE H 31 -17.90 -57.09 -21.70
CA PHE H 31 -16.61 -56.97 -22.37
C PHE H 31 -15.88 -55.78 -21.77
N PRO H 32 -14.55 -55.72 -21.92
CA PRO H 32 -13.81 -54.60 -21.33
C PRO H 32 -14.10 -53.28 -22.03
N VAL H 33 -14.85 -52.42 -21.36
CA VAL H 33 -15.25 -51.12 -21.90
C VAL H 33 -15.06 -50.07 -20.82
N ALA H 34 -14.32 -50.42 -19.77
CA ALA H 34 -14.14 -49.53 -18.63
C ALA H 34 -13.17 -48.40 -18.97
N GLN H 35 -13.51 -47.61 -19.99
CA GLN H 35 -12.76 -46.43 -20.39
C GLN H 35 -13.69 -45.26 -20.65
N GLU H 36 -14.82 -45.23 -19.95
CA GLU H 36 -15.85 -44.22 -20.09
C GLU H 36 -15.99 -43.46 -18.77
N ILE H 37 -16.99 -42.59 -18.69
CA ILE H 37 -17.22 -41.76 -17.53
C ILE H 37 -18.14 -42.52 -16.57
N MET H 38 -17.67 -42.71 -15.33
CA MET H 38 -18.42 -43.41 -14.30
C MET H 38 -18.88 -42.38 -13.27
N THR H 39 -20.12 -41.93 -13.39
CA THR H 39 -20.68 -40.91 -12.51
C THR H 39 -21.29 -41.60 -11.29
N TRP H 40 -20.62 -41.50 -10.15
CA TRP H 40 -21.11 -42.10 -8.93
C TRP H 40 -22.26 -41.28 -8.36
N TYR H 41 -23.26 -41.98 -7.81
CA TYR H 41 -24.39 -41.33 -7.16
C TYR H 41 -24.56 -41.91 -5.75
N ARG H 42 -24.97 -41.04 -4.82
CA ARG H 42 -25.20 -41.43 -3.45
C ARG H 42 -26.65 -41.15 -3.09
N GLN H 43 -27.22 -42.03 -2.27
CA GLN H 43 -28.63 -41.97 -1.92
C GLN H 43 -28.81 -42.42 -0.47
N ALA H 44 -28.90 -41.46 0.44
CA ALA H 44 -29.34 -41.77 1.79
C ALA H 44 -30.83 -42.02 1.82
N PRO H 45 -31.30 -42.96 2.63
CA PRO H 45 -32.74 -43.27 2.67
C PRO H 45 -33.58 -42.06 3.03
N GLY H 46 -34.41 -41.60 2.11
CA GLY H 46 -35.29 -40.47 2.34
C GLY H 46 -34.86 -39.20 1.63
N LYS H 47 -34.16 -39.34 0.51
CA LYS H 47 -33.72 -38.21 -0.29
C LYS H 47 -33.74 -38.61 -1.76
N GLU H 48 -33.10 -37.81 -2.60
CA GLU H 48 -33.05 -38.04 -4.03
C GLU H 48 -31.59 -38.15 -4.49
N ARG H 49 -31.39 -38.24 -5.80
CA ARG H 49 -30.08 -38.49 -6.36
C ARG H 49 -29.11 -37.34 -6.05
N GLU H 50 -27.86 -37.69 -5.81
CA GLU H 50 -26.80 -36.71 -5.59
C GLU H 50 -25.50 -37.27 -6.15
N TRP H 51 -24.93 -36.58 -7.13
CA TRP H 51 -23.70 -37.01 -7.78
C TRP H 51 -22.53 -36.96 -6.83
N VAL H 52 -21.65 -37.96 -6.90
CA VAL H 52 -20.51 -38.06 -6.01
C VAL H 52 -19.24 -37.61 -6.70
N ALA H 53 -18.82 -38.34 -7.72
CA ALA H 53 -17.57 -38.05 -8.42
C ALA H 53 -17.61 -38.67 -9.80
N ALA H 54 -16.98 -38.00 -10.75
CA ALA H 54 -16.91 -38.45 -12.14
C ALA H 54 -15.45 -38.65 -12.55
N ILE H 55 -15.23 -39.63 -13.42
CA ILE H 55 -13.91 -39.94 -13.95
C ILE H 55 -13.91 -39.68 -15.45
N SER H 56 -12.83 -39.07 -15.93
CA SER H 56 -12.73 -38.74 -17.35
C SER H 56 -12.65 -40.01 -18.20
N SER H 57 -13.08 -39.88 -19.45
CA SER H 57 -12.95 -41.00 -20.38
C SER H 57 -11.48 -41.37 -20.60
N ILE H 58 -10.60 -40.37 -20.56
CA ILE H 58 -9.17 -40.66 -20.57
C ILE H 58 -8.78 -41.41 -19.30
N GLY H 59 -9.34 -41.01 -18.16
CA GLY H 59 -9.05 -41.62 -16.89
C GLY H 59 -7.91 -40.98 -16.11
N ASP H 60 -7.18 -40.05 -16.71
CA ASP H 60 -6.05 -39.43 -16.05
C ASP H 60 -6.44 -38.28 -15.14
N THR H 61 -7.57 -37.62 -15.40
CA THR H 61 -7.99 -36.46 -14.64
C THR H 61 -9.39 -36.68 -14.09
N THR H 62 -9.61 -36.24 -12.85
CA THR H 62 -10.91 -36.37 -12.21
C THR H 62 -10.99 -35.40 -11.04
N ALA H 63 -12.21 -35.21 -10.55
CA ALA H 63 -12.46 -34.35 -9.40
C ALA H 63 -13.74 -34.80 -8.71
N TYR H 64 -13.94 -34.33 -7.49
CA TYR H 64 -15.08 -34.70 -6.66
C TYR H 64 -15.77 -33.44 -6.16
N ALA H 65 -16.82 -33.65 -5.35
CA ALA H 65 -17.56 -32.53 -4.80
C ALA H 65 -16.77 -31.85 -3.69
N ASP H 66 -17.09 -30.57 -3.46
CA ASP H 66 -16.40 -29.79 -2.44
C ASP H 66 -16.70 -30.27 -1.03
N SER H 67 -17.81 -31.00 -0.83
CA SER H 67 -18.12 -31.52 0.50
C SER H 67 -17.13 -32.59 0.93
N VAL H 68 -16.56 -33.32 -0.02
CA VAL H 68 -15.62 -34.39 0.28
C VAL H 68 -14.26 -34.03 -0.29
N LYS H 69 -13.95 -32.73 -0.34
CA LYS H 69 -12.71 -32.26 -0.91
C LYS H 69 -11.52 -32.69 -0.05
N GLY H 70 -10.55 -33.35 -0.70
CA GLY H 70 -9.34 -33.77 -0.03
C GLY H 70 -9.39 -35.14 0.62
N ARG H 71 -10.57 -35.76 0.69
CA ARG H 71 -10.71 -37.09 1.27
C ARG H 71 -11.16 -38.13 0.26
N PHE H 72 -12.25 -37.87 -0.46
CA PHE H 72 -12.75 -38.80 -1.44
C PHE H 72 -11.78 -38.93 -2.61
N THR H 73 -11.78 -40.11 -3.23
CA THR H 73 -10.96 -40.36 -4.40
C THR H 73 -11.59 -41.51 -5.19
N ILE H 74 -11.26 -41.57 -6.48
CA ILE H 74 -11.70 -42.64 -7.35
C ILE H 74 -10.53 -43.11 -8.19
N SER H 75 -10.53 -44.40 -8.50
CA SER H 75 -9.47 -45.01 -9.29
C SER H 75 -10.06 -46.22 -10.01
N ARG H 76 -9.35 -46.68 -11.04
CA ARG H 76 -9.86 -47.76 -11.87
C ARG H 76 -8.68 -48.58 -12.39
N ASP H 77 -9.00 -49.79 -12.84
CA ASP H 77 -8.01 -50.69 -13.43
C ASP H 77 -8.71 -51.49 -14.52
N ASN H 78 -8.13 -51.48 -15.73
CA ASN H 78 -8.72 -52.19 -16.85
C ASN H 78 -8.49 -53.70 -16.79
N ALA H 79 -7.71 -54.18 -15.82
CA ALA H 79 -7.42 -55.61 -15.75
C ALA H 79 -8.68 -56.42 -15.52
N LYS H 80 -9.52 -56.00 -14.58
CA LYS H 80 -10.75 -56.71 -14.24
C LYS H 80 -12.01 -55.89 -14.46
N ASN H 81 -11.89 -54.75 -15.14
CA ASN H 81 -13.05 -53.93 -15.53
C ASN H 81 -13.87 -53.50 -14.30
N THR H 82 -13.23 -52.73 -13.43
CA THR H 82 -13.89 -52.24 -12.22
C THR H 82 -13.32 -50.88 -11.86
N VAL H 83 -14.11 -50.11 -11.10
CA VAL H 83 -13.74 -48.80 -10.62
C VAL H 83 -13.89 -48.81 -9.11
N TYR H 84 -12.79 -48.57 -8.39
CA TYR H 84 -12.81 -48.58 -6.93
C TYR H 84 -13.17 -47.19 -6.40
N LEU H 85 -14.10 -47.15 -5.46
CA LEU H 85 -14.56 -45.91 -4.84
C LEU H 85 -13.73 -45.71 -3.57
N GLN H 86 -12.63 -45.00 -3.68
CA GLN H 86 -11.71 -44.82 -2.56
C GLN H 86 -12.28 -43.83 -1.55
N MET H 87 -12.22 -44.22 -0.28
CA MET H 87 -12.72 -43.39 0.81
C MET H 87 -11.73 -43.39 1.96
N ASN H 88 -11.68 -42.28 2.70
CA ASN H 88 -10.80 -42.14 3.84
C ASN H 88 -11.25 -40.95 4.68
N SER H 89 -11.17 -41.11 6.00
CA SER H 89 -11.53 -40.06 6.95
C SER H 89 -12.96 -39.56 6.71
N LEU H 90 -13.88 -40.52 6.58
CA LEU H 90 -15.26 -40.20 6.24
C LEU H 90 -15.99 -39.56 7.42
N LYS H 91 -16.92 -38.66 7.11
CA LYS H 91 -17.79 -38.07 8.12
C LYS H 91 -18.85 -39.09 8.55
N PRO H 92 -19.39 -38.95 9.78
CA PRO H 92 -20.44 -39.87 10.22
C PRO H 92 -21.74 -39.75 9.44
N GLU H 93 -21.88 -38.74 8.58
CA GLU H 93 -23.11 -38.50 7.82
C GLU H 93 -23.08 -39.14 6.44
N ASP H 94 -22.03 -39.87 6.09
CA ASP H 94 -21.90 -40.46 4.77
C ASP H 94 -22.49 -41.86 4.69
N THR H 95 -23.12 -42.34 5.76
CA THR H 95 -23.69 -43.69 5.78
C THR H 95 -24.89 -43.73 4.84
N ALA H 96 -24.69 -44.30 3.65
CA ALA H 96 -25.73 -44.38 2.65
C ALA H 96 -25.38 -45.47 1.65
N VAL H 97 -26.38 -45.86 0.87
CA VAL H 97 -26.18 -46.83 -0.21
C VAL H 97 -25.82 -46.07 -1.48
N TYR H 98 -24.63 -46.34 -2.01
CA TYR H 98 -24.12 -45.61 -3.15
C TYR H 98 -24.45 -46.32 -4.46
N TYR H 99 -24.25 -45.60 -5.56
CA TYR H 99 -24.45 -46.15 -6.90
C TYR H 99 -23.40 -45.56 -7.83
N CYS H 100 -23.01 -46.33 -8.83
CA CYS H 100 -22.13 -45.86 -9.90
C CYS H 100 -22.87 -45.98 -11.22
N ALA H 101 -22.68 -44.99 -12.09
CA ALA H 101 -23.43 -44.89 -13.33
C ALA H 101 -22.51 -44.48 -14.46
N VAL H 102 -22.61 -45.19 -15.58
CA VAL H 102 -21.91 -44.84 -16.81
C VAL H 102 -22.96 -44.67 -17.91
N ASN H 103 -22.87 -43.55 -18.63
CA ASN H 103 -23.88 -43.21 -19.63
C ASN H 103 -23.50 -43.87 -20.95
N VAL H 104 -23.99 -45.09 -21.16
CA VAL H 104 -23.89 -45.78 -22.44
C VAL H 104 -25.30 -46.19 -22.82
N GLY H 105 -25.99 -45.32 -23.57
CA GLY H 105 -27.41 -45.53 -23.83
C GLY H 105 -28.31 -45.21 -22.66
N PHE H 106 -28.05 -45.83 -21.51
CA PHE H 106 -28.78 -45.55 -20.27
C PHE H 106 -27.80 -45.17 -19.17
N THR H 107 -28.29 -44.41 -18.19
CA THR H 107 -27.50 -44.08 -17.00
C THR H 107 -27.67 -45.24 -16.01
N TYR H 108 -26.94 -46.32 -16.28
CA TYR H 108 -27.12 -47.56 -15.54
C TYR H 108 -26.65 -47.41 -14.10
N LYS H 109 -27.58 -47.49 -13.16
CA LYS H 109 -27.28 -47.51 -11.75
C LYS H 109 -27.25 -48.94 -11.25
N GLY H 110 -26.19 -49.29 -10.52
CA GLY H 110 -26.00 -50.64 -10.05
C GLY H 110 -27.01 -51.05 -8.99
N GLN H 111 -26.76 -52.24 -8.42
CA GLN H 111 -27.65 -52.76 -7.39
C GLN H 111 -27.64 -51.87 -6.16
N GLY H 112 -26.47 -51.39 -5.75
CA GLY H 112 -26.36 -50.53 -4.59
C GLY H 112 -26.02 -51.27 -3.32
N THR H 113 -24.91 -50.90 -2.69
CA THR H 113 -24.46 -51.53 -1.45
C THR H 113 -24.55 -50.53 -0.30
N GLN H 114 -25.25 -50.93 0.76
CA GLN H 114 -25.37 -50.07 1.93
C GLN H 114 -24.05 -49.98 2.68
N VAL H 115 -23.72 -48.77 3.14
CA VAL H 115 -22.54 -48.52 3.97
C VAL H 115 -23.02 -47.96 5.29
N THR H 116 -22.65 -48.61 6.39
CA THR H 116 -23.08 -48.23 7.73
C THR H 116 -21.96 -47.51 8.44
N VAL H 117 -22.23 -46.29 8.89
CA VAL H 117 -21.26 -45.47 9.62
C VAL H 117 -21.96 -44.88 10.85
N SER H 118 -21.34 -45.02 12.00
CA SER H 118 -21.90 -44.49 13.24
C SER H 118 -21.45 -43.05 13.47
N GLN I 5 51.17 -6.68 39.74
CA GLN I 5 51.86 -5.40 39.95
C GLN I 5 51.38 -4.37 38.94
N VAL I 6 50.42 -4.75 38.11
CA VAL I 6 49.89 -3.84 37.10
C VAL I 6 49.06 -2.76 37.79
N GLN I 7 49.39 -1.50 37.50
CA GLN I 7 48.72 -0.36 38.13
C GLN I 7 48.10 0.52 37.04
N LEU I 8 46.87 0.95 37.28
CA LEU I 8 46.13 1.77 36.33
C LEU I 8 45.99 3.17 36.91
N VAL I 9 46.72 4.13 36.34
CA VAL I 9 46.68 5.52 36.78
C VAL I 9 45.89 6.32 35.75
N GLU I 10 45.16 7.32 36.25
CA GLU I 10 44.28 8.14 35.42
C GLU I 10 44.66 9.61 35.56
N SER I 11 44.47 10.34 34.47
CA SER I 11 44.73 11.77 34.45
C SER I 11 43.78 12.40 33.43
N GLY I 12 44.06 13.65 33.05
CA GLY I 12 43.26 14.34 32.05
C GLY I 12 42.07 15.11 32.58
N GLY I 13 41.97 15.31 33.89
CA GLY I 13 40.85 16.07 34.44
C GLY I 13 40.97 17.55 34.13
N GLY I 14 39.91 18.28 34.44
CA GLY I 14 39.90 19.71 34.21
C GLY I 14 38.51 20.28 34.41
N LEU I 15 38.39 21.56 34.12
CA LEU I 15 37.13 22.29 34.23
C LEU I 15 36.76 22.84 32.85
N VAL I 16 35.58 22.45 32.36
CA VAL I 16 35.10 22.89 31.05
C VAL I 16 33.61 22.61 30.99
N GLN I 17 32.88 23.44 30.24
CA GLN I 17 31.45 23.27 30.07
C GLN I 17 31.20 22.31 28.91
N ALA I 18 29.94 22.24 28.45
CA ALA I 18 29.59 21.35 27.35
C ALA I 18 30.33 21.75 26.07
N GLY I 19 30.57 20.77 25.21
CA GLY I 19 31.33 21.00 24.00
C GLY I 19 32.83 20.93 24.17
N GLY I 20 33.32 20.40 25.30
CA GLY I 20 34.74 20.26 25.53
C GLY I 20 35.30 18.98 24.97
N SER I 21 36.57 18.71 25.28
CA SER I 21 37.24 17.53 24.77
C SER I 21 38.38 17.17 25.72
N LEU I 22 38.40 15.92 26.17
CA LEU I 22 39.45 15.42 27.07
C LEU I 22 39.74 13.97 26.73
N ARG I 23 40.93 13.52 27.13
CA ARG I 23 41.38 12.14 26.89
C ARG I 23 41.95 11.60 28.20
N LEU I 24 41.15 10.82 28.93
CA LEU I 24 41.59 10.19 30.16
C LEU I 24 42.48 9.00 29.81
N SER I 25 43.68 8.96 30.38
CA SER I 25 44.67 7.94 30.06
C SER I 25 44.56 6.81 31.08
N CYS I 26 44.31 5.59 30.59
CA CYS I 26 44.31 4.39 31.43
C CYS I 26 45.67 3.71 31.29
N ALA I 27 46.68 4.35 31.87
CA ALA I 27 48.05 3.88 31.73
C ALA I 27 48.29 2.65 32.60
N ALA I 28 48.82 1.58 32.01
CA ALA I 28 49.19 0.37 32.72
C ALA I 28 50.70 0.26 32.82
N SER I 29 51.16 -0.56 33.76
CA SER I 29 52.58 -0.74 34.02
C SER I 29 52.85 -2.21 34.28
N GLY I 30 54.07 -2.51 34.75
CA GLY I 30 54.50 -3.87 34.99
C GLY I 30 55.17 -4.48 33.78
N PHE I 31 54.37 -4.80 32.76
CA PHE I 31 54.87 -5.31 31.49
C PHE I 31 53.82 -5.03 30.42
N PRO I 32 54.21 -5.00 29.15
CA PRO I 32 53.23 -4.69 28.09
C PRO I 32 52.22 -5.81 27.91
N VAL I 33 50.99 -5.56 28.36
CA VAL I 33 49.90 -6.53 28.26
C VAL I 33 48.66 -5.80 27.78
N ALA I 34 48.84 -4.59 27.23
CA ALA I 34 47.72 -3.77 26.81
C ALA I 34 47.08 -4.32 25.55
N GLN I 35 46.51 -5.52 25.65
CA GLN I 35 45.79 -6.17 24.56
C GLN I 35 44.59 -6.93 25.10
N GLU I 36 44.02 -6.46 26.21
CA GLU I 36 42.92 -7.10 26.91
C GLU I 36 41.72 -6.16 26.91
N ILE I 37 40.68 -6.56 27.64
CA ILE I 37 39.44 -5.80 27.71
C ILE I 37 39.58 -4.72 28.78
N MET I 38 39.33 -3.47 28.41
CA MET I 38 39.40 -2.34 29.33
C MET I 38 37.97 -1.82 29.52
N THR I 39 37.36 -2.19 30.64
CA THR I 39 35.98 -1.79 30.96
C THR I 39 36.02 -0.51 31.78
N TRP I 40 35.49 0.57 31.23
CA TRP I 40 35.45 1.85 31.93
C TRP I 40 34.21 1.94 32.80
N TYR I 41 34.40 2.41 34.03
CA TYR I 41 33.30 2.64 34.96
C TYR I 41 33.28 4.09 35.40
N ARG I 42 32.07 4.63 35.58
CA ARG I 42 31.89 6.00 36.02
C ARG I 42 31.17 6.00 37.36
N GLN I 43 31.57 6.93 38.22
CA GLN I 43 31.04 7.01 39.59
C GLN I 43 30.82 8.47 39.95
N ALA I 44 29.60 8.95 39.73
CA ALA I 44 29.20 10.24 40.27
C ALA I 44 28.94 10.11 41.76
N PRO I 45 29.29 11.13 42.55
CA PRO I 45 29.06 11.06 44.00
C PRO I 45 27.60 10.82 44.35
N GLY I 46 27.34 9.72 45.04
CA GLY I 46 25.99 9.35 45.43
C GLY I 46 25.35 8.24 44.63
N LYS I 47 26.12 7.49 43.84
CA LYS I 47 25.60 6.39 43.05
C LYS I 47 26.58 5.24 43.12
N GLU I 48 26.40 4.25 42.25
CA GLU I 48 27.19 3.03 42.24
C GLU I 48 27.76 2.79 40.83
N ARG I 49 28.34 1.61 40.64
CA ARG I 49 29.06 1.30 39.41
C ARG I 49 28.14 1.41 38.19
N GLU I 50 28.67 2.01 37.12
CA GLU I 50 28.00 2.09 35.84
C GLU I 50 29.04 1.98 34.74
N TRP I 51 28.89 0.97 33.88
CA TRP I 51 29.83 0.71 32.81
C TRP I 51 29.76 1.83 31.77
N VAL I 52 30.93 2.21 31.25
CA VAL I 52 31.04 3.28 30.26
C VAL I 52 31.33 2.71 28.86
N ALA I 53 32.47 2.06 28.69
CA ALA I 53 32.87 1.54 27.39
C ALA I 53 33.90 0.44 27.58
N ALA I 54 33.79 -0.61 26.77
CA ALA I 54 34.71 -1.74 26.79
C ALA I 54 35.31 -1.95 25.41
N ILE I 55 36.54 -2.45 25.37
CA ILE I 55 37.26 -2.70 24.14
C ILE I 55 37.54 -4.20 24.06
N SER I 56 37.35 -4.77 22.87
CA SER I 56 37.56 -6.20 22.68
C SER I 56 39.05 -6.53 22.80
N SER I 57 39.33 -7.80 23.13
CA SER I 57 40.71 -8.26 23.22
C SER I 57 41.43 -8.13 21.88
N ILE I 58 40.69 -8.22 20.78
CA ILE I 58 41.27 -7.92 19.48
C ILE I 58 41.70 -6.47 19.41
N GLY I 59 40.87 -5.57 19.93
CA GLY I 59 41.14 -4.16 19.94
C GLY I 59 40.57 -3.40 18.76
N ASP I 60 40.08 -4.10 17.74
CA ASP I 60 39.55 -3.47 16.54
C ASP I 60 38.05 -3.25 16.60
N THR I 61 37.35 -3.79 17.60
CA THR I 61 35.91 -3.66 17.71
C THR I 61 35.54 -3.25 19.13
N THR I 62 34.61 -2.30 19.24
CA THR I 62 34.15 -1.83 20.55
C THR I 62 32.83 -1.09 20.36
N ALA I 63 32.19 -0.80 21.49
CA ALA I 63 30.96 -0.02 21.50
C ALA I 63 30.79 0.63 22.86
N TYR I 64 30.05 1.73 22.88
CA TYR I 64 29.79 2.51 24.08
C TYR I 64 28.31 2.48 24.45
N ALA I 65 27.98 3.14 25.55
CA ALA I 65 26.61 3.21 26.00
C ALA I 65 25.77 4.08 25.06
N ASP I 66 24.46 3.78 25.04
CA ASP I 66 23.55 4.53 24.16
C ASP I 66 23.41 5.99 24.59
N SER I 67 23.71 6.31 25.85
CA SER I 67 23.62 7.70 26.30
C SER I 67 24.72 8.56 25.70
N VAL I 68 25.84 7.95 25.32
CA VAL I 68 26.98 8.67 24.76
C VAL I 68 27.21 8.22 23.33
N LYS I 69 26.13 7.83 22.65
CA LYS I 69 26.22 7.31 21.29
C LYS I 69 26.67 8.41 20.33
N GLY I 70 27.76 8.17 19.61
CA GLY I 70 28.26 9.10 18.62
C GLY I 70 29.22 10.15 19.15
N ARG I 71 29.40 10.25 20.46
CA ARG I 71 30.31 11.23 21.05
C ARG I 71 31.48 10.57 21.76
N PHE I 72 31.22 9.64 22.67
CA PHE I 72 32.29 8.94 23.37
C PHE I 72 33.06 8.05 22.41
N THR I 73 34.36 7.90 22.68
CA THR I 73 35.23 7.05 21.89
C THR I 73 36.38 6.59 22.77
N ILE I 74 36.96 5.44 22.41
CA ILE I 74 38.10 4.89 23.12
C ILE I 74 39.15 4.47 22.11
N SER I 75 40.41 4.50 22.55
CA SER I 75 41.53 4.12 21.72
C SER I 75 42.66 3.68 22.65
N ARG I 76 43.65 2.99 22.07
CA ARG I 76 44.74 2.45 22.87
C ARG I 76 46.01 2.45 22.03
N ASP I 77 47.14 2.35 22.72
CA ASP I 77 48.44 2.28 22.07
C ASP I 77 49.37 1.47 22.98
N ASN I 78 49.86 0.34 22.46
CA ASN I 78 50.68 -0.57 23.25
C ASN I 78 52.13 -0.09 23.37
N ALA I 79 52.48 1.03 22.76
CA ALA I 79 53.85 1.53 22.85
C ALA I 79 54.22 1.88 24.29
N LYS I 80 53.30 2.53 25.01
CA LYS I 80 53.53 2.91 26.40
C LYS I 80 52.50 2.31 27.35
N ASN I 81 51.70 1.35 26.89
CA ASN I 81 50.76 0.60 27.73
C ASN I 81 49.74 1.54 28.39
N THR I 82 48.96 2.22 27.56
CA THR I 82 47.95 3.13 28.04
C THR I 82 46.74 3.09 27.12
N VAL I 83 45.60 3.49 27.67
CA VAL I 83 44.33 3.55 26.93
C VAL I 83 43.75 4.95 27.13
N TYR I 84 43.49 5.65 26.03
CA TYR I 84 42.97 7.00 26.09
C TYR I 84 41.44 6.97 25.99
N LEU I 85 40.77 7.66 26.91
CA LEU I 85 39.32 7.74 26.94
C LEU I 85 38.92 9.05 26.25
N GLN I 86 38.66 8.96 24.95
CA GLN I 86 38.35 10.15 24.15
C GLN I 86 36.94 10.65 24.47
N MET I 87 36.83 11.96 24.65
CA MET I 87 35.56 12.60 24.95
C MET I 87 35.38 13.84 24.09
N ASN I 88 34.13 14.13 23.73
CA ASN I 88 33.80 15.29 22.92
C ASN I 88 32.30 15.55 23.03
N SER I 89 31.92 16.83 23.06
CA SER I 89 30.53 17.26 23.16
C SER I 89 29.86 16.65 24.39
N LEU I 90 30.53 16.78 25.54
CA LEU I 90 30.05 16.18 26.77
C LEU I 90 28.86 16.95 27.33
N LYS I 91 27.91 16.21 27.91
CA LYS I 91 26.79 16.83 28.58
C LYS I 91 27.23 17.41 29.93
N PRO I 92 26.52 18.42 30.44
CA PRO I 92 26.89 18.97 31.76
C PRO I 92 26.71 17.98 32.90
N GLU I 93 26.03 16.86 32.69
CA GLU I 93 25.77 15.88 33.72
C GLU I 93 26.84 14.78 33.81
N ASP I 94 27.90 14.87 33.01
CA ASP I 94 28.93 13.83 32.99
C ASP I 94 30.07 14.10 33.96
N THR I 95 29.99 15.15 34.76
CA THR I 95 31.06 15.51 35.70
C THR I 95 31.11 14.45 36.79
N ALA I 96 32.08 13.55 36.69
CA ALA I 96 32.24 12.48 37.66
C ALA I 96 33.67 11.95 37.59
N VAL I 97 34.04 11.20 38.62
CA VAL I 97 35.34 10.54 38.66
C VAL I 97 35.20 9.16 38.03
N TYR I 98 35.95 8.90 36.96
CA TYR I 98 35.83 7.67 36.20
C TYR I 98 36.85 6.64 36.66
N TYR I 99 36.65 5.41 36.21
CA TYR I 99 37.56 4.31 36.47
C TYR I 99 37.62 3.40 35.26
N CYS I 100 38.82 2.88 34.98
CA CYS I 100 39.01 1.88 33.94
C CYS I 100 39.42 0.56 34.57
N ALA I 101 38.89 -0.53 34.03
CA ALA I 101 39.09 -1.84 34.63
C ALA I 101 39.43 -2.87 33.57
N VAL I 102 40.43 -3.69 33.85
CA VAL I 102 40.80 -4.82 33.02
C VAL I 102 40.72 -6.08 33.88
N ASN I 103 39.99 -7.09 33.39
CA ASN I 103 39.73 -8.29 34.17
C ASN I 103 40.86 -9.28 33.94
N VAL I 104 41.89 -9.18 34.78
CA VAL I 104 42.97 -10.17 34.83
C VAL I 104 43.04 -10.63 36.29
N GLY I 105 42.29 -11.68 36.62
CA GLY I 105 42.16 -12.10 38.01
C GLY I 105 41.22 -11.23 38.83
N PHE I 106 41.45 -9.92 38.84
CA PHE I 106 40.59 -8.96 39.50
C PHE I 106 40.12 -7.90 38.52
N THR I 107 38.97 -7.32 38.81
CA THR I 107 38.45 -6.18 38.04
C THR I 107 39.08 -4.91 38.63
N TYR I 108 40.34 -4.70 38.28
CA TYR I 108 41.14 -3.63 38.90
C TYR I 108 40.59 -2.25 38.54
N LYS I 109 40.16 -1.52 39.55
CA LYS I 109 39.74 -0.13 39.39
C LYS I 109 40.89 0.78 39.77
N GLY I 110 41.19 1.73 38.89
CA GLY I 110 42.31 2.62 39.09
C GLY I 110 42.08 3.60 40.24
N GLN I 111 43.00 4.55 40.33
CA GLN I 111 42.92 5.56 41.38
C GLN I 111 41.66 6.43 41.21
N GLY I 112 41.36 6.83 39.98
CA GLY I 112 40.18 7.63 39.71
C GLY I 112 40.46 9.12 39.70
N THR I 113 40.27 9.74 38.53
CA THR I 113 40.50 11.17 38.36
C THR I 113 39.17 11.87 38.12
N GLN I 114 38.86 12.86 38.95
CA GLN I 114 37.63 13.60 38.81
C GLN I 114 37.72 14.58 37.64
N VAL I 115 36.61 14.70 36.91
CA VAL I 115 36.49 15.66 35.81
C VAL I 115 35.35 16.62 36.17
N THR I 116 35.64 17.91 36.19
CA THR I 116 34.69 18.94 36.57
C THR I 116 34.06 19.54 35.32
N VAL I 117 32.73 19.46 35.23
CA VAL I 117 31.99 20.01 34.11
C VAL I 117 30.85 20.87 34.64
N SER I 118 30.74 22.08 34.12
CA SER I 118 29.69 23.00 34.55
C SER I 118 28.42 22.79 33.73
#